data_9KLM
#
_entry.id   9KLM
#
_cell.length_a   1.00
_cell.length_b   1.00
_cell.length_c   1.00
_cell.angle_alpha   90.00
_cell.angle_beta   90.00
_cell.angle_gamma   90.00
#
_symmetry.space_group_name_H-M   'P 1'
#
loop_
_entity.id
_entity.type
_entity.pdbx_description
1 polymer 'Reaction center protein L chain'
2 polymer 'Reaction center protein M chain'
3 polymer 'Reaction center protein H chain'
4 polymer 'Light-harvesting protein B-875 alpha chain'
5 polymer 'Antenna pigment protein beta chain'
6 polymer protein-U
7 polymer 'Intrinsic membrane protein PufX'
8 non-polymer 'BACTERIOCHLOROPHYLL A'
9 non-polymer 'BACTERIOPHEOPHYTIN A'
10 non-polymer UBIQUINONE-10
11 non-polymer '(1R)-2-{[{[(2S)-2,3-DIHYDROXYPROPYL]OXY}(HYDROXY)PHOSPHORYL]OXY}-1-[(PALMITOYLOXY)METHYL]ETHYL (11E)-OCTADEC-11-ENOATE'
12 non-polymer 'LAURYL DIMETHYLAMINE-N-OXIDE'
13 non-polymer DODECYL-BETA-D-MALTOSIDE
14 non-polymer 'FE (III) ION'
15 non-polymer CARDIOLIPIN
16 non-polymer (6~{E},8~{E},10~{E},12~{E},14~{E},16~{E},18~{E},20~{E},22~{E},26~{E})-2,6,10,14,19,23,27,31-octamethyldotriaconta-2,6,8,10,12,14,16,18,20,22,26,30-dodecaene
#
loop_
_entity_poly.entity_id
_entity_poly.type
_entity_poly.pdbx_seq_one_letter_code
_entity_poly.pdbx_strand_id
1 'polypeptide(L)'
;(FME)ALLSFEQKYRVPGGTLVGGNLFDFWVGPFYVGFFGVATFFFAALGIILIAWSAVLQGTWNPQLISVYPPALEYGL
GGAPLAKGGLWQIITICATGAFVSWALREVEICRKLGIGYHIPFAFAFAILAYLTLVLFRPVMMGAWGYAFPYGIWTHLD
WVSNTGYTYGNFHYNPAHMIAISFFFTNALALALHGALVLSAANPEKGKEMRTPDHEDTFFRDLVGYSIGTLGIHRLGLL
LSLSAVFFSALCMIITGTIWFDQWVDWWQWWVKLPWWANIPGGING
;
L
2 'polypeptide(L)'
;(FME)AEYQNIFSQVQVRGPADLGMTEDVNLANRSGVGPFSTLLGWFGNAQLGPIYLGSLGVLSLFSGLMWFFTIGIWFW
YQAGWNPAVFLRDLFFFSLEPPAPEYGLSFAAPLKEGGLWLIASFFMFVAVWSWWGRTYLRAQALGMGKHTAWAFLSAIW
LWMVLGFIRPILMGSWSEAVPYGIFSHLDWTNNFSLVHGNLFYNPFHGLSIAFLYGSALLFAMHGATILAVSRFGGEREL
EQIADRGTAAERAALFWRWTMGFNATMEGIHRWAIWMAVLVTLTGGIGILLSGTVVDNWYVWGQNHGMAPLN
;
M
3 'polypeptide(L)'
;MVGVTAFGNFDLASLAIYSFWIFLAGLIYYLQTENMREGYPLENEDGTPAANQGPFPLPKPKTFILPHGRGTLTVPGPES
EDRPIALARTAVSEGFPHAPTGDPMKDGVGPASWVARRDLPELDGHGHNKIKPMKAAAGFHVSAGKNPIGLPVRGCDLEI
AGKVVDIWVDIPEQMARFLEVELKDGSTRLLPMQMVKVQSNRVHVNALSSDLFAGIPTIKSPTEVTLLEEDKICGYVAGG
LMYAAPKRKSVVAAMLAEYA
;
H
4 'polypeptide(L)' (FME)SKFYKIWMIFDPRRVFVAQGVFLFLLAVMIHLILLSTPSYNWLEISAAKYNRV A,B,C,D,E,F,G,I,J,K,N,O,P,Q
5 'polypeptide(L)' (FME)ADKSDLGYTGLTDEQAQELHSVYMSGLWLFSAVAIVAHLAVYIWRPWF a,b,c,d,e,f,g,i,j,k,n,o,p,q
6 'polypeptide(L)' (FME)PEVSEFAFRLMMAAVIFVGVGIMFAFAGGHWFVGLVVGGLVAAFFAATPNSN U
7 'polypeptide(L)'
;(FME)ADKTIFNDHLNTNPKTNLRLWVAFQMMKGAGWAGGVFFGTLLLIGFFRVVGRMLPIQENQAPAPNITGALETGIE
LIKHLV
;
X
#
loop_
_chem_comp.id
_chem_comp.type
_chem_comp.name
_chem_comp.formula
A1EF2 non-polymer (6~{E},8~{E},10~{E},12~{E},14~{E},16~{E},18~{E},20~{E},22~{E},26~{E})-2,6,10,14,19,23,27,31-octamethyldotriaconta-2,6,8,10,12,14,16,18,20,22,26,30-dodecaene 'C40 H58'
BCL non-polymer 'BACTERIOCHLOROPHYLL A' 'C55 H74 Mg N4 O6'
BPH non-polymer 'BACTERIOPHEOPHYTIN A' 'C55 H76 N4 O6'
CDL non-polymer CARDIOLIPIN 'C81 H156 O17 P2 -2'
FE non-polymer 'FE (III) ION' 'Fe 3'
LDA non-polymer 'LAURYL DIMETHYLAMINE-N-OXIDE' 'C14 H31 N O'
LMT D-saccharide DODECYL-BETA-D-MALTOSIDE 'C24 H46 O11'
PGV non-polymer '(1R)-2-{[{[(2S)-2,3-DIHYDROXYPROPYL]OXY}(HYDROXY)PHOSPHORYL]OXY}-1-[(PALMITOYLOXY)METHYL]ETHYL (11E)-OCTADEC-11-ENOATE' 'C40 H77 O10 P'
U10 non-polymer UBIQUINONE-10 'C59 H90 O4'
#
# COMPACT_ATOMS: atom_id res chain seq x y z
CA ALA A 2 -19.32 11.10 26.04
C ALA A 2 -19.06 11.97 24.82
N LEU A 3 -18.46 13.14 25.04
CA LEU A 3 -18.09 14.06 23.99
C LEU A 3 -16.61 14.38 24.08
N LEU A 4 -15.96 14.52 22.93
CA LEU A 4 -14.61 15.04 22.95
C LEU A 4 -14.62 16.48 23.44
N SER A 5 -13.47 16.93 23.93
CA SER A 5 -13.38 18.24 24.56
C SER A 5 -13.77 19.36 23.60
N PHE A 6 -13.69 19.13 22.29
CA PHE A 6 -14.01 20.12 21.28
C PHE A 6 -15.27 19.78 20.50
N GLU A 7 -16.01 18.75 20.92
CA GLU A 7 -17.13 18.23 20.16
C GLU A 7 -18.37 19.12 20.21
N GLN A 8 -18.57 19.84 21.32
CA GLN A 8 -19.88 20.43 21.60
C GLN A 8 -20.27 21.47 20.57
N LYS A 9 -19.31 22.28 20.11
CA LYS A 9 -19.64 23.34 19.16
C LYS A 9 -19.94 22.83 17.76
N TYR A 10 -19.68 21.55 17.48
CA TYR A 10 -19.90 20.98 16.15
C TYR A 10 -21.24 20.27 16.03
N ARG A 11 -21.91 19.96 17.14
CA ARG A 11 -23.15 19.19 17.13
C ARG A 11 -24.31 20.16 16.92
N VAL A 12 -24.64 20.41 15.67
CA VAL A 12 -25.65 21.39 15.30
C VAL A 12 -26.68 20.70 14.42
N PRO A 13 -27.92 21.18 14.39
CA PRO A 13 -28.91 20.61 13.48
C PRO A 13 -28.61 20.93 12.03
N GLY A 14 -29.01 20.04 11.14
CA GLY A 14 -28.89 20.24 9.71
C GLY A 14 -27.93 19.26 9.08
N GLY A 15 -27.82 19.37 7.76
CA GLY A 15 -26.95 18.52 6.99
C GLY A 15 -27.51 17.15 6.65
N THR A 16 -28.81 16.93 6.82
CA THR A 16 -29.43 15.64 6.58
C THR A 16 -30.09 15.62 5.22
N LEU A 17 -29.82 14.57 4.44
CA LEU A 17 -30.48 14.43 3.14
C LEU A 17 -31.93 14.04 3.30
N VAL A 18 -32.23 13.09 4.17
CA VAL A 18 -33.56 12.56 4.36
C VAL A 18 -33.89 12.56 5.85
N GLY A 19 -35.14 12.87 6.17
CA GLY A 19 -35.66 12.73 7.51
C GLY A 19 -35.75 14.01 8.31
N GLY A 20 -35.04 15.05 7.91
CA GLY A 20 -35.06 16.28 8.69
C GLY A 20 -34.54 16.04 10.10
N ASN A 21 -35.31 16.48 11.09
CA ASN A 21 -34.96 16.32 12.48
C ASN A 21 -35.56 15.05 13.10
N LEU A 22 -36.19 14.21 12.28
CA LEU A 22 -36.81 13.00 12.81
C LEU A 22 -35.78 12.07 13.44
N PHE A 23 -34.61 11.93 12.82
CA PHE A 23 -33.57 11.07 13.33
C PHE A 23 -32.28 11.82 13.63
N ASP A 24 -32.33 13.15 13.65
CA ASP A 24 -31.14 13.99 13.83
C ASP A 24 -30.72 13.98 15.30
N PHE A 25 -29.99 12.93 15.69
CA PHE A 25 -29.46 12.85 17.04
C PHE A 25 -28.28 11.88 17.03
N TRP A 26 -27.73 11.66 18.22
CA TRP A 26 -26.57 10.81 18.43
C TRP A 26 -26.90 9.73 19.45
N VAL A 27 -26.39 8.53 19.22
CA VAL A 27 -26.38 7.46 20.21
C VAL A 27 -24.93 7.25 20.60
N GLY A 28 -24.57 7.67 21.82
CA GLY A 28 -23.20 7.68 22.23
C GLY A 28 -22.37 8.58 21.32
N PRO A 29 -21.29 8.03 20.77
CA PRO A 29 -20.52 8.79 19.77
C PRO A 29 -21.14 8.75 18.39
N PHE A 30 -22.01 7.79 18.10
CA PHE A 30 -22.51 7.58 16.75
C PHE A 30 -23.57 8.61 16.40
N TYR A 31 -23.56 9.04 15.15
CA TYR A 31 -24.64 9.88 14.64
C TYR A 31 -25.66 8.99 13.96
N VAL A 32 -26.93 9.15 14.33
CA VAL A 32 -28.01 8.40 13.72
C VAL A 32 -28.74 9.32 12.75
N GLY A 33 -29.20 8.75 11.65
CA GLY A 33 -30.04 9.49 10.72
C GLY A 33 -31.08 8.58 10.12
N PHE A 34 -31.67 8.98 9.01
CA PHE A 34 -32.47 8.04 8.23
C PHE A 34 -31.64 6.84 7.83
N PHE A 35 -30.46 7.09 7.30
CA PHE A 35 -29.58 6.03 6.83
C PHE A 35 -28.87 5.31 7.96
N GLY A 36 -28.72 5.93 9.14
CA GLY A 36 -28.24 5.19 10.29
C GLY A 36 -29.22 4.13 10.75
N VAL A 37 -30.50 4.49 10.80
CA VAL A 37 -31.55 3.53 11.16
C VAL A 37 -31.63 2.43 10.10
N ALA A 38 -31.56 2.82 8.83
CA ALA A 38 -31.55 1.84 7.74
C ALA A 38 -30.33 0.91 7.84
N THR A 39 -29.15 1.47 8.12
CA THR A 39 -27.94 0.67 8.26
C THR A 39 -28.09 -0.34 9.38
N PHE A 40 -28.62 0.11 10.52
CA PHE A 40 -28.79 -0.80 11.65
C PHE A 40 -29.72 -1.95 11.27
N PHE A 41 -30.85 -1.64 10.65
CA PHE A 41 -31.79 -2.69 10.29
C PHE A 41 -31.16 -3.69 9.33
N PHE A 42 -30.49 -3.20 8.29
CA PHE A 42 -29.92 -4.09 7.29
C PHE A 42 -28.81 -4.95 7.88
N ALA A 43 -27.92 -4.36 8.68
CA ALA A 43 -26.82 -5.11 9.27
C ALA A 43 -27.34 -6.15 10.26
N ALA A 44 -28.32 -5.78 11.10
CA ALA A 44 -28.86 -6.73 12.05
C ALA A 44 -29.55 -7.90 11.35
N LEU A 45 -30.35 -7.60 10.32
CA LEU A 45 -31.00 -8.68 9.59
C LEU A 45 -29.98 -9.58 8.92
N GLY A 46 -28.93 -9.00 8.33
CA GLY A 46 -27.92 -9.81 7.66
C GLY A 46 -27.18 -10.72 8.62
N ILE A 47 -26.77 -10.19 9.77
CA ILE A 47 -26.03 -10.98 10.74
C ILE A 47 -26.91 -12.08 11.34
N ILE A 48 -28.17 -11.75 11.64
CA ILE A 48 -29.07 -12.75 12.20
C ILE A 48 -29.35 -13.85 11.18
N LEU A 49 -29.50 -13.48 9.90
CA LEU A 49 -29.74 -14.49 8.88
C LEU A 49 -28.50 -15.34 8.64
N ILE A 50 -27.30 -14.78 8.81
CA ILE A 50 -26.09 -15.59 8.76
C ILE A 50 -26.07 -16.60 9.89
N ALA A 51 -26.49 -16.17 11.09
CA ALA A 51 -26.58 -17.11 12.21
C ALA A 51 -27.62 -18.21 11.93
N TRP A 52 -28.74 -17.85 11.32
CA TRP A 52 -29.74 -18.85 10.98
C TRP A 52 -29.23 -19.80 9.91
N SER A 53 -28.46 -19.29 8.95
CA SER A 53 -27.84 -20.14 7.95
C SER A 53 -26.84 -21.10 8.61
N ALA A 54 -26.14 -20.65 9.64
CA ALA A 54 -25.28 -21.54 10.41
C ALA A 54 -26.10 -22.62 11.11
N VAL A 55 -27.27 -22.27 11.63
CA VAL A 55 -28.15 -23.27 12.24
C VAL A 55 -28.56 -24.31 11.21
N LEU A 56 -28.95 -23.86 10.02
CA LEU A 56 -29.36 -24.79 8.97
C LEU A 56 -28.20 -25.65 8.50
N GLN A 57 -27.00 -25.08 8.42
CA GLN A 57 -25.85 -25.80 7.90
C GLN A 57 -25.40 -26.90 8.85
N GLY A 58 -25.52 -26.68 10.15
CA GLY A 58 -25.16 -27.68 11.13
C GLY A 58 -23.84 -27.47 11.82
N THR A 59 -23.22 -26.30 11.68
CA THR A 59 -21.97 -26.00 12.36
C THR A 59 -22.10 -24.68 13.12
N TRP A 60 -21.38 -24.59 14.23
CA TRP A 60 -21.24 -23.35 14.97
C TRP A 60 -19.82 -22.81 14.95
N ASN A 61 -18.90 -23.49 14.29
CA ASN A 61 -17.55 -22.99 14.14
C ASN A 61 -17.57 -21.78 13.23
N PRO A 62 -17.11 -20.60 13.69
CA PRO A 62 -17.17 -19.41 12.84
C PRO A 62 -16.39 -19.56 11.56
N GLN A 63 -15.30 -20.31 11.57
CA GLN A 63 -14.48 -20.52 10.39
C GLN A 63 -15.03 -21.58 9.45
N LEU A 64 -16.06 -22.31 9.87
CA LEU A 64 -16.70 -23.29 9.01
C LEU A 64 -18.07 -22.86 8.51
N ILE A 65 -18.62 -21.78 9.04
CA ILE A 65 -19.91 -21.29 8.59
C ILE A 65 -19.78 -20.70 7.19
N SER A 66 -20.67 -21.10 6.28
CA SER A 66 -20.65 -20.61 4.92
C SER A 66 -22.08 -20.49 4.41
N VAL A 67 -22.39 -19.36 3.80
CA VAL A 67 -23.69 -19.12 3.17
C VAL A 67 -23.47 -19.18 1.67
N TYR A 68 -24.04 -20.19 1.03
CA TYR A 68 -23.72 -20.39 -0.37
C TYR A 68 -24.76 -19.78 -1.29
N PRO A 69 -24.34 -19.24 -2.43
CA PRO A 69 -25.31 -18.71 -3.40
C PRO A 69 -26.11 -19.83 -4.04
N PRO A 70 -27.15 -19.50 -4.79
CA PRO A 70 -27.92 -20.55 -5.47
C PRO A 70 -27.07 -21.34 -6.45
N ALA A 71 -27.53 -22.54 -6.76
CA ALA A 71 -26.83 -23.36 -7.75
C ALA A 71 -26.95 -22.72 -9.13
N LEU A 72 -26.12 -23.20 -10.06
CA LEU A 72 -26.20 -22.70 -11.43
C LEU A 72 -27.52 -23.03 -12.09
N GLU A 73 -28.21 -24.08 -11.63
CA GLU A 73 -29.47 -24.47 -12.23
C GLU A 73 -30.57 -23.42 -12.01
N TYR A 74 -30.47 -22.63 -10.94
CA TYR A 74 -31.48 -21.63 -10.67
C TYR A 74 -31.36 -20.40 -11.55
N GLY A 75 -30.23 -20.23 -12.25
CA GLY A 75 -30.05 -19.04 -13.05
C GLY A 75 -30.06 -17.80 -12.20
N LEU A 76 -30.83 -16.80 -12.63
CA LEU A 76 -30.95 -15.54 -11.93
C LEU A 76 -32.24 -15.45 -11.13
N GLY A 77 -32.97 -16.55 -11.00
CA GLY A 77 -34.21 -16.55 -10.24
C GLY A 77 -33.99 -16.82 -8.77
N GLY A 78 -35.08 -16.75 -8.02
CA GLY A 78 -35.02 -17.06 -6.61
C GLY A 78 -34.73 -18.53 -6.37
N ALA A 79 -34.17 -18.79 -5.20
CA ALA A 79 -33.80 -20.13 -4.76
C ALA A 79 -34.37 -20.37 -3.38
N PRO A 80 -34.60 -21.62 -3.01
CA PRO A 80 -35.10 -21.91 -1.66
C PRO A 80 -34.13 -21.39 -0.61
N LEU A 81 -34.69 -20.92 0.50
CA LEU A 81 -33.88 -20.23 1.52
C LEU A 81 -32.77 -21.13 2.05
N ALA A 82 -33.00 -22.44 2.10
CA ALA A 82 -31.96 -23.35 2.57
C ALA A 82 -30.85 -23.52 1.55
N LYS A 83 -31.15 -23.34 0.26
CA LYS A 83 -30.16 -23.56 -0.79
C LYS A 83 -29.43 -22.27 -1.14
N GLY A 84 -30.16 -21.27 -1.65
CA GLY A 84 -29.51 -20.02 -1.98
C GLY A 84 -30.33 -18.79 -1.70
N GLY A 85 -31.55 -18.97 -1.19
CA GLY A 85 -32.40 -17.83 -0.89
C GLY A 85 -31.88 -16.98 0.25
N LEU A 86 -31.35 -17.64 1.28
CA LEU A 86 -30.75 -16.89 2.38
C LEU A 86 -29.58 -16.06 1.91
N TRP A 87 -28.78 -16.61 0.98
CA TRP A 87 -27.69 -15.83 0.40
C TRP A 87 -28.20 -14.59 -0.31
N GLN A 88 -29.29 -14.72 -1.06
CA GLN A 88 -29.84 -13.58 -1.78
C GLN A 88 -30.36 -12.52 -0.83
N ILE A 89 -31.06 -12.92 0.22
CA ILE A 89 -31.55 -11.96 1.20
C ILE A 89 -30.38 -11.28 1.91
N ILE A 90 -29.36 -12.05 2.28
CA ILE A 90 -28.20 -11.47 2.96
C ILE A 90 -27.45 -10.52 2.04
N THR A 91 -27.40 -10.83 0.75
CA THR A 91 -26.75 -9.93 -0.20
C THR A 91 -27.53 -8.62 -0.34
N ILE A 92 -28.86 -8.70 -0.36
CA ILE A 92 -29.66 -7.49 -0.36
C ILE A 92 -29.43 -6.69 0.91
N CYS A 93 -29.36 -7.36 2.06
CA CYS A 93 -29.10 -6.68 3.32
C CYS A 93 -27.73 -6.03 3.34
N ALA A 94 -26.72 -6.72 2.81
CA ALA A 94 -25.37 -6.17 2.75
C ALA A 94 -25.31 -4.95 1.84
N THR A 95 -25.96 -5.02 0.68
CA THR A 95 -25.98 -3.87 -0.22
C THR A 95 -26.69 -2.69 0.43
N GLY A 96 -27.82 -2.93 1.09
CA GLY A 96 -28.50 -1.86 1.79
C GLY A 96 -27.65 -1.26 2.89
N ALA A 97 -26.96 -2.10 3.66
CA ALA A 97 -26.12 -1.61 4.73
C ALA A 97 -24.96 -0.77 4.19
N PHE A 98 -24.34 -1.22 3.10
CA PHE A 98 -23.21 -0.48 2.55
C PHE A 98 -23.64 0.86 1.97
N VAL A 99 -24.74 0.87 1.21
CA VAL A 99 -25.19 2.12 0.61
C VAL A 99 -25.68 3.09 1.68
N SER A 100 -26.37 2.57 2.70
CA SER A 100 -26.81 3.43 3.80
C SER A 100 -25.64 3.95 4.61
N TRP A 101 -24.59 3.16 4.76
CA TRP A 101 -23.37 3.65 5.41
C TRP A 101 -22.76 4.80 4.61
N ALA A 102 -22.70 4.66 3.29
CA ALA A 102 -22.17 5.75 2.47
C ALA A 102 -23.02 7.00 2.57
N LEU A 103 -24.34 6.85 2.57
CA LEU A 103 -25.22 8.02 2.65
C LEU A 103 -25.19 8.65 4.04
N ARG A 104 -25.04 7.86 5.09
CA ARG A 104 -24.83 8.41 6.43
C ARG A 104 -23.53 9.19 6.50
N GLU A 105 -22.50 8.70 5.82
CA GLU A 105 -21.25 9.46 5.74
C GLU A 105 -21.45 10.77 4.99
N VAL A 106 -22.27 10.77 3.94
CA VAL A 106 -22.58 12.01 3.23
C VAL A 106 -23.27 13.00 4.16
N GLU A 107 -24.21 12.51 4.97
CA GLU A 107 -24.90 13.38 5.93
C GLU A 107 -23.93 13.95 6.95
N ILE A 108 -23.03 13.12 7.46
CA ILE A 108 -22.06 13.59 8.45
C ILE A 108 -21.10 14.61 7.82
N CYS A 109 -20.69 14.38 6.57
CA CYS A 109 -19.87 15.35 5.86
C CYS A 109 -20.58 16.68 5.73
N ARG A 110 -21.87 16.65 5.37
CA ARG A 110 -22.63 17.89 5.24
C ARG A 110 -22.75 18.61 6.57
N LYS A 111 -22.97 17.87 7.65
CA LYS A 111 -23.08 18.49 8.97
C LYS A 111 -21.76 19.12 9.41
N LEU A 112 -20.64 18.48 9.09
CA LEU A 112 -19.34 18.98 9.50
C LEU A 112 -18.74 20.00 8.54
N GLY A 113 -19.37 20.23 7.39
CA GLY A 113 -18.87 21.19 6.42
C GLY A 113 -17.56 20.81 5.78
N ILE A 114 -17.36 19.53 5.47
CA ILE A 114 -16.14 19.04 4.86
C ILE A 114 -16.46 18.45 3.51
N GLY A 115 -15.43 17.98 2.79
CA GLY A 115 -15.64 17.40 1.49
C GLY A 115 -16.23 16.00 1.55
N TYR A 116 -16.72 15.55 0.39
CA TYR A 116 -17.35 14.24 0.27
C TYR A 116 -16.40 13.19 -0.29
N HIS A 117 -15.11 13.31 0.02
CA HIS A 117 -14.12 12.39 -0.53
C HIS A 117 -14.28 10.99 0.05
N ILE A 118 -14.64 10.88 1.32
CA ILE A 118 -14.74 9.59 2.00
C ILE A 118 -15.91 8.76 1.49
N PRO A 119 -17.15 9.29 1.38
CA PRO A 119 -18.21 8.49 0.76
C PRO A 119 -17.92 8.13 -0.68
N PHE A 120 -17.27 9.02 -1.43
CA PHE A 120 -16.92 8.73 -2.81
C PHE A 120 -15.91 7.59 -2.89
N ALA A 121 -14.93 7.57 -2.00
CA ALA A 121 -13.95 6.49 -1.98
C ALA A 121 -14.56 5.18 -1.50
N PHE A 122 -15.55 5.25 -0.60
CA PHE A 122 -16.25 4.05 -0.18
C PHE A 122 -17.13 3.47 -1.30
N ALA A 123 -17.67 4.35 -2.15
CA ALA A 123 -18.46 3.89 -3.29
C ALA A 123 -17.66 3.00 -4.21
N PHE A 124 -16.34 3.20 -4.29
CA PHE A 124 -15.49 2.32 -5.09
C PHE A 124 -15.47 0.90 -4.56
N ALA A 125 -15.32 0.75 -3.24
CA ALA A 125 -15.38 -0.58 -2.64
C ALA A 125 -16.76 -1.21 -2.81
N ILE A 126 -17.81 -0.41 -2.65
CA ILE A 126 -19.16 -0.92 -2.87
C ILE A 126 -19.32 -1.40 -4.31
N LEU A 127 -18.74 -0.67 -5.27
CA LEU A 127 -18.85 -1.07 -6.67
C LEU A 127 -18.07 -2.34 -6.95
N ALA A 128 -16.90 -2.51 -6.32
CA ALA A 128 -16.19 -3.78 -6.47
C ALA A 128 -16.98 -4.95 -5.90
N TYR A 129 -17.60 -4.75 -4.74
CA TYR A 129 -18.44 -5.78 -4.14
C TYR A 129 -19.61 -6.13 -5.06
N LEU A 130 -20.28 -5.11 -5.60
CA LEU A 130 -21.41 -5.34 -6.50
C LEU A 130 -20.97 -5.98 -7.81
N THR A 131 -19.76 -5.67 -8.28
CA THR A 131 -19.20 -6.39 -9.41
C THR A 131 -19.07 -7.87 -9.10
N LEU A 132 -18.62 -8.20 -7.89
CA LEU A 132 -18.42 -9.61 -7.57
C LEU A 132 -19.73 -10.35 -7.31
N VAL A 133 -20.75 -9.68 -6.78
CA VAL A 133 -21.99 -10.35 -6.42
C VAL A 133 -23.14 -10.05 -7.37
N LEU A 134 -23.14 -8.90 -8.05
CA LEU A 134 -24.28 -8.52 -8.86
C LEU A 134 -23.97 -8.44 -10.35
N PHE A 135 -22.99 -7.60 -10.75
CA PHE A 135 -22.81 -7.33 -12.17
C PHE A 135 -22.27 -8.54 -12.92
N ARG A 136 -21.19 -9.14 -12.39
CA ARG A 136 -20.61 -10.30 -13.06
C ARG A 136 -21.55 -11.50 -13.06
N PRO A 137 -22.19 -11.89 -11.94
CA PRO A 137 -23.17 -12.98 -12.01
C PRO A 137 -24.33 -12.71 -12.96
N VAL A 138 -24.85 -11.48 -13.01
CA VAL A 138 -25.94 -11.17 -13.91
C VAL A 138 -25.49 -11.25 -15.36
N MET A 139 -24.29 -10.76 -15.66
CA MET A 139 -23.75 -10.86 -17.01
C MET A 139 -23.55 -12.31 -17.40
N MET A 140 -23.06 -13.13 -16.47
CA MET A 140 -22.81 -14.54 -16.72
C MET A 140 -24.07 -15.39 -16.70
N GLY A 141 -25.15 -14.90 -16.08
CA GLY A 141 -26.44 -15.56 -16.15
C GLY A 141 -26.84 -16.39 -14.95
N ALA A 142 -26.08 -16.38 -13.87
CA ALA A 142 -26.40 -17.21 -12.72
C ALA A 142 -25.90 -16.56 -11.45
N TRP A 143 -26.70 -16.65 -10.38
CA TRP A 143 -26.27 -16.19 -9.06
C TRP A 143 -25.17 -17.06 -8.47
N GLY A 144 -24.99 -18.26 -9.00
CA GLY A 144 -24.01 -19.19 -8.48
C GLY A 144 -22.58 -18.87 -8.84
N TYR A 145 -22.36 -17.84 -9.66
CA TYR A 145 -21.01 -17.39 -9.95
C TYR A 145 -20.49 -16.39 -8.93
N ALA A 146 -21.33 -15.97 -7.99
CA ALA A 146 -20.90 -15.10 -6.91
C ALA A 146 -20.23 -15.92 -5.81
N PHE A 147 -19.66 -15.22 -4.83
CA PHE A 147 -18.92 -15.96 -3.84
C PHE A 147 -19.76 -16.22 -2.59
N PRO A 148 -19.47 -17.30 -1.87
CA PRO A 148 -20.19 -17.58 -0.62
C PRO A 148 -19.72 -16.70 0.52
N TYR A 149 -20.57 -16.61 1.54
CA TYR A 149 -20.28 -15.78 2.70
C TYR A 149 -19.70 -16.69 3.79
N GLY A 150 -18.44 -17.05 3.61
CA GLY A 150 -17.72 -17.81 4.60
C GLY A 150 -16.30 -17.31 4.70
N ILE A 151 -15.71 -17.49 5.87
CA ILE A 151 -14.37 -16.95 6.12
C ILE A 151 -13.35 -17.62 5.22
N TRP A 152 -13.43 -18.95 5.09
CA TRP A 152 -12.48 -19.69 4.28
C TRP A 152 -13.08 -20.24 2.99
N THR A 153 -14.40 -20.26 2.84
CA THR A 153 -15.00 -20.72 1.60
C THR A 153 -15.01 -19.66 0.51
N HIS A 154 -15.01 -18.37 0.86
CA HIS A 154 -14.85 -17.37 -0.18
C HIS A 154 -13.43 -17.38 -0.74
N LEU A 155 -12.47 -17.85 0.04
CA LEU A 155 -11.14 -18.10 -0.51
C LEU A 155 -11.16 -19.29 -1.48
N ASP A 156 -11.98 -20.30 -1.17
CA ASP A 156 -12.18 -21.39 -2.12
C ASP A 156 -12.79 -20.88 -3.41
N TRP A 157 -13.75 -19.97 -3.32
CA TRP A 157 -14.31 -19.35 -4.52
C TRP A 157 -13.25 -18.61 -5.31
N VAL A 158 -12.39 -17.86 -4.61
CA VAL A 158 -11.32 -17.11 -5.29
C VAL A 158 -10.40 -18.08 -6.04
N SER A 159 -10.00 -19.16 -5.37
CA SER A 159 -9.10 -20.12 -5.98
C SER A 159 -9.74 -20.80 -7.19
N ASN A 160 -10.99 -21.23 -7.07
CA ASN A 160 -11.66 -21.91 -8.17
C ASN A 160 -11.86 -20.98 -9.36
N THR A 161 -12.31 -19.75 -9.10
CA THR A 161 -12.51 -18.79 -10.19
C THR A 161 -11.19 -18.45 -10.87
N GLY A 162 -10.12 -18.30 -10.08
CA GLY A 162 -8.83 -18.00 -10.68
C GLY A 162 -8.29 -19.14 -11.52
N TYR A 163 -8.44 -20.38 -11.04
CA TYR A 163 -7.89 -21.51 -11.76
C TYR A 163 -8.78 -22.01 -12.88
N THR A 164 -10.01 -21.49 -13.00
CA THR A 164 -10.78 -21.73 -14.21
C THR A 164 -10.04 -21.22 -15.45
N TYR A 165 -9.20 -20.20 -15.29
CA TYR A 165 -8.47 -19.57 -16.38
C TYR A 165 -6.97 -19.76 -16.23
N GLY A 166 -6.56 -20.93 -15.76
CA GLY A 166 -5.15 -21.20 -15.52
C GLY A 166 -4.62 -20.35 -14.38
N ASN A 167 -3.36 -19.95 -14.50
CA ASN A 167 -2.78 -19.00 -13.57
C ASN A 167 -3.41 -17.62 -13.81
N PHE A 168 -4.08 -17.09 -12.79
CA PHE A 168 -4.74 -15.80 -12.90
C PHE A 168 -3.77 -14.63 -12.88
N HIS A 169 -2.50 -14.89 -12.61
CA HIS A 169 -1.50 -13.82 -12.62
C HIS A 169 -1.43 -13.14 -13.98
N TYR A 170 -1.82 -13.85 -15.04
CA TYR A 170 -1.64 -13.37 -16.41
C TYR A 170 -2.80 -12.50 -16.89
N ASN A 171 -3.80 -12.28 -16.07
CA ASN A 171 -4.79 -11.26 -16.35
C ASN A 171 -4.10 -9.90 -16.30
N PRO A 172 -4.15 -9.10 -17.38
CA PRO A 172 -3.37 -7.86 -17.37
C PRO A 172 -3.91 -6.78 -16.43
N ALA A 173 -5.23 -6.62 -16.38
CA ALA A 173 -5.80 -5.70 -15.41
C ALA A 173 -5.56 -6.16 -13.98
N HIS A 174 -5.47 -7.48 -13.78
CA HIS A 174 -5.03 -8.02 -12.49
C HIS A 174 -3.62 -7.58 -12.16
N MET A 175 -2.72 -7.60 -13.15
CA MET A 175 -1.36 -7.12 -12.95
C MET A 175 -1.35 -5.64 -12.56
N ILE A 176 -2.13 -4.82 -13.26
CA ILE A 176 -2.16 -3.40 -12.95
C ILE A 176 -2.70 -3.17 -11.54
N ALA A 177 -3.78 -3.88 -11.17
CA ALA A 177 -4.36 -3.72 -9.85
C ALA A 177 -3.40 -4.17 -8.75
N ILE A 178 -2.65 -5.25 -8.99
CA ILE A 178 -1.67 -5.70 -8.01
C ILE A 178 -0.55 -4.67 -7.86
N SER A 179 -0.10 -4.10 -8.98
CA SER A 179 0.91 -3.04 -8.91
C SER A 179 0.40 -1.86 -8.09
N PHE A 180 -0.85 -1.47 -8.28
CA PHE A 180 -1.44 -0.37 -7.52
C PHE A 180 -1.54 -0.71 -6.04
N PHE A 181 -1.95 -1.93 -5.71
CA PHE A 181 -2.05 -2.35 -4.30
C PHE A 181 -0.68 -2.32 -3.63
N PHE A 182 0.33 -2.87 -4.30
CA PHE A 182 1.68 -2.90 -3.74
C PHE A 182 2.23 -1.50 -3.57
N THR A 183 2.07 -0.65 -4.58
CA THR A 183 2.55 0.73 -4.50
C THR A 183 1.83 1.48 -3.39
N ASN A 184 0.53 1.21 -3.21
CA ASN A 184 -0.21 1.84 -2.13
C ASN A 184 0.31 1.45 -0.76
N ALA A 185 0.60 0.16 -0.56
CA ALA A 185 1.15 -0.26 0.73
C ALA A 185 2.51 0.37 0.99
N LEU A 186 3.36 0.43 -0.04
CA LEU A 186 4.66 1.08 0.07
C LEU A 186 4.52 2.56 0.42
N ALA A 187 3.60 3.26 -0.26
CA ALA A 187 3.40 4.68 0.00
C ALA A 187 2.84 4.93 1.39
N LEU A 188 1.92 4.08 1.85
CA LEU A 188 1.40 4.20 3.21
C LEU A 188 2.51 4.04 4.24
N ALA A 189 3.39 3.05 4.05
CA ALA A 189 4.50 2.89 4.97
C ALA A 189 5.41 4.12 4.97
N LEU A 190 5.75 4.61 3.78
CA LEU A 190 6.64 5.76 3.69
C LEU A 190 6.02 7.01 4.31
N HIS A 191 4.72 7.23 4.09
CA HIS A 191 4.06 8.42 4.60
C HIS A 191 3.94 8.38 6.12
N GLY A 192 3.48 7.26 6.67
CA GLY A 192 3.45 7.13 8.11
C GLY A 192 4.83 7.31 8.73
N ALA A 193 5.84 6.68 8.15
CA ALA A 193 7.19 6.78 8.67
C ALA A 193 7.71 8.22 8.62
N LEU A 194 7.46 8.93 7.52
CA LEU A 194 7.99 10.28 7.38
C LEU A 194 7.32 11.25 8.35
N VAL A 195 5.99 11.16 8.48
CA VAL A 195 5.32 12.05 9.43
C VAL A 195 5.76 11.74 10.85
N LEU A 196 5.87 10.46 11.20
CA LEU A 196 6.29 10.11 12.56
C LEU A 196 7.72 10.53 12.84
N SER A 197 8.60 10.40 11.85
CA SER A 197 9.99 10.79 12.04
C SER A 197 10.16 12.30 12.15
N ALA A 198 9.31 13.06 11.47
CA ALA A 198 9.35 14.51 11.64
C ALA A 198 8.79 14.91 13.01
N ALA A 199 7.69 14.30 13.43
CA ALA A 199 7.05 14.65 14.69
C ALA A 199 7.78 14.08 15.90
N ASN A 200 8.56 13.01 15.73
CA ASN A 200 9.26 12.35 16.82
C ASN A 200 10.73 12.25 16.44
N PRO A 201 11.49 13.32 16.64
CA PRO A 201 12.91 13.31 16.27
C PRO A 201 13.76 12.53 17.25
N GLU A 202 15.07 12.58 17.08
CA GLU A 202 15.97 12.03 18.07
C GLU A 202 15.75 12.75 19.41
N LYS A 203 15.80 11.99 20.49
CA LYS A 203 15.31 12.47 21.79
C LYS A 203 16.06 13.72 22.22
N GLY A 204 15.30 14.71 22.70
CA GLY A 204 15.85 15.99 23.09
C GLY A 204 15.84 17.04 22.00
N LYS A 205 15.47 16.68 20.78
CA LYS A 205 15.49 17.61 19.66
C LYS A 205 14.12 18.21 19.44
N GLU A 206 14.09 19.32 18.70
CA GLU A 206 12.85 20.01 18.40
C GLU A 206 12.08 19.29 17.29
N MET A 207 10.78 19.55 17.24
CA MET A 207 9.95 19.01 16.18
C MET A 207 10.49 19.43 14.82
N ARG A 208 10.43 18.51 13.87
CA ARG A 208 10.87 18.83 12.52
C ARG A 208 9.70 19.40 11.71
N THR A 209 10.05 20.13 10.67
CA THR A 209 9.10 20.84 9.84
C THR A 209 8.85 20.08 8.54
N PRO A 210 7.85 20.48 7.76
CA PRO A 210 7.70 19.89 6.43
C PRO A 210 8.91 20.08 5.54
N ASP A 211 9.70 21.11 5.80
CA ASP A 211 10.95 21.30 5.08
C ASP A 211 11.89 20.12 5.27
N HIS A 212 11.96 19.59 6.50
CA HIS A 212 12.81 18.44 6.75
C HIS A 212 12.29 17.19 6.04
N GLU A 213 10.97 17.01 5.96
CA GLU A 213 10.41 15.89 5.23
C GLU A 213 10.75 15.95 3.74
N ASP A 214 10.55 17.14 3.16
CA ASP A 214 10.89 17.34 1.76
C ASP A 214 12.37 17.11 1.54
N THR A 215 13.20 17.61 2.45
CA THR A 215 14.64 17.42 2.35
C THR A 215 15.02 15.95 2.45
N PHE A 216 14.35 15.20 3.32
CA PHE A 216 14.73 13.80 3.54
C PHE A 216 14.43 12.95 2.31
N PHE A 217 13.22 13.06 1.76
CA PHE A 217 12.99 12.31 0.52
C PHE A 217 13.68 12.88 -0.72
N ARG A 218 14.02 14.17 -0.74
CA ARG A 218 14.87 14.62 -1.84
C ARG A 218 16.28 14.05 -1.71
N ASP A 219 16.80 13.94 -0.48
CA ASP A 219 18.09 13.31 -0.27
C ASP A 219 18.05 11.84 -0.62
N LEU A 220 16.94 11.17 -0.30
CA LEU A 220 16.83 9.72 -0.51
C LEU A 220 16.65 9.38 -1.99
N VAL A 221 15.57 9.87 -2.61
CA VAL A 221 15.22 9.45 -3.96
C VAL A 221 15.30 10.57 -4.98
N GLY A 222 15.57 11.79 -4.56
CA GLY A 222 15.66 12.91 -5.48
C GLY A 222 14.35 13.59 -5.79
N TYR A 223 13.25 13.17 -5.19
CA TYR A 223 11.96 13.79 -5.44
C TYR A 223 11.12 13.70 -4.18
N SER A 224 10.33 14.74 -3.95
CA SER A 224 9.35 14.77 -2.86
C SER A 224 8.02 15.24 -3.43
N ILE A 225 6.96 14.47 -3.19
CA ILE A 225 5.66 14.79 -3.80
C ILE A 225 4.91 15.85 -3.02
N GLY A 226 5.19 16.02 -1.73
CA GLY A 226 4.58 17.07 -0.93
C GLY A 226 3.50 16.53 -0.01
N THR A 227 3.09 17.40 0.91
CA THR A 227 2.09 17.02 1.90
C THR A 227 0.71 16.82 1.28
N LEU A 228 0.35 17.68 0.32
CA LEU A 228 -0.89 17.48 -0.41
C LEU A 228 -0.76 16.35 -1.43
N GLY A 229 0.40 16.27 -2.06
CA GLY A 229 0.61 15.28 -3.10
C GLY A 229 0.55 13.85 -2.58
N ILE A 230 1.02 13.62 -1.37
CA ILE A 230 1.03 12.26 -0.83
C ILE A 230 -0.38 11.79 -0.53
N HIS A 231 -1.24 12.68 -0.02
CA HIS A 231 -2.61 12.27 0.28
C HIS A 231 -3.43 12.10 -0.99
N ARG A 232 -3.21 12.98 -1.98
CA ARG A 232 -3.83 12.75 -3.29
C ARG A 232 -3.36 11.43 -3.88
N LEU A 233 -2.05 11.15 -3.79
CA LEU A 233 -1.49 9.93 -4.33
C LEU A 233 -2.09 8.71 -3.66
N GLY A 234 -2.28 8.77 -2.34
CA GLY A 234 -2.88 7.65 -1.65
C GLY A 234 -4.31 7.39 -2.07
N LEU A 235 -5.12 8.45 -2.14
CA LEU A 235 -6.49 8.28 -2.61
C LEU A 235 -6.52 7.66 -4.00
N LEU A 236 -5.72 8.19 -4.93
CA LEU A 236 -5.73 7.66 -6.29
C LEU A 236 -5.16 6.24 -6.38
N LEU A 237 -4.13 5.92 -5.60
CA LEU A 237 -3.58 4.57 -5.65
C LEU A 237 -4.61 3.55 -5.19
N SER A 238 -5.28 3.83 -4.07
CA SER A 238 -6.30 2.88 -3.58
C SER A 238 -7.47 2.76 -4.55
N LEU A 239 -7.95 3.91 -5.05
CA LEU A 239 -9.12 3.86 -5.93
C LEU A 239 -8.77 3.22 -7.27
N SER A 240 -7.56 3.44 -7.77
CA SER A 240 -7.12 2.78 -9.00
C SER A 240 -6.99 1.28 -8.81
N ALA A 241 -6.45 0.85 -7.68
CA ALA A 241 -6.34 -0.58 -7.43
C ALA A 241 -7.71 -1.24 -7.44
N VAL A 242 -8.69 -0.62 -6.76
CA VAL A 242 -10.02 -1.21 -6.69
C VAL A 242 -10.71 -1.14 -8.05
N PHE A 243 -10.53 -0.04 -8.79
CA PHE A 243 -11.11 0.08 -10.11
C PHE A 243 -10.60 -1.00 -11.05
N PHE A 244 -9.29 -1.24 -11.05
CA PHE A 244 -8.72 -2.22 -11.96
C PHE A 244 -9.03 -3.64 -11.50
N SER A 245 -9.22 -3.86 -10.20
CA SER A 245 -9.72 -5.15 -9.74
C SER A 245 -11.12 -5.41 -10.29
N ALA A 246 -12.01 -4.42 -10.15
CA ALA A 246 -13.36 -4.58 -10.66
C ALA A 246 -13.35 -4.82 -12.16
N LEU A 247 -12.47 -4.13 -12.88
CA LEU A 247 -12.36 -4.32 -14.32
C LEU A 247 -11.87 -5.72 -14.68
N CYS A 248 -10.82 -6.21 -14.00
CA CYS A 248 -10.28 -7.52 -14.34
C CYS A 248 -11.29 -8.61 -14.04
N MET A 249 -12.13 -8.42 -13.04
CA MET A 249 -13.16 -9.41 -12.79
C MET A 249 -14.36 -9.28 -13.70
N ILE A 250 -14.72 -8.07 -14.14
CA ILE A 250 -15.84 -7.90 -15.04
C ILE A 250 -15.51 -8.38 -16.45
N ILE A 251 -14.25 -8.37 -16.86
CA ILE A 251 -13.89 -8.92 -18.17
C ILE A 251 -13.70 -10.43 -18.13
N THR A 252 -13.56 -11.03 -16.96
CA THR A 252 -13.22 -12.44 -16.84
C THR A 252 -14.49 -13.28 -16.89
N GLY A 253 -14.54 -14.22 -17.83
CA GLY A 253 -15.71 -15.04 -18.00
C GLY A 253 -16.83 -14.41 -18.80
N THR A 254 -16.65 -13.18 -19.27
CA THR A 254 -17.64 -12.47 -20.07
C THR A 254 -17.12 -12.16 -21.46
N ILE A 255 -15.89 -11.65 -21.57
CA ILE A 255 -15.24 -11.50 -22.87
C ILE A 255 -13.98 -12.35 -22.99
N TRP A 256 -13.44 -12.87 -21.89
CA TRP A 256 -12.32 -13.80 -21.92
C TRP A 256 -12.75 -15.09 -21.25
N PHE A 257 -12.61 -16.20 -21.96
CA PHE A 257 -13.06 -17.50 -21.48
C PHE A 257 -11.96 -18.54 -21.41
N ASP A 258 -10.73 -18.18 -21.73
CA ASP A 258 -9.64 -19.14 -21.88
C ASP A 258 -8.58 -18.86 -20.83
N GLN A 259 -7.46 -19.57 -20.94
CA GLN A 259 -6.33 -19.35 -20.05
C GLN A 259 -5.71 -17.99 -20.31
N TRP A 260 -5.52 -17.21 -19.24
CA TRP A 260 -5.03 -15.85 -19.39
C TRP A 260 -3.58 -15.82 -19.89
N VAL A 261 -2.85 -16.92 -19.73
CA VAL A 261 -1.48 -16.98 -20.22
C VAL A 261 -1.46 -16.95 -21.74
N ASP A 262 -2.52 -17.44 -22.39
CA ASP A 262 -2.56 -17.46 -23.85
C ASP A 262 -2.86 -16.09 -24.42
N TRP A 263 -3.35 -15.16 -23.60
CA TRP A 263 -3.65 -13.82 -24.09
C TRP A 263 -2.38 -13.12 -24.56
N TRP A 264 -1.27 -13.35 -23.88
CA TRP A 264 -0.03 -12.64 -24.15
C TRP A 264 0.64 -13.08 -25.44
N GLN A 265 0.10 -14.10 -26.10
CA GLN A 265 0.68 -14.54 -27.37
C GLN A 265 0.43 -13.55 -28.49
N TRP A 266 -0.46 -12.58 -28.28
CA TRP A 266 -0.65 -11.54 -29.30
C TRP A 266 0.60 -10.71 -29.48
N TRP A 267 1.29 -10.40 -28.38
CA TRP A 267 2.54 -9.65 -28.48
C TRP A 267 3.64 -10.49 -29.10
N VAL A 268 3.71 -11.76 -28.73
CA VAL A 268 4.74 -12.65 -29.27
C VAL A 268 4.51 -12.87 -30.77
N LYS A 269 3.25 -13.02 -31.18
CA LYS A 269 2.91 -13.34 -32.55
C LYS A 269 2.72 -12.11 -33.42
N LEU A 270 3.28 -10.96 -33.02
CA LEU A 270 3.22 -9.79 -33.88
C LEU A 270 4.00 -10.08 -35.17
N PRO A 271 3.50 -9.62 -36.32
CA PRO A 271 4.01 -10.14 -37.60
C PRO A 271 5.50 -9.95 -37.81
N TRP A 272 6.08 -8.86 -37.33
CA TRP A 272 7.47 -8.57 -37.65
C TRP A 272 8.45 -9.45 -36.90
N TRP A 273 8.22 -9.72 -35.61
CA TRP A 273 9.02 -10.71 -34.88
C TRP A 273 8.30 -12.03 -34.62
N ALA A 274 7.25 -12.35 -35.37
CA ALA A 274 6.55 -13.60 -35.10
C ALA A 274 7.44 -14.81 -35.34
N ASN A 275 8.28 -14.77 -36.38
CA ASN A 275 8.96 -15.96 -36.87
C ASN A 275 10.48 -15.87 -36.76
N ILE A 276 11.02 -14.94 -36.01
CA ILE A 276 12.48 -14.84 -35.85
C ILE A 276 12.94 -15.94 -34.90
N PRO A 277 13.87 -16.80 -35.30
CA PRO A 277 14.31 -17.88 -34.42
C PRO A 277 15.13 -17.37 -33.26
N GLY A 278 15.06 -18.09 -32.15
CA GLY A 278 15.82 -17.78 -30.96
C GLY A 278 14.94 -17.34 -29.81
N GLY A 279 15.57 -17.12 -28.67
CA GLY A 279 14.85 -16.64 -27.51
C GLY A 279 14.02 -17.74 -26.87
N ILE A 280 12.94 -17.31 -26.23
CA ILE A 280 12.05 -18.24 -25.53
C ILE A 280 10.98 -18.80 -26.47
N ASN A 281 10.39 -17.95 -27.31
CA ASN A 281 9.27 -18.34 -28.16
C ASN A 281 9.68 -18.60 -29.60
N GLY A 282 10.96 -18.85 -29.85
CA GLY A 282 11.43 -19.13 -31.19
C GLY A 282 12.04 -20.51 -31.33
N ALA B 2 -17.63 22.52 -11.93
CA ALA B 2 -18.43 22.06 -10.80
C ALA B 2 -17.80 22.49 -9.49
N GLU B 3 -17.60 21.53 -8.59
CA GLU B 3 -16.98 21.75 -7.30
C GLU B 3 -15.54 21.27 -7.33
N TYR B 4 -14.63 22.11 -6.85
CA TYR B 4 -13.22 21.75 -6.83
C TYR B 4 -12.97 20.71 -5.74
N GLN B 5 -12.52 19.52 -6.13
CA GLN B 5 -12.28 18.43 -5.21
C GLN B 5 -10.83 18.34 -4.76
N ASN B 6 -9.96 19.27 -5.18
CA ASN B 6 -8.59 19.36 -4.67
C ASN B 6 -7.77 18.11 -4.99
N ILE B 7 -7.95 17.57 -6.19
CA ILE B 7 -7.19 16.42 -6.65
C ILE B 7 -6.09 16.83 -7.63
N PHE B 8 -6.39 17.79 -8.50
CA PHE B 8 -5.40 18.39 -9.37
C PHE B 8 -5.38 19.89 -9.12
N SER B 9 -4.19 20.47 -9.06
CA SER B 9 -4.07 21.89 -8.80
C SER B 9 -4.69 22.69 -9.94
N GLN B 10 -5.32 23.82 -9.60
CA GLN B 10 -5.84 24.71 -10.63
C GLN B 10 -4.77 25.64 -11.15
N VAL B 11 -3.94 26.16 -10.25
CA VAL B 11 -2.89 27.11 -10.59
C VAL B 11 -1.58 26.57 -10.07
N GLN B 12 -0.54 26.61 -10.91
CA GLN B 12 0.81 26.26 -10.51
C GLN B 12 1.62 27.54 -10.30
N VAL B 13 2.32 27.62 -9.19
CA VAL B 13 3.21 28.74 -8.89
C VAL B 13 4.62 28.21 -8.76
N ARG B 14 5.57 28.93 -9.33
CA ARG B 14 6.97 28.52 -9.33
C ARG B 14 7.83 29.63 -8.74
N GLY B 15 8.78 29.24 -7.89
CA GLY B 15 9.73 30.16 -7.35
C GLY B 15 11.13 29.59 -7.46
N PRO B 16 12.08 30.18 -6.74
CA PRO B 16 13.42 29.60 -6.68
C PRO B 16 13.37 28.21 -6.08
N ALA B 17 14.22 27.33 -6.60
CA ALA B 17 14.24 25.96 -6.12
C ALA B 17 14.72 25.90 -4.68
N ASP B 18 14.05 25.07 -3.89
CA ASP B 18 14.42 24.86 -2.50
C ASP B 18 15.61 23.92 -2.44
N LEU B 19 16.70 24.36 -1.80
CA LEU B 19 17.91 23.57 -1.69
C LEU B 19 17.89 22.63 -0.49
N GLY B 20 16.85 22.67 0.33
CA GLY B 20 16.72 21.79 1.47
C GLY B 20 17.36 22.34 2.73
N MET B 21 17.10 21.66 3.83
CA MET B 21 17.70 22.01 5.11
C MET B 21 19.11 21.47 5.20
N THR B 22 19.97 22.19 5.91
CA THR B 22 21.35 21.74 6.08
C THR B 22 21.46 20.76 7.24
N GLU B 23 21.06 21.18 8.43
CA GLU B 23 21.16 20.37 9.64
C GLU B 23 22.59 19.88 9.83
N ASP B 24 22.78 18.56 9.84
CA ASP B 24 24.10 17.95 9.93
C ASP B 24 24.42 17.16 8.66
N VAL B 25 23.88 17.59 7.54
CA VAL B 25 24.09 16.93 6.25
C VAL B 25 25.37 17.45 5.63
N ASN B 26 26.19 16.55 5.10
CA ASN B 26 27.34 16.93 4.30
C ASN B 26 26.85 17.52 2.99
N LEU B 27 26.94 18.84 2.85
CA LEU B 27 26.38 19.51 1.68
C LEU B 27 27.20 19.26 0.42
N ALA B 28 28.44 18.80 0.55
CA ALA B 28 29.23 18.48 -0.63
C ALA B 28 28.73 17.25 -1.34
N ASN B 29 28.02 16.36 -0.64
CA ASN B 29 27.48 15.15 -1.23
C ASN B 29 26.07 15.33 -1.77
N ARG B 30 25.53 16.54 -1.71
CA ARG B 30 24.22 16.85 -2.26
C ARG B 30 24.40 17.50 -3.62
N SER B 31 23.72 16.94 -4.63
CA SER B 31 23.86 17.41 -6.00
C SER B 31 23.12 18.74 -6.18
N GLY B 32 23.04 19.21 -7.42
CA GLY B 32 22.24 20.37 -7.72
C GLY B 32 20.80 20.03 -8.01
N VAL B 33 19.96 21.06 -8.05
CA VAL B 33 18.55 20.85 -8.33
C VAL B 33 18.36 20.55 -9.80
N GLY B 34 17.49 19.59 -10.10
CA GLY B 34 17.15 19.27 -11.47
C GLY B 34 16.14 20.24 -12.03
N PRO B 35 15.50 19.86 -13.12
CA PRO B 35 14.47 20.72 -13.72
C PRO B 35 13.16 20.65 -12.94
N PHE B 36 12.22 21.51 -13.35
CA PHE B 36 10.90 21.56 -12.77
C PHE B 36 9.92 20.88 -13.73
N SER B 37 9.08 19.99 -13.19
CA SER B 37 8.14 19.23 -14.01
C SER B 37 6.74 19.77 -13.78
N THR B 38 6.19 20.42 -14.81
CA THR B 38 4.80 20.86 -14.76
C THR B 38 3.84 19.67 -14.68
N LEU B 39 4.13 18.60 -15.41
CA LEU B 39 3.30 17.41 -15.38
C LEU B 39 3.21 16.84 -13.98
N LEU B 40 4.34 16.77 -13.26
CA LEU B 40 4.34 16.36 -11.88
C LEU B 40 3.73 17.42 -10.97
N GLY B 41 3.88 18.69 -11.33
CA GLY B 41 3.35 19.78 -10.52
C GLY B 41 1.85 19.88 -10.53
N TRP B 42 1.18 19.28 -11.51
CA TRP B 42 -0.28 19.22 -11.48
C TRP B 42 -0.80 18.37 -10.34
N PHE B 43 0.01 17.44 -9.83
CA PHE B 43 -0.38 16.50 -8.80
C PHE B 43 0.31 16.72 -7.48
N GLY B 44 1.60 17.06 -7.50
CA GLY B 44 2.36 17.29 -6.29
C GLY B 44 3.35 18.41 -6.44
N ASN B 45 4.60 18.16 -6.06
CA ASN B 45 5.66 19.15 -6.23
C ASN B 45 6.28 19.01 -7.62
N ALA B 46 6.58 20.14 -8.24
CA ALA B 46 7.19 20.15 -9.56
C ALA B 46 8.69 19.95 -9.50
N GLN B 47 9.33 20.34 -8.40
CA GLN B 47 10.78 20.35 -8.33
C GLN B 47 11.34 18.93 -8.28
N LEU B 48 12.37 18.69 -9.09
CA LEU B 48 13.14 17.45 -9.06
C LEU B 48 14.51 17.74 -8.47
N GLY B 49 14.93 16.92 -7.50
CA GLY B 49 16.20 17.12 -6.85
C GLY B 49 16.15 18.22 -5.82
N PRO B 50 17.28 18.49 -5.16
CA PRO B 50 18.56 17.79 -5.33
C PRO B 50 18.61 16.45 -4.59
N ILE B 51 19.46 15.54 -5.04
CA ILE B 51 19.63 14.24 -4.42
C ILE B 51 20.92 14.22 -3.62
N TYR B 52 20.96 13.36 -2.62
CA TYR B 52 22.15 13.13 -1.83
C TYR B 52 22.85 11.87 -2.32
N LEU B 53 24.16 11.96 -2.52
CA LEU B 53 24.97 10.84 -2.98
C LEU B 53 26.18 10.71 -2.08
N GLY B 54 26.18 9.72 -1.20
CA GLY B 54 27.30 9.54 -0.30
C GLY B 54 28.04 8.25 -0.54
N SER B 55 28.73 7.76 0.48
CA SER B 55 29.44 6.50 0.36
C SER B 55 28.48 5.33 0.17
N LEU B 56 27.48 5.24 1.05
CA LEU B 56 26.47 4.20 0.92
C LEU B 56 25.64 4.40 -0.35
N GLY B 57 25.43 5.64 -0.77
CA GLY B 57 24.76 5.88 -2.02
C GLY B 57 25.54 5.36 -3.22
N VAL B 58 26.85 5.61 -3.24
CA VAL B 58 27.68 5.09 -4.31
C VAL B 58 27.68 3.57 -4.31
N LEU B 59 27.82 2.96 -3.13
CA LEU B 59 27.81 1.50 -3.04
C LEU B 59 26.49 0.93 -3.53
N SER B 60 25.38 1.52 -3.11
CA SER B 60 24.06 1.02 -3.50
C SER B 60 23.85 1.17 -5.00
N LEU B 61 24.22 2.32 -5.57
CA LEU B 61 24.02 2.51 -7.01
C LEU B 61 24.86 1.54 -7.81
N PHE B 62 26.14 1.38 -7.48
CA PHE B 62 26.96 0.45 -8.24
C PHE B 62 26.46 -0.98 -8.10
N SER B 63 26.08 -1.39 -6.89
CA SER B 63 25.61 -2.75 -6.69
C SER B 63 24.32 -3.00 -7.47
N GLY B 64 23.36 -2.08 -7.38
CA GLY B 64 22.12 -2.25 -8.11
C GLY B 64 22.29 -2.18 -9.60
N LEU B 65 23.20 -1.31 -10.07
CA LEU B 65 23.51 -1.23 -11.49
C LEU B 65 24.10 -2.55 -11.98
N MET B 66 24.99 -3.15 -11.19
CA MET B 66 25.56 -4.43 -11.58
C MET B 66 24.52 -5.55 -11.54
N TRP B 67 23.59 -5.48 -10.58
CA TRP B 67 22.49 -6.45 -10.55
C TRP B 67 21.66 -6.38 -11.83
N PHE B 68 21.21 -5.17 -12.17
CA PHE B 68 20.45 -4.97 -13.40
C PHE B 68 21.26 -5.38 -14.63
N PHE B 69 22.55 -5.05 -14.64
CA PHE B 69 23.41 -5.39 -15.78
C PHE B 69 23.55 -6.90 -15.94
N THR B 70 23.74 -7.62 -14.84
CA THR B 70 23.85 -9.07 -14.91
C THR B 70 22.56 -9.68 -15.45
N ILE B 71 21.42 -9.25 -14.93
CA ILE B 71 20.14 -9.78 -15.41
C ILE B 71 19.94 -9.44 -16.89
N GLY B 72 20.24 -8.20 -17.28
CA GLY B 72 20.03 -7.79 -18.64
C GLY B 72 20.96 -8.48 -19.64
N ILE B 73 22.21 -8.71 -19.25
CA ILE B 73 23.11 -9.39 -20.18
C ILE B 73 22.75 -10.87 -20.26
N TRP B 74 22.24 -11.47 -19.18
CA TRP B 74 21.71 -12.82 -19.30
C TRP B 74 20.52 -12.86 -20.25
N PHE B 75 19.66 -11.84 -20.16
CA PHE B 75 18.51 -11.76 -21.08
C PHE B 75 18.97 -11.62 -22.52
N TRP B 76 20.00 -10.81 -22.75
CA TRP B 76 20.52 -10.61 -24.11
C TRP B 76 21.15 -11.88 -24.65
N TYR B 77 21.84 -12.63 -23.80
CA TYR B 77 22.35 -13.94 -24.21
C TYR B 77 21.20 -14.88 -24.54
N GLN B 78 20.16 -14.87 -23.71
CA GLN B 78 19.00 -15.73 -23.92
C GLN B 78 18.25 -15.39 -25.20
N ALA B 79 18.40 -14.18 -25.70
CA ALA B 79 17.79 -13.76 -26.96
C ALA B 79 18.67 -14.06 -28.17
N GLY B 80 19.88 -14.54 -27.95
CA GLY B 80 20.82 -14.70 -29.04
C GLY B 80 21.38 -13.40 -29.57
N TRP B 81 21.42 -12.37 -28.73
CA TRP B 81 21.89 -11.03 -29.09
C TRP B 81 21.03 -10.38 -30.17
N ASN B 82 19.79 -10.85 -30.33
CA ASN B 82 18.88 -10.33 -31.32
C ASN B 82 17.97 -9.30 -30.66
N PRO B 83 18.07 -8.02 -31.01
CA PRO B 83 17.20 -7.02 -30.36
C PRO B 83 15.72 -7.26 -30.55
N ALA B 84 15.30 -7.73 -31.73
CA ALA B 84 13.89 -8.02 -31.97
C ALA B 84 13.41 -9.16 -31.09
N VAL B 85 14.22 -10.22 -30.96
CA VAL B 85 13.88 -11.30 -30.05
C VAL B 85 13.91 -10.81 -28.60
N PHE B 86 14.81 -9.88 -28.29
CA PHE B 86 14.85 -9.32 -26.94
C PHE B 86 13.56 -8.62 -26.60
N LEU B 87 13.01 -7.83 -27.54
CA LEU B 87 11.74 -7.17 -27.28
C LEU B 87 10.57 -8.14 -27.29
N ARG B 88 10.61 -9.15 -28.16
CA ARG B 88 9.51 -10.11 -28.22
C ARG B 88 9.38 -10.91 -26.92
N ASP B 89 10.49 -11.38 -26.38
CA ASP B 89 10.50 -12.30 -25.26
C ASP B 89 10.97 -11.66 -23.96
N LEU B 90 10.84 -10.34 -23.83
CA LEU B 90 11.39 -9.65 -22.67
C LEU B 90 10.74 -10.12 -21.38
N PHE B 91 9.44 -10.38 -21.40
CA PHE B 91 8.75 -10.85 -20.21
C PHE B 91 8.89 -12.34 -20.00
N PHE B 92 9.48 -13.05 -20.96
CA PHE B 92 9.66 -14.49 -20.88
C PHE B 92 11.07 -14.90 -20.51
N PHE B 93 12.02 -13.96 -20.48
CA PHE B 93 13.37 -14.27 -20.05
C PHE B 93 13.41 -14.47 -18.53
N SER B 94 14.41 -15.23 -18.08
CA SER B 94 14.50 -15.53 -16.66
C SER B 94 15.92 -15.93 -16.30
N LEU B 95 16.39 -15.43 -15.17
CA LEU B 95 17.63 -15.88 -14.55
C LEU B 95 17.26 -16.79 -13.39
N GLU B 96 17.47 -18.08 -13.57
CA GLU B 96 16.94 -19.05 -12.62
C GLU B 96 18.00 -19.46 -11.59
N PRO B 97 17.56 -19.82 -10.38
CA PRO B 97 18.50 -20.32 -9.37
C PRO B 97 19.12 -21.63 -9.81
N PRO B 98 20.12 -22.12 -9.09
CA PRO B 98 20.68 -23.44 -9.40
C PRO B 98 19.62 -24.54 -9.28
N ALA B 99 19.91 -25.67 -9.92
CA ALA B 99 19.04 -26.82 -9.83
C ALA B 99 19.12 -27.42 -8.42
N PRO B 100 18.08 -28.14 -8.01
CA PRO B 100 18.05 -28.65 -6.62
C PRO B 100 19.18 -29.63 -6.30
N GLU B 101 19.78 -30.29 -7.28
CA GLU B 101 20.85 -31.24 -6.96
C GLU B 101 22.13 -30.56 -6.48
N TYR B 102 22.23 -29.25 -6.60
CA TYR B 102 23.39 -28.54 -6.10
C TYR B 102 23.24 -28.10 -4.64
N GLY B 103 22.06 -28.23 -4.08
CA GLY B 103 21.84 -27.81 -2.70
C GLY B 103 22.13 -26.35 -2.52
N LEU B 104 22.89 -26.04 -1.47
CA LEU B 104 23.30 -24.67 -1.17
C LEU B 104 24.71 -24.38 -1.65
N SER B 105 25.32 -25.28 -2.42
CA SER B 105 26.70 -25.10 -2.82
C SER B 105 26.81 -24.01 -3.87
N PHE B 106 28.05 -23.55 -4.05
CA PHE B 106 28.39 -22.51 -5.02
C PHE B 106 29.08 -23.09 -6.25
N ALA B 107 28.87 -24.38 -6.52
CA ALA B 107 29.51 -25.06 -7.63
C ALA B 107 28.64 -25.14 -8.87
N ALA B 108 27.46 -24.54 -8.86
CA ALA B 108 26.59 -24.57 -10.02
C ALA B 108 27.23 -23.76 -11.16
N PRO B 109 27.09 -24.22 -12.40
CA PRO B 109 27.70 -23.50 -13.53
C PRO B 109 27.05 -22.14 -13.74
N LEU B 110 27.70 -21.33 -14.59
CA LEU B 110 27.22 -19.98 -14.82
C LEU B 110 25.85 -19.96 -15.48
N LYS B 111 25.62 -20.85 -16.43
CA LYS B 111 24.32 -20.94 -17.09
C LYS B 111 23.33 -21.80 -16.33
N GLU B 112 23.75 -22.43 -15.23
CA GLU B 112 22.89 -23.33 -14.48
C GLU B 112 22.81 -22.94 -13.01
N GLY B 113 23.02 -21.66 -12.70
CA GLY B 113 22.86 -21.18 -11.34
C GLY B 113 23.91 -20.23 -10.83
N GLY B 114 25.10 -20.24 -11.43
CA GLY B 114 26.17 -19.36 -10.96
C GLY B 114 25.87 -17.89 -11.19
N LEU B 115 25.36 -17.56 -12.38
CA LEU B 115 25.06 -16.16 -12.69
C LEU B 115 23.93 -15.64 -11.80
N TRP B 116 22.97 -16.50 -11.46
CA TRP B 116 21.94 -16.10 -10.52
C TRP B 116 22.53 -15.78 -9.15
N LEU B 117 23.53 -16.57 -8.72
CA LEU B 117 24.19 -16.29 -7.45
C LEU B 117 24.93 -14.96 -7.49
N ILE B 118 25.60 -14.67 -8.61
CA ILE B 118 26.29 -13.40 -8.75
C ILE B 118 25.31 -12.23 -8.68
N ALA B 119 24.21 -12.34 -9.42
CA ALA B 119 23.20 -11.28 -9.39
C ALA B 119 22.58 -11.13 -8.01
N SER B 120 22.39 -12.25 -7.30
CA SER B 120 21.82 -12.20 -5.97
C SER B 120 22.75 -11.54 -4.98
N PHE B 121 24.05 -11.77 -5.11
CA PHE B 121 25.01 -11.04 -4.27
C PHE B 121 24.93 -9.55 -4.55
N PHE B 122 24.86 -9.17 -5.84
CA PHE B 122 24.75 -7.75 -6.18
C PHE B 122 23.50 -7.13 -5.57
N MET B 123 22.36 -7.83 -5.67
CA MET B 123 21.11 -7.34 -5.10
C MET B 123 21.18 -7.24 -3.57
N PHE B 124 21.80 -8.24 -2.93
CA PHE B 124 21.96 -8.20 -1.48
C PHE B 124 22.70 -6.95 -1.05
N VAL B 125 23.84 -6.69 -1.69
CA VAL B 125 24.63 -5.52 -1.32
C VAL B 125 23.85 -4.24 -1.59
N ALA B 126 23.16 -4.18 -2.74
CA ALA B 126 22.42 -2.97 -3.09
C ALA B 126 21.32 -2.67 -2.08
N VAL B 127 20.54 -3.68 -1.71
CA VAL B 127 19.39 -3.45 -0.84
C VAL B 127 19.85 -3.10 0.58
N TRP B 128 20.86 -3.80 1.10
CA TRP B 128 21.31 -3.46 2.45
C TRP B 128 22.00 -2.11 2.49
N SER B 129 22.73 -1.74 1.42
CA SER B 129 23.29 -0.40 1.34
C SER B 129 22.19 0.65 1.34
N TRP B 130 21.10 0.40 0.62
CA TRP B 130 20.00 1.36 0.61
C TRP B 130 19.34 1.47 1.97
N TRP B 131 19.25 0.36 2.71
CA TRP B 131 18.70 0.44 4.06
C TRP B 131 19.58 1.31 4.95
N GLY B 132 20.89 1.09 4.90
CA GLY B 132 21.80 1.93 5.66
C GLY B 132 21.68 3.38 5.25
N ARG B 133 21.46 3.62 3.96
CA ARG B 133 21.25 4.97 3.45
C ARG B 133 19.98 5.61 4.02
N THR B 134 18.88 4.85 4.06
CA THR B 134 17.64 5.39 4.63
C THR B 134 17.80 5.71 6.10
N TYR B 135 18.60 4.91 6.82
CA TYR B 135 18.89 5.23 8.22
C TYR B 135 19.71 6.51 8.34
N LEU B 136 20.80 6.60 7.57
CA LEU B 136 21.74 7.70 7.75
C LEU B 136 21.20 9.02 7.25
N ARG B 137 20.35 9.00 6.21
CA ARG B 137 19.75 10.24 5.75
C ARG B 137 18.81 10.83 6.78
N ALA B 138 18.11 9.98 7.52
CA ALA B 138 17.27 10.47 8.61
C ALA B 138 18.12 10.93 9.78
N GLN B 139 19.22 10.23 10.04
CA GLN B 139 20.10 10.65 11.14
C GLN B 139 20.72 12.02 10.87
N ALA B 140 21.07 12.30 9.61
CA ALA B 140 21.70 13.58 9.30
C ALA B 140 20.77 14.76 9.54
N LEU B 141 19.46 14.56 9.37
CA LEU B 141 18.49 15.62 9.55
C LEU B 141 17.91 15.69 10.95
N GLY B 142 18.36 14.84 11.86
CA GLY B 142 17.83 14.83 13.20
C GLY B 142 16.48 14.15 13.34
N MET B 143 16.04 13.42 12.34
CA MET B 143 14.73 12.78 12.33
C MET B 143 14.78 11.42 13.01
N GLY B 144 13.62 10.92 13.41
CA GLY B 144 13.52 9.57 13.90
C GLY B 144 13.70 8.56 12.80
N LYS B 145 14.07 7.35 13.19
CA LYS B 145 14.38 6.32 12.20
C LYS B 145 13.16 5.44 11.90
N HIS B 146 12.02 6.05 11.63
CA HIS B 146 10.83 5.26 11.33
C HIS B 146 10.91 4.67 9.93
N THR B 147 11.49 5.40 8.98
CA THR B 147 11.63 4.90 7.62
C THR B 147 12.54 3.69 7.57
N ALA B 148 13.63 3.70 8.32
CA ALA B 148 14.57 2.58 8.30
C ALA B 148 13.92 1.31 8.84
N TRP B 149 13.23 1.41 9.98
CA TRP B 149 12.59 0.22 10.53
C TRP B 149 11.33 -0.19 9.78
N ALA B 150 10.70 0.70 9.03
CA ALA B 150 9.63 0.27 8.14
C ALA B 150 10.17 -0.41 6.89
N PHE B 151 11.32 0.02 6.40
CA PHE B 151 12.00 -0.65 5.30
C PHE B 151 12.51 -2.02 5.73
N LEU B 152 12.91 -2.16 6.99
CA LEU B 152 13.36 -3.45 7.49
C LEU B 152 12.25 -4.50 7.44
N SER B 153 10.99 -4.07 7.54
CA SER B 153 9.89 -5.01 7.44
C SER B 153 9.78 -5.61 6.05
N ALA B 154 9.98 -4.81 5.01
CA ALA B 154 10.00 -5.34 3.65
C ALA B 154 11.26 -6.14 3.38
N ILE B 155 12.39 -5.71 3.95
CA ILE B 155 13.63 -6.46 3.82
C ILE B 155 13.48 -7.84 4.46
N TRP B 156 12.67 -7.95 5.51
CA TRP B 156 12.44 -9.25 6.14
C TRP B 156 11.82 -10.24 5.16
N LEU B 157 10.76 -9.83 4.48
CA LEU B 157 10.13 -10.70 3.49
C LEU B 157 11.07 -10.98 2.32
N TRP B 158 11.82 -9.97 1.88
CA TRP B 158 12.78 -10.16 0.79
C TRP B 158 13.84 -11.19 1.16
N MET B 159 14.41 -11.08 2.37
CA MET B 159 15.38 -12.05 2.87
C MET B 159 14.80 -13.44 2.99
N VAL B 160 13.56 -13.55 3.51
CA VAL B 160 12.96 -14.87 3.62
C VAL B 160 12.79 -15.50 2.25
N LEU B 161 12.29 -14.72 1.28
CA LEU B 161 12.06 -15.25 -0.05
C LEU B 161 13.35 -15.68 -0.73
N GLY B 162 14.41 -14.87 -0.60
CA GLY B 162 15.60 -15.15 -1.37
C GLY B 162 16.74 -15.81 -0.63
N PHE B 163 16.86 -15.58 0.68
CA PHE B 163 18.02 -16.02 1.44
C PHE B 163 17.69 -17.00 2.55
N ILE B 164 16.77 -16.65 3.45
CA ILE B 164 16.62 -17.41 4.69
C ILE B 164 15.90 -18.73 4.43
N ARG B 165 14.74 -18.68 3.78
CA ARG B 165 14.02 -19.91 3.48
C ARG B 165 14.79 -20.85 2.56
N PRO B 166 15.47 -20.40 1.50
CA PRO B 166 16.32 -21.32 0.73
C PRO B 166 17.40 -21.99 1.57
N ILE B 167 17.98 -21.29 2.53
CA ILE B 167 19.01 -21.90 3.39
C ILE B 167 18.38 -22.92 4.33
N LEU B 168 17.22 -22.58 4.90
CA LEU B 168 16.54 -23.51 5.80
C LEU B 168 16.00 -24.72 5.06
N MET B 169 15.71 -24.57 3.77
CA MET B 169 15.23 -25.67 2.94
C MET B 169 16.35 -26.43 2.27
N GLY B 170 17.59 -25.95 2.36
CA GLY B 170 18.73 -26.71 1.92
C GLY B 170 19.08 -26.63 0.46
N SER B 171 18.47 -25.71 -0.30
CA SER B 171 18.80 -25.57 -1.71
C SER B 171 18.53 -24.16 -2.16
N TRP B 172 19.32 -23.70 -3.13
CA TRP B 172 19.07 -22.40 -3.74
C TRP B 172 17.93 -22.45 -4.73
N SER B 173 17.52 -23.63 -5.18
CA SER B 173 16.41 -23.76 -6.11
C SER B 173 15.09 -23.31 -5.50
N GLU B 174 15.02 -23.22 -4.18
CA GLU B 174 13.81 -22.73 -3.51
C GLU B 174 13.60 -21.24 -3.68
N ALA B 175 14.58 -20.53 -4.22
CA ALA B 175 14.54 -19.07 -4.29
C ALA B 175 13.82 -18.62 -5.56
N VAL B 176 13.60 -17.31 -5.64
CA VAL B 176 12.77 -16.70 -6.68
C VAL B 176 13.63 -16.36 -7.90
N PRO B 177 13.20 -16.71 -9.11
CA PRO B 177 13.96 -16.33 -10.31
C PRO B 177 13.81 -14.85 -10.62
N TYR B 178 14.79 -14.33 -11.37
CA TYR B 178 14.79 -12.94 -11.80
C TYR B 178 14.15 -12.85 -13.17
N GLY B 179 12.85 -12.61 -13.19
CA GLY B 179 12.12 -12.48 -14.43
C GLY B 179 10.73 -11.98 -14.15
N ILE B 180 10.06 -11.52 -15.22
CA ILE B 180 8.74 -10.94 -15.07
C ILE B 180 7.69 -12.03 -14.90
N PHE B 181 7.51 -12.86 -15.93
CA PHE B 181 6.54 -13.95 -15.84
C PHE B 181 7.07 -15.11 -15.01
N SER B 182 8.38 -15.26 -14.91
CA SER B 182 8.93 -16.40 -14.18
C SER B 182 8.74 -16.28 -12.68
N HIS B 183 8.77 -15.06 -12.12
CA HIS B 183 8.53 -14.96 -10.69
C HIS B 183 7.04 -15.09 -10.37
N LEU B 184 6.16 -14.76 -11.32
CA LEU B 184 4.75 -15.11 -11.20
C LEU B 184 4.54 -16.62 -11.22
N ASP B 185 5.26 -17.31 -12.12
CA ASP B 185 5.20 -18.77 -12.16
C ASP B 185 5.72 -19.35 -10.84
N TRP B 186 6.79 -18.78 -10.31
CA TRP B 186 7.31 -19.22 -9.02
C TRP B 186 6.28 -19.06 -7.92
N THR B 187 5.58 -17.92 -7.91
CA THR B 187 4.55 -17.69 -6.90
C THR B 187 3.43 -18.71 -7.00
N ASN B 188 2.95 -18.98 -8.21
CA ASN B 188 1.89 -19.96 -8.40
C ASN B 188 2.35 -21.35 -7.97
N ASN B 189 3.56 -21.75 -8.37
CA ASN B 189 4.06 -23.06 -8.01
C ASN B 189 4.32 -23.19 -6.52
N PHE B 190 4.73 -22.10 -5.87
CA PHE B 190 4.88 -22.12 -4.42
C PHE B 190 3.55 -22.39 -3.75
N SER B 191 2.49 -21.73 -4.20
CA SER B 191 1.18 -22.00 -3.62
C SER B 191 0.74 -23.43 -3.89
N LEU B 192 1.00 -23.95 -5.09
CA LEU B 192 0.54 -25.29 -5.44
C LEU B 192 1.30 -26.38 -4.69
N VAL B 193 2.61 -26.20 -4.51
CA VAL B 193 3.45 -27.22 -3.89
C VAL B 193 3.10 -27.39 -2.41
N HIS B 194 2.75 -26.31 -1.73
CA HIS B 194 2.50 -26.34 -0.28
C HIS B 194 1.02 -26.42 0.04
N GLY B 195 0.25 -27.15 -0.77
CA GLY B 195 -1.18 -27.23 -0.56
C GLY B 195 -1.89 -26.03 -1.13
N ASN B 196 -2.48 -25.21 -0.28
CA ASN B 196 -3.14 -23.98 -0.67
C ASN B 196 -2.66 -22.87 0.25
N LEU B 197 -2.00 -21.85 -0.33
CA LEU B 197 -1.49 -20.78 0.51
C LEU B 197 -2.60 -19.90 1.08
N PHE B 198 -3.81 -19.95 0.51
CA PHE B 198 -4.97 -19.38 1.19
C PHE B 198 -5.13 -19.92 2.61
N TYR B 199 -4.82 -21.19 2.83
CA TYR B 199 -5.01 -21.79 4.14
C TYR B 199 -3.80 -21.61 5.06
N ASN B 200 -2.80 -20.86 4.62
CA ASN B 200 -1.78 -20.35 5.51
C ASN B 200 -2.35 -19.19 6.31
N PRO B 201 -2.39 -19.28 7.64
CA PRO B 201 -2.95 -18.18 8.44
C PRO B 201 -2.19 -16.88 8.28
N PHE B 202 -0.88 -16.95 8.06
CA PHE B 202 -0.10 -15.72 7.93
C PHE B 202 -0.20 -15.15 6.52
N HIS B 203 -0.46 -15.97 5.51
CA HIS B 203 -0.85 -15.43 4.22
C HIS B 203 -2.17 -14.68 4.34
N GLY B 204 -3.11 -15.22 5.10
CA GLY B 204 -4.36 -14.52 5.35
C GLY B 204 -4.16 -13.23 6.10
N LEU B 205 -3.28 -13.23 7.09
CA LEU B 205 -2.98 -12.00 7.83
C LEU B 205 -2.31 -10.97 6.93
N SER B 206 -1.39 -11.41 6.08
CA SER B 206 -0.75 -10.49 5.14
C SER B 206 -1.77 -9.90 4.18
N ILE B 207 -2.71 -10.71 3.70
CA ILE B 207 -3.77 -10.20 2.82
C ILE B 207 -4.67 -9.24 3.58
N ALA B 208 -4.99 -9.56 4.83
CA ALA B 208 -5.80 -8.66 5.64
C ALA B 208 -5.12 -7.31 5.81
N PHE B 209 -3.81 -7.31 6.02
CA PHE B 209 -3.09 -6.05 6.22
C PHE B 209 -2.84 -5.30 4.93
N LEU B 210 -2.72 -5.99 3.79
CA LEU B 210 -2.66 -5.30 2.51
C LEU B 210 -4.00 -4.65 2.17
N TYR B 211 -5.09 -5.40 2.34
CA TYR B 211 -6.43 -4.85 2.18
C TYR B 211 -6.63 -3.67 3.13
N GLY B 212 -6.16 -3.80 4.37
CA GLY B 212 -6.29 -2.73 5.33
C GLY B 212 -5.43 -1.54 5.03
N SER B 213 -4.29 -1.75 4.37
CA SER B 213 -3.48 -0.63 3.91
C SER B 213 -4.23 0.17 2.85
N ALA B 214 -4.83 -0.52 1.88
CA ALA B 214 -5.63 0.16 0.88
C ALA B 214 -6.82 0.88 1.53
N LEU B 215 -7.55 0.17 2.39
CA LEU B 215 -8.60 0.76 3.21
C LEU B 215 -8.15 2.03 3.91
N LEU B 216 -7.13 1.92 4.75
CA LEU B 216 -6.73 3.00 5.62
C LEU B 216 -6.19 4.18 4.85
N PHE B 217 -5.52 3.94 3.72
CA PHE B 217 -4.87 5.05 3.05
C PHE B 217 -5.80 5.70 2.05
N ALA B 218 -6.81 4.98 1.56
CA ALA B 218 -7.96 5.64 0.94
C ALA B 218 -8.70 6.51 1.94
N MET B 219 -8.95 5.98 3.14
CA MET B 219 -9.63 6.76 4.18
C MET B 219 -8.84 8.00 4.56
N HIS B 220 -7.52 7.86 4.73
CA HIS B 220 -6.69 8.98 5.15
C HIS B 220 -6.55 10.02 4.06
N GLY B 221 -6.30 9.59 2.82
CA GLY B 221 -6.24 10.54 1.73
C GLY B 221 -7.54 11.28 1.54
N ALA B 222 -8.67 10.58 1.61
CA ALA B 222 -9.97 11.22 1.47
C ALA B 222 -10.23 12.17 2.62
N THR B 223 -9.85 11.79 3.84
CA THR B 223 -10.06 12.65 5.00
C THR B 223 -9.23 13.92 4.91
N ILE B 224 -7.97 13.81 4.49
CA ILE B 224 -7.11 14.98 4.43
C ILE B 224 -7.53 15.89 3.27
N LEU B 225 -7.95 15.30 2.14
CA LEU B 225 -8.48 16.11 1.06
C LEU B 225 -9.81 16.76 1.44
N ALA B 226 -10.58 16.13 2.33
CA ALA B 226 -11.86 16.67 2.74
C ALA B 226 -11.72 17.84 3.69
N VAL B 227 -10.67 17.86 4.51
CA VAL B 227 -10.40 18.96 5.43
C VAL B 227 -9.23 19.81 4.97
N SER B 228 -8.79 19.65 3.72
CA SER B 228 -7.72 20.49 3.20
C SER B 228 -8.17 21.94 3.03
N ARG B 229 -9.47 22.19 3.00
CA ARG B 229 -9.98 23.56 2.98
C ARG B 229 -9.68 24.30 4.28
N PHE B 230 -9.39 23.57 5.36
CA PHE B 230 -8.95 24.17 6.62
C PHE B 230 -7.45 23.98 6.83
N GLY B 231 -6.70 23.72 5.76
CA GLY B 231 -5.28 23.45 5.90
C GLY B 231 -4.96 22.16 6.62
N GLY B 232 -5.72 21.09 6.33
CA GLY B 232 -5.48 19.82 6.98
C GLY B 232 -4.28 19.05 6.48
N GLU B 233 -3.79 19.36 5.28
CA GLU B 233 -2.62 18.67 4.76
C GLU B 233 -1.35 19.09 5.48
N ARG B 234 -1.37 20.19 6.23
CA ARG B 234 -0.25 20.59 7.08
C ARG B 234 -0.38 19.85 8.42
N GLU B 235 -0.05 18.57 8.37
CA GLU B 235 -0.33 17.69 9.50
C GLU B 235 0.60 17.94 10.68
N LEU B 236 1.85 18.35 10.42
CA LEU B 236 2.77 18.65 11.51
C LEU B 236 2.31 19.86 12.31
N GLU B 237 1.82 20.89 11.63
CA GLU B 237 1.30 22.06 12.34
C GLU B 237 0.00 21.76 13.06
N GLN B 238 -0.81 20.83 12.55
CA GLN B 238 -1.98 20.39 13.27
C GLN B 238 -1.65 19.54 14.48
N ILE B 239 -0.53 18.81 14.44
CA ILE B 239 -0.05 18.12 15.63
C ILE B 239 0.44 19.12 16.66
N ALA B 240 1.22 20.11 16.22
CA ALA B 240 1.75 21.12 17.14
C ALA B 240 0.64 22.03 17.65
N ASP B 241 -0.29 22.43 16.78
CA ASP B 241 -1.34 23.38 17.12
C ASP B 241 -2.62 22.92 16.43
N ARG B 242 -3.42 22.12 17.14
CA ARG B 242 -4.62 21.55 16.57
C ARG B 242 -5.59 22.63 16.11
N GLY B 243 -6.03 22.53 14.86
CA GLY B 243 -7.01 23.43 14.29
C GLY B 243 -8.34 22.75 14.07
N THR B 244 -9.21 23.44 13.34
CA THR B 244 -10.54 22.87 13.12
C THR B 244 -10.51 21.76 12.08
N ALA B 245 -9.46 21.69 11.28
CA ALA B 245 -9.32 20.58 10.33
C ALA B 245 -9.16 19.26 11.05
N ALA B 246 -8.25 19.21 12.02
CA ALA B 246 -8.03 18.00 12.81
C ALA B 246 -9.27 17.63 13.61
N GLU B 247 -9.95 18.63 14.18
CA GLU B 247 -11.16 18.37 14.95
C GLU B 247 -12.28 17.83 14.07
N ARG B 248 -12.48 18.43 12.90
CA ARG B 248 -13.52 17.93 12.00
C ARG B 248 -13.20 16.54 11.47
N ALA B 249 -11.92 16.29 11.16
CA ALA B 249 -11.51 14.96 10.71
C ALA B 249 -11.74 13.92 11.80
N ALA B 250 -11.43 14.26 13.05
CA ALA B 250 -11.69 13.34 14.15
C ALA B 250 -13.18 13.12 14.36
N LEU B 251 -13.98 14.17 14.27
CA LEU B 251 -15.40 14.05 14.56
C LEU B 251 -16.15 13.31 13.47
N PHE B 252 -15.72 13.43 12.21
CA PHE B 252 -16.35 12.63 11.16
C PHE B 252 -16.25 11.14 11.49
N TRP B 253 -15.05 10.68 11.82
CA TRP B 253 -14.87 9.26 12.08
C TRP B 253 -15.46 8.85 13.42
N ARG B 254 -15.47 9.73 14.40
CA ARG B 254 -16.13 9.41 15.66
C ARG B 254 -17.63 9.25 15.46
N TRP B 255 -18.26 10.13 14.69
CA TRP B 255 -19.68 10.01 14.44
C TRP B 255 -20.00 8.85 13.50
N THR B 256 -19.05 8.46 12.65
CA THR B 256 -19.28 7.37 11.71
C THR B 256 -19.12 6.00 12.37
N MET B 257 -17.95 5.73 12.94
CA MET B 257 -17.63 4.40 13.44
C MET B 257 -17.34 4.37 14.94
N GLY B 258 -17.63 5.44 15.67
CA GLY B 258 -17.60 5.42 17.11
C GLY B 258 -16.26 5.72 17.74
N PHE B 259 -15.20 5.78 16.96
CA PHE B 259 -13.88 6.11 17.48
C PHE B 259 -13.09 6.80 16.37
N ASN B 260 -12.06 7.52 16.78
CA ASN B 260 -11.29 8.36 15.88
C ASN B 260 -9.81 8.19 16.21
N ALA B 261 -8.98 9.00 15.55
CA ALA B 261 -7.55 9.05 15.81
C ALA B 261 -7.13 10.49 16.06
N THR B 262 -5.83 10.73 16.18
CA THR B 262 -5.29 12.07 16.20
C THR B 262 -4.58 12.34 14.89
N MET B 263 -4.12 13.58 14.72
CA MET B 263 -3.34 13.90 13.53
C MET B 263 -1.98 13.22 13.55
N GLU B 264 -1.50 12.81 14.72
CA GLU B 264 -0.27 12.02 14.82
C GLU B 264 -0.54 10.52 14.77
N GLY B 265 -1.45 10.03 15.62
CA GLY B 265 -1.65 8.61 15.77
C GLY B 265 -2.21 7.93 14.53
N ILE B 266 -2.84 8.68 13.64
CA ILE B 266 -3.29 8.08 12.39
C ILE B 266 -2.09 7.58 11.59
N HIS B 267 -0.97 8.27 11.68
CA HIS B 267 0.23 7.83 10.98
C HIS B 267 0.92 6.67 11.68
N ARG B 268 0.69 6.49 12.99
CA ARG B 268 1.09 5.25 13.65
C ARG B 268 0.25 4.08 13.16
N TRP B 269 -1.07 4.26 13.09
CA TRP B 269 -1.92 3.26 12.45
C TRP B 269 -1.42 2.94 11.06
N ALA B 270 -1.06 3.97 10.29
CA ALA B 270 -0.61 3.80 8.91
C ALA B 270 0.67 2.97 8.84
N ILE B 271 1.69 3.36 9.61
CA ILE B 271 2.98 2.68 9.55
C ILE B 271 2.83 1.23 9.99
N TRP B 272 2.00 0.98 11.01
CA TRP B 272 1.87 -0.40 11.49
C TRP B 272 1.08 -1.25 10.53
N MET B 273 -0.03 -0.73 9.99
CA MET B 273 -0.81 -1.47 9.02
C MET B 273 0.02 -1.82 7.79
N ALA B 274 0.89 -0.90 7.37
CA ALA B 274 1.72 -1.17 6.19
C ALA B 274 2.83 -2.18 6.51
N VAL B 275 3.52 -2.02 7.64
CA VAL B 275 4.64 -2.92 7.88
C VAL B 275 4.15 -4.33 8.19
N LEU B 276 2.96 -4.47 8.77
CA LEU B 276 2.48 -5.80 9.15
C LEU B 276 2.23 -6.69 7.93
N VAL B 277 2.02 -6.11 6.75
CA VAL B 277 1.89 -6.89 5.53
C VAL B 277 3.09 -7.81 5.36
N THR B 278 4.28 -7.22 5.20
CA THR B 278 5.48 -8.02 5.00
C THR B 278 5.94 -8.69 6.29
N LEU B 279 5.61 -8.13 7.45
CA LEU B 279 5.96 -8.77 8.71
C LEU B 279 5.28 -10.13 8.85
N THR B 280 3.99 -10.21 8.53
CA THR B 280 3.30 -11.49 8.55
C THR B 280 3.63 -12.33 7.34
N GLY B 281 3.92 -11.70 6.19
CA GLY B 281 4.26 -12.46 5.02
C GLY B 281 5.56 -13.24 5.16
N GLY B 282 6.58 -12.62 5.77
CA GLY B 282 7.83 -13.33 5.98
C GLY B 282 7.67 -14.55 6.86
N ILE B 283 6.89 -14.42 7.93
CA ILE B 283 6.61 -15.55 8.80
C ILE B 283 5.83 -16.63 8.06
N GLY B 284 4.86 -16.22 7.25
CA GLY B 284 4.08 -17.20 6.50
C GLY B 284 4.90 -17.97 5.50
N ILE B 285 5.83 -17.29 4.82
CA ILE B 285 6.70 -17.97 3.87
C ILE B 285 7.72 -18.85 4.60
N LEU B 286 8.24 -18.38 5.73
CA LEU B 286 9.24 -19.15 6.47
C LEU B 286 8.65 -20.44 7.04
N LEU B 287 7.35 -20.47 7.32
CA LEU B 287 6.72 -21.68 7.84
C LEU B 287 6.30 -22.65 6.75
N SER B 288 6.43 -22.28 5.48
CA SER B 288 6.03 -23.14 4.38
C SER B 288 7.20 -24.06 4.00
N GLY B 289 6.95 -25.35 4.02
CA GLY B 289 7.96 -26.34 3.70
C GLY B 289 8.82 -26.73 4.88
N THR B 290 9.11 -25.77 5.75
CA THR B 290 9.90 -26.04 6.95
C THR B 290 9.07 -26.58 8.10
N VAL B 291 7.84 -26.09 8.27
CA VAL B 291 6.94 -26.54 9.32
C VAL B 291 5.68 -27.18 8.76
N VAL B 292 5.09 -26.58 7.73
CA VAL B 292 3.88 -27.11 7.12
C VAL B 292 4.15 -27.34 5.64
N ASP B 293 3.88 -28.55 5.17
CA ASP B 293 4.04 -28.89 3.76
C ASP B 293 2.73 -28.89 2.99
N ASN B 294 1.59 -28.93 3.68
CA ASN B 294 0.27 -28.95 3.05
C ASN B 294 -0.64 -28.07 3.90
N TRP B 295 -0.92 -26.86 3.40
CA TRP B 295 -1.67 -25.90 4.22
C TRP B 295 -3.15 -26.21 4.27
N TYR B 296 -3.71 -26.88 3.26
CA TYR B 296 -5.12 -27.24 3.33
C TYR B 296 -5.37 -28.32 4.36
N VAL B 297 -4.51 -29.34 4.43
CA VAL B 297 -4.64 -30.35 5.47
C VAL B 297 -4.42 -29.75 6.84
N TRP B 298 -3.48 -28.79 6.93
CA TRP B 298 -3.26 -28.09 8.19
C TRP B 298 -4.50 -27.32 8.63
N GLY B 299 -5.15 -26.62 7.70
CA GLY B 299 -6.39 -25.93 8.01
C GLY B 299 -7.52 -26.87 8.38
N GLN B 300 -7.56 -28.04 7.75
CA GLN B 300 -8.53 -29.06 8.14
C GLN B 300 -8.31 -29.50 9.58
N ASN B 301 -7.06 -29.73 9.96
CA ASN B 301 -6.74 -30.14 11.33
C ASN B 301 -6.88 -29.01 12.34
N HIS B 302 -7.07 -27.77 11.88
CA HIS B 302 -7.14 -26.62 12.76
C HIS B 302 -8.49 -25.89 12.64
N GLY B 303 -9.52 -26.58 12.20
CA GLY B 303 -10.86 -26.03 12.18
C GLY B 303 -11.14 -25.00 11.12
N MET B 304 -10.31 -24.91 10.08
CA MET B 304 -10.49 -23.92 9.04
C MET B 304 -11.16 -24.47 7.79
N ALA B 305 -11.10 -25.78 7.58
CA ALA B 305 -11.72 -26.41 6.41
C ALA B 305 -12.49 -27.64 6.85
N PRO B 306 -13.53 -28.02 6.12
CA PRO B 306 -14.29 -29.22 6.48
C PRO B 306 -13.44 -30.47 6.39
N LEU B 307 -13.70 -31.41 7.30
CA LEU B 307 -12.95 -32.65 7.34
C LEU B 307 -13.64 -33.72 6.51
N MET C 1 10.93 -30.53 10.60
CA MET C 1 10.04 -29.93 11.58
C MET C 1 8.57 -30.06 11.18
N VAL C 2 8.33 -30.74 10.07
CA VAL C 2 6.97 -30.90 9.56
C VAL C 2 6.23 -31.92 10.42
N GLY C 3 5.07 -31.52 10.95
CA GLY C 3 4.25 -32.38 11.75
C GLY C 3 4.67 -32.54 13.19
N VAL C 4 5.71 -31.84 13.63
CA VAL C 4 6.19 -31.95 15.01
C VAL C 4 5.34 -31.04 15.89
N THR C 5 4.64 -31.64 16.86
CA THR C 5 3.75 -30.92 17.73
C THR C 5 4.16 -31.12 19.19
N ALA C 6 4.03 -30.05 19.98
CA ALA C 6 4.24 -30.17 21.42
C ALA C 6 3.09 -30.89 22.09
N PHE C 7 1.87 -30.61 21.66
CA PHE C 7 0.66 -31.18 22.25
C PHE C 7 -0.47 -31.01 21.25
N GLY C 8 -1.35 -31.99 21.17
CA GLY C 8 -2.49 -31.89 20.28
C GLY C 8 -2.04 -31.70 18.84
N ASN C 9 -2.46 -30.59 18.24
CA ASN C 9 -2.03 -30.20 16.90
C ASN C 9 -1.13 -28.96 16.93
N PHE C 10 -0.58 -28.65 18.10
CA PHE C 10 0.17 -27.40 18.32
C PHE C 10 1.60 -27.56 17.80
N ASP C 11 1.88 -26.97 16.65
CA ASP C 11 3.22 -26.94 16.08
C ASP C 11 3.70 -25.50 16.04
N LEU C 12 4.82 -25.27 15.35
CA LEU C 12 5.38 -23.92 15.28
C LEU C 12 4.44 -22.94 14.60
N ALA C 13 3.62 -23.42 13.67
CA ALA C 13 2.65 -22.53 13.02
C ALA C 13 1.56 -22.09 13.99
N SER C 14 1.06 -23.02 14.81
CA SER C 14 0.09 -22.65 15.84
C SER C 14 0.71 -21.73 16.88
N LEU C 15 1.94 -22.01 17.30
CA LEU C 15 2.62 -21.14 18.24
C LEU C 15 2.78 -19.74 17.67
N ALA C 16 3.16 -19.64 16.40
CA ALA C 16 3.32 -18.34 15.76
C ALA C 16 2.01 -17.60 15.66
N ILE C 17 0.91 -18.29 15.33
CA ILE C 17 -0.36 -17.59 15.16
C ILE C 17 -0.89 -17.11 16.51
N TYR C 18 -0.73 -17.90 17.57
CA TYR C 18 -1.18 -17.44 18.88
C TYR C 18 -0.31 -16.32 19.41
N SER C 19 1.01 -16.40 19.16
CA SER C 19 1.90 -15.31 19.53
C SER C 19 1.53 -14.03 18.80
N PHE C 20 1.17 -14.13 17.52
CA PHE C 20 0.75 -12.95 16.79
C PHE C 20 -0.57 -12.41 17.31
N TRP C 21 -1.49 -13.26 17.74
CA TRP C 21 -2.72 -12.75 18.32
C TRP C 21 -2.44 -11.95 19.58
N ILE C 22 -1.55 -12.45 20.44
CA ILE C 22 -1.17 -11.70 21.64
C ILE C 22 -0.53 -10.37 21.25
N PHE C 23 0.38 -10.41 20.28
CA PHE C 23 1.07 -9.20 19.85
C PHE C 23 0.08 -8.19 19.25
N LEU C 24 -0.90 -8.67 18.50
CA LEU C 24 -1.86 -7.76 17.88
C LEU C 24 -2.79 -7.13 18.90
N ALA C 25 -3.18 -7.89 19.93
CA ALA C 25 -3.92 -7.29 21.03
C ALA C 25 -3.12 -6.17 21.68
N GLY C 26 -1.84 -6.44 21.97
CA GLY C 26 -1.01 -5.39 22.57
C GLY C 26 -0.83 -4.19 21.67
N LEU C 27 -0.62 -4.43 20.38
CA LEU C 27 -0.42 -3.34 19.43
C LEU C 27 -1.66 -2.50 19.27
N ILE C 28 -2.84 -3.12 19.20
CA ILE C 28 -4.07 -2.36 19.07
C ILE C 28 -4.33 -1.54 20.34
N TYR C 29 -4.03 -2.11 21.51
CA TYR C 29 -4.13 -1.32 22.73
C TYR C 29 -3.22 -0.09 22.67
N TYR C 30 -1.97 -0.29 22.26
CA TYR C 30 -1.04 0.83 22.16
C TYR C 30 -1.52 1.87 21.18
N LEU C 31 -2.03 1.43 20.02
CA LEU C 31 -2.48 2.35 19.00
C LEU C 31 -3.69 3.16 19.45
N GLN C 32 -4.63 2.51 20.13
CA GLN C 32 -5.80 3.24 20.62
C GLN C 32 -5.42 4.24 21.71
N THR C 33 -4.50 3.87 22.60
CA THR C 33 -4.08 4.82 23.62
C THR C 33 -3.28 5.98 23.05
N GLU C 34 -2.49 5.73 22.00
CA GLU C 34 -1.75 6.81 21.36
C GLU C 34 -2.66 7.87 20.74
N ASN C 35 -3.89 7.50 20.43
CA ASN C 35 -4.84 8.38 19.76
C ASN C 35 -5.78 9.04 20.74
N MET C 36 -5.53 8.91 22.04
CA MET C 36 -6.28 9.58 23.08
C MET C 36 -5.53 10.79 23.62
N ARG C 37 -4.62 11.35 22.84
CA ARG C 37 -3.85 12.52 23.25
C ARG C 37 -4.54 13.83 22.91
N GLU C 38 -5.66 13.80 22.20
CA GLU C 38 -6.48 14.98 21.96
C GLU C 38 -7.93 14.62 22.22
N GLY C 39 -8.67 15.54 22.84
CA GLY C 39 -10.08 15.36 23.07
C GLY C 39 -10.46 14.59 24.31
N TYR C 40 -9.49 14.14 25.10
CA TYR C 40 -9.77 13.36 26.29
C TYR C 40 -9.24 14.07 27.53
N PRO C 41 -9.89 13.91 28.69
CA PRO C 41 -11.05 13.05 28.97
C PRO C 41 -12.37 13.54 28.38
N LEU C 42 -13.27 12.60 28.13
CA LEU C 42 -14.58 12.91 27.59
C LEU C 42 -15.40 13.69 28.61
N GLU C 43 -16.34 14.47 28.10
CA GLU C 43 -17.13 15.35 28.96
C GLU C 43 -18.57 15.38 28.49
N ASN C 44 -19.44 15.88 29.37
CA ASN C 44 -20.85 15.99 29.08
C ASN C 44 -21.12 17.21 28.20
N GLU C 45 -22.39 17.42 27.85
CA GLU C 45 -22.77 18.55 27.03
C GLU C 45 -22.73 19.87 27.79
N ASP C 46 -22.54 19.84 29.10
CA ASP C 46 -22.34 21.05 29.89
C ASP C 46 -20.88 21.29 30.24
N GLY C 47 -19.96 20.47 29.74
CA GLY C 47 -18.55 20.66 29.94
C GLY C 47 -17.95 19.90 31.11
N THR C 48 -18.76 19.32 31.99
CA THR C 48 -18.25 18.56 33.11
C THR C 48 -17.76 17.19 32.65
N PRO C 49 -16.81 16.58 33.38
CA PRO C 49 -16.30 15.27 32.97
C PRO C 49 -17.39 14.22 32.94
N ALA C 50 -17.30 13.31 31.97
CA ALA C 50 -18.30 12.28 31.79
C ALA C 50 -18.05 11.11 32.72
N ALA C 51 -19.13 10.46 33.14
CA ALA C 51 -19.01 9.28 33.98
C ALA C 51 -18.29 8.15 33.25
N ASN C 52 -18.61 7.97 31.97
CA ASN C 52 -18.00 6.94 31.15
C ASN C 52 -16.81 7.51 30.41
N GLN C 53 -15.62 6.97 30.66
CA GLN C 53 -14.40 7.40 30.00
C GLN C 53 -13.88 6.37 29.00
N GLY C 54 -14.60 5.28 28.77
CA GLY C 54 -14.16 4.26 27.86
C GLY C 54 -13.31 3.21 28.54
N PRO C 55 -12.84 2.22 27.77
CA PRO C 55 -12.03 1.15 28.36
C PRO C 55 -10.53 1.39 28.38
N PHE C 56 -10.04 2.42 27.68
CA PHE C 56 -8.60 2.63 27.63
C PHE C 56 -8.21 3.81 28.50
N PRO C 57 -7.23 3.65 29.39
CA PRO C 57 -6.76 4.80 30.18
C PRO C 57 -6.02 5.80 29.33
N LEU C 58 -5.90 7.01 29.86
CA LEU C 58 -5.14 8.04 29.17
C LEU C 58 -3.66 7.66 29.14
N PRO C 59 -2.96 7.88 28.03
CA PRO C 59 -1.54 7.59 27.99
C PRO C 59 -0.74 8.57 28.85
N LYS C 60 0.45 8.13 29.24
CA LYS C 60 1.34 9.00 29.99
C LYS C 60 1.75 10.19 29.13
N PRO C 61 1.76 11.40 29.67
CA PRO C 61 1.96 12.59 28.83
C PRO C 61 3.30 12.59 28.10
N LYS C 62 3.28 13.13 26.89
CA LYS C 62 4.47 13.32 26.06
C LYS C 62 4.62 14.79 25.73
N THR C 63 5.84 15.17 25.34
CA THR C 63 6.20 16.57 25.15
C THR C 63 6.86 16.77 23.79
N PHE C 64 6.33 17.72 23.03
CA PHE C 64 6.93 18.21 21.80
C PHE C 64 7.66 19.52 22.10
N ILE C 65 8.88 19.65 21.59
CA ILE C 65 9.60 20.92 21.60
C ILE C 65 9.38 21.59 20.27
N LEU C 66 8.93 22.82 20.29
CA LEU C 66 8.50 23.43 19.04
C LEU C 66 9.68 24.07 18.31
N PRO C 67 9.64 24.02 16.97
CA PRO C 67 10.88 24.26 16.20
C PRO C 67 11.53 25.63 16.35
N HIS C 68 10.79 26.71 16.54
CA HIS C 68 11.40 28.02 16.40
C HIS C 68 11.26 28.89 17.64
N GLY C 69 11.57 28.33 18.81
CA GLY C 69 11.32 29.04 20.04
C GLY C 69 9.86 29.26 20.32
N ARG C 70 8.99 28.43 19.73
CA ARG C 70 7.56 28.57 19.88
C ARG C 70 7.01 27.91 21.13
N GLY C 71 7.88 27.29 21.94
CA GLY C 71 7.49 26.82 23.26
C GLY C 71 7.59 25.30 23.36
N THR C 72 6.57 24.71 23.95
CA THR C 72 6.56 23.29 24.30
C THR C 72 5.11 22.85 24.48
N LEU C 73 4.75 21.73 23.87
CA LEU C 73 3.39 21.21 23.94
C LEU C 73 3.38 19.88 24.67
N THR C 74 2.55 19.75 25.69
CA THR C 74 2.40 18.50 26.43
C THR C 74 1.02 17.93 26.19
N VAL C 75 0.97 16.69 25.70
CA VAL C 75 -0.30 16.02 25.42
C VAL C 75 -0.29 14.62 26.00
N PRO C 76 -1.38 14.17 26.65
CA PRO C 76 -2.59 14.95 26.89
C PRO C 76 -2.43 15.92 28.06
N GLY C 77 -3.06 17.09 27.96
CA GLY C 77 -2.99 18.08 29.00
C GLY C 77 -4.30 18.81 29.17
N PRO C 78 -4.28 19.91 29.93
CA PRO C 78 -5.49 20.72 30.08
C PRO C 78 -5.96 21.27 28.74
N GLU C 79 -7.27 21.39 28.62
CA GLU C 79 -7.89 21.76 27.35
C GLU C 79 -8.08 23.28 27.26
N SER C 80 -8.10 23.77 26.01
CA SER C 80 -8.23 25.20 25.72
C SER C 80 -9.35 25.38 24.69
N GLU C 81 -10.59 25.49 25.18
CA GLU C 81 -11.74 25.79 24.35
C GLU C 81 -12.65 26.77 25.08
N ASP C 82 -12.05 27.80 25.69
CA ASP C 82 -12.75 28.63 26.65
C ASP C 82 -13.52 29.78 26.01
N ARG C 83 -13.45 29.95 24.69
CA ARG C 83 -14.22 31.02 24.06
C ARG C 83 -15.71 30.69 24.13
N PRO C 84 -16.57 31.70 24.24
CA PRO C 84 -18.01 31.43 24.31
C PRO C 84 -18.51 30.77 23.03
N ILE C 85 -19.43 29.83 23.19
CA ILE C 85 -20.04 29.12 22.08
C ILE C 85 -21.51 29.49 22.07
N ALA C 86 -21.97 30.09 20.98
CA ALA C 86 -23.34 30.57 20.88
C ALA C 86 -24.27 29.45 20.39
N LEU C 87 -24.42 28.46 21.25
CA LEU C 87 -25.28 27.32 21.01
C LEU C 87 -26.14 27.08 22.25
N ALA C 88 -27.41 26.75 22.02
CA ALA C 88 -28.32 26.38 23.10
C ALA C 88 -28.85 24.98 22.81
N ARG C 89 -28.83 24.12 23.83
CA ARG C 89 -29.29 22.76 23.65
C ARG C 89 -30.79 22.75 23.34
N THR C 90 -31.17 21.92 22.36
CA THR C 90 -32.55 21.80 21.94
C THR C 90 -33.30 20.72 22.71
N ALA C 91 -32.65 20.03 23.64
CA ALA C 91 -33.29 18.99 24.43
C ALA C 91 -32.56 18.86 25.75
N VAL C 92 -33.31 18.48 26.79
CA VAL C 92 -32.70 18.16 28.07
C VAL C 92 -31.88 16.88 27.97
N SER C 93 -32.32 15.93 27.17
CA SER C 93 -31.59 14.68 27.00
C SER C 93 -30.28 14.90 26.27
N GLU C 94 -29.30 14.05 26.57
CA GLU C 94 -28.03 14.08 25.87
C GLU C 94 -28.21 13.52 24.47
N GLY C 95 -27.28 13.91 23.59
CA GLY C 95 -27.27 13.36 22.24
C GLY C 95 -28.17 14.04 21.24
N PHE C 96 -28.62 15.26 21.51
CA PHE C 96 -29.44 16.00 20.58
C PHE C 96 -28.71 17.26 20.14
N PRO C 97 -28.99 17.77 18.94
CA PRO C 97 -28.23 18.91 18.42
C PRO C 97 -28.44 20.17 19.24
N HIS C 98 -27.41 21.02 19.23
CA HIS C 98 -27.46 22.33 19.87
C HIS C 98 -27.67 23.39 18.77
N ALA C 99 -28.71 24.18 18.92
CA ALA C 99 -29.05 25.13 17.86
C ALA C 99 -28.36 26.48 18.10
N PRO C 100 -27.93 27.14 17.04
CA PRO C 100 -27.33 28.47 17.20
C PRO C 100 -28.32 29.47 17.77
N THR C 101 -27.81 30.35 18.63
CA THR C 101 -28.60 31.41 19.25
C THR C 101 -28.37 32.76 18.58
N GLY C 102 -27.87 32.77 17.36
CA GLY C 102 -27.61 33.99 16.63
C GLY C 102 -27.25 33.69 15.20
N ASP C 103 -26.24 34.38 14.66
CA ASP C 103 -25.74 34.05 13.33
C ASP C 103 -24.57 33.08 13.48
N PRO C 104 -24.72 31.82 13.06
CA PRO C 104 -23.63 30.85 13.26
C PRO C 104 -22.33 31.22 12.55
N MET C 105 -22.40 31.88 11.39
CA MET C 105 -21.16 32.28 10.71
C MET C 105 -20.39 33.30 11.52
N LYS C 106 -21.08 34.28 12.09
CA LYS C 106 -20.39 35.29 12.90
C LYS C 106 -19.92 34.73 14.23
N ASP C 107 -20.68 33.79 14.81
CA ASP C 107 -20.32 33.23 16.10
C ASP C 107 -19.39 32.04 16.00
N GLY C 108 -19.12 31.54 14.79
CA GLY C 108 -18.17 30.47 14.61
C GLY C 108 -18.58 29.16 15.26
N VAL C 109 -19.79 28.70 14.98
CA VAL C 109 -20.30 27.45 15.52
C VAL C 109 -20.81 26.59 14.37
N GLY C 110 -20.84 25.28 14.59
CA GLY C 110 -21.28 24.36 13.58
C GLY C 110 -20.23 24.12 12.53
N PRO C 111 -20.64 24.01 11.26
CA PRO C 111 -19.65 23.90 10.18
C PRO C 111 -18.84 25.17 9.98
N ALA C 112 -19.20 26.27 10.63
CA ALA C 112 -18.46 27.52 10.59
C ALA C 112 -17.53 27.67 11.77
N SER C 113 -17.24 26.59 12.48
CA SER C 113 -16.43 26.66 13.69
C SER C 113 -14.97 26.94 13.36
N TRP C 114 -14.28 27.52 14.34
CA TRP C 114 -12.84 27.72 14.25
C TRP C 114 -12.24 27.45 15.62
N VAL C 115 -10.95 27.11 15.63
CA VAL C 115 -10.23 26.77 16.84
C VAL C 115 -9.28 27.90 17.18
N ALA C 116 -9.14 28.18 18.48
CA ALA C 116 -8.24 29.24 18.96
C ALA C 116 -6.80 28.75 18.82
N ARG C 117 -6.27 28.89 17.60
CA ARG C 117 -4.89 28.55 17.35
C ARG C 117 -4.01 29.73 17.76
N ARG C 118 -2.70 29.55 17.60
CA ARG C 118 -1.75 30.58 17.98
C ARG C 118 -1.88 31.79 17.06
N ASP C 119 -1.85 32.98 17.65
CA ASP C 119 -1.95 34.21 16.87
C ASP C 119 -0.59 34.60 16.31
N LEU C 120 0.09 33.65 15.67
CA LEU C 120 1.39 33.86 15.08
C LEU C 120 1.43 33.17 13.73
N PRO C 121 2.20 33.70 12.78
CA PRO C 121 2.31 33.05 11.47
C PRO C 121 3.02 31.72 11.56
N GLU C 122 2.64 30.80 10.69
CA GLU C 122 3.38 29.56 10.54
C GLU C 122 4.71 29.84 9.86
N LEU C 123 5.79 29.26 10.39
CA LEU C 123 7.12 29.47 9.85
C LEU C 123 7.58 28.22 9.11
N ASP C 124 8.43 28.43 8.11
CA ASP C 124 9.07 27.31 7.43
C ASP C 124 10.26 26.85 8.26
N GLY C 125 11.13 26.02 7.69
CA GLY C 125 12.25 25.49 8.45
C GLY C 125 13.35 26.49 8.72
N HIS C 126 13.31 27.65 8.08
CA HIS C 126 14.34 28.66 8.25
C HIS C 126 13.89 29.83 9.11
N GLY C 127 12.71 29.77 9.68
CA GLY C 127 12.21 30.82 10.55
C GLY C 127 11.50 31.96 9.86
N HIS C 128 11.27 31.88 8.56
CA HIS C 128 10.54 32.89 7.83
C HIS C 128 9.08 32.47 7.68
N ASN C 129 8.24 33.44 7.29
CA ASN C 129 6.82 33.17 7.12
C ASN C 129 6.61 32.11 6.05
N LYS C 130 5.75 31.14 6.36
CA LYS C 130 5.50 30.05 5.42
C LYS C 130 4.63 30.51 4.25
N ILE C 131 3.63 31.33 4.52
CA ILE C 131 2.69 31.80 3.51
C ILE C 131 2.92 33.29 3.31
N LYS C 132 3.17 33.68 2.06
CA LYS C 132 3.49 35.05 1.71
C LYS C 132 2.74 35.43 0.45
N PRO C 133 2.34 36.70 0.31
CA PRO C 133 1.77 37.14 -0.96
C PRO C 133 2.78 36.97 -2.09
N MET C 134 2.27 36.63 -3.28
CA MET C 134 3.16 36.30 -4.39
C MET C 134 4.02 37.49 -4.77
N LYS C 135 3.46 38.70 -4.73
CA LYS C 135 4.26 39.88 -5.04
C LYS C 135 5.27 40.17 -3.95
N ALA C 136 4.95 39.85 -2.69
CA ALA C 136 5.93 39.95 -1.61
C ALA C 136 6.95 38.82 -1.67
N ALA C 137 6.56 37.66 -2.18
CA ALA C 137 7.49 36.55 -2.36
C ALA C 137 8.45 36.87 -3.51
N ALA C 138 9.74 36.65 -3.28
CA ALA C 138 10.77 37.02 -4.24
C ALA C 138 10.94 35.92 -5.27
N GLY C 139 10.78 36.27 -6.55
CA GLY C 139 10.98 35.34 -7.63
C GLY C 139 9.81 34.44 -7.95
N PHE C 140 8.70 34.55 -7.22
CA PHE C 140 7.57 33.66 -7.43
C PHE C 140 6.68 34.16 -8.55
N HIS C 141 6.22 33.24 -9.39
CA HIS C 141 5.39 33.56 -10.53
C HIS C 141 4.49 32.38 -10.85
N VAL C 142 3.41 32.65 -11.58
CA VAL C 142 2.53 31.58 -12.03
C VAL C 142 3.21 30.83 -13.17
N SER C 143 3.26 29.50 -13.05
CA SER C 143 3.97 28.69 -14.01
C SER C 143 3.08 27.84 -14.90
N ALA C 144 1.85 27.55 -14.47
CA ALA C 144 0.93 26.76 -15.28
C ALA C 144 -0.49 27.07 -14.84
N GLY C 145 -1.43 26.72 -15.71
CA GLY C 145 -2.83 26.96 -15.42
C GLY C 145 -3.24 28.39 -15.68
N LYS C 146 -4.53 28.64 -15.46
CA LYS C 146 -5.06 29.98 -15.65
C LYS C 146 -4.65 30.87 -14.49
N ASN C 147 -4.13 32.05 -14.80
CA ASN C 147 -3.79 33.01 -13.77
C ASN C 147 -5.06 33.65 -13.25
N PRO C 148 -5.41 33.48 -11.97
CA PRO C 148 -6.66 34.04 -11.47
C PRO C 148 -6.59 35.53 -11.16
N ILE C 149 -5.39 36.11 -11.14
CA ILE C 149 -5.25 37.52 -10.79
C ILE C 149 -5.89 38.38 -11.86
N GLY C 150 -6.79 39.27 -11.45
CA GLY C 150 -7.54 40.11 -12.35
C GLY C 150 -8.93 39.59 -12.68
N LEU C 151 -9.18 38.31 -12.44
CA LEU C 151 -10.48 37.74 -12.75
C LEU C 151 -11.52 38.23 -11.74
N PRO C 152 -12.75 38.47 -12.17
CA PRO C 152 -13.83 38.76 -11.22
C PRO C 152 -14.22 37.51 -10.44
N VAL C 153 -14.72 37.73 -9.22
CA VAL C 153 -15.11 36.65 -8.32
C VAL C 153 -16.61 36.66 -8.17
N ARG C 154 -17.24 35.51 -8.42
CA ARG C 154 -18.69 35.38 -8.39
C ARG C 154 -19.08 34.50 -7.20
N GLY C 155 -20.08 34.95 -6.44
CA GLY C 155 -20.60 34.19 -5.34
C GLY C 155 -21.59 33.13 -5.78
N CYS C 156 -22.18 32.45 -4.81
CA CYS C 156 -23.16 31.41 -5.11
C CYS C 156 -24.50 31.98 -5.54
N ASP C 157 -24.75 33.27 -5.30
CA ASP C 157 -25.93 33.94 -5.82
C ASP C 157 -25.74 34.46 -7.23
N LEU C 158 -24.71 33.97 -7.92
CA LEU C 158 -24.40 34.36 -9.30
C LEU C 158 -24.19 35.87 -9.43
N GLU C 159 -23.56 36.46 -8.43
CA GLU C 159 -23.26 37.89 -8.43
C GLU C 159 -21.78 38.10 -8.15
N ILE C 160 -21.23 39.16 -8.71
CA ILE C 160 -19.82 39.48 -8.53
C ILE C 160 -19.63 40.13 -7.17
N ALA C 161 -18.65 39.63 -6.42
CA ALA C 161 -18.35 40.16 -5.09
C ALA C 161 -17.03 40.91 -5.02
N GLY C 162 -16.19 40.80 -6.04
CA GLY C 162 -14.90 41.49 -6.03
C GLY C 162 -14.06 41.01 -7.19
N LYS C 163 -12.76 41.28 -7.11
CA LYS C 163 -11.84 40.78 -8.13
C LYS C 163 -10.55 40.30 -7.47
N VAL C 164 -9.93 39.30 -8.09
CA VAL C 164 -8.68 38.77 -7.55
C VAL C 164 -7.56 39.77 -7.79
N VAL C 165 -6.82 40.10 -6.74
CA VAL C 165 -5.71 41.03 -6.85
C VAL C 165 -4.37 40.40 -6.54
N ASP C 166 -4.32 39.26 -5.85
CA ASP C 166 -3.05 38.63 -5.53
C ASP C 166 -3.27 37.16 -5.23
N ILE C 167 -2.17 36.40 -5.23
CA ILE C 167 -2.16 35.01 -4.81
C ILE C 167 -1.21 34.91 -3.62
N TRP C 168 -1.69 34.29 -2.54
CA TRP C 168 -0.87 34.05 -1.37
C TRP C 168 -0.28 32.65 -1.49
N VAL C 169 1.00 32.57 -1.77
CA VAL C 169 1.66 31.31 -2.05
C VAL C 169 2.34 30.79 -0.79
N ASP C 170 2.45 29.48 -0.70
CA ASP C 170 3.16 28.81 0.38
C ASP C 170 4.61 28.61 -0.07
N ILE C 171 5.54 29.34 0.54
CA ILE C 171 6.90 29.42 0.00
C ILE C 171 7.61 28.07 -0.02
N PRO C 172 7.63 27.28 1.06
CA PRO C 172 8.33 25.98 0.99
C PRO C 172 7.67 24.98 0.04
N GLU C 173 6.35 24.78 0.16
CA GLU C 173 5.68 23.82 -0.71
C GLU C 173 5.51 24.33 -2.13
N GLN C 174 5.64 25.64 -2.34
CA GLN C 174 5.49 26.26 -3.66
C GLN C 174 4.09 26.00 -4.25
N MET C 175 3.07 26.20 -3.42
CA MET C 175 1.69 26.03 -3.85
C MET C 175 0.87 27.23 -3.42
N ALA C 176 -0.18 27.50 -4.18
CA ALA C 176 -1.07 28.60 -3.88
C ALA C 176 -2.01 28.22 -2.75
N ARG C 177 -2.04 29.04 -1.70
CA ARG C 177 -2.91 28.83 -0.55
C ARG C 177 -4.18 29.67 -0.59
N PHE C 178 -4.05 30.97 -0.83
CA PHE C 178 -5.18 31.89 -0.74
C PHE C 178 -5.21 32.80 -1.96
N LEU C 179 -6.41 33.23 -2.30
CA LEU C 179 -6.62 34.29 -3.27
C LEU C 179 -7.05 35.54 -2.53
N GLU C 180 -6.38 36.65 -2.79
CA GLU C 180 -6.78 37.94 -2.24
C GLU C 180 -7.82 38.54 -3.16
N VAL C 181 -8.98 38.87 -2.62
CA VAL C 181 -10.10 39.39 -3.39
C VAL C 181 -10.41 40.79 -2.86
N GLU C 182 -10.40 41.77 -3.75
CA GLU C 182 -10.82 43.12 -3.41
C GLU C 182 -12.33 43.22 -3.54
N LEU C 183 -12.96 43.81 -2.54
CA LEU C 183 -14.42 43.94 -2.48
C LEU C 183 -14.83 45.30 -3.02
N LYS C 184 -16.13 45.58 -2.96
CA LYS C 184 -16.63 46.86 -3.45
C LYS C 184 -16.05 48.03 -2.66
N ASP C 185 -15.99 47.91 -1.34
CA ASP C 185 -15.53 49.00 -0.50
C ASP C 185 -14.01 49.18 -0.54
N GLY C 186 -13.31 48.43 -1.39
CA GLY C 186 -11.87 48.59 -1.54
C GLY C 186 -11.04 47.77 -0.58
N SER C 187 -11.66 47.13 0.42
CA SER C 187 -10.94 46.23 1.29
C SER C 187 -10.80 44.86 0.64
N THR C 188 -9.95 44.02 1.21
CA THR C 188 -9.63 42.72 0.64
C THR C 188 -9.87 41.61 1.65
N ARG C 189 -10.17 40.43 1.13
CA ARG C 189 -10.35 39.23 1.93
C ARG C 189 -9.54 38.10 1.34
N LEU C 190 -9.24 37.11 2.16
CA LEU C 190 -8.50 35.93 1.73
C LEU C 190 -9.48 34.77 1.56
N LEU C 191 -9.38 34.06 0.43
CA LEU C 191 -10.22 32.90 0.21
C LEU C 191 -9.34 31.70 -0.10
N PRO C 192 -9.52 30.58 0.60
CA PRO C 192 -8.68 29.39 0.33
C PRO C 192 -8.86 28.90 -1.10
N MET C 193 -7.76 28.42 -1.69
CA MET C 193 -7.81 27.90 -3.05
C MET C 193 -8.69 26.66 -3.15
N GLN C 194 -8.77 25.88 -2.07
CA GLN C 194 -9.59 24.67 -2.08
C GLN C 194 -11.08 24.97 -2.14
N MET C 195 -11.48 26.21 -1.86
CA MET C 195 -12.89 26.59 -1.81
C MET C 195 -13.31 27.43 -3.01
N VAL C 196 -12.43 27.61 -3.99
CA VAL C 196 -12.73 28.42 -5.17
C VAL C 196 -12.55 27.56 -6.40
N LYS C 197 -13.26 27.93 -7.47
CA LYS C 197 -13.17 27.25 -8.75
C LYS C 197 -12.75 28.28 -9.79
N VAL C 198 -11.51 28.17 -10.27
CA VAL C 198 -11.00 29.10 -11.26
C VAL C 198 -11.49 28.65 -12.64
N GLN C 199 -12.20 29.54 -13.32
CA GLN C 199 -12.74 29.28 -14.64
C GLN C 199 -12.04 30.18 -15.66
N SER C 200 -12.50 30.10 -16.90
CA SER C 200 -11.85 30.84 -17.99
C SER C 200 -11.97 32.34 -17.78
N ASN C 201 -13.13 32.82 -17.37
CA ASN C 201 -13.38 34.25 -17.27
C ASN C 201 -13.78 34.71 -15.88
N ARG C 202 -13.84 33.81 -14.89
CA ARG C 202 -14.27 34.19 -13.55
C ARG C 202 -13.73 33.18 -12.55
N VAL C 203 -13.82 33.56 -11.28
CA VAL C 203 -13.55 32.66 -10.16
C VAL C 203 -14.87 32.50 -9.40
N HIS C 204 -15.36 31.26 -9.33
CA HIS C 204 -16.64 30.98 -8.69
C HIS C 204 -16.43 30.45 -7.28
N VAL C 205 -17.11 31.05 -6.31
CA VAL C 205 -17.07 30.63 -4.92
C VAL C 205 -18.46 30.15 -4.56
N ASN C 206 -18.64 28.83 -4.53
CA ASN C 206 -19.96 28.25 -4.27
C ASN C 206 -20.37 28.34 -2.81
N ALA C 207 -19.42 28.51 -1.89
CA ALA C 207 -19.76 28.51 -0.48
C ALA C 207 -20.48 29.80 -0.07
N LEU C 208 -20.00 30.95 -0.54
CA LEU C 208 -20.50 32.23 -0.09
C LEU C 208 -21.29 32.91 -1.19
N SER C 209 -22.36 33.60 -0.79
CA SER C 209 -23.05 34.50 -1.69
C SER C 209 -22.34 35.84 -1.72
N SER C 210 -22.76 36.71 -2.65
CA SER C 210 -22.05 37.96 -2.86
C SER C 210 -22.11 38.88 -1.65
N ASP C 211 -23.16 38.76 -0.83
CA ASP C 211 -23.29 39.62 0.33
C ASP C 211 -22.54 39.11 1.56
N LEU C 212 -22.03 37.88 1.52
CA LEU C 212 -21.31 37.31 2.65
C LEU C 212 -19.80 37.46 2.51
N PHE C 213 -19.33 38.14 1.47
CA PHE C 213 -17.90 38.32 1.28
C PHE C 213 -17.33 39.38 2.21
N ALA C 214 -18.13 40.38 2.57
CA ALA C 214 -17.66 41.41 3.49
C ALA C 214 -17.54 40.91 4.92
N GLY C 215 -18.24 39.82 5.25
CA GLY C 215 -18.18 39.23 6.57
C GLY C 215 -17.02 38.29 6.80
N ILE C 216 -16.23 38.02 5.77
CA ILE C 216 -15.04 37.18 5.95
C ILE C 216 -14.09 37.86 6.91
N PRO C 217 -13.57 37.17 7.92
CA PRO C 217 -12.67 37.82 8.88
C PRO C 217 -11.45 38.40 8.18
N THR C 218 -11.02 39.57 8.63
CA THR C 218 -9.90 40.28 8.06
C THR C 218 -8.63 40.00 8.86
N ILE C 219 -7.50 40.06 8.18
CA ILE C 219 -6.21 39.82 8.79
C ILE C 219 -5.64 41.14 9.30
N LYS C 220 -4.79 41.07 10.32
CA LYS C 220 -4.23 42.28 10.91
C LYS C 220 -3.24 42.94 9.95
N SER C 221 -2.17 42.24 9.60
CA SER C 221 -1.13 42.75 8.72
C SER C 221 -1.47 42.43 7.26
N PRO C 222 -1.31 43.40 6.36
CA PRO C 222 -1.63 43.16 4.94
C PRO C 222 -0.73 42.13 4.28
N THR C 223 0.44 41.83 4.85
CA THR C 223 1.39 40.91 4.23
C THR C 223 1.66 39.69 5.09
N GLU C 224 0.72 39.32 5.97
CA GLU C 224 0.98 38.30 6.97
C GLU C 224 -0.35 37.74 7.45
N VAL C 225 -0.45 36.41 7.52
CA VAL C 225 -1.64 35.74 8.02
C VAL C 225 -1.22 34.78 9.13
N THR C 226 -1.97 34.77 10.22
CA THR C 226 -1.67 33.92 11.36
C THR C 226 -2.52 32.66 11.32
N LEU C 227 -2.14 31.69 12.15
CA LEU C 227 -2.90 30.45 12.22
C LEU C 227 -4.32 30.70 12.69
N LEU C 228 -4.48 31.62 13.65
CA LEU C 228 -5.82 31.97 14.13
C LEU C 228 -6.65 32.63 13.03
N GLU C 229 -6.05 33.57 12.29
CA GLU C 229 -6.77 34.22 11.20
C GLU C 229 -7.10 33.24 10.09
N GLU C 230 -6.14 32.38 9.74
CA GLU C 230 -6.39 31.33 8.76
C GLU C 230 -7.57 30.46 9.18
N ASP C 231 -7.58 30.06 10.45
CA ASP C 231 -8.63 29.18 10.95
C ASP C 231 -9.99 29.86 10.90
N LYS C 232 -10.04 31.14 11.29
CA LYS C 232 -11.30 31.88 11.24
C LYS C 232 -11.80 32.01 9.80
N ILE C 233 -10.92 32.36 8.87
CA ILE C 233 -11.31 32.54 7.48
C ILE C 233 -11.83 31.24 6.88
N CYS C 234 -11.09 30.15 7.10
CA CYS C 234 -11.48 28.87 6.53
C CYS C 234 -12.79 28.39 7.15
N GLY C 235 -12.96 28.56 8.46
CA GLY C 235 -14.22 28.17 9.08
C GLY C 235 -15.40 28.95 8.56
N TYR C 236 -15.24 30.28 8.40
CA TYR C 236 -16.31 31.08 7.83
C TYR C 236 -16.69 30.60 6.44
N VAL C 237 -15.69 30.41 5.57
CA VAL C 237 -15.99 30.06 4.19
C VAL C 237 -16.66 28.69 4.12
N ALA C 238 -16.19 27.73 4.93
CA ALA C 238 -16.78 26.40 4.86
C ALA C 238 -18.16 26.34 5.51
N GLY C 239 -18.40 27.14 6.56
CA GLY C 239 -19.74 27.25 7.09
C GLY C 239 -20.70 27.92 6.15
N GLY C 240 -20.18 28.67 5.19
CA GLY C 240 -21.03 29.19 4.13
C GLY C 240 -21.75 28.12 3.34
N LEU C 241 -21.17 26.92 3.24
CA LEU C 241 -21.80 25.85 2.47
C LEU C 241 -23.14 25.45 3.06
N MET C 242 -23.32 25.58 4.37
CA MET C 242 -24.55 25.20 5.04
C MET C 242 -25.42 26.38 5.43
N TYR C 243 -24.82 27.50 5.83
CA TYR C 243 -25.60 28.63 6.31
C TYR C 243 -25.88 29.67 5.24
N ALA C 244 -25.33 29.50 4.03
CA ALA C 244 -25.70 30.31 2.88
C ALA C 244 -26.54 29.53 1.88
N ALA C 245 -27.07 28.37 2.29
CA ALA C 245 -27.91 27.59 1.39
C ALA C 245 -29.14 28.31 0.87
N PRO C 246 -29.89 29.08 1.67
CA PRO C 246 -31.09 29.74 1.12
C PRO C 246 -30.81 30.76 0.01
N LYS C 247 -29.55 31.00 -0.33
CA LYS C 247 -29.16 32.01 -1.31
C LYS C 247 -28.42 31.39 -2.49
N ARG C 248 -28.86 30.22 -2.94
CA ARG C 248 -28.17 29.47 -3.97
C ARG C 248 -28.91 29.52 -5.29
N LYS C 249 -28.14 29.45 -6.38
CA LYS C 249 -28.66 29.34 -7.73
C LYS C 249 -29.63 30.47 -8.06
N SER C 250 -29.23 31.70 -7.78
CA SER C 250 -30.09 32.85 -8.08
C SER C 250 -29.43 33.75 -9.12
N FME D 1 -55.33 4.61 24.00
CN FME D 1 -54.39 5.55 24.37
O1 FME D 1 -54.09 5.74 25.56
CA FME D 1 -55.70 4.37 22.63
CB FME D 1 -56.66 3.18 22.47
CG FME D 1 -56.78 2.76 21.03
SD FME D 1 -58.34 1.97 20.85
CE FME D 1 -58.20 0.62 21.96
C FME D 1 -56.38 5.58 21.99
O FME D 1 -56.28 5.88 20.81
N SER D 2 -57.09 6.32 22.85
CA SER D 2 -57.74 7.55 22.42
C SER D 2 -56.78 8.71 22.51
N LYS D 3 -55.55 8.42 22.94
CA LYS D 3 -54.49 9.43 23.03
C LYS D 3 -53.33 9.13 22.09
N PHE D 4 -53.54 8.25 21.10
CA PHE D 4 -52.48 7.93 20.16
C PHE D 4 -52.12 9.10 19.27
N TYR D 5 -53.02 10.08 19.12
CA TYR D 5 -52.76 11.23 18.25
C TYR D 5 -51.52 11.99 18.69
N LYS D 6 -51.15 11.86 19.96
CA LYS D 6 -50.01 12.58 20.52
C LYS D 6 -48.70 12.09 19.92
N ILE D 7 -48.77 11.03 19.10
CA ILE D 7 -47.59 10.63 18.32
C ILE D 7 -47.16 11.75 17.40
N TRP D 8 -48.10 12.62 17.00
CA TRP D 8 -47.78 13.76 16.15
C TRP D 8 -47.31 14.96 16.94
N MET D 9 -47.27 14.85 18.27
CA MET D 9 -46.66 15.86 19.13
C MET D 9 -45.26 15.46 19.56
N ILE D 10 -44.75 14.33 19.07
CA ILE D 10 -43.41 13.87 19.39
C ILE D 10 -42.54 13.74 18.14
N PHE D 11 -43.11 13.23 17.05
CA PHE D 11 -42.39 13.09 15.79
C PHE D 11 -43.01 14.01 14.75
N ASP D 12 -42.15 14.61 13.94
CA ASP D 12 -42.59 15.57 12.92
C ASP D 12 -43.39 14.86 11.85
N PRO D 13 -44.65 15.24 11.61
CA PRO D 13 -45.48 14.49 10.65
C PRO D 13 -44.93 14.50 9.24
N ARG D 14 -44.32 15.60 8.80
CA ARG D 14 -43.83 15.71 7.43
C ARG D 14 -42.80 14.63 7.12
N ARG D 15 -41.87 14.40 8.05
CA ARG D 15 -40.84 13.40 7.84
C ARG D 15 -41.36 11.99 8.07
N VAL D 16 -42.27 11.84 9.02
CA VAL D 16 -42.86 10.53 9.30
C VAL D 16 -43.60 10.01 8.08
N PHE D 17 -44.33 10.88 7.38
CA PHE D 17 -45.09 10.44 6.22
C PHE D 17 -44.16 9.99 5.10
N VAL D 18 -43.07 10.72 4.86
CA VAL D 18 -42.11 10.33 3.83
C VAL D 18 -41.48 8.97 4.17
N ALA D 19 -41.04 8.82 5.42
CA ALA D 19 -40.44 7.55 5.83
C ALA D 19 -41.44 6.41 5.74
N GLN D 20 -42.70 6.68 6.08
CA GLN D 20 -43.74 5.66 5.99
C GLN D 20 -43.98 5.25 4.55
N GLY D 21 -43.97 6.20 3.62
CA GLY D 21 -44.08 5.84 2.21
C GLY D 21 -42.93 4.98 1.74
N VAL D 22 -41.71 5.31 2.17
CA VAL D 22 -40.56 4.47 1.83
C VAL D 22 -40.74 3.06 2.38
N PHE D 23 -41.19 2.97 3.64
CA PHE D 23 -41.41 1.66 4.26
C PHE D 23 -42.45 0.85 3.49
N LEU D 24 -43.56 1.48 3.15
CA LEU D 24 -44.64 0.74 2.49
C LEU D 24 -44.21 0.26 1.13
N PHE D 25 -43.51 1.10 0.35
CA PHE D 25 -43.04 0.64 -0.95
C PHE D 25 -42.04 -0.50 -0.81
N LEU D 26 -41.08 -0.37 0.10
CA LEU D 26 -40.05 -1.41 0.24
C LEU D 26 -40.67 -2.72 0.71
N LEU D 27 -41.60 -2.67 1.64
CA LEU D 27 -42.28 -3.87 2.12
C LEU D 27 -43.08 -4.52 1.00
N ALA D 28 -43.81 -3.73 0.22
CA ALA D 28 -44.58 -4.27 -0.89
C ALA D 28 -43.68 -4.96 -1.90
N VAL D 29 -42.55 -4.33 -2.23
CA VAL D 29 -41.64 -4.91 -3.21
C VAL D 29 -41.05 -6.21 -2.67
N MET D 30 -40.70 -6.24 -1.39
CA MET D 30 -40.14 -7.46 -0.80
C MET D 30 -41.15 -8.60 -0.86
N ILE D 31 -42.40 -8.32 -0.50
CA ILE D 31 -43.41 -9.38 -0.50
C ILE D 31 -43.69 -9.84 -1.92
N HIS D 32 -43.74 -8.91 -2.87
CA HIS D 32 -43.96 -9.28 -4.27
C HIS D 32 -42.83 -10.13 -4.80
N LEU D 33 -41.59 -9.82 -4.42
CA LEU D 33 -40.44 -10.63 -4.84
C LEU D 33 -40.51 -12.02 -4.23
N ILE D 34 -40.88 -12.12 -2.96
CA ILE D 34 -41.00 -13.42 -2.32
C ILE D 34 -42.04 -14.28 -3.03
N LEU D 35 -43.19 -13.69 -3.36
CA LEU D 35 -44.19 -14.44 -4.11
C LEU D 35 -43.70 -14.80 -5.51
N LEU D 36 -42.98 -13.88 -6.16
CA LEU D 36 -42.49 -14.12 -7.50
C LEU D 36 -41.50 -15.27 -7.53
N SER D 37 -40.78 -15.49 -6.43
CA SER D 37 -39.84 -16.60 -6.38
C SER D 37 -40.52 -17.96 -6.19
N THR D 38 -41.76 -17.98 -5.75
CA THR D 38 -42.45 -19.25 -5.52
C THR D 38 -43.13 -19.71 -6.80
N PRO D 39 -42.92 -20.96 -7.21
CA PRO D 39 -43.55 -21.44 -8.45
C PRO D 39 -45.07 -21.40 -8.42
N SER D 40 -45.69 -21.64 -7.28
CA SER D 40 -47.14 -21.70 -7.19
C SER D 40 -47.81 -20.33 -7.16
N TYR D 41 -47.02 -19.25 -7.10
CA TYR D 41 -47.60 -17.91 -7.06
C TYR D 41 -46.88 -16.94 -8.00
N ASN D 42 -46.18 -17.45 -9.00
CA ASN D 42 -45.48 -16.60 -9.97
C ASN D 42 -46.46 -16.28 -11.09
N TRP D 43 -47.09 -15.10 -10.99
CA TRP D 43 -48.09 -14.68 -11.97
C TRP D 43 -47.47 -14.31 -13.32
N LEU D 44 -46.15 -14.16 -13.38
CA LEU D 44 -45.48 -13.81 -14.62
C LEU D 44 -45.13 -15.01 -15.49
N GLU D 45 -45.29 -16.23 -14.96
CA GLU D 45 -44.96 -17.42 -15.72
C GLU D 45 -46.23 -18.06 -16.29
N ASP E 6 -49.69 18.23 27.30
CA ASP E 6 -49.22 19.29 26.41
C ASP E 6 -47.72 19.19 26.20
N LEU E 7 -47.23 17.96 26.10
CA LEU E 7 -45.82 17.70 25.85
C LEU E 7 -45.60 17.73 24.34
N GLY E 8 -44.89 18.75 23.86
CA GLY E 8 -44.65 18.89 22.44
C GLY E 8 -43.18 19.00 22.09
N TYR E 9 -42.74 18.18 21.14
CA TYR E 9 -41.40 18.28 20.58
C TYR E 9 -41.39 18.88 19.17
N THR E 10 -42.55 19.03 18.54
CA THR E 10 -42.63 19.35 17.13
C THR E 10 -43.40 20.62 16.83
N GLY E 11 -44.04 21.25 17.81
CA GLY E 11 -44.73 22.50 17.60
C GLY E 11 -46.21 22.39 17.33
N LEU E 12 -46.71 21.19 17.02
CA LEU E 12 -48.15 21.01 16.85
C LEU E 12 -48.87 21.14 18.18
N THR E 13 -50.01 21.81 18.17
CA THR E 13 -50.86 21.85 19.35
C THR E 13 -51.67 20.58 19.45
N ASP E 14 -52.41 20.46 20.55
CA ASP E 14 -53.23 19.27 20.76
C ASP E 14 -54.30 19.14 19.68
N GLU E 15 -54.94 20.25 19.32
CA GLU E 15 -55.97 20.22 18.29
C GLU E 15 -55.40 19.85 16.93
N GLN E 16 -54.23 20.38 16.59
CA GLN E 16 -53.61 20.06 15.32
C GLN E 16 -53.26 18.58 15.23
N ALA E 17 -52.72 18.03 16.32
CA ALA E 17 -52.42 16.60 16.35
C ALA E 17 -53.69 15.77 16.21
N GLN E 18 -54.77 16.17 16.90
CA GLN E 18 -56.02 15.42 16.79
C GLN E 18 -56.56 15.43 15.37
N GLU E 19 -56.58 16.60 14.73
CA GLU E 19 -57.09 16.71 13.38
C GLU E 19 -56.24 15.92 12.39
N LEU E 20 -54.92 16.06 12.49
CA LEU E 20 -54.03 15.33 11.58
C LEU E 20 -54.14 13.83 11.79
N HIS E 21 -54.33 13.38 13.04
CA HIS E 21 -54.49 11.96 13.29
C HIS E 21 -55.81 11.45 12.73
N SER E 22 -56.86 12.27 12.77
CA SER E 22 -58.11 11.88 12.13
C SER E 22 -57.92 11.67 10.63
N VAL E 23 -57.23 12.60 9.98
CA VAL E 23 -56.97 12.46 8.55
C VAL E 23 -56.12 11.21 8.28
N TYR E 24 -55.06 11.02 9.08
CA TYR E 24 -54.18 9.88 8.92
C TYR E 24 -54.92 8.57 9.08
N MET E 25 -55.78 8.47 10.09
CA MET E 25 -56.50 7.23 10.31
C MET E 25 -57.53 6.96 9.24
N SER E 26 -58.19 8.01 8.71
CA SER E 26 -59.07 7.80 7.58
C SER E 26 -58.31 7.20 6.40
N GLY E 27 -57.14 7.77 6.10
CA GLY E 27 -56.33 7.21 5.03
C GLY E 27 -55.84 5.80 5.31
N LEU E 28 -55.46 5.52 6.55
CA LEU E 28 -55.00 4.19 6.92
C LEU E 28 -56.10 3.15 6.75
N TRP E 29 -57.33 3.48 7.18
CA TRP E 29 -58.43 2.54 7.02
C TRP E 29 -58.78 2.33 5.57
N LEU E 30 -58.73 3.39 4.75
CA LEU E 30 -58.99 3.22 3.33
C LEU E 30 -57.93 2.32 2.68
N PHE E 31 -56.66 2.55 3.00
CA PHE E 31 -55.59 1.73 2.46
C PHE E 31 -55.71 0.27 2.90
N SER E 32 -56.08 0.06 4.17
CA SER E 32 -56.26 -1.30 4.68
C SER E 32 -57.44 -1.98 4.01
N ALA E 33 -58.52 -1.23 3.74
CA ALA E 33 -59.66 -1.81 3.04
C ALA E 33 -59.28 -2.24 1.62
N VAL E 34 -58.50 -1.41 0.92
CA VAL E 34 -58.05 -1.79 -0.41
C VAL E 34 -57.18 -3.04 -0.35
N ALA E 35 -56.29 -3.10 0.64
CA ALA E 35 -55.45 -4.29 0.82
C ALA E 35 -56.29 -5.53 1.12
N ILE E 36 -57.32 -5.38 1.95
CA ILE E 36 -58.20 -6.50 2.27
C ILE E 36 -58.91 -6.99 1.02
N VAL E 37 -59.41 -6.06 0.20
CA VAL E 37 -60.10 -6.46 -1.03
C VAL E 37 -59.16 -7.22 -1.96
N ALA E 38 -57.93 -6.71 -2.13
CA ALA E 38 -56.97 -7.40 -2.99
C ALA E 38 -56.61 -8.78 -2.43
N HIS E 39 -56.44 -8.88 -1.11
CA HIS E 39 -56.14 -10.17 -0.51
C HIS E 39 -57.27 -11.16 -0.70
N LEU E 40 -58.51 -10.71 -0.54
CA LEU E 40 -59.65 -11.59 -0.75
C LEU E 40 -59.75 -12.03 -2.20
N ALA E 41 -59.45 -11.13 -3.15
CA ALA E 41 -59.45 -11.51 -4.56
C ALA E 41 -58.40 -12.58 -4.82
N VAL E 42 -57.19 -12.41 -4.29
CA VAL E 42 -56.14 -13.40 -4.51
C VAL E 42 -56.50 -14.72 -3.82
N TYR E 43 -57.10 -14.66 -2.63
CA TYR E 43 -57.48 -15.88 -1.93
C TYR E 43 -58.57 -16.64 -2.67
N ILE E 44 -59.53 -15.92 -3.25
CA ILE E 44 -60.52 -16.58 -4.11
C ILE E 44 -59.85 -17.20 -5.31
N TRP E 45 -58.91 -16.47 -5.93
CA TRP E 45 -58.20 -17.01 -7.09
C TRP E 45 -57.41 -18.25 -6.72
N ARG E 46 -56.61 -18.19 -5.65
CA ARG E 46 -55.69 -19.26 -5.29
C ARG E 46 -55.41 -19.20 -3.80
N PRO E 47 -56.10 -20.00 -2.99
CA PRO E 47 -55.94 -19.92 -1.54
C PRO E 47 -54.54 -20.32 -1.10
N TRP E 48 -54.11 -19.75 0.03
CA TRP E 48 -52.80 -20.07 0.60
C TRP E 48 -52.91 -20.75 1.96
N PHE E 49 -54.08 -21.28 2.30
CA PHE E 49 -54.24 -22.04 3.54
C PHE E 49 -54.97 -23.34 3.27
N FME F 1 -43.19 -1.93 40.06
CN FME F 1 -42.19 -0.98 40.13
O1 FME F 1 -41.45 -0.82 41.10
CA FME F 1 -44.04 -2.10 38.92
CB FME F 1 -45.00 -3.30 39.05
CG FME F 1 -44.37 -4.55 38.47
SD FME F 1 -45.57 -5.84 38.63
CE FME F 1 -46.26 -5.88 37.03
C FME F 1 -44.92 -0.87 38.67
O FME F 1 -45.26 -0.49 37.57
N SER F 2 -45.27 -0.21 39.77
CA SER F 2 -46.06 1.01 39.72
C SER F 2 -45.19 2.20 39.42
N LYS F 3 -43.88 1.96 39.28
CA LYS F 3 -42.92 3.03 39.01
C LYS F 3 -42.11 2.77 37.74
N PHE F 4 -42.62 1.94 36.83
CA PHE F 4 -41.93 1.71 35.57
C PHE F 4 -42.02 2.92 34.65
N TYR F 5 -43.02 3.79 34.84
CA TYR F 5 -43.14 4.98 34.01
C TYR F 5 -41.92 5.86 34.10
N LYS F 6 -41.14 5.74 35.17
CA LYS F 6 -39.93 6.52 35.35
C LYS F 6 -38.86 6.17 34.32
N ILE F 7 -39.07 5.11 33.53
CA ILE F 7 -38.20 4.87 32.39
C ILE F 7 -38.22 6.06 31.44
N TRP F 8 -39.32 6.82 31.42
CA TRP F 8 -39.41 8.00 30.57
C TRP F 8 -38.77 9.23 31.20
N MET F 9 -38.36 9.15 32.46
CA MET F 9 -37.59 10.21 33.07
C MET F 9 -36.09 9.97 32.95
N ILE F 10 -35.69 8.89 32.29
CA ILE F 10 -34.28 8.59 32.02
C ILE F 10 -33.99 8.54 30.52
N PHE F 11 -34.87 7.92 29.75
CA PHE F 11 -34.66 7.73 28.33
C PHE F 11 -35.61 8.60 27.54
N ASP F 12 -35.08 9.28 26.53
CA ASP F 12 -35.89 10.17 25.72
C ASP F 12 -36.93 9.34 24.94
N PRO F 13 -38.18 9.79 24.90
CA PRO F 13 -39.20 9.05 24.15
C PRO F 13 -38.88 8.90 22.67
N ARG F 14 -38.23 9.88 22.06
CA ARG F 14 -37.99 9.83 20.61
C ARG F 14 -37.07 8.67 20.25
N ARG F 15 -35.90 8.60 20.90
CA ARG F 15 -34.95 7.53 20.61
C ARG F 15 -35.52 6.17 20.98
N VAL F 16 -36.24 6.10 22.11
CA VAL F 16 -36.79 4.82 22.54
C VAL F 16 -37.83 4.32 21.56
N PHE F 17 -38.70 5.21 21.08
CA PHE F 17 -39.72 4.80 20.12
C PHE F 17 -39.10 4.37 18.80
N VAL F 18 -38.09 5.12 18.33
CA VAL F 18 -37.41 4.74 17.09
C VAL F 18 -36.79 3.35 17.22
N ALA F 19 -36.05 3.13 18.32
CA ALA F 19 -35.39 1.86 18.53
C ALA F 19 -36.39 0.72 18.67
N GLN F 20 -37.49 0.96 19.39
CA GLN F 20 -38.48 -0.08 19.59
C GLN F 20 -39.16 -0.48 18.30
N GLY F 21 -39.49 0.50 17.45
CA GLY F 21 -40.08 0.16 16.16
C GLY F 21 -39.12 -0.59 15.25
N VAL F 22 -37.86 -0.15 15.21
CA VAL F 22 -36.85 -0.90 14.45
C VAL F 22 -36.79 -2.34 14.94
N PHE F 23 -36.69 -2.53 16.26
CA PHE F 23 -36.55 -3.86 16.82
C PHE F 23 -37.77 -4.72 16.52
N LEU F 24 -38.97 -4.15 16.65
CA LEU F 24 -40.18 -4.93 16.41
C LEU F 24 -40.27 -5.39 14.97
N PHE F 25 -40.01 -4.49 14.01
CA PHE F 25 -40.06 -4.91 12.62
C PHE F 25 -38.98 -5.93 12.29
N LEU F 26 -37.77 -5.72 12.82
CA LEU F 26 -36.69 -6.65 12.57
C LEU F 26 -36.99 -8.04 13.13
N LEU F 27 -37.52 -8.10 14.35
CA LEU F 27 -37.88 -9.39 14.94
C LEU F 27 -38.98 -10.09 14.15
N ALA F 28 -39.99 -9.33 13.71
CA ALA F 28 -41.06 -9.94 12.94
C ALA F 28 -40.57 -10.48 11.61
N VAL F 29 -39.73 -9.71 10.92
CA VAL F 29 -39.17 -10.18 9.65
C VAL F 29 -38.31 -11.41 9.87
N MET F 30 -37.52 -11.41 10.94
CA MET F 30 -36.66 -12.56 11.23
C MET F 30 -37.47 -13.81 11.50
N ILE F 31 -38.54 -13.72 12.30
CA ILE F 31 -39.34 -14.90 12.58
C ILE F 31 -40.04 -15.40 11.32
N HIS F 32 -40.57 -14.47 10.51
CA HIS F 32 -41.24 -14.88 9.28
C HIS F 32 -40.27 -15.58 8.33
N LEU F 33 -39.04 -15.07 8.21
CA LEU F 33 -38.06 -15.70 7.33
C LEU F 33 -37.59 -17.05 7.89
N ILE F 34 -37.46 -17.17 9.20
CA ILE F 34 -37.11 -18.45 9.80
C ILE F 34 -38.19 -19.47 9.51
N LEU F 35 -39.46 -19.08 9.63
CA LEU F 35 -40.55 -20.00 9.32
C LEU F 35 -40.57 -20.35 7.84
N LEU F 36 -40.29 -19.39 6.96
CA LEU F 36 -40.23 -19.69 5.54
C LEU F 36 -39.09 -20.64 5.19
N SER F 37 -37.99 -20.58 5.94
CA SER F 37 -36.89 -21.50 5.69
C SER F 37 -37.28 -22.95 5.98
N THR F 38 -38.06 -23.18 7.02
CA THR F 38 -38.43 -24.53 7.42
C THR F 38 -39.48 -25.09 6.47
N PRO F 39 -39.28 -26.27 5.90
CA PRO F 39 -40.33 -26.87 5.06
C PRO F 39 -41.62 -27.15 5.81
N SER F 40 -41.55 -27.41 7.11
CA SER F 40 -42.73 -27.80 7.87
C SER F 40 -43.65 -26.62 8.18
N TYR F 41 -43.18 -25.39 8.03
CA TYR F 41 -43.99 -24.21 8.33
C TYR F 41 -43.99 -23.18 7.21
N ASN F 42 -43.44 -23.51 6.04
CA ASN F 42 -43.51 -22.64 4.87
C ASN F 42 -44.92 -22.73 4.32
N TRP F 43 -45.74 -21.72 4.62
CA TRP F 43 -47.16 -21.80 4.30
C TRP F 43 -47.42 -21.83 2.80
N LEU F 44 -46.55 -21.19 2.02
CA LEU F 44 -46.69 -21.25 0.57
C LEU F 44 -46.45 -22.66 0.04
N GLU F 45 -45.41 -23.33 0.53
CA GLU F 45 -45.17 -24.71 0.15
C GLU F 45 -46.27 -25.64 0.65
N ILE F 46 -46.79 -25.38 1.86
CA ILE F 46 -47.86 -26.20 2.40
C ILE F 46 -49.11 -26.08 1.53
N SER F 47 -49.43 -24.86 1.10
CA SER F 47 -50.57 -24.67 0.20
C SER F 47 -50.32 -25.32 -1.15
N ALA F 48 -49.09 -25.24 -1.67
CA ALA F 48 -48.79 -25.87 -2.95
C ALA F 48 -48.97 -27.38 -2.88
N ALA F 49 -48.51 -28.01 -1.82
CA ALA F 49 -48.65 -29.45 -1.69
C ALA F 49 -50.09 -29.86 -1.36
N LYS F 50 -50.81 -29.01 -0.62
CA LYS F 50 -52.17 -29.34 -0.23
C LYS F 50 -53.12 -29.29 -1.42
N TYR F 51 -52.96 -28.31 -2.30
CA TYR F 51 -53.81 -28.14 -3.46
C TYR F 51 -53.18 -28.66 -4.74
N ASN F 52 -52.09 -29.42 -4.63
CA ASN F 52 -51.45 -30.07 -5.78
C ASN F 52 -51.03 -29.06 -6.84
N ARG F 53 -50.54 -27.91 -6.41
CA ARG F 53 -50.08 -26.87 -7.32
C ARG F 53 -48.60 -26.95 -7.62
N VAL F 54 -47.91 -27.99 -7.14
CA VAL F 54 -46.49 -28.16 -7.39
C VAL F 54 -46.16 -29.63 -7.54
N ASP G 6 -36.54 16.39 39.84
CA ASP G 6 -36.14 15.15 40.51
C ASP G 6 -35.66 14.07 39.55
N LEU G 7 -34.35 14.07 39.28
CA LEU G 7 -33.72 13.19 38.31
C LEU G 7 -34.39 13.33 36.94
N GLY G 8 -34.23 14.51 36.36
CA GLY G 8 -34.72 14.79 35.04
C GLY G 8 -33.68 14.58 33.96
N TYR G 9 -33.36 13.33 33.65
CA TYR G 9 -32.46 13.05 32.54
C TYR G 9 -33.05 13.53 31.21
N THR G 10 -34.37 13.55 31.08
CA THR G 10 -35.02 13.88 29.83
C THR G 10 -35.86 15.15 29.88
N GLY G 11 -36.11 15.72 31.04
CA GLY G 11 -36.92 16.91 31.13
C GLY G 11 -38.40 16.68 31.25
N LEU G 12 -38.85 15.42 31.19
CA LEU G 12 -40.25 15.12 31.47
C LEU G 12 -40.51 15.21 32.97
N THR G 13 -41.67 15.74 33.31
CA THR G 13 -42.09 15.74 34.70
C THR G 13 -42.67 14.37 35.07
N ASP G 14 -43.02 14.21 36.35
CA ASP G 14 -43.60 12.96 36.80
C ASP G 14 -44.93 12.69 36.11
N GLU G 15 -45.78 13.70 35.99
CA GLU G 15 -47.08 13.53 35.38
C GLU G 15 -47.00 13.32 33.87
N GLN G 16 -46.09 14.02 33.20
CA GLN G 16 -45.88 13.78 31.77
C GLN G 16 -45.39 12.37 31.52
N ALA G 17 -44.46 11.89 32.35
CA ALA G 17 -43.98 10.52 32.22
C ALA G 17 -45.10 9.52 32.47
N GLN G 18 -45.96 9.78 33.46
CA GLN G 18 -47.07 8.87 33.71
C GLN G 18 -48.04 8.81 32.53
N GLU G 19 -48.39 9.97 31.95
CA GLU G 19 -49.28 9.96 30.80
C GLU G 19 -48.65 9.27 29.60
N LEU G 20 -47.37 9.53 29.34
CA LEU G 20 -46.68 8.90 28.23
C LEU G 20 -46.62 7.38 28.42
N HIS G 21 -46.36 6.93 29.65
CA HIS G 21 -46.37 5.50 29.92
C HIS G 21 -47.75 4.91 29.72
N SER G 22 -48.80 5.65 30.09
CA SER G 22 -50.15 5.17 29.88
C SER G 22 -50.42 4.91 28.40
N VAL G 23 -50.06 5.87 27.55
CA VAL G 23 -50.33 5.70 26.13
C VAL G 23 -49.44 4.61 25.53
N TYR G 24 -48.17 4.56 25.93
CA TYR G 24 -47.28 3.52 25.44
C TYR G 24 -47.77 2.14 25.85
N MET G 25 -48.26 2.00 27.09
CA MET G 25 -48.76 0.72 27.55
C MET G 25 -50.04 0.32 26.84
N SER G 26 -50.90 1.30 26.52
CA SER G 26 -52.08 0.99 25.71
C SER G 26 -51.68 0.44 24.35
N GLY G 27 -50.71 1.09 23.70
CA GLY G 27 -50.22 0.58 22.43
C GLY G 27 -49.62 -0.80 22.55
N LEU G 28 -48.85 -1.03 23.61
CA LEU G 28 -48.24 -2.34 23.84
C LEU G 28 -49.29 -3.42 24.04
N TRP G 29 -50.34 -3.12 24.82
CA TRP G 29 -51.37 -4.12 25.08
C TRP G 29 -52.18 -4.42 23.82
N LEU G 30 -52.44 -3.40 23.00
CA LEU G 30 -53.15 -3.65 21.75
C LEU G 30 -52.30 -4.51 20.80
N PHE G 31 -51.01 -4.19 20.69
CA PHE G 31 -50.12 -5.00 19.86
C PHE G 31 -50.07 -6.44 20.36
N SER G 32 -49.96 -6.62 21.67
CA SER G 32 -49.89 -7.96 22.24
C SER G 32 -51.20 -8.73 22.06
N ALA G 33 -52.34 -8.04 22.16
CA ALA G 33 -53.62 -8.72 21.93
C ALA G 33 -53.75 -9.18 20.50
N VAL G 34 -53.35 -8.34 19.54
CA VAL G 34 -53.37 -8.77 18.14
C VAL G 34 -52.44 -9.96 17.94
N ALA G 35 -51.25 -9.91 18.54
CA ALA G 35 -50.30 -11.02 18.42
C ALA G 35 -50.85 -12.29 19.04
N ILE G 36 -51.55 -12.19 20.17
CA ILE G 36 -52.14 -13.35 20.82
C ILE G 36 -53.21 -13.97 19.94
N VAL G 37 -54.05 -13.16 19.32
CA VAL G 37 -55.06 -13.70 18.42
C VAL G 37 -54.42 -14.39 17.23
N ALA G 38 -53.37 -13.78 16.66
CA ALA G 38 -52.68 -14.39 15.53
C ALA G 38 -52.04 -15.72 15.93
N HIS G 39 -51.42 -15.77 17.11
CA HIS G 39 -50.81 -17.00 17.59
C HIS G 39 -51.84 -18.08 17.83
N LEU G 40 -52.99 -17.72 18.40
CA LEU G 40 -54.03 -18.70 18.65
C LEU G 40 -54.57 -19.26 17.33
N ALA G 41 -54.77 -18.41 16.34
CA ALA G 41 -55.21 -18.88 15.04
C ALA G 41 -54.19 -19.82 14.40
N VAL G 42 -52.91 -19.45 14.45
CA VAL G 42 -51.88 -20.31 13.88
C VAL G 42 -51.80 -21.64 14.62
N TYR G 43 -51.89 -21.61 15.95
CA TYR G 43 -51.82 -22.83 16.73
C TYR G 43 -52.98 -23.76 16.41
N ILE G 44 -54.18 -23.21 16.21
CA ILE G 44 -55.28 -24.05 15.76
C ILE G 44 -55.00 -24.60 14.38
N TRP G 45 -54.39 -23.80 13.50
CA TRP G 45 -54.07 -24.27 12.16
C TRP G 45 -52.98 -25.35 12.20
N ARG G 46 -51.88 -25.09 12.88
CA ARG G 46 -50.77 -26.03 12.96
C ARG G 46 -50.09 -25.88 14.30
N PRO G 47 -50.48 -26.68 15.29
CA PRO G 47 -49.81 -26.60 16.59
C PRO G 47 -48.34 -26.97 16.48
N TRP G 48 -47.49 -26.23 17.19
CA TRP G 48 -46.06 -26.52 17.21
C TRP G 48 -45.64 -27.26 18.47
N PHE G 49 -46.60 -27.73 19.25
CA PHE G 49 -46.30 -28.56 20.41
C PHE G 49 -47.05 -29.88 20.30
N FME H 1 -24.74 -6.39 50.47
CN FME H 1 -23.89 -5.35 50.18
O1 FME H 1 -22.89 -5.09 50.86
CA FME H 1 -25.91 -6.71 49.69
CB FME H 1 -26.55 -8.04 50.11
CG FME H 1 -27.49 -8.57 49.06
SD FME H 1 -28.53 -9.77 49.84
CE FME H 1 -27.51 -11.19 49.85
C FME H 1 -26.99 -5.62 49.81
O FME H 1 -27.83 -5.40 48.94
N SER H 2 -26.93 -4.92 50.94
CA SER H 2 -27.86 -3.84 51.20
C SER H 2 -27.39 -2.56 50.51
N LYS H 3 -26.13 -2.56 50.08
CA LYS H 3 -25.52 -1.41 49.42
C LYS H 3 -25.24 -1.66 47.95
N PHE H 4 -25.92 -2.62 47.33
CA PHE H 4 -25.76 -2.85 45.90
C PHE H 4 -26.26 -1.65 45.10
N TYR H 5 -27.19 -0.88 45.67
CA TYR H 5 -27.76 0.27 44.96
C TYR H 5 -26.70 1.29 44.58
N LYS H 6 -25.55 1.28 45.27
CA LYS H 6 -24.46 2.19 44.94
C LYS H 6 -23.79 1.85 43.62
N ILE H 7 -24.26 0.82 42.89
CA ILE H 7 -23.78 0.61 41.54
C ILE H 7 -24.19 1.78 40.64
N TRP H 8 -25.29 2.44 40.97
CA TRP H 8 -25.81 3.54 40.17
C TRP H 8 -25.11 4.87 40.46
N MET H 9 -24.32 4.94 41.52
CA MET H 9 -23.45 6.08 41.76
C MET H 9 -22.11 5.94 41.08
N ILE H 10 -21.86 4.81 40.43
CA ILE H 10 -20.63 4.57 39.69
C ILE H 10 -20.89 4.46 38.20
N PHE H 11 -21.99 3.83 37.81
CA PHE H 11 -22.32 3.60 36.41
C PHE H 11 -23.60 4.34 36.03
N ASP H 12 -23.59 4.93 34.85
CA ASP H 12 -24.73 5.70 34.36
C ASP H 12 -25.90 4.76 34.11
N PRO H 13 -27.10 5.09 34.59
CA PRO H 13 -28.26 4.24 34.30
C PRO H 13 -28.54 4.05 32.82
N ARG H 14 -28.31 5.08 32.00
CA ARG H 14 -28.63 4.95 30.58
C ARG H 14 -27.72 3.95 29.89
N ARG H 15 -26.41 4.06 30.10
CA ARG H 15 -25.48 3.11 29.51
C ARG H 15 -25.73 1.70 30.01
N VAL H 16 -25.97 1.56 31.32
CA VAL H 16 -26.18 0.25 31.91
C VAL H 16 -27.43 -0.39 31.32
N PHE H 17 -28.52 0.37 31.23
CA PHE H 17 -29.76 -0.17 30.72
C PHE H 17 -29.64 -0.56 29.25
N VAL H 18 -29.00 0.27 28.44
CA VAL H 18 -28.85 -0.07 27.02
C VAL H 18 -28.00 -1.32 26.85
N ALA H 19 -26.87 -1.38 27.56
CA ALA H 19 -25.99 -2.54 27.46
C ALA H 19 -26.68 -3.80 27.95
N GLN H 20 -27.43 -3.70 29.04
CA GLN H 20 -28.15 -4.85 29.56
C GLN H 20 -29.23 -5.34 28.60
N GLY H 21 -29.95 -4.41 27.97
CA GLY H 21 -30.94 -4.82 26.99
C GLY H 21 -30.32 -5.54 25.81
N VAL H 22 -29.23 -4.97 25.28
CA VAL H 22 -28.54 -5.62 24.16
C VAL H 22 -28.02 -6.99 24.57
N PHE H 23 -27.42 -7.09 25.76
CA PHE H 23 -26.89 -8.36 26.23
C PHE H 23 -27.99 -9.40 26.37
N LEU H 24 -29.11 -9.01 26.98
CA LEU H 24 -30.20 -9.97 27.20
C LEU H 24 -30.79 -10.43 25.87
N PHE H 25 -30.99 -9.52 24.93
CA PHE H 25 -31.53 -9.93 23.64
C PHE H 25 -30.58 -10.88 22.91
N LEU H 26 -29.29 -10.56 22.90
CA LEU H 26 -28.34 -11.41 22.19
C LEU H 26 -28.19 -12.77 22.87
N LEU H 27 -28.20 -12.80 24.20
CA LEU H 27 -28.14 -14.08 24.90
C LEU H 27 -29.37 -14.94 24.60
N ALA H 28 -30.56 -14.33 24.61
CA ALA H 28 -31.77 -15.09 24.31
C ALA H 28 -31.76 -15.61 22.88
N VAL H 29 -31.33 -14.78 21.94
CA VAL H 29 -31.26 -15.22 20.55
C VAL H 29 -30.27 -16.37 20.40
N MET H 30 -29.12 -16.26 21.06
CA MET H 30 -28.12 -17.32 21.00
C MET H 30 -28.67 -18.63 21.55
N ILE H 31 -29.35 -18.57 22.70
CA ILE H 31 -29.87 -19.80 23.29
C ILE H 31 -30.96 -20.41 22.42
N HIS H 32 -31.85 -19.58 21.86
CA HIS H 32 -32.89 -20.10 20.99
C HIS H 32 -32.29 -20.75 19.75
N LEU H 33 -31.28 -20.13 19.15
CA LEU H 33 -30.64 -20.71 17.97
C LEU H 33 -29.90 -22.00 18.31
N ILE H 34 -29.26 -22.05 19.49
CA ILE H 34 -28.59 -23.27 19.91
C ILE H 34 -29.60 -24.41 20.05
N LEU H 35 -30.75 -24.12 20.65
CA LEU H 35 -31.78 -25.15 20.78
C LEU H 35 -32.32 -25.58 19.42
N LEU H 36 -32.47 -24.62 18.49
CA LEU H 36 -32.94 -24.96 17.17
C LEU H 36 -31.93 -25.81 16.41
N SER H 37 -30.64 -25.63 16.68
CA SER H 37 -29.61 -26.40 16.02
C SER H 37 -29.50 -27.83 16.53
N THR H 38 -30.06 -28.11 17.71
CA THR H 38 -30.08 -29.47 18.24
C THR H 38 -31.37 -30.15 17.79
N PRO H 39 -31.30 -31.28 17.07
CA PRO H 39 -32.52 -31.93 16.58
C PRO H 39 -33.46 -32.39 17.68
N SER H 40 -32.95 -32.66 18.88
CA SER H 40 -33.79 -33.12 19.98
C SER H 40 -34.53 -31.98 20.68
N TYR H 41 -34.23 -30.74 20.34
CA TYR H 41 -34.92 -29.60 20.91
C TYR H 41 -35.42 -28.58 19.89
N ASN H 42 -35.26 -28.87 18.60
CA ASN H 42 -35.84 -28.04 17.54
C ASN H 42 -37.34 -28.27 17.52
N TRP H 43 -38.10 -27.38 18.15
CA TRP H 43 -39.52 -27.63 18.37
C TRP H 43 -40.29 -27.69 17.07
N LEU H 44 -39.83 -26.98 16.03
CA LEU H 44 -40.47 -27.09 14.72
C LEU H 44 -40.31 -28.49 14.15
N GLU H 45 -39.10 -29.06 14.23
CA GLU H 45 -38.88 -30.42 13.75
C GLU H 45 -39.62 -31.44 14.61
N ILE H 46 -39.66 -31.22 15.93
CA ILE H 46 -40.38 -32.14 16.81
C ILE H 46 -41.86 -32.16 16.46
N SER H 47 -42.45 -30.99 16.23
CA SER H 47 -43.85 -30.94 15.83
C SER H 47 -44.07 -31.56 14.46
N ALA H 48 -43.14 -31.34 13.53
CA ALA H 48 -43.27 -31.92 12.20
C ALA H 48 -43.25 -33.44 12.25
N ALA H 49 -42.39 -34.01 13.09
CA ALA H 49 -42.35 -35.47 13.22
C ALA H 49 -43.53 -35.99 14.04
N LYS H 50 -44.07 -35.18 14.94
CA LYS H 50 -45.15 -35.64 15.80
C LYS H 50 -46.48 -35.73 15.05
N TYR H 51 -46.73 -34.81 14.12
CA TYR H 51 -48.00 -34.75 13.41
C TYR H 51 -47.89 -35.23 11.97
N ASN H 52 -46.76 -35.83 11.59
CA ASN H 52 -46.55 -36.36 10.24
C ASN H 52 -46.73 -35.28 9.19
N ARG H 53 -45.84 -34.28 9.25
CA ARG H 53 -45.83 -33.17 8.30
C ARG H 53 -44.70 -33.26 7.30
N VAL H 54 -43.95 -34.36 7.30
CA VAL H 54 -42.79 -34.51 6.44
C VAL H 54 -42.87 -35.82 5.66
N ASP I 6 -24.71 10.93 47.64
CA ASP I 6 -23.38 11.15 48.23
C ASP I 6 -22.37 11.52 47.15
N LEU I 7 -21.23 10.83 47.17
CA LEU I 7 -20.14 11.08 46.24
C LEU I 7 -20.06 9.92 45.25
N GLY I 8 -20.04 10.26 43.96
CA GLY I 8 -19.97 9.25 42.94
C GLY I 8 -19.55 9.84 41.62
N TYR I 9 -19.60 9.01 40.57
CA TYR I 9 -19.19 9.42 39.25
C TYR I 9 -20.35 9.91 38.38
N THR I 10 -21.59 9.55 38.73
CA THR I 10 -22.74 9.88 37.91
C THR I 10 -23.56 11.04 38.46
N GLY I 11 -23.11 11.66 39.55
CA GLY I 11 -23.85 12.78 40.12
C GLY I 11 -25.23 12.39 40.62
N LEU I 12 -25.38 11.18 41.13
CA LEU I 12 -26.64 10.71 41.69
C LEU I 12 -26.52 10.67 43.21
N THR I 13 -27.48 11.28 43.90
CA THR I 13 -27.46 11.23 45.35
C THR I 13 -27.81 9.83 45.82
N ASP I 14 -27.67 9.62 47.14
CA ASP I 14 -27.94 8.31 47.71
C ASP I 14 -29.41 7.92 47.52
N GLU I 15 -30.32 8.86 47.75
CA GLU I 15 -31.74 8.57 47.65
C GLU I 15 -32.15 8.27 46.20
N GLN I 16 -31.60 9.02 45.25
CA GLN I 16 -31.91 8.78 43.84
C GLN I 16 -31.43 7.39 43.42
N ALA I 17 -30.22 7.01 43.84
CA ALA I 17 -29.71 5.68 43.53
C ALA I 17 -30.57 4.60 44.17
N GLN I 18 -31.03 4.83 45.41
CA GLN I 18 -31.89 3.84 46.06
C GLN I 18 -33.20 3.66 45.31
N GLU I 19 -33.83 4.76 44.89
CA GLU I 19 -35.09 4.65 44.17
C GLU I 19 -34.89 3.95 42.83
N LEU I 20 -33.85 4.35 42.10
CA LEU I 20 -33.57 3.73 40.81
C LEU I 20 -33.28 2.25 40.95
N HIS I 21 -32.50 1.87 41.96
CA HIS I 21 -32.21 0.46 42.19
C HIS I 21 -33.47 -0.32 42.57
N SER I 22 -34.35 0.29 43.37
CA SER I 22 -35.57 -0.41 43.74
C SER I 22 -36.42 -0.72 42.51
N VAL I 23 -36.56 0.25 41.61
CA VAL I 23 -37.39 -0.01 40.44
C VAL I 23 -36.70 -0.99 39.50
N TYR I 24 -35.37 -0.88 39.35
CA TYR I 24 -34.63 -1.82 38.52
C TYR I 24 -34.76 -3.24 39.06
N MET I 25 -34.69 -3.41 40.38
CA MET I 25 -34.80 -4.74 40.97
C MET I 25 -36.21 -5.29 40.82
N SER I 26 -37.23 -4.44 40.91
CA SER I 26 -38.58 -4.91 40.64
C SER I 26 -38.71 -5.42 39.20
N GLY I 27 -38.15 -4.68 38.24
CA GLY I 27 -38.16 -5.16 36.86
C GLY I 27 -37.39 -6.45 36.67
N LEU I 28 -36.23 -6.57 37.34
CA LEU I 28 -35.44 -7.79 37.26
C LEU I 28 -36.18 -8.98 37.84
N TRP I 29 -36.87 -8.79 38.96
CA TRP I 29 -37.62 -9.89 39.56
C TRP I 29 -38.79 -10.29 38.69
N LEU I 30 -39.44 -9.32 38.03
CA LEU I 30 -40.51 -9.66 37.09
C LEU I 30 -39.98 -10.49 35.94
N PHE I 31 -38.87 -10.07 35.35
CA PHE I 31 -38.26 -10.82 34.25
C PHE I 31 -37.87 -12.21 34.70
N SER I 32 -37.29 -12.33 35.89
CA SER I 32 -36.87 -13.64 36.40
C SER I 32 -38.05 -14.54 36.69
N ALA I 33 -39.16 -13.99 37.19
CA ALA I 33 -40.34 -14.81 37.43
C ALA I 33 -40.90 -15.35 36.12
N VAL I 34 -40.96 -14.51 35.09
CA VAL I 34 -41.44 -14.97 33.79
C VAL I 34 -40.51 -16.05 33.23
N ALA I 35 -39.20 -15.84 33.35
CA ALA I 35 -38.25 -16.84 32.87
C ALA I 35 -38.37 -18.16 33.64
N ILE I 36 -38.60 -18.09 34.95
CA ILE I 36 -38.75 -19.30 35.74
C ILE I 36 -39.99 -20.07 35.31
N VAL I 37 -41.10 -19.37 35.09
CA VAL I 37 -42.32 -20.04 34.63
C VAL I 37 -42.09 -20.69 33.27
N ALA I 38 -41.42 -19.98 32.36
CA ALA I 38 -41.14 -20.56 31.05
C ALA I 38 -40.25 -21.79 31.16
N HIS I 39 -39.21 -21.73 32.00
CA HIS I 39 -38.32 -22.87 32.18
C HIS I 39 -39.06 -24.05 32.79
N LEU I 40 -39.95 -23.80 33.74
CA LEU I 40 -40.74 -24.88 34.33
C LEU I 40 -41.63 -25.53 33.29
N ALA I 41 -42.26 -24.73 32.43
CA ALA I 41 -43.09 -25.29 31.36
C ALA I 41 -42.25 -26.15 30.43
N VAL I 42 -41.07 -25.67 30.02
CA VAL I 42 -40.22 -26.44 29.11
C VAL I 42 -39.76 -27.73 29.77
N TYR I 43 -39.37 -27.66 31.05
CA TYR I 43 -38.88 -28.84 31.74
C TYR I 43 -39.97 -29.89 31.88
N ILE I 44 -41.21 -29.47 32.16
CA ILE I 44 -42.30 -30.43 32.19
C ILE I 44 -42.52 -31.02 30.80
N TRP I 45 -42.42 -30.19 29.77
CA TRP I 45 -42.62 -30.68 28.40
C TRP I 45 -41.52 -31.65 27.97
N ARG I 46 -40.25 -31.27 28.14
CA ARG I 46 -39.10 -32.09 27.78
C ARG I 46 -37.94 -31.81 28.72
N PRO I 47 -37.81 -32.54 29.83
CA PRO I 47 -36.70 -32.30 30.75
C PRO I 47 -35.36 -32.56 30.09
N TRP I 48 -34.37 -31.73 30.42
CA TRP I 48 -33.03 -31.87 29.89
C TRP I 48 -32.07 -32.54 30.87
N PHE I 49 -32.59 -33.09 31.95
CA PHE I 49 -31.78 -33.85 32.89
C PHE I 49 -32.34 -35.24 33.06
N FME J 1 -3.03 -8.66 53.82
CN FME J 1 -2.61 -7.44 53.36
O1 FME J 1 -1.60 -6.86 53.80
CA FME J 1 -4.21 -9.33 53.32
CB FME J 1 -4.34 -10.76 53.89
CG FME J 1 -5.07 -11.67 52.93
SD FME J 1 -6.74 -11.81 53.50
CE FME J 1 -6.53 -12.68 55.01
C FME J 1 -5.48 -8.58 53.64
O FME J 1 -6.49 -8.59 52.94
N SER J 2 -5.43 -7.88 54.78
CA SER J 2 -6.54 -7.08 55.25
C SER J 2 -6.57 -5.72 54.56
N LYS J 3 -5.51 -5.43 53.81
CA LYS J 3 -5.39 -4.17 53.08
C LYS J 3 -5.64 -4.31 51.60
N PHE J 4 -6.33 -5.39 51.17
CA PHE J 4 -6.62 -5.54 49.75
C PHE J 4 -7.54 -4.44 49.24
N TYR J 5 -8.30 -3.81 50.14
CA TYR J 5 -9.20 -2.74 49.74
C TYR J 5 -8.48 -1.62 49.03
N LYS J 6 -7.20 -1.40 49.36
CA LYS J 6 -6.42 -0.35 48.73
C LYS J 6 -6.27 -0.54 47.23
N ILE J 7 -6.70 -1.68 46.69
CA ILE J 7 -6.73 -1.87 45.25
C ILE J 7 -7.62 -0.82 44.59
N TRP J 8 -8.59 -0.28 45.32
CA TRP J 8 -9.45 0.78 44.80
C TRP J 8 -8.83 2.16 44.90
N MET J 9 -7.72 2.30 45.61
CA MET J 9 -6.94 3.53 45.60
C MET J 9 -5.94 3.57 44.45
N ILE J 10 -5.80 2.47 43.71
CA ILE J 10 -4.83 2.38 42.63
C ILE J 10 -5.51 2.24 41.27
N PHE J 11 -6.58 1.46 41.19
CA PHE J 11 -7.27 1.19 39.94
C PHE J 11 -8.66 1.83 39.93
N ASP J 12 -9.10 2.23 38.75
CA ASP J 12 -10.37 2.89 38.59
C ASP J 12 -11.52 1.92 38.80
N PRO J 13 -12.46 2.19 39.71
CA PRO J 13 -13.55 1.23 39.94
C PRO J 13 -14.38 0.93 38.71
N ARG J 14 -14.66 1.94 37.88
CA ARG J 14 -15.54 1.73 36.74
C ARG J 14 -14.90 0.79 35.71
N ARG J 15 -13.66 1.07 35.33
CA ARG J 15 -12.98 0.26 34.34
C ARG J 15 -12.70 -1.14 34.89
N VAL J 16 -12.35 -1.24 36.18
CA VAL J 16 -12.12 -2.54 36.80
C VAL J 16 -13.41 -3.36 36.80
N PHE J 17 -14.54 -2.75 37.14
CA PHE J 17 -15.79 -3.48 37.16
C PHE J 17 -16.21 -3.95 35.77
N VAL J 18 -16.04 -3.08 34.76
CA VAL J 18 -16.40 -3.48 33.41
C VAL J 18 -15.51 -4.64 32.94
N ALA J 19 -14.20 -4.56 33.20
CA ALA J 19 -13.31 -5.65 32.84
C ALA J 19 -13.67 -6.93 33.59
N GLN J 20 -14.00 -6.80 34.88
CA GLN J 20 -14.41 -7.95 35.68
C GLN J 20 -15.61 -8.66 35.06
N GLY J 21 -16.65 -7.89 34.74
CA GLY J 21 -17.86 -8.49 34.20
C GLY J 21 -17.65 -9.11 32.83
N VAL J 22 -16.92 -8.42 31.96
CA VAL J 22 -16.66 -8.96 30.62
C VAL J 22 -15.85 -10.24 30.72
N PHE J 23 -14.81 -10.25 31.57
CA PHE J 23 -13.99 -11.44 31.73
C PHE J 23 -14.80 -12.60 32.29
N LEU J 24 -15.65 -12.33 33.29
CA LEU J 24 -16.45 -13.40 33.88
C LEU J 24 -17.40 -14.00 32.85
N PHE J 25 -18.06 -13.15 32.05
CA PHE J 25 -18.97 -13.67 31.06
C PHE J 25 -18.24 -14.49 30.00
N LEU J 26 -17.10 -13.98 29.52
CA LEU J 26 -16.35 -14.70 28.50
C LEU J 26 -15.84 -16.04 29.02
N LEU J 27 -15.35 -16.07 30.26
CA LEU J 27 -14.90 -17.32 30.85
C LEU J 27 -16.04 -18.31 30.99
N ALA J 28 -17.20 -17.86 31.45
CA ALA J 28 -18.35 -18.77 31.58
C ALA J 28 -18.79 -19.31 30.23
N VAL J 29 -18.81 -18.45 29.20
CA VAL J 29 -19.17 -18.91 27.86
C VAL J 29 -18.16 -19.94 27.37
N MET J 30 -16.88 -19.69 27.58
CA MET J 30 -15.87 -20.65 27.14
C MET J 30 -16.03 -22.00 27.83
N ILE J 31 -16.30 -22.00 29.14
CA ILE J 31 -16.46 -23.27 29.84
C ILE J 31 -17.71 -23.99 29.37
N HIS J 32 -18.81 -23.26 29.19
CA HIS J 32 -20.05 -23.89 28.73
C HIS J 32 -19.88 -24.49 27.34
N LEU J 33 -19.20 -23.78 26.44
CA LEU J 33 -18.98 -24.29 25.09
C LEU J 33 -18.01 -25.46 25.07
N ILE J 34 -17.01 -25.46 25.94
CA ILE J 34 -16.13 -26.61 26.06
C ILE J 34 -16.91 -27.83 26.53
N LEU J 35 -17.79 -27.65 27.51
CA LEU J 35 -18.62 -28.76 27.97
C LEU J 35 -19.55 -29.24 26.86
N LEU J 36 -20.10 -28.33 26.08
CA LEU J 36 -20.96 -28.71 24.97
C LEU J 36 -20.19 -29.47 23.90
N SER J 37 -18.93 -29.12 23.67
CA SER J 37 -18.14 -29.80 22.66
C SER J 37 -17.76 -31.22 23.05
N THR J 38 -17.78 -31.55 24.33
CA THR J 38 -17.45 -32.90 24.77
C THR J 38 -18.70 -33.77 24.77
N PRO J 39 -18.69 -34.92 24.12
CA PRO J 39 -19.91 -35.75 24.05
C PRO J 39 -20.43 -36.19 25.41
N SER J 40 -19.55 -36.40 26.39
CA SER J 40 -19.97 -36.94 27.67
C SER J 40 -20.52 -35.89 28.61
N TYR J 41 -20.47 -34.60 28.26
CA TYR J 41 -21.00 -33.55 29.10
C TYR J 41 -21.90 -32.58 28.34
N ASN J 42 -22.30 -32.93 27.13
CA ASN J 42 -23.30 -32.16 26.39
C ASN J 42 -24.67 -32.56 26.92
N TRP J 43 -25.24 -31.73 27.79
CA TRP J 43 -26.44 -32.13 28.52
C TRP J 43 -27.63 -32.32 27.59
N LEU J 44 -27.68 -31.59 26.48
CA LEU J 44 -28.76 -31.78 25.52
C LEU J 44 -28.68 -33.15 24.85
N GLU J 45 -27.48 -33.54 24.41
CA GLU J 45 -27.29 -34.87 23.84
C GLU J 45 -27.49 -35.96 24.88
N ILE J 46 -27.05 -35.70 26.12
CA ILE J 46 -27.21 -36.67 27.19
C ILE J 46 -28.69 -36.93 27.44
N SER J 47 -29.49 -35.87 27.52
CA SER J 47 -30.93 -36.05 27.71
C SER J 47 -31.59 -36.70 26.50
N ALA J 48 -31.12 -36.38 25.29
CA ALA J 48 -31.65 -37.02 24.10
C ALA J 48 -31.40 -38.52 24.12
N ALA J 49 -30.21 -38.93 24.55
CA ALA J 49 -29.91 -40.35 24.66
C ALA J 49 -30.71 -41.01 25.77
N LYS J 50 -30.86 -40.31 26.90
CA LYS J 50 -31.57 -40.87 28.04
C LYS J 50 -33.05 -41.09 27.74
N TYR J 51 -33.69 -40.14 27.04
CA TYR J 51 -35.11 -40.19 26.81
C TYR J 51 -35.47 -40.69 25.42
N ASN J 52 -34.50 -41.17 24.64
CA ASN J 52 -34.72 -41.74 23.31
C ASN J 52 -35.41 -40.75 22.38
N ARG J 53 -34.91 -39.52 22.36
CA ARG J 53 -35.41 -38.49 21.46
C ARG J 53 -34.58 -38.44 20.19
N VAL J 54 -34.48 -39.59 19.54
CA VAL J 54 -33.70 -39.70 18.30
C VAL J 54 -34.57 -40.20 17.17
N LEU K 7 -4.31 9.00 49.72
CA LEU K 7 -3.66 9.43 48.49
C LEU K 7 -4.15 8.61 47.30
N GLY K 8 -3.29 7.71 46.84
CA GLY K 8 -3.65 6.84 45.74
C GLY K 8 -3.63 7.54 44.40
N TYR K 9 -4.13 6.81 43.39
CA TYR K 9 -4.17 7.31 42.03
C TYR K 9 -5.56 7.69 41.54
N THR K 10 -6.61 7.20 42.18
CA THR K 10 -7.97 7.32 41.66
C THR K 10 -8.79 8.40 42.34
N GLY K 11 -8.26 9.05 43.37
CA GLY K 11 -8.99 10.05 44.09
C GLY K 11 -9.94 9.53 45.13
N LEU K 12 -10.05 8.21 45.28
CA LEU K 12 -10.89 7.66 46.34
C LEU K 12 -10.22 7.83 47.69
N THR K 13 -11.02 8.15 48.70
CA THR K 13 -10.54 8.23 50.06
C THR K 13 -10.35 6.82 50.62
N ASP K 14 -9.58 6.73 51.70
CA ASP K 14 -9.40 5.46 52.39
C ASP K 14 -10.76 4.86 52.78
N GLU K 15 -11.66 5.68 53.35
CA GLU K 15 -12.98 5.19 53.73
C GLU K 15 -13.80 4.79 52.51
N GLN K 16 -13.72 5.58 51.43
CA GLN K 16 -14.45 5.25 50.21
C GLN K 16 -13.96 3.94 49.63
N ALA K 17 -12.64 3.74 49.59
CA ALA K 17 -12.09 2.48 49.10
C ALA K 17 -12.52 1.31 49.96
N GLN K 18 -12.54 1.48 51.30
CA GLN K 18 -12.99 0.41 52.16
C GLN K 18 -14.45 0.05 51.92
N GLU K 19 -15.31 1.06 51.77
CA GLU K 19 -16.73 0.78 51.57
C GLU K 19 -16.98 0.13 50.21
N LEU K 20 -16.31 0.62 49.17
CA LEU K 20 -16.45 0.03 47.85
C LEU K 20 -15.95 -1.41 47.85
N HIS K 21 -14.86 -1.68 48.56
CA HIS K 21 -14.37 -3.06 48.69
C HIS K 21 -15.36 -3.93 49.45
N SER K 22 -16.00 -3.37 50.47
CA SER K 22 -17.02 -4.13 51.20
C SER K 22 -18.14 -4.58 50.27
N VAL K 23 -18.66 -3.66 49.46
CA VAL K 23 -19.75 -4.02 48.57
C VAL K 23 -19.28 -4.98 47.49
N TYR K 24 -18.08 -4.76 46.94
CA TYR K 24 -17.55 -5.65 45.93
C TYR K 24 -17.36 -7.06 46.47
N MET K 25 -16.89 -7.18 47.71
CA MET K 25 -16.68 -8.50 48.28
C MET K 25 -18.00 -9.17 48.64
N SER K 26 -19.03 -8.39 49.01
CA SER K 26 -20.35 -8.99 49.16
C SER K 26 -20.84 -9.60 47.86
N GLY K 27 -20.67 -8.87 46.76
CA GLY K 27 -21.05 -9.40 45.46
C GLY K 27 -20.23 -10.64 45.09
N LEU K 28 -18.92 -10.60 45.37
CA LEU K 28 -18.06 -11.74 45.08
C LEU K 28 -18.48 -12.97 45.86
N TRP K 29 -18.81 -12.80 47.15
CA TRP K 29 -19.19 -13.93 47.97
C TRP K 29 -20.53 -14.51 47.53
N LEU K 30 -21.48 -13.65 47.14
CA LEU K 30 -22.74 -14.15 46.62
C LEU K 30 -22.53 -14.96 45.34
N PHE K 31 -21.73 -14.42 44.41
CA PHE K 31 -21.44 -15.15 43.18
C PHE K 31 -20.75 -16.47 43.47
N SER K 32 -19.80 -16.48 44.39
CA SER K 32 -19.08 -17.70 44.72
C SER K 32 -19.98 -18.74 45.37
N ALA K 33 -20.89 -18.30 46.24
CA ALA K 33 -21.82 -19.26 46.86
C ALA K 33 -22.72 -19.88 45.81
N VAL K 34 -23.24 -19.08 44.88
CA VAL K 34 -24.09 -19.63 43.82
C VAL K 34 -23.29 -20.61 42.96
N ALA K 35 -22.05 -20.26 42.62
CA ALA K 35 -21.21 -21.16 41.82
C ALA K 35 -20.90 -22.45 42.56
N ILE K 36 -20.67 -22.38 43.87
CA ILE K 36 -20.41 -23.58 44.66
C ILE K 36 -21.63 -24.50 44.66
N VAL K 37 -22.82 -23.93 44.82
CA VAL K 37 -24.03 -24.75 44.79
C VAL K 37 -24.20 -25.39 43.41
N ALA K 38 -23.96 -24.62 42.35
CA ALA K 38 -24.09 -25.17 41.00
C ALA K 38 -23.10 -26.30 40.76
N HIS K 39 -21.85 -26.12 41.21
CA HIS K 39 -20.83 -27.14 41.04
C HIS K 39 -21.17 -28.40 41.83
N LEU K 40 -21.69 -28.23 43.04
CA LEU K 40 -22.09 -29.40 43.83
C LEU K 40 -23.21 -30.16 43.16
N ALA K 41 -24.21 -29.44 42.62
CA ALA K 41 -25.30 -30.10 41.92
C ALA K 41 -24.80 -30.85 40.69
N VAL K 42 -23.91 -30.24 39.91
CA VAL K 42 -23.38 -30.93 38.73
C VAL K 42 -22.56 -32.14 39.14
N TYR K 43 -21.75 -32.02 40.20
CA TYR K 43 -20.93 -33.14 40.64
C TYR K 43 -21.78 -34.31 41.12
N ILE K 44 -22.88 -34.02 41.81
CA ILE K 44 -23.78 -35.11 42.19
C ILE K 44 -24.42 -35.72 40.96
N TRP K 45 -24.76 -34.89 39.97
CA TRP K 45 -25.32 -35.40 38.72
C TRP K 45 -24.29 -36.22 37.94
N ARG K 46 -23.17 -35.60 37.57
CA ARG K 46 -22.10 -36.28 36.84
C ARG K 46 -20.75 -35.86 37.40
N PRO K 47 -20.18 -36.66 38.32
CA PRO K 47 -18.84 -36.33 38.83
C PRO K 47 -17.81 -36.40 37.71
N TRP K 48 -16.85 -35.47 37.75
CA TRP K 48 -15.81 -35.43 36.74
C TRP K 48 -14.49 -35.99 37.25
N PHE K 49 -14.52 -36.70 38.36
CA PHE K 49 -13.33 -37.37 38.87
C PHE K 49 -13.64 -38.83 39.18
N FME L 1 17.32 -9.11 49.47
CN FME L 1 17.60 -7.87 48.98
O1 FME L 1 18.74 -7.35 49.03
CA FME L 1 16.03 -9.72 49.43
CB FME L 1 16.01 -11.12 50.07
CG FME L 1 15.11 -12.07 49.32
SD FME L 1 15.61 -13.70 49.79
CE FME L 1 17.31 -13.68 49.38
C FME L 1 14.96 -8.89 50.14
O FME L 1 13.82 -8.76 49.72
N SER L 2 15.37 -8.30 51.27
CA SER L 2 14.49 -7.45 52.05
C SER L 2 14.40 -6.06 51.45
N LYS L 3 14.92 -5.92 50.22
CA LYS L 3 14.91 -4.65 49.52
C LYS L 3 14.14 -4.72 48.21
N PHE L 4 13.39 -5.81 47.99
CA PHE L 4 12.65 -5.97 46.73
C PHE L 4 11.53 -4.97 46.58
N TYR L 5 11.04 -4.38 47.69
CA TYR L 5 9.93 -3.44 47.59
C TYR L 5 10.26 -2.25 46.70
N LYS L 6 11.55 -1.94 46.53
CA LYS L 6 11.95 -0.83 45.68
C LYS L 6 11.62 -1.07 44.22
N ILE L 7 11.22 -2.28 43.84
CA ILE L 7 10.66 -2.51 42.51
C ILE L 7 9.53 -1.53 42.24
N TRP L 8 8.83 -1.08 43.30
CA TRP L 8 7.70 -0.19 43.12
C TRP L 8 8.10 1.27 43.00
N MET L 9 9.36 1.61 43.23
CA MET L 9 9.85 2.94 42.90
C MET L 9 10.53 2.97 41.54
N ILE L 10 10.54 1.87 40.82
CA ILE L 10 11.10 1.80 39.48
C ILE L 10 10.02 1.58 38.43
N PHE L 11 9.03 0.75 38.74
CA PHE L 11 7.99 0.38 37.79
C PHE L 11 6.64 0.87 38.28
N ASP L 12 5.81 1.32 37.35
CA ASP L 12 4.47 1.78 37.69
C ASP L 12 3.67 0.63 38.29
N PRO L 13 3.13 0.78 39.50
CA PRO L 13 2.33 -0.30 40.07
C PRO L 13 1.16 -0.73 39.20
N ARG L 14 0.48 0.23 38.56
CA ARG L 14 -0.69 -0.11 37.76
C ARG L 14 -0.32 -0.99 36.58
N ARG L 15 0.69 -0.58 35.81
CA ARG L 15 1.10 -1.35 34.65
C ARG L 15 1.64 -2.72 35.07
N VAL L 16 2.41 -2.77 36.16
CA VAL L 16 2.95 -4.05 36.62
C VAL L 16 1.83 -4.99 37.02
N PHE L 17 0.85 -4.50 37.77
CA PHE L 17 -0.25 -5.34 38.20
C PHE L 17 -1.06 -5.84 37.01
N VAL L 18 -1.35 -4.96 36.04
CA VAL L 18 -2.14 -5.37 34.88
C VAL L 18 -1.37 -6.40 34.05
N ALA L 19 -0.08 -6.15 33.82
CA ALA L 19 0.73 -7.09 33.06
C ALA L 19 0.81 -8.44 33.75
N GLN L 20 1.00 -8.44 35.07
CA GLN L 20 1.07 -9.69 35.81
C GLN L 20 -0.24 -10.45 35.73
N GLY L 21 -1.38 -9.76 35.87
CA GLY L 21 -2.66 -10.43 35.78
C GLY L 21 -2.90 -11.04 34.42
N VAL L 22 -2.61 -10.28 33.36
CA VAL L 22 -2.80 -10.79 32.01
C VAL L 22 -1.90 -12.00 31.75
N PHE L 23 -0.63 -11.89 32.16
CA PHE L 23 0.32 -12.99 31.94
C PHE L 23 -0.11 -14.23 32.70
N LEU L 24 -0.54 -14.08 33.95
CA LEU L 24 -0.95 -15.22 34.74
C LEU L 24 -2.18 -15.89 34.15
N PHE L 25 -3.16 -15.10 33.71
CA PHE L 25 -4.34 -15.69 33.11
C PHE L 25 -4.00 -16.45 31.83
N LEU L 26 -3.18 -15.85 30.97
CA LEU L 26 -2.82 -16.52 29.73
C LEU L 26 -2.04 -17.79 29.99
N LEU L 27 -1.12 -17.75 30.96
CA LEU L 27 -0.36 -18.95 31.32
C LEU L 27 -1.26 -20.05 31.82
N ALA L 28 -2.20 -19.72 32.71
CA ALA L 28 -3.11 -20.74 33.23
C ALA L 28 -3.99 -21.33 32.13
N VAL L 29 -4.51 -20.48 31.24
CA VAL L 29 -5.33 -20.97 30.15
C VAL L 29 -4.53 -21.89 29.24
N MET L 30 -3.29 -21.51 28.93
CA MET L 30 -2.45 -22.34 28.07
C MET L 30 -2.18 -23.69 28.71
N ILE L 31 -1.89 -23.71 30.01
CA ILE L 31 -1.60 -24.98 30.68
C ILE L 31 -2.85 -25.86 30.74
N HIS L 32 -4.00 -25.26 31.03
CA HIS L 32 -5.24 -26.03 31.08
C HIS L 32 -5.57 -26.63 29.72
N LEU L 33 -5.37 -25.86 28.65
CA LEU L 33 -5.61 -26.38 27.30
C LEU L 33 -4.61 -27.46 26.91
N ILE L 34 -3.35 -27.32 27.34
CA ILE L 34 -2.37 -28.37 27.11
C ILE L 34 -2.81 -29.65 27.78
N LEU L 35 -3.29 -29.56 29.03
CA LEU L 35 -3.78 -30.74 29.73
C LEU L 35 -4.98 -31.35 29.03
N LEU L 36 -5.90 -30.51 28.56
CA LEU L 36 -7.07 -31.03 27.84
C LEU L 36 -6.67 -31.71 26.55
N SER L 37 -5.59 -31.27 25.92
CA SER L 37 -5.13 -31.87 24.67
C SER L 37 -4.45 -33.22 24.84
N THR L 38 -4.01 -33.55 26.05
CA THR L 38 -3.36 -34.83 26.29
C THR L 38 -4.40 -35.86 26.73
N PRO L 39 -4.54 -36.99 26.04
CA PRO L 39 -5.57 -37.96 26.43
C PRO L 39 -5.42 -38.49 27.85
N SER L 40 -4.20 -38.54 28.38
CA SER L 40 -3.99 -39.10 29.71
C SER L 40 -4.24 -38.11 30.83
N TYR L 41 -4.55 -36.85 30.51
CA TYR L 41 -4.85 -35.86 31.54
C TYR L 41 -6.11 -35.06 31.27
N ASN L 42 -6.80 -35.31 30.16
CA ASN L 42 -8.11 -34.71 29.92
C ASN L 42 -9.10 -35.30 30.91
N TRP L 43 -9.47 -34.52 31.92
CA TRP L 43 -10.26 -35.07 33.02
C TRP L 43 -11.68 -35.42 32.58
N LEU L 44 -12.23 -34.70 31.61
CA LEU L 44 -13.55 -35.05 31.09
C LEU L 44 -13.53 -36.42 30.41
N GLU L 45 -12.51 -36.65 29.57
CA GLU L 45 -12.36 -37.96 28.93
C GLU L 45 -12.06 -39.05 29.94
N ILE L 46 -11.22 -38.75 30.93
CA ILE L 46 -10.88 -39.75 31.94
C ILE L 46 -12.12 -40.17 32.70
N SER L 47 -12.96 -39.20 33.11
CA SER L 47 -14.20 -39.54 33.79
C SER L 47 -15.17 -40.27 32.87
N ALA L 48 -15.23 -39.90 31.59
CA ALA L 48 -16.10 -40.61 30.66
C ALA L 48 -15.71 -42.07 30.55
N ALA L 49 -14.41 -42.35 30.44
CA ALA L 49 -13.94 -43.72 30.39
C ALA L 49 -14.19 -44.44 31.70
N LYS L 50 -13.99 -43.75 32.83
CA LYS L 50 -14.13 -44.36 34.14
C LYS L 50 -15.57 -44.77 34.41
N TYR L 51 -16.53 -43.94 34.02
CA TYR L 51 -17.94 -44.18 34.30
C TYR L 51 -18.70 -44.75 33.10
N ASN L 52 -18.01 -45.10 32.03
CA ASN L 52 -18.62 -45.68 30.83
C ASN L 52 -19.74 -44.79 30.30
N ARG L 53 -19.38 -43.58 29.91
CA ARG L 53 -20.34 -42.60 29.42
C ARG L 53 -20.40 -42.53 27.90
N VAL L 54 -19.26 -42.66 27.23
CA VAL L 54 -19.25 -42.63 25.77
C VAL L 54 -19.17 -44.05 25.22
N LEU M 7 16.46 6.67 40.20
CA LEU M 7 15.40 6.18 41.08
C LEU M 7 14.23 7.14 41.13
N GLY M 8 13.21 6.77 41.90
CA GLY M 8 12.02 7.58 42.00
C GLY M 8 11.33 7.78 40.67
N TYR M 9 11.37 6.76 39.81
CA TYR M 9 10.76 6.89 38.49
C TYR M 9 9.25 7.05 38.60
N THR M 10 8.62 6.36 39.55
CA THR M 10 7.18 6.38 39.72
C THR M 10 6.72 7.47 40.66
N GLY M 11 7.63 8.20 41.29
CA GLY M 11 7.24 9.23 42.25
C GLY M 11 6.53 8.66 43.45
N LEU M 12 7.00 7.52 43.96
CA LEU M 12 6.35 6.82 45.05
C LEU M 12 7.34 6.75 46.21
N THR M 13 6.90 7.11 47.40
CA THR M 13 7.81 7.23 48.52
C THR M 13 8.26 5.85 49.00
N ASP M 14 9.25 5.85 49.88
CA ASP M 14 9.80 4.59 50.39
C ASP M 14 8.75 3.83 51.20
N GLU M 15 8.10 4.51 52.15
CA GLU M 15 7.10 3.84 52.97
C GLU M 15 5.90 3.39 52.15
N GLN M 16 5.50 4.18 51.15
CA GLN M 16 4.43 3.75 50.26
C GLN M 16 4.83 2.50 49.49
N ALA M 17 6.09 2.44 49.02
CA ALA M 17 6.57 1.25 48.34
C ALA M 17 6.55 0.04 49.26
N GLN M 18 6.97 0.21 50.52
CA GLN M 18 6.94 -0.92 51.45
C GLN M 18 5.53 -1.41 51.70
N GLU M 19 4.58 -0.48 51.88
CA GLU M 19 3.20 -0.91 52.13
C GLU M 19 2.60 -1.61 50.92
N LEU M 20 2.82 -1.06 49.73
CA LEU M 20 2.32 -1.68 48.51
C LEU M 20 2.94 -3.05 48.30
N HIS M 21 4.24 -3.19 48.57
CA HIS M 21 4.87 -4.50 48.44
C HIS M 21 4.38 -5.48 49.48
N SER M 22 4.06 -5.02 50.69
CA SER M 22 3.49 -5.93 51.67
C SER M 22 2.16 -6.49 51.21
N VAL M 23 1.30 -5.63 50.67
CA VAL M 23 0.01 -6.12 50.16
C VAL M 23 0.21 -7.05 48.98
N TYR M 24 1.09 -6.69 48.06
CA TYR M 24 1.35 -7.53 46.89
C TYR M 24 1.91 -8.89 47.30
N MET M 25 2.80 -8.90 48.30
CA MET M 25 3.38 -10.15 48.77
C MET M 25 2.34 -11.02 49.44
N SER M 26 1.42 -10.42 50.20
CA SER M 26 0.34 -11.21 50.78
C SER M 26 -0.52 -11.85 49.69
N GLY M 27 -0.84 -11.09 48.65
CA GLY M 27 -1.58 -11.67 47.54
C GLY M 27 -0.83 -12.78 46.84
N LEU M 28 0.47 -12.57 46.61
CA LEU M 28 1.30 -13.59 45.95
C LEU M 28 1.39 -14.86 46.78
N TRP M 29 1.55 -14.73 48.10
CA TRP M 29 1.65 -15.91 48.94
C TRP M 29 0.32 -16.66 49.02
N LEU M 30 -0.80 -15.93 49.05
CA LEU M 30 -2.09 -16.61 49.04
C LEU M 30 -2.30 -17.37 47.74
N PHE M 31 -2.00 -16.75 46.61
CA PHE M 31 -2.10 -17.42 45.31
C PHE M 31 -1.20 -18.63 45.26
N SER M 32 0.03 -18.51 45.76
CA SER M 32 0.98 -19.61 45.71
C SER M 32 0.55 -20.76 46.60
N ALA M 33 0.00 -20.46 47.78
CA ALA M 33 -0.49 -21.53 48.65
C ALA M 33 -1.64 -22.29 48.01
N VAL M 34 -2.57 -21.57 47.39
CA VAL M 34 -3.67 -22.25 46.69
C VAL M 34 -3.12 -23.11 45.56
N ALA M 35 -2.17 -22.58 44.79
CA ALA M 35 -1.59 -23.34 43.67
C ALA M 35 -0.86 -24.58 44.15
N ILE M 36 -0.13 -24.48 45.26
CA ILE M 36 0.59 -25.63 45.80
C ILE M 36 -0.39 -26.69 46.27
N VAL M 37 -1.47 -26.29 46.94
CA VAL M 37 -2.47 -27.26 47.37
C VAL M 37 -3.09 -27.95 46.17
N ALA M 38 -3.41 -27.19 45.12
CA ALA M 38 -3.98 -27.78 43.91
C ALA M 38 -3.02 -28.77 43.27
N HIS M 39 -1.73 -28.42 43.22
CA HIS M 39 -0.73 -29.31 42.64
C HIS M 39 -0.59 -30.59 43.45
N LEU M 40 -0.63 -30.48 44.78
CA LEU M 40 -0.59 -31.68 45.61
C LEU M 40 -1.80 -32.57 45.35
N ALA M 41 -2.99 -31.98 45.24
CA ALA M 41 -4.19 -32.77 44.96
C ALA M 41 -4.08 -33.48 43.62
N VAL M 42 -3.62 -32.78 42.59
CA VAL M 42 -3.48 -33.39 41.28
C VAL M 42 -2.42 -34.48 41.28
N TYR M 43 -1.30 -34.25 41.96
CA TYR M 43 -0.24 -35.26 42.00
C TYR M 43 -0.71 -36.51 42.74
N ILE M 44 -1.42 -36.36 43.84
CA ILE M 44 -1.94 -37.53 44.55
C ILE M 44 -2.95 -38.26 43.70
N TRP M 45 -3.81 -37.51 43.00
CA TRP M 45 -4.79 -38.15 42.12
C TRP M 45 -4.12 -38.85 40.94
N ARG M 46 -3.24 -38.15 40.23
CA ARG M 46 -2.66 -38.65 38.99
C ARG M 46 -1.30 -38.01 38.79
N PRO M 47 -0.24 -38.64 39.31
CA PRO M 47 1.09 -38.03 39.24
C PRO M 47 1.65 -38.01 37.82
N TRP M 48 2.52 -37.03 37.56
CA TRP M 48 3.11 -36.85 36.24
C TRP M 48 4.59 -37.23 36.22
N PHE M 49 5.06 -37.97 37.22
CA PHE M 49 6.44 -38.44 37.24
C PHE M 49 6.49 -39.93 37.52
N FME N 1 35.44 -6.98 38.29
CN FME N 1 35.37 -5.81 37.56
O1 FME N 1 36.36 -5.13 37.26
CA FME N 1 34.29 -7.77 38.62
CB FME N 1 34.65 -9.21 39.00
CG FME N 1 36.11 -9.36 39.34
SD FME N 1 36.98 -9.57 37.81
CE FME N 1 36.29 -11.06 37.20
C FME N 1 33.51 -7.18 39.80
O FME N 1 32.38 -7.54 40.12
N SER N 2 34.17 -6.23 40.47
CA SER N 2 33.58 -5.56 41.62
C SER N 2 33.08 -4.17 41.23
N LYS N 3 33.10 -3.89 39.93
CA LYS N 3 32.62 -2.62 39.41
C LYS N 3 31.52 -2.82 38.38
N PHE N 4 30.87 -3.99 38.39
CA PHE N 4 29.78 -4.27 37.48
C PHE N 4 28.56 -3.40 37.74
N TYR N 5 28.39 -2.90 38.96
CA TYR N 5 27.22 -2.09 39.29
C TYR N 5 27.12 -0.86 38.41
N LYS N 6 28.25 -0.38 37.88
CA LYS N 6 28.24 0.81 37.04
C LYS N 6 27.51 0.59 35.73
N ILE N 7 27.14 -0.65 35.41
CA ILE N 7 26.28 -0.90 34.27
C ILE N 7 24.95 -0.16 34.43
N TRP N 8 24.57 0.15 35.68
CA TRP N 8 23.33 0.87 35.91
C TRP N 8 23.47 2.38 35.74
N MET N 9 24.70 2.89 35.61
CA MET N 9 24.90 4.28 35.22
C MET N 9 25.11 4.42 33.72
N ILE N 10 24.97 3.33 32.97
CA ILE N 10 25.00 3.36 31.52
C ILE N 10 23.63 3.07 30.92
N PHE N 11 22.92 2.08 31.46
CA PHE N 11 21.67 1.61 30.91
C PHE N 11 20.52 1.88 31.85
N ASP N 12 19.35 2.13 31.29
CA ASP N 12 18.17 2.42 32.10
C ASP N 12 17.69 1.15 32.80
N PRO N 13 17.53 1.15 34.12
CA PRO N 13 17.07 -0.06 34.80
C PRO N 13 15.73 -0.58 34.32
N ARG N 14 14.79 0.31 33.97
CA ARG N 14 13.47 -0.13 33.54
C ARG N 14 13.55 -0.90 32.23
N ARG N 15 14.22 -0.33 31.22
CA ARG N 15 14.33 -1.00 29.94
C ARG N 15 15.12 -2.29 30.05
N VAL N 16 16.20 -2.29 30.83
CA VAL N 16 17.00 -3.49 31.01
C VAL N 16 16.16 -4.59 31.67
N PHE N 17 15.41 -4.24 32.72
CA PHE N 17 14.59 -5.23 33.40
C PHE N 17 13.50 -5.77 32.48
N VAL N 18 12.85 -4.90 31.71
CA VAL N 18 11.78 -5.36 30.82
C VAL N 18 12.34 -6.28 29.75
N ALA N 19 13.46 -5.89 29.13
CA ALA N 19 14.08 -6.72 28.09
C ALA N 19 14.52 -8.05 28.66
N GLN N 20 15.12 -8.04 29.84
CA GLN N 20 15.59 -9.27 30.46
C GLN N 20 14.43 -10.20 30.80
N GLY N 21 13.34 -9.65 31.35
CA GLY N 21 12.18 -10.48 31.65
C GLY N 21 11.55 -11.08 30.41
N VAL N 22 11.41 -10.27 29.35
CA VAL N 22 10.83 -10.78 28.11
C VAL N 22 11.71 -11.88 27.53
N PHE N 23 13.02 -11.67 27.51
CA PHE N 23 13.92 -12.69 26.96
C PHE N 23 13.89 -13.97 27.79
N LEU N 24 13.89 -13.84 29.12
CA LEU N 24 13.89 -15.02 29.97
C LEU N 24 12.60 -15.82 29.81
N PHE N 25 11.45 -15.13 29.76
CA PHE N 25 10.20 -15.85 29.56
C PHE N 25 10.15 -16.53 28.20
N LEU N 26 10.59 -15.84 27.15
CA LEU N 26 10.57 -16.44 25.82
C LEU N 26 11.49 -17.65 25.75
N LEU N 27 12.68 -17.55 26.36
CA LEU N 27 13.60 -18.67 26.38
C LEU N 27 13.03 -19.86 27.14
N ALA N 28 12.41 -19.61 28.30
CA ALA N 28 11.84 -20.70 29.08
C ALA N 28 10.71 -21.39 28.34
N VAL N 29 9.83 -20.61 27.72
CA VAL N 29 8.73 -21.19 26.94
C VAL N 29 9.28 -21.99 25.76
N MET N 30 10.29 -21.45 25.08
CA MET N 30 10.92 -22.17 23.98
C MET N 30 11.45 -23.51 24.44
N ILE N 31 12.21 -23.53 25.53
CA ILE N 31 12.81 -24.78 25.99
C ILE N 31 11.73 -25.78 26.40
N HIS N 32 10.70 -25.31 27.13
CA HIS N 32 9.65 -26.21 27.56
C HIS N 32 8.93 -26.83 26.37
N LEU N 33 8.63 -26.02 25.35
CA LEU N 33 7.94 -26.54 24.18
C LEU N 33 8.84 -27.47 23.37
N ILE N 34 10.14 -27.19 23.32
CA ILE N 34 11.07 -28.09 22.65
C ILE N 34 11.11 -29.44 23.36
N LEU N 35 11.14 -29.42 24.69
CA LEU N 35 11.14 -30.66 25.46
C LEU N 35 9.85 -31.44 25.26
N LEU N 36 8.71 -30.73 25.19
CA LEU N 36 7.45 -31.41 24.90
C LEU N 36 7.43 -32.01 23.50
N SER N 37 8.02 -31.30 22.53
CA SER N 37 8.10 -31.82 21.17
C SER N 37 8.99 -33.05 21.06
N THR N 38 9.90 -33.24 22.00
CA THR N 38 10.76 -34.41 22.02
C THR N 38 10.05 -35.56 22.72
N PRO N 39 9.76 -36.66 22.03
CA PRO N 39 9.04 -37.77 22.70
C PRO N 39 9.81 -38.41 23.84
N SER N 40 11.13 -38.27 23.88
CA SER N 40 11.93 -38.83 24.96
C SER N 40 12.00 -37.90 26.17
N TYR N 41 11.43 -36.71 26.09
CA TYR N 41 11.41 -35.79 27.22
C TYR N 41 10.03 -35.19 27.48
N ASN N 42 9.02 -35.60 26.74
CA ASN N 42 7.64 -35.18 26.99
C ASN N 42 7.16 -35.89 28.25
N TRP N 43 7.15 -35.17 29.37
CA TRP N 43 6.91 -35.81 30.66
C TRP N 43 5.49 -36.33 30.80
N LEU N 44 4.52 -35.67 30.16
CA LEU N 44 3.15 -36.18 30.18
C LEU N 44 3.05 -37.53 29.48
N GLU N 45 3.68 -37.65 28.32
CA GLU N 45 3.70 -38.93 27.61
C GLU N 45 4.50 -39.98 28.36
N ILE N 46 5.60 -39.58 28.99
CA ILE N 46 6.40 -40.52 29.76
C ILE N 46 5.59 -41.09 30.92
N SER N 47 4.87 -40.23 31.63
CA SER N 47 4.03 -40.70 32.72
C SER N 47 2.86 -41.53 32.22
N ALA N 48 2.30 -41.17 31.06
CA ALA N 48 1.20 -41.96 30.49
C ALA N 48 1.66 -43.37 30.16
N ALA N 49 2.85 -43.50 29.57
CA ALA N 49 3.38 -44.83 29.29
C ALA N 49 3.74 -45.58 30.56
N LYS N 50 4.31 -44.88 31.54
CA LYS N 50 4.77 -45.53 32.76
C LYS N 50 3.61 -46.12 33.56
N TYR N 51 2.48 -45.42 33.62
CA TYR N 51 1.34 -45.83 34.41
C TYR N 51 0.25 -46.49 33.58
N ASN N 52 0.51 -46.75 32.29
CA ASN N 52 -0.45 -47.41 31.41
C ASN N 52 -1.78 -46.67 31.36
N ARG N 53 -1.72 -45.35 31.28
CA ARG N 53 -2.95 -44.56 31.33
C ARG N 53 -3.72 -44.65 30.01
N VAL N 54 -3.01 -44.71 28.89
CA VAL N 54 -3.68 -44.80 27.59
C VAL N 54 -3.27 -46.08 26.88
N LEU O 7 29.59 10.25 37.07
CA LEU O 7 28.86 10.58 35.85
C LEU O 7 28.28 9.34 35.20
N GLY O 8 27.16 9.51 34.51
CA GLY O 8 26.51 8.41 33.84
C GLY O 8 25.58 8.91 32.75
N TYR O 9 24.77 7.99 32.24
CA TYR O 9 23.82 8.30 31.19
C TYR O 9 22.37 8.24 31.67
N THR O 10 22.11 7.75 32.88
CA THR O 10 20.75 7.52 33.35
C THR O 10 20.35 8.39 34.53
N GLY O 11 21.28 9.11 35.15
CA GLY O 11 21.00 9.95 36.28
C GLY O 11 21.24 9.29 37.62
N LEU O 12 21.39 7.98 37.66
CA LEU O 12 21.67 7.29 38.91
C LEU O 12 23.06 7.65 39.41
N THR O 13 23.16 7.92 40.71
CA THR O 13 24.45 8.17 41.32
C THR O 13 25.19 6.86 41.57
N ASP O 14 26.43 6.98 42.06
CA ASP O 14 27.25 5.80 42.29
C ASP O 14 26.66 4.89 43.37
N GLU O 15 26.26 5.44 44.51
CA GLU O 15 25.69 4.60 45.57
C GLU O 15 24.30 4.10 45.20
N GLN O 16 23.49 4.89 44.49
CA GLN O 16 22.21 4.38 44.00
C GLN O 16 22.42 3.20 43.05
N ALA O 17 23.40 3.30 42.15
CA ALA O 17 23.71 2.18 41.28
C ALA O 17 24.19 0.98 42.06
N GLN O 18 25.02 1.20 43.09
CA GLN O 18 25.49 0.11 43.94
C GLN O 18 24.34 -0.61 44.62
N GLU O 19 23.41 0.14 45.20
CA GLU O 19 22.33 -0.47 45.97
C GLU O 19 21.22 -1.00 45.08
N LEU O 20 21.15 -0.56 43.81
CA LEU O 20 20.27 -1.21 42.85
C LEU O 20 20.88 -2.53 42.36
N HIS O 21 22.19 -2.53 42.12
CA HIS O 21 22.86 -3.74 41.68
C HIS O 21 22.83 -4.82 42.74
N SER O 22 22.96 -4.43 44.01
CA SER O 22 22.89 -5.43 45.07
C SER O 22 21.56 -6.18 45.06
N VAL O 23 20.46 -5.44 44.91
CA VAL O 23 19.13 -6.06 44.91
C VAL O 23 18.94 -6.91 43.66
N TYR O 24 19.33 -6.36 42.49
CA TYR O 24 19.17 -7.11 41.26
C TYR O 24 19.96 -8.41 41.30
N MET O 25 21.17 -8.37 41.83
CA MET O 25 22.02 -9.55 41.84
C MET O 25 21.58 -10.54 42.90
N SER O 26 20.96 -10.06 43.99
CA SER O 26 20.32 -10.97 44.93
C SER O 26 19.18 -11.74 44.27
N GLY O 27 18.35 -11.04 43.51
CA GLY O 27 17.32 -11.72 42.74
C GLY O 27 17.89 -12.69 41.72
N LEU O 28 19.00 -12.31 41.08
CA LEU O 28 19.64 -13.20 40.13
C LEU O 28 20.14 -14.47 40.79
N TRP O 29 20.76 -14.35 41.97
CA TRP O 29 21.19 -15.54 42.69
C TRP O 29 20.02 -16.40 43.12
N LEU O 30 18.91 -15.80 43.54
CA LEU O 30 17.74 -16.59 43.90
C LEU O 30 17.23 -17.40 42.71
N PHE O 31 17.07 -16.73 41.57
CA PHE O 31 16.61 -17.41 40.36
C PHE O 31 17.58 -18.50 39.95
N SER O 32 18.89 -18.22 40.01
CA SER O 32 19.89 -19.19 39.59
C SER O 32 19.92 -20.39 40.51
N ALA O 33 19.75 -20.19 41.82
CA ALA O 33 19.71 -21.32 42.74
C ALA O 33 18.50 -22.21 42.46
N VAL O 34 17.34 -21.60 42.22
CA VAL O 34 16.17 -22.40 41.89
C VAL O 34 16.40 -23.18 40.60
N ALA O 35 16.97 -22.52 39.58
CA ALA O 35 17.23 -23.19 38.31
C ALA O 35 18.25 -24.32 38.46
N ILE O 36 19.27 -24.12 39.29
CA ILE O 36 20.27 -25.16 39.51
C ILE O 36 19.65 -26.38 40.18
N VAL O 37 18.81 -26.16 41.19
CA VAL O 37 18.14 -27.30 41.83
C VAL O 37 17.22 -28.00 40.85
N ALA O 38 16.51 -27.24 40.02
CA ALA O 38 15.65 -27.85 39.01
C ALA O 38 16.45 -28.71 38.04
N HIS O 39 17.59 -28.20 37.57
CA HIS O 39 18.42 -28.95 36.64
C HIS O 39 18.99 -30.21 37.29
N LEU O 40 19.39 -30.12 38.55
CA LEU O 40 19.89 -31.30 39.25
C LEU O 40 18.80 -32.36 39.37
N ALA O 41 17.58 -31.95 39.73
CA ALA O 41 16.49 -32.90 39.85
C ALA O 41 16.16 -33.55 38.51
N VAL O 42 16.12 -32.75 37.44
CA VAL O 42 15.83 -33.30 36.12
C VAL O 42 16.93 -34.25 35.67
N TYR O 43 18.19 -33.89 35.91
CA TYR O 43 19.29 -34.75 35.50
C TYR O 43 19.29 -36.08 36.24
N ILE O 44 18.98 -36.05 37.55
CA ILE O 44 18.87 -37.30 38.28
C ILE O 44 17.67 -38.11 37.78
N TRP O 45 16.59 -37.43 37.40
CA TRP O 45 15.42 -38.12 36.83
C TRP O 45 15.79 -38.84 35.55
N ARG O 46 16.18 -38.10 34.52
CA ARG O 46 16.75 -38.73 33.33
C ARG O 46 17.79 -37.81 32.71
N PRO O 47 19.07 -38.22 32.76
CA PRO O 47 20.14 -37.35 32.24
C PRO O 47 20.11 -37.22 30.73
N TRP O 48 20.57 -36.06 30.25
CA TRP O 48 20.65 -35.80 28.82
C TRP O 48 22.04 -35.99 28.24
N PHE O 49 22.97 -36.52 29.03
CA PHE O 49 24.30 -36.82 28.53
C PHE O 49 24.62 -38.29 28.75
N FME P 1 48.61 -1.88 21.52
CN FME P 1 48.18 -0.63 21.17
O1 FME P 1 48.91 0.19 20.58
CA FME P 1 47.78 -2.84 22.20
CB FME P 1 48.54 -4.14 22.53
CG FME P 1 48.17 -5.25 21.59
SD FME P 1 47.60 -6.62 22.56
CE FME P 1 46.33 -5.87 23.51
C FME P 1 47.21 -2.31 23.50
O FME P 1 46.06 -2.51 23.88
N SER P 2 48.07 -1.58 24.21
CA SER P 2 47.72 -1.03 25.52
C SER P 2 46.95 0.27 25.41
N LYS P 3 46.51 0.60 24.20
CA LYS P 3 45.71 1.79 23.95
C LYS P 3 44.31 1.45 23.43
N PHE P 4 43.88 0.20 23.56
CA PHE P 4 42.57 -0.20 23.06
C PHE P 4 41.43 0.50 23.80
N TYR P 5 41.66 0.94 25.03
CA TYR P 5 40.59 1.57 25.80
C TYR P 5 40.07 2.83 25.11
N LYS P 6 40.87 3.43 24.24
CA LYS P 6 40.43 4.61 23.51
C LYS P 6 39.28 4.32 22.57
N ILE P 7 38.91 3.06 22.39
CA ILE P 7 37.69 2.74 21.65
C ILE P 7 36.49 3.41 22.32
N TRP P 8 36.56 3.61 23.63
CA TRP P 8 35.47 4.26 24.36
C TRP P 8 35.52 5.77 24.26
N MET P 9 36.61 6.33 23.74
CA MET P 9 36.68 7.74 23.41
C MET P 9 36.21 8.02 21.99
N ILE P 10 35.80 7.00 21.25
CA ILE P 10 35.34 7.13 19.88
C ILE P 10 33.90 6.67 19.71
N PHE P 11 33.53 5.56 20.37
CA PHE P 11 32.23 4.94 20.19
C PHE P 11 31.39 5.03 21.46
N ASP P 12 30.09 5.24 21.29
CA ASP P 12 29.18 5.33 22.43
C ASP P 12 29.14 3.99 23.15
N PRO P 13 29.42 3.96 24.46
CA PRO P 13 29.36 2.69 25.20
C PRO P 13 27.99 2.02 25.15
N ARG P 14 26.90 2.79 25.21
CA ARG P 14 25.58 2.20 25.18
C ARG P 14 25.32 1.47 23.87
N ARG P 15 25.60 2.12 22.74
CA ARG P 15 25.37 1.50 21.44
C ARG P 15 26.27 0.29 21.23
N VAL P 16 27.54 0.41 21.62
CA VAL P 16 28.46 -0.71 21.48
C VAL P 16 27.98 -1.91 22.28
N PHE P 17 27.58 -1.67 23.54
CA PHE P 17 27.12 -2.76 24.38
C PHE P 17 25.84 -3.38 23.86
N VAL P 18 24.90 -2.56 23.38
CA VAL P 18 23.64 -3.09 22.87
C VAL P 18 23.88 -3.93 21.62
N ALA P 19 24.67 -3.41 20.68
CA ALA P 19 24.97 -4.16 19.47
C ALA P 19 25.71 -5.45 19.78
N GLN P 20 26.66 -5.40 20.71
CA GLN P 20 27.41 -6.59 21.08
C GLN P 20 26.50 -7.64 21.73
N GLY P 21 25.62 -7.21 22.63
CA GLY P 21 24.72 -8.16 23.26
C GLY P 21 23.75 -8.79 22.28
N VAL P 22 23.22 -7.99 21.36
CA VAL P 22 22.32 -8.53 20.35
C VAL P 22 23.06 -9.52 19.46
N PHE P 23 24.28 -9.18 19.04
CA PHE P 23 25.06 -10.06 18.19
C PHE P 23 25.38 -11.38 18.91
N LEU P 24 25.79 -11.30 20.17
CA LEU P 24 26.12 -12.51 20.91
C LEU P 24 24.89 -13.39 21.11
N PHE P 25 23.75 -12.79 21.45
CA PHE P 25 22.53 -13.57 21.64
C PHE P 25 22.12 -14.26 20.34
N LEU P 26 22.13 -13.52 19.22
CA LEU P 26 21.75 -14.11 17.95
C LEU P 26 22.71 -15.20 17.52
N LEU P 27 24.02 -14.98 17.70
CA LEU P 27 25.01 -15.98 17.33
C LEU P 27 24.84 -17.25 18.16
N ALA P 28 24.66 -17.11 19.47
CA ALA P 28 24.49 -18.28 20.32
C ALA P 28 23.22 -19.04 19.97
N VAL P 29 22.12 -18.33 19.74
CA VAL P 29 20.86 -19.00 19.39
C VAL P 29 21.01 -19.73 18.05
N MET P 30 21.63 -19.09 17.06
CA MET P 30 21.81 -19.74 15.78
C MET P 30 22.67 -20.98 15.87
N ILE P 31 23.78 -20.91 16.62
CA ILE P 31 24.64 -22.08 16.75
C ILE P 31 23.91 -23.21 17.47
N HIS P 32 23.20 -22.88 18.55
CA HIS P 32 22.49 -23.91 19.31
C HIS P 32 21.41 -24.57 18.45
N LEU P 33 20.65 -23.78 17.69
CA LEU P 33 19.60 -24.35 16.84
C LEU P 33 20.17 -25.16 15.69
N ILE P 34 21.31 -24.73 15.14
CA ILE P 34 21.96 -25.50 14.08
C ILE P 34 22.42 -26.85 14.63
N LEU P 35 23.02 -26.85 15.82
CA LEU P 35 23.44 -28.11 16.43
C LEU P 35 22.25 -29.01 16.75
N LEU P 36 21.14 -28.40 17.19
CA LEU P 36 19.92 -29.17 17.42
C LEU P 36 19.37 -29.74 16.12
N SER P 37 19.61 -29.06 15.00
CA SER P 37 19.12 -29.53 13.71
C SER P 37 19.95 -30.68 13.16
N THR P 38 21.26 -30.65 13.36
CA THR P 38 22.11 -31.73 12.85
C THR P 38 21.89 -32.99 13.69
N PRO P 39 21.54 -34.12 13.06
CA PRO P 39 21.28 -35.34 13.84
C PRO P 39 22.50 -35.86 14.60
N SER P 40 23.71 -35.49 14.16
CA SER P 40 24.91 -35.96 14.83
C SER P 40 25.21 -35.23 16.13
N TYR P 41 24.55 -34.09 16.37
CA TYR P 41 24.84 -33.28 17.53
C TYR P 41 23.60 -32.87 18.30
N ASN P 42 22.43 -33.39 17.95
CA ASN P 42 21.22 -33.18 18.74
C ASN P 42 21.35 -33.97 20.03
N TRP P 43 21.67 -33.28 21.12
CA TRP P 43 21.99 -33.96 22.37
C TRP P 43 20.79 -34.71 22.93
N LEU P 44 19.58 -34.22 22.68
CA LEU P 44 18.39 -34.92 23.17
C LEU P 44 18.22 -36.27 22.48
N GLU P 45 18.40 -36.30 21.16
CA GLU P 45 18.32 -37.57 20.44
C GLU P 45 19.48 -38.49 20.80
N ILE P 46 20.66 -37.93 21.04
CA ILE P 46 21.80 -38.74 21.45
C ILE P 46 21.51 -39.41 22.79
N SER P 47 20.94 -38.66 23.73
CA SER P 47 20.56 -39.25 25.02
C SER P 47 19.46 -40.28 24.85
N ALA P 48 18.49 -40.02 23.97
CA ALA P 48 17.41 -40.97 23.76
C ALA P 48 17.94 -42.30 23.24
N ALA P 49 18.85 -42.25 22.27
CA ALA P 49 19.41 -43.49 21.72
C ALA P 49 20.34 -44.17 22.72
N LYS P 50 21.11 -43.38 23.46
CA LYS P 50 22.08 -43.95 24.39
C LYS P 50 21.40 -44.72 25.51
N TYR P 51 20.29 -44.20 26.03
CA TYR P 51 19.59 -44.78 27.16
C TYR P 51 18.38 -45.61 26.75
N ASN P 52 18.20 -45.84 25.45
CA ASN P 52 17.10 -46.66 24.93
C ASN P 52 15.75 -46.15 25.43
N ARG P 53 15.55 -44.84 25.30
CA ARG P 53 14.32 -44.22 25.78
C ARG P 53 13.20 -44.25 24.77
N VAL P 54 13.48 -44.63 23.53
CA VAL P 54 12.46 -44.64 22.49
C VAL P 54 12.35 -46.00 21.83
N ASP Q 6 38.67 18.24 23.64
CA ASP Q 6 39.34 18.20 22.34
C ASP Q 6 39.39 16.79 21.77
N LEU Q 7 39.73 15.82 22.62
CA LEU Q 7 39.79 14.42 22.24
C LEU Q 7 38.60 13.68 22.83
N GLY Q 8 37.91 12.93 21.98
CA GLY Q 8 36.79 12.14 22.44
C GLY Q 8 35.45 12.56 21.88
N TYR Q 9 34.90 11.76 20.96
CA TYR Q 9 33.58 12.03 20.44
C TYR Q 9 32.48 11.70 21.45
N THR Q 10 32.77 10.85 22.43
CA THR Q 10 31.76 10.34 23.35
C THR Q 10 31.67 11.13 24.65
N GLY Q 11 32.56 12.09 24.87
CA GLY Q 11 32.53 12.84 26.10
C GLY Q 11 33.12 12.13 27.30
N LEU Q 12 33.90 11.08 27.08
CA LEU Q 12 34.60 10.39 28.16
C LEU Q 12 36.06 10.82 28.19
N THR Q 13 36.56 11.12 29.38
CA THR Q 13 37.97 11.45 29.55
C THR Q 13 38.81 10.18 29.47
N ASP Q 14 40.13 10.36 29.51
CA ASP Q 14 41.03 9.22 29.43
C ASP Q 14 40.83 8.27 30.61
N GLU Q 15 40.69 8.82 31.82
CA GLU Q 15 40.50 7.97 33.00
C GLU Q 15 39.17 7.23 32.94
N GLN Q 16 38.10 7.92 32.54
CA GLN Q 16 36.80 7.26 32.44
C GLN Q 16 36.83 6.14 31.42
N ALA Q 17 37.45 6.38 30.27
CA ALA Q 17 37.57 5.35 29.24
C ALA Q 17 38.39 4.17 29.73
N GLN Q 18 39.49 4.45 30.44
CA GLN Q 18 40.32 3.37 30.97
C GLN Q 18 39.55 2.51 31.96
N GLU Q 19 38.79 3.15 32.86
CA GLU Q 19 38.01 2.42 33.84
C GLU Q 19 36.90 1.59 33.19
N LEU Q 20 36.18 2.19 32.24
CA LEU Q 20 35.14 1.46 31.53
C LEU Q 20 35.71 0.28 30.77
N HIS Q 21 36.87 0.46 30.15
CA HIS Q 21 37.51 -0.65 29.44
C HIS Q 21 37.94 -1.73 30.40
N SER Q 22 38.43 -1.37 31.59
CA SER Q 22 38.82 -2.38 32.57
C SER Q 22 37.63 -3.24 32.96
N VAL Q 23 36.49 -2.61 33.24
CA VAL Q 23 35.31 -3.39 33.63
C VAL Q 23 34.82 -4.24 32.46
N TYR Q 24 34.77 -3.66 31.26
CA TYR Q 24 34.32 -4.40 30.10
C TYR Q 24 35.22 -5.60 29.83
N MET Q 25 36.53 -5.43 30.00
CA MET Q 25 37.46 -6.50 29.71
C MET Q 25 37.39 -7.59 30.76
N SER Q 26 37.14 -7.24 32.02
CA SER Q 26 36.90 -8.27 33.03
C SER Q 26 35.66 -9.10 32.68
N GLY Q 27 34.59 -8.43 32.26
CA GLY Q 27 33.42 -9.16 31.80
C GLY Q 27 33.70 -10.05 30.60
N LEU Q 28 34.48 -9.55 29.64
CA LEU Q 28 34.85 -10.34 28.47
C LEU Q 28 35.64 -11.57 28.86
N TRP Q 29 36.60 -11.42 29.77
CA TRP Q 29 37.39 -12.58 30.19
C TRP Q 29 36.54 -13.59 30.95
N LEU Q 30 35.59 -13.13 31.76
CA LEU Q 30 34.69 -14.07 32.44
C LEU Q 30 33.89 -14.87 31.43
N PHE Q 31 33.27 -14.17 30.46
CA PHE Q 31 32.50 -14.85 29.42
C PHE Q 31 33.37 -15.84 28.65
N SER Q 32 34.59 -15.42 28.29
CA SER Q 32 35.46 -16.27 27.48
C SER Q 32 35.96 -17.48 28.25
N ALA Q 33 36.22 -17.32 29.55
CA ALA Q 33 36.63 -18.48 30.35
C ALA Q 33 35.51 -19.50 30.44
N VAL Q 34 34.27 -19.02 30.66
CA VAL Q 34 33.16 -19.95 30.69
C VAL Q 34 32.99 -20.65 29.33
N ALA Q 35 33.13 -19.89 28.24
CA ALA Q 35 32.98 -20.46 26.91
C ALA Q 35 34.08 -21.48 26.61
N ILE Q 36 35.32 -21.20 27.03
CA ILE Q 36 36.41 -22.13 26.82
C ILE Q 36 36.17 -23.42 27.58
N VAL Q 37 35.73 -23.32 28.84
CA VAL Q 37 35.44 -24.53 29.60
C VAL Q 37 34.32 -25.33 28.94
N ALA Q 38 33.26 -24.65 28.47
CA ALA Q 38 32.18 -25.33 27.78
C ALA Q 38 32.66 -26.03 26.52
N HIS Q 39 33.51 -25.36 25.73
CA HIS Q 39 34.03 -25.95 24.51
C HIS Q 39 34.91 -27.16 24.80
N LEU Q 40 35.74 -27.08 25.84
CA LEU Q 40 36.56 -28.22 26.22
C LEU Q 40 35.69 -29.40 26.64
N ALA Q 41 34.62 -29.13 27.39
CA ALA Q 41 33.70 -30.19 27.79
C ALA Q 41 33.05 -30.84 26.57
N VAL Q 42 32.58 -30.03 25.62
CA VAL Q 42 31.92 -30.60 24.44
C VAL Q 42 32.91 -31.39 23.60
N TYR Q 43 34.14 -30.88 23.44
CA TYR Q 43 35.12 -31.59 22.64
C TYR Q 43 35.52 -32.92 23.28
N ILE Q 44 35.67 -32.94 24.60
CA ILE Q 44 35.95 -34.21 25.27
C ILE Q 44 34.76 -35.16 25.11
N TRP Q 45 33.54 -34.63 25.20
CA TRP Q 45 32.34 -35.45 25.07
C TRP Q 45 32.14 -35.93 23.64
N ARG Q 46 32.26 -35.02 22.67
CA ARG Q 46 31.92 -35.32 21.29
C ARG Q 46 32.73 -34.44 20.34
N PRO Q 47 33.96 -34.82 20.03
CA PRO Q 47 34.81 -33.95 19.20
C PRO Q 47 34.27 -33.76 17.81
N TRP Q 48 34.48 -32.55 17.27
CA TRP Q 48 34.03 -32.18 15.94
C TRP Q 48 35.15 -32.19 14.92
N PHE Q 49 36.28 -32.81 15.25
CA PHE Q 49 37.38 -32.92 14.32
C PHE Q 49 37.86 -34.36 14.23
N FME R 1 53.56 2.01 2.36
CN FME R 1 53.90 0.73 2.72
O1 FME R 1 54.90 0.45 3.40
CA FME R 1 54.34 3.16 2.72
CB FME R 1 53.85 4.46 2.04
C FME R 1 54.33 3.42 4.22
O FME R 1 53.55 2.91 5.00
N SER R 2 55.28 4.27 4.62
CA SER R 2 55.44 4.64 6.02
C SER R 2 54.58 5.84 6.38
N LYS R 3 53.69 6.24 5.46
CA LYS R 3 52.86 7.41 5.66
C LYS R 3 51.37 7.11 5.48
N PHE R 4 50.96 5.86 5.66
CA PHE R 4 49.54 5.53 5.60
C PHE R 4 48.75 6.14 6.73
N TYR R 5 49.41 6.59 7.80
CA TYR R 5 48.71 7.05 9.00
C TYR R 5 47.85 8.27 8.74
N LYS R 6 48.05 8.98 7.63
CA LYS R 6 47.23 10.14 7.32
C LYS R 6 45.91 9.78 6.67
N ILE R 7 45.65 8.48 6.42
CA ILE R 7 44.32 8.10 5.98
C ILE R 7 43.29 8.46 7.05
N TRP R 8 43.72 8.53 8.30
CA TRP R 8 42.86 8.94 9.40
C TRP R 8 42.65 10.45 9.45
N MET R 9 43.49 11.22 8.75
CA MET R 9 43.26 12.65 8.62
C MET R 9 42.28 12.99 7.52
N ILE R 10 41.89 12.01 6.73
CA ILE R 10 40.94 12.19 5.64
C ILE R 10 39.56 11.63 6.00
N PHE R 11 39.53 10.43 6.56
CA PHE R 11 38.29 9.72 6.82
C PHE R 11 37.96 9.73 8.31
N ASP R 12 36.67 9.81 8.60
CA ASP R 12 36.20 9.81 9.98
C ASP R 12 36.47 8.44 10.60
N PRO R 13 37.16 8.38 11.75
CA PRO R 13 37.46 7.06 12.34
C PRO R 13 36.22 6.23 12.65
N ARG R 14 35.13 6.85 13.12
CA ARG R 14 33.94 6.09 13.46
C ARG R 14 33.38 5.35 12.24
N ARG R 15 33.27 6.06 11.12
CA ARG R 15 32.73 5.46 9.92
C ARG R 15 33.61 4.35 9.39
N VAL R 16 34.93 4.55 9.42
CA VAL R 16 35.86 3.52 8.95
C VAL R 16 35.75 2.28 9.82
N PHE R 17 35.73 2.46 11.14
CA PHE R 17 35.66 1.32 12.03
C PHE R 17 34.34 0.56 11.88
N VAL R 18 33.23 1.28 11.73
CA VAL R 18 31.94 0.61 11.53
C VAL R 18 31.94 -0.15 10.21
N ALA R 19 32.46 0.47 9.15
CA ALA R 19 32.52 -0.20 7.86
C ALA R 19 33.37 -1.47 7.93
N GLN R 20 34.52 -1.41 8.60
CA GLN R 20 35.33 -2.61 8.74
C GLN R 20 34.63 -3.68 9.55
N GLY R 21 33.98 -3.30 10.65
CA GLY R 21 33.28 -4.29 11.45
C GLY R 21 32.20 -5.01 10.65
N VAL R 22 31.39 -4.24 9.93
CA VAL R 22 30.33 -4.84 9.12
C VAL R 22 30.93 -5.71 8.01
N PHE R 23 31.96 -5.21 7.32
CA PHE R 23 32.55 -5.96 6.22
C PHE R 23 33.18 -7.26 6.70
N LEU R 24 33.93 -7.21 7.80
CA LEU R 24 34.57 -8.41 8.32
C LEU R 24 33.54 -9.42 8.81
N PHE R 25 32.49 -8.95 9.49
CA PHE R 25 31.46 -9.86 9.96
C PHE R 25 30.78 -10.56 8.80
N LEU R 26 30.42 -9.80 7.77
CA LEU R 26 29.72 -10.40 6.64
C LEU R 26 30.64 -11.30 5.81
N LEU R 27 31.91 -10.93 5.68
CA LEU R 27 32.85 -11.78 4.96
C LEU R 27 33.06 -13.10 5.69
N ALA R 28 33.22 -13.05 7.01
CA ALA R 28 33.40 -14.27 7.78
C ALA R 28 32.17 -15.16 7.72
N VAL R 29 30.98 -14.57 7.85
CA VAL R 29 29.75 -15.35 7.76
C VAL R 29 29.61 -15.97 6.38
N MET R 30 29.93 -15.21 5.34
CA MET R 30 29.84 -15.70 3.97
C MET R 30 30.79 -16.87 3.73
N ILE R 31 32.03 -16.78 4.22
CA ILE R 31 32.98 -17.86 4.01
C ILE R 31 32.58 -19.10 4.81
N HIS R 32 32.15 -18.91 6.06
CA HIS R 32 31.71 -20.05 6.86
C HIS R 32 30.48 -20.72 6.23
N LEU R 33 29.56 -19.92 5.69
CA LEU R 33 28.38 -20.47 5.03
C LEU R 33 28.76 -21.26 3.78
N ILE R 34 29.68 -20.74 2.97
CA ILE R 34 30.13 -21.51 1.81
C ILE R 34 30.77 -22.82 2.23
N LEU R 35 31.59 -22.78 3.28
CA LEU R 35 32.24 -24.01 3.74
C LEU R 35 31.22 -25.02 4.23
N LEU R 36 30.20 -24.57 4.96
CA LEU R 36 29.14 -25.47 5.41
C LEU R 36 28.36 -26.04 4.24
N SER R 37 28.10 -25.21 3.23
CA SER R 37 27.37 -25.65 2.05
C SER R 37 28.18 -26.59 1.17
N THR R 38 29.47 -26.70 1.40
CA THR R 38 30.32 -27.63 0.68
C THR R 38 30.38 -28.95 1.43
N PRO R 39 29.86 -30.05 0.87
CA PRO R 39 29.85 -31.31 1.62
C PRO R 39 31.23 -31.80 2.02
N SER R 40 32.26 -31.49 1.24
CA SER R 40 33.61 -31.93 1.55
C SER R 40 34.29 -31.11 2.63
N TYR R 41 33.68 -30.01 3.07
CA TYR R 41 34.25 -29.16 4.10
C TYR R 41 33.29 -28.87 5.23
N ASN R 42 32.14 -29.53 5.27
CA ASN R 42 31.20 -29.43 6.38
C ASN R 42 31.74 -30.26 7.53
N TRP R 43 32.28 -29.58 8.54
CA TRP R 43 33.02 -30.28 9.59
C TRP R 43 32.11 -31.14 10.46
N LEU R 44 30.84 -30.75 10.62
CA LEU R 44 29.91 -31.59 11.37
C LEU R 44 29.65 -32.90 10.64
N GLU R 45 29.42 -32.85 9.33
CA GLU R 45 29.24 -34.07 8.57
C GLU R 45 30.52 -34.89 8.47
N ILE R 46 31.67 -34.22 8.39
CA ILE R 46 32.94 -34.94 8.38
C ILE R 46 33.13 -35.70 9.68
N SER R 47 32.82 -35.07 10.82
CA SER R 47 32.96 -35.76 12.09
C SER R 47 31.92 -36.87 12.24
N ALA R 48 30.71 -36.66 11.74
CA ALA R 48 29.70 -37.72 11.77
C ALA R 48 30.14 -38.93 10.97
N ALA R 49 30.74 -38.70 9.80
CA ALA R 49 31.22 -39.81 8.99
C ALA R 49 32.45 -40.47 9.62
N LYS R 50 33.32 -39.67 10.24
CA LYS R 50 34.56 -40.22 10.79
C LYS R 50 34.29 -41.05 12.04
N TYR R 51 33.40 -40.60 12.90
CA TYR R 51 33.12 -41.26 14.17
C TYR R 51 31.91 -42.17 14.12
N ASN R 52 31.27 -42.31 12.95
CA ASN R 52 30.14 -43.21 12.76
C ASN R 52 29.01 -42.88 13.72
N ARG R 53 28.48 -41.67 13.57
CA ARG R 53 27.48 -41.14 14.48
C ARG R 53 26.08 -41.14 13.89
N VAL R 54 25.90 -41.52 12.64
CA VAL R 54 24.57 -41.60 12.04
C VAL R 54 24.39 -42.92 11.33
N ASP S 6 43.86 23.30 4.56
CA ASP S 6 43.85 22.68 5.87
C ASP S 6 44.66 21.39 5.87
N LEU S 7 44.85 20.80 7.04
CA LEU S 7 45.63 19.58 7.19
C LEU S 7 44.77 18.31 7.13
N GLY S 8 43.46 18.44 7.03
CA GLY S 8 42.61 17.27 6.94
C GLY S 8 41.15 17.65 7.03
N TYR S 9 40.31 16.65 6.79
CA TYR S 9 38.86 16.81 6.77
C TYR S 9 38.20 16.42 8.09
N THR S 10 38.70 15.37 8.73
CA THR S 10 38.06 14.82 9.91
C THR S 10 38.26 15.68 11.16
N GLY S 11 39.35 16.44 11.23
CA GLY S 11 39.62 17.26 12.38
C GLY S 11 40.54 16.58 13.37
N LEU S 12 41.47 15.78 12.87
CA LEU S 12 42.46 15.09 13.70
C LEU S 12 43.83 15.70 13.47
N THR S 13 44.53 16.00 14.56
CA THR S 13 45.92 16.41 14.48
C THR S 13 46.74 15.28 13.86
N ASP S 14 47.88 15.66 13.26
CA ASP S 14 48.80 14.64 12.74
C ASP S 14 49.16 13.64 13.82
N GLU S 15 49.39 14.10 15.05
CA GLU S 15 49.77 13.20 16.12
C GLU S 15 48.60 12.32 16.56
N GLN S 16 47.39 12.88 16.62
CA GLN S 16 46.22 12.07 16.90
C GLN S 16 46.04 10.98 15.85
N ALA S 17 46.18 11.34 14.58
CA ALA S 17 46.03 10.37 13.51
C ALA S 17 47.10 9.29 13.57
N GLN S 18 48.34 9.68 13.86
CA GLN S 18 49.41 8.69 13.94
C GLN S 18 49.23 7.75 15.12
N GLU S 19 48.81 8.26 16.28
CA GLU S 19 48.53 7.39 17.42
C GLU S 19 47.38 6.44 17.11
N LEU S 20 46.31 6.95 16.49
CA LEU S 20 45.18 6.10 16.17
C LEU S 20 45.59 5.03 15.17
N HIS S 21 46.43 5.39 14.19
CA HIS S 21 46.92 4.40 13.23
C HIS S 21 47.78 3.36 13.91
N SER S 22 48.59 3.75 14.90
CA SER S 22 49.38 2.77 15.63
C SER S 22 48.49 1.76 16.33
N VAL S 23 47.45 2.24 17.01
CA VAL S 23 46.56 1.31 17.72
C VAL S 23 45.80 0.44 16.71
N TYR S 24 45.37 1.04 15.60
CA TYR S 24 44.68 0.28 14.56
C TYR S 24 45.57 -0.83 13.99
N MET S 25 46.83 -0.54 13.74
CA MET S 25 47.71 -1.56 13.18
C MET S 25 48.03 -2.63 14.21
N SER S 26 48.10 -2.28 15.48
CA SER S 26 48.25 -3.31 16.50
C SER S 26 47.05 -4.27 16.46
N GLY S 27 45.84 -3.72 16.42
CA GLY S 27 44.66 -4.57 16.33
C GLY S 27 44.62 -5.40 15.05
N LEU S 28 45.00 -4.80 13.92
CA LEU S 28 45.03 -5.52 12.66
C LEU S 28 46.02 -6.66 12.68
N TRP S 29 47.21 -6.43 13.24
CA TRP S 29 48.20 -7.49 13.32
C TRP S 29 47.75 -8.60 14.25
N LEU S 30 47.07 -8.27 15.34
CA LEU S 30 46.51 -9.31 16.20
C LEU S 30 45.50 -10.18 15.45
N PHE S 31 44.55 -9.53 14.77
CA PHE S 31 43.55 -10.26 14.01
C PHE S 31 44.19 -11.12 12.93
N SER S 32 45.18 -10.57 12.22
CA SER S 32 45.83 -11.31 11.15
C SER S 32 46.66 -12.47 11.67
N ALA S 33 47.30 -12.32 12.83
CA ALA S 33 48.04 -13.44 13.42
C ALA S 33 47.10 -14.57 13.79
N VAL S 34 45.96 -14.23 14.40
CA VAL S 34 45.00 -15.29 14.75
C VAL S 34 44.47 -15.96 13.49
N ALA S 35 44.18 -15.17 12.45
CA ALA S 35 43.69 -15.74 11.20
C ALA S 35 44.75 -16.62 10.54
N ILE S 36 46.02 -16.23 10.59
CA ILE S 36 47.08 -17.02 10.01
C ILE S 36 47.21 -18.36 10.73
N VAL S 37 47.13 -18.34 12.06
CA VAL S 37 47.19 -19.59 12.82
C VAL S 37 46.00 -20.47 12.47
N ALA S 38 44.80 -19.87 12.37
CA ALA S 38 43.62 -20.66 12.03
C ALA S 38 43.73 -21.28 10.65
N HIS S 39 44.23 -20.52 9.67
CA HIS S 39 44.41 -21.05 8.32
C HIS S 39 45.45 -22.15 8.28
N LEU S 40 46.54 -21.99 9.03
CA LEU S 40 47.56 -23.03 9.09
C LEU S 40 46.98 -24.31 9.68
N ALA S 41 46.21 -24.19 10.76
CA ALA S 41 45.60 -25.37 11.37
C ALA S 41 44.63 -26.06 10.42
N VAL S 42 43.81 -25.29 9.70
CA VAL S 42 42.86 -25.89 8.78
C VAL S 42 43.58 -26.55 7.61
N TYR S 43 44.65 -25.91 7.09
CA TYR S 43 45.38 -26.51 5.99
C TYR S 43 46.06 -27.79 6.40
N ILE S 44 46.63 -27.84 7.61
CA ILE S 44 47.22 -29.10 8.08
C ILE S 44 46.15 -30.15 8.24
N TRP S 45 45.00 -29.78 8.81
CA TRP S 45 43.92 -30.75 9.01
C TRP S 45 43.36 -31.25 7.69
N ARG S 46 43.10 -30.34 6.75
CA ARG S 46 42.41 -30.67 5.51
C ARG S 46 42.78 -29.68 4.42
N PRO S 47 43.86 -29.90 3.69
CA PRO S 47 44.30 -28.92 2.69
C PRO S 47 43.32 -28.79 1.53
N TRP S 48 43.28 -27.58 0.96
CA TRP S 48 42.39 -27.30 -0.16
C TRP S 48 43.15 -27.12 -1.47
N PHE S 49 44.43 -27.48 -1.52
CA PHE S 49 45.20 -27.42 -2.74
C PHE S 49 45.77 -28.78 -3.09
N FME T 1 51.34 11.52 -17.62
CN FME T 1 51.49 12.87 -17.81
O1 FME T 1 52.52 13.50 -17.52
CA FME T 1 52.33 10.62 -17.07
CB FME T 1 53.53 10.41 -18.01
CG FME T 1 53.56 9.00 -18.53
SD FME T 1 53.44 7.91 -17.15
CE FME T 1 54.99 8.15 -16.36
C FME T 1 52.89 11.08 -15.73
O FME T 1 52.45 10.69 -14.64
N SER T 2 53.90 11.94 -15.80
CA SER T 2 54.53 12.48 -14.59
C SER T 2 53.80 13.73 -14.13
N LYS T 3 52.50 13.76 -14.37
CA LYS T 3 51.66 14.90 -14.00
C LYS T 3 50.32 14.44 -13.46
N PHE T 4 50.16 13.13 -13.20
CA PHE T 4 48.85 12.59 -12.83
C PHE T 4 48.33 13.15 -11.52
N TYR T 5 49.21 13.47 -10.55
CA TYR T 5 48.77 13.77 -9.19
C TYR T 5 47.60 14.74 -9.15
N LYS T 6 47.44 15.55 -10.20
CA LYS T 6 46.38 16.55 -10.17
C LYS T 6 44.98 15.97 -10.29
N ILE T 7 44.78 14.65 -10.37
CA ILE T 7 43.44 14.15 -10.04
C ILE T 7 43.01 14.74 -8.72
N TRP T 8 43.89 14.75 -7.73
CA TRP T 8 43.51 15.23 -6.42
C TRP T 8 43.21 16.72 -6.41
N MET T 9 43.52 17.44 -7.49
CA MET T 9 43.03 18.79 -7.66
C MET T 9 41.53 18.86 -7.88
N ILE T 10 40.97 18.00 -8.73
CA ILE T 10 39.56 18.13 -9.11
C ILE T 10 38.64 17.12 -8.45
N PHE T 11 39.16 15.99 -7.98
CA PHE T 11 38.35 14.93 -7.38
C PHE T 11 38.59 14.88 -5.88
N ASP T 12 37.50 14.89 -5.12
CA ASP T 12 37.60 14.78 -3.68
C ASP T 12 38.20 13.43 -3.30
N PRO T 13 39.23 13.39 -2.46
CA PRO T 13 39.85 12.09 -2.15
C PRO T 13 38.89 11.09 -1.54
N ARG T 14 37.98 11.54 -0.68
CA ARG T 14 37.08 10.61 0.00
C ARG T 14 36.17 9.90 -1.00
N ARG T 15 35.60 10.65 -1.94
CA ARG T 15 34.71 10.07 -2.94
C ARG T 15 35.47 9.06 -3.82
N VAL T 16 36.67 9.44 -4.25
CA VAL T 16 37.46 8.56 -5.11
C VAL T 16 37.80 7.28 -4.39
N PHE T 17 38.25 7.38 -3.14
CA PHE T 17 38.64 6.19 -2.39
C PHE T 17 37.44 5.29 -2.12
N VAL T 18 36.29 5.87 -1.77
CA VAL T 18 35.11 5.05 -1.52
C VAL T 18 34.67 4.34 -2.78
N ALA T 19 34.62 5.06 -3.91
CA ALA T 19 34.21 4.44 -5.17
C ALA T 19 35.18 3.35 -5.59
N GLN T 20 36.48 3.60 -5.43
CA GLN T 20 37.49 2.61 -5.78
C GLN T 20 37.38 1.37 -4.91
N GLY T 21 37.15 1.53 -3.61
CA GLY T 21 36.98 0.37 -2.75
C GLY T 21 35.75 -0.43 -3.09
N VAL T 22 34.64 0.26 -3.36
CA VAL T 22 33.41 -0.42 -3.78
C VAL T 22 33.66 -1.22 -5.05
N PHE T 23 34.30 -0.60 -6.03
CA PHE T 23 34.54 -1.26 -7.30
C PHE T 23 35.46 -2.47 -7.14
N LEU T 24 36.56 -2.31 -6.39
CA LEU T 24 37.50 -3.41 -6.22
C LEU T 24 36.86 -4.57 -5.49
N PHE T 25 36.09 -4.29 -4.44
CA PHE T 25 35.43 -5.36 -3.69
C PHE T 25 34.43 -6.11 -4.56
N LEU T 26 33.58 -5.37 -5.29
CA LEU T 26 32.58 -6.02 -6.12
C LEU T 26 33.22 -6.85 -7.22
N LEU T 27 34.27 -6.31 -7.87
CA LEU T 27 34.93 -7.04 -8.94
C LEU T 27 35.60 -8.31 -8.41
N ALA T 28 36.27 -8.22 -7.26
CA ALA T 28 36.93 -9.39 -6.69
C ALA T 28 35.93 -10.48 -6.34
N VAL T 29 34.81 -10.10 -5.73
CA VAL T 29 33.80 -11.10 -5.40
C VAL T 29 33.22 -11.72 -6.67
N MET T 30 32.99 -10.91 -7.70
CA MET T 30 32.45 -11.44 -8.94
C MET T 30 33.41 -12.44 -9.57
N ILE T 31 34.71 -12.14 -9.58
CA ILE T 31 35.68 -13.04 -10.19
C ILE T 31 35.78 -14.34 -9.39
N HIS T 32 35.78 -14.25 -8.06
CA HIS T 32 35.83 -15.46 -7.24
C HIS T 32 34.59 -16.31 -7.47
N LEU T 33 33.42 -15.70 -7.59
CA LEU T 33 32.19 -16.45 -7.81
C LEU T 33 32.19 -17.11 -9.19
N ILE T 34 32.70 -16.41 -10.21
CA ILE T 34 32.81 -17.01 -11.53
C ILE T 34 33.74 -18.20 -11.49
N LEU T 35 34.85 -18.10 -10.75
CA LEU T 35 35.77 -19.21 -10.62
C LEU T 35 35.12 -20.40 -9.90
N LEU T 36 34.35 -20.13 -8.86
CA LEU T 36 33.64 -21.21 -8.17
C LEU T 36 32.59 -21.84 -9.08
N SER T 37 32.03 -21.08 -10.02
CA SER T 37 31.04 -21.63 -10.94
C SER T 37 31.68 -22.57 -11.96
N THR T 38 32.92 -22.32 -12.37
CA THR T 38 33.56 -23.18 -13.36
C THR T 38 34.06 -24.46 -12.69
N PRO T 39 33.66 -25.64 -13.15
CA PRO T 39 34.11 -26.88 -12.50
C PRO T 39 35.61 -27.08 -12.51
N SER T 40 36.31 -26.55 -13.51
CA SER T 40 37.74 -26.73 -13.62
C SER T 40 38.54 -25.78 -12.73
N TYR T 41 37.89 -24.85 -12.04
CA TYR T 41 38.60 -23.91 -11.17
C TYR T 41 37.93 -23.76 -9.82
N ASN T 42 36.93 -24.58 -9.48
CA ASN T 42 36.37 -24.62 -8.14
C ASN T 42 37.35 -25.37 -7.26
N TRP T 43 38.17 -24.62 -6.51
CA TRP T 43 39.26 -25.25 -5.76
C TRP T 43 38.76 -26.22 -4.71
N LEU T 44 37.57 -25.95 -4.13
CA LEU T 44 37.00 -26.86 -3.15
C LEU T 44 36.67 -28.22 -3.78
N GLU T 45 36.01 -28.19 -4.95
CA GLU T 45 35.71 -29.43 -5.67
C GLU T 45 36.98 -30.10 -6.17
N ILE T 46 37.95 -29.32 -6.64
CA ILE T 46 39.20 -29.88 -7.12
C ILE T 46 39.90 -30.65 -6.01
N SER T 47 39.96 -30.07 -4.81
CA SER T 47 40.61 -30.74 -3.70
C SER T 47 39.77 -31.91 -3.18
N ALA T 48 38.45 -31.81 -3.26
CA ALA T 48 37.60 -32.94 -2.89
C ALA T 48 37.85 -34.14 -3.81
N ALA T 49 37.98 -33.89 -5.11
CA ALA T 49 38.25 -34.99 -6.04
C ALA T 49 39.70 -35.46 -5.96
N LYS T 50 40.61 -34.58 -5.56
CA LYS T 50 42.01 -34.95 -5.46
C LYS T 50 42.29 -35.82 -4.26
N TYR T 51 41.63 -35.55 -3.14
CA TYR T 51 41.84 -36.27 -1.89
C TYR T 51 40.74 -37.28 -1.58
N ASN T 52 39.83 -37.51 -2.53
CA ASN T 52 38.79 -38.54 -2.40
C ASN T 52 37.85 -38.25 -1.23
N ARG T 53 37.30 -37.05 -1.22
CA ARG T 53 36.36 -36.64 -0.19
C ARG T 53 34.95 -36.61 -0.78
N VAL T 54 33.98 -36.30 0.08
CA VAL T 54 32.58 -36.23 -0.34
C VAL T 54 32.33 -34.98 -1.17
N LEU U 7 43.39 22.93 -11.98
CA LEU U 7 42.23 23.61 -11.42
C LEU U 7 42.19 23.57 -9.90
N GLY U 8 41.17 22.91 -9.39
CA GLY U 8 40.92 22.77 -7.97
C GLY U 8 39.45 22.91 -7.64
N TYR U 9 38.90 21.91 -6.99
CA TYR U 9 37.54 21.91 -6.46
C TYR U 9 37.52 21.53 -4.99
N THR U 10 38.37 20.61 -4.56
CA THR U 10 38.41 20.12 -3.20
C THR U 10 39.38 20.90 -2.32
N GLY U 11 40.07 21.90 -2.87
CA GLY U 11 40.95 22.74 -2.09
C GLY U 11 42.19 22.03 -1.60
N LEU U 12 43.02 21.56 -2.52
CA LEU U 12 44.30 20.96 -2.20
C LEU U 12 45.41 21.70 -2.94
N THR U 13 46.49 22.00 -2.23
CA THR U 13 47.62 22.67 -2.84
C THR U 13 48.41 21.68 -3.70
N ASP U 14 49.43 22.19 -4.38
CA ASP U 14 50.27 21.33 -5.21
C ASP U 14 51.00 20.30 -4.36
N GLU U 15 51.60 20.73 -3.25
CA GLU U 15 52.33 19.81 -2.37
C GLU U 15 51.39 18.79 -1.75
N GLN U 16 50.21 19.22 -1.31
CA GLN U 16 49.26 18.30 -0.72
C GLN U 16 48.82 17.24 -1.72
N ALA U 17 48.52 17.66 -2.95
CA ALA U 17 48.13 16.70 -3.98
C ALA U 17 49.28 15.74 -4.29
N GLN U 18 50.51 16.25 -4.34
CA GLN U 18 51.64 15.37 -4.63
C GLN U 18 51.84 14.34 -3.52
N GLU U 19 51.72 14.75 -2.26
CA GLU U 19 51.89 13.82 -1.15
C GLU U 19 50.78 12.77 -1.15
N LEU U 20 49.54 13.21 -1.35
CA LEU U 20 48.42 12.27 -1.41
C LEU U 20 48.59 11.29 -2.56
N HIS U 21 49.04 11.78 -3.72
CA HIS U 21 49.27 10.89 -4.85
C HIS U 21 50.38 9.91 -4.57
N SER U 22 51.43 10.35 -3.87
CA SER U 22 52.52 9.44 -3.53
C SER U 22 52.01 8.31 -2.64
N VAL U 23 51.20 8.64 -1.64
CA VAL U 23 50.72 7.60 -0.74
C VAL U 23 49.75 6.66 -1.47
N TYR U 24 48.87 7.23 -2.30
CA TYR U 24 47.94 6.41 -3.07
C TYR U 24 48.69 5.48 -4.02
N MET U 25 49.75 5.98 -4.65
CA MET U 25 50.54 5.17 -5.55
C MET U 25 51.26 4.05 -4.81
N SER U 26 51.75 4.33 -3.59
CA SER U 26 52.33 3.26 -2.78
C SER U 26 51.30 2.18 -2.48
N GLY U 27 50.09 2.58 -2.09
CA GLY U 27 49.05 1.59 -1.85
C GLY U 27 48.72 0.78 -3.09
N LEU U 28 48.61 1.45 -4.23
CA LEU U 28 48.33 0.75 -5.48
C LEU U 28 49.43 -0.22 -5.85
N TRP U 29 50.69 0.16 -5.63
CA TRP U 29 51.78 -0.74 -5.95
C TRP U 29 51.81 -1.96 -5.02
N LEU U 30 51.53 -1.78 -3.74
CA LEU U 30 51.45 -2.94 -2.86
C LEU U 30 50.30 -3.86 -3.26
N PHE U 31 49.13 -3.31 -3.57
CA PHE U 31 48.02 -4.14 -4.01
C PHE U 31 48.36 -4.88 -5.29
N SER U 32 48.99 -4.20 -6.24
CA SER U 32 49.32 -4.84 -7.52
C SER U 32 50.41 -5.88 -7.36
N ALA U 33 51.38 -5.64 -6.48
CA ALA U 33 52.42 -6.63 -6.23
C ALA U 33 51.84 -7.90 -5.63
N VAL U 34 50.94 -7.75 -4.65
CA VAL U 34 50.29 -8.93 -4.08
C VAL U 34 49.46 -9.65 -5.14
N ALA U 35 48.75 -8.89 -5.99
CA ALA U 35 47.94 -9.50 -7.03
C ALA U 35 48.80 -10.25 -8.05
N ILE U 36 49.96 -9.68 -8.42
CA ILE U 36 50.86 -10.34 -9.36
C ILE U 36 51.41 -11.63 -8.76
N VAL U 37 51.78 -11.60 -7.48
CA VAL U 37 52.27 -12.82 -6.84
C VAL U 37 51.17 -13.89 -6.81
N ALA U 38 49.94 -13.48 -6.47
CA ALA U 38 48.84 -14.42 -6.45
C ALA U 38 48.57 -15.02 -7.83
N HIS U 39 48.60 -14.18 -8.86
CA HIS U 39 48.34 -14.65 -10.22
C HIS U 39 49.44 -15.60 -10.70
N LEU U 40 50.69 -15.29 -10.36
CA LEU U 40 51.79 -16.18 -10.72
C LEU U 40 51.64 -17.53 -10.01
N ALA U 41 51.25 -17.51 -8.74
CA ALA U 41 51.04 -18.75 -8.01
C ALA U 41 49.92 -19.58 -8.63
N VAL U 42 48.81 -18.92 -9.00
CA VAL U 42 47.71 -19.67 -9.60
C VAL U 42 48.10 -20.21 -10.97
N TYR U 43 48.84 -19.43 -11.75
CA TYR U 43 49.25 -19.91 -13.07
C TYR U 43 50.20 -21.09 -12.97
N ILE U 44 51.09 -21.09 -11.98
CA ILE U 44 51.93 -22.25 -11.75
C ILE U 44 51.08 -23.44 -11.31
N TRP U 45 50.10 -23.20 -10.44
CA TRP U 45 49.22 -24.27 -9.98
C TRP U 45 48.34 -24.81 -11.10
N ARG U 46 47.66 -23.92 -11.82
CA ARG U 46 46.78 -24.32 -12.92
C ARG U 46 46.78 -23.21 -13.97
N PRO U 47 47.62 -23.32 -14.99
CA PRO U 47 47.62 -22.33 -16.05
C PRO U 47 46.28 -22.30 -16.78
N TRP U 48 45.82 -21.10 -17.11
CA TRP U 48 44.56 -20.93 -17.83
C TRP U 48 44.77 -20.64 -19.29
N PHE U 49 45.95 -20.94 -19.82
CA PHE U 49 46.23 -20.81 -21.24
C PHE U 49 46.86 -22.08 -21.77
N FME V 1 41.84 19.24 -34.28
CN FME V 1 41.00 20.23 -33.85
O1 FME V 1 40.58 20.29 -32.68
CA FME V 1 42.32 18.18 -33.44
CB FME V 1 43.11 17.12 -34.24
CG FME V 1 43.35 15.88 -33.43
SD FME V 1 43.85 14.61 -34.57
CE FME V 1 42.59 14.73 -35.78
C FME V 1 43.23 18.67 -32.33
O FME V 1 43.30 18.16 -31.21
N SER V 2 43.97 19.74 -32.64
CA SER V 2 44.85 20.37 -31.68
C SER V 2 44.07 21.39 -30.85
N LYS V 3 42.74 21.30 -30.91
CA LYS V 3 41.89 22.26 -30.22
C LYS V 3 40.77 21.56 -29.45
N PHE V 4 40.82 20.23 -29.31
CA PHE V 4 39.82 19.52 -28.53
C PHE V 4 39.82 19.92 -27.06
N TYR V 5 40.92 20.52 -26.58
CA TYR V 5 41.03 20.75 -25.15
C TYR V 5 39.89 21.60 -24.61
N LYS V 6 39.38 22.52 -25.42
CA LYS V 6 38.32 23.38 -24.90
C LYS V 6 37.02 22.64 -24.66
N ILE V 7 36.94 21.34 -24.93
CA ILE V 7 35.79 20.57 -24.48
C ILE V 7 35.68 20.64 -22.97
N TRP V 8 36.82 20.82 -22.28
CA TRP V 8 36.79 20.96 -20.84
C TRP V 8 36.25 22.30 -20.38
N MET V 9 36.11 23.28 -21.28
CA MET V 9 35.41 24.51 -20.95
C MET V 9 33.91 24.40 -21.15
N ILE V 10 33.41 23.26 -21.63
CA ILE V 10 31.98 23.01 -21.78
C ILE V 10 31.49 22.01 -20.74
N PHE V 11 32.20 20.90 -20.58
CA PHE V 11 31.75 19.79 -19.76
C PHE V 11 32.51 19.75 -18.44
N ASP V 12 31.81 19.42 -17.37
CA ASP V 12 32.47 19.26 -16.08
C ASP V 12 33.39 18.05 -16.13
N PRO V 13 34.67 18.21 -15.78
CA PRO V 13 35.57 17.05 -15.82
C PRO V 13 35.13 15.91 -14.91
N ARG V 14 34.53 16.23 -13.77
CA ARG V 14 34.11 15.19 -12.84
C ARG V 14 32.99 14.34 -13.42
N ARG V 15 31.98 15.00 -14.00
CA ARG V 15 30.88 14.27 -14.62
C ARG V 15 31.37 13.41 -15.78
N VAL V 16 32.24 13.98 -16.61
CA VAL V 16 32.75 13.26 -17.77
C VAL V 16 33.53 12.03 -17.33
N PHE V 17 34.40 12.18 -16.33
CA PHE V 17 35.21 11.05 -15.89
C PHE V 17 34.37 9.98 -15.22
N VAL V 18 33.37 10.37 -14.43
CA VAL V 18 32.51 9.37 -13.78
C VAL V 18 31.73 8.59 -14.82
N ALA V 19 31.08 9.28 -15.75
CA ALA V 19 30.30 8.60 -16.78
C ALA V 19 31.18 7.74 -17.67
N GLN V 20 32.36 8.26 -18.03
CA GLN V 20 33.27 7.50 -18.88
C GLN V 20 33.76 6.25 -18.18
N GLY V 21 34.10 6.33 -16.90
CA GLY V 21 34.53 5.15 -16.17
C GLY V 21 33.44 4.10 -16.08
N VAL V 22 32.21 4.52 -15.75
CA VAL V 22 31.11 3.57 -15.65
C VAL V 22 30.86 2.91 -17.01
N PHE V 23 30.84 3.72 -18.07
CA PHE V 23 30.58 3.19 -19.41
C PHE V 23 31.66 2.20 -19.83
N LEU V 24 32.92 2.56 -19.61
CA LEU V 24 34.02 1.70 -20.02
C LEU V 24 34.01 0.38 -19.25
N PHE V 25 33.76 0.44 -17.93
CA PHE V 25 33.70 -0.79 -17.16
C PHE V 25 32.57 -1.68 -17.63
N LEU V 26 31.39 -1.11 -17.86
CA LEU V 26 30.27 -1.92 -18.31
C LEU V 26 30.53 -2.54 -19.69
N LEU V 27 31.13 -1.77 -20.60
CA LEU V 27 31.46 -2.31 -21.91
C LEU V 27 32.47 -3.44 -21.81
N ALA V 28 33.49 -3.28 -20.98
CA ALA V 28 34.50 -4.33 -20.83
C ALA V 28 33.89 -5.60 -20.23
N VAL V 29 33.04 -5.44 -19.22
CA VAL V 29 32.39 -6.60 -18.62
C VAL V 29 31.48 -7.28 -19.62
N MET V 30 30.75 -6.50 -20.43
CA MET V 30 29.90 -7.08 -21.45
C MET V 30 30.72 -7.89 -22.45
N ILE V 31 31.84 -7.34 -22.92
CA ILE V 31 32.64 -8.05 -23.90
C ILE V 31 33.22 -9.33 -23.29
N HIS V 32 33.72 -9.25 -22.06
CA HIS V 32 34.28 -10.43 -21.41
C HIS V 32 33.21 -11.52 -21.23
N LEU V 33 32.00 -11.12 -20.86
CA LEU V 33 30.94 -12.10 -20.65
C LEU V 33 30.45 -12.70 -21.97
N ILE V 34 30.39 -11.89 -23.04
CA ILE V 34 30.06 -12.41 -24.35
C ILE V 34 31.10 -13.44 -24.78
N LEU V 35 32.38 -13.14 -24.55
CA LEU V 35 33.43 -14.10 -24.87
C LEU V 35 33.29 -15.37 -24.06
N LEU V 36 32.95 -15.25 -22.78
CA LEU V 36 32.75 -16.44 -21.95
C LEU V 36 31.60 -17.30 -22.48
N SER V 37 30.51 -16.66 -22.90
CA SER V 37 29.37 -17.43 -23.43
C SER V 37 29.65 -18.01 -24.81
N THR V 38 30.76 -17.64 -25.45
CA THR V 38 31.12 -18.19 -26.74
C THR V 38 31.96 -19.43 -26.55
N PRO V 39 31.52 -20.59 -27.03
CA PRO V 39 32.28 -21.83 -26.75
C PRO V 39 33.72 -21.80 -27.23
N SER V 40 34.00 -21.17 -28.35
CA SER V 40 35.34 -21.16 -28.90
C SER V 40 36.23 -20.09 -28.28
N TYR V 41 35.69 -19.24 -27.39
CA TYR V 41 36.48 -18.18 -26.78
C TYR V 41 36.35 -18.15 -25.26
N ASN V 42 35.77 -19.17 -24.66
CA ASN V 42 35.75 -19.30 -23.21
C ASN V 42 37.09 -19.88 -22.78
N TRP V 43 38.01 -19.03 -22.34
CA TRP V 43 39.37 -19.47 -22.07
C TRP V 43 39.41 -20.49 -20.94
N LEU V 44 38.46 -20.42 -20.01
CA LEU V 44 38.42 -21.39 -18.92
C LEU V 44 38.08 -22.78 -19.44
N GLU V 45 37.05 -22.90 -20.27
CA GLU V 45 36.72 -24.18 -20.87
C GLU V 45 37.78 -24.63 -21.87
N ILE V 46 38.41 -23.68 -22.57
CA ILE V 46 39.48 -24.04 -23.50
C ILE V 46 40.63 -24.69 -22.75
N SER V 47 41.01 -24.11 -21.61
CA SER V 47 42.09 -24.69 -20.81
C SER V 47 41.66 -25.98 -20.11
N ALA V 48 40.38 -26.10 -19.75
CA ALA V 48 39.90 -27.35 -19.17
C ALA V 48 39.99 -28.49 -20.17
N ALA V 49 39.60 -28.24 -21.42
CA ALA V 49 39.70 -29.27 -22.44
C ALA V 49 41.14 -29.51 -22.86
N LYS V 50 41.98 -28.47 -22.86
CA LYS V 50 43.36 -28.62 -23.28
C LYS V 50 44.14 -29.49 -22.31
N TYR V 51 43.98 -29.25 -21.01
CA TYR V 51 44.75 -29.94 -19.98
C TYR V 51 44.02 -31.15 -19.41
N ASN V 52 42.86 -31.50 -19.96
CA ASN V 52 42.08 -32.65 -19.52
C ASN V 52 41.78 -32.56 -18.03
N ARG V 53 41.07 -31.49 -17.67
CA ARG V 53 40.78 -31.18 -16.28
C ARG V 53 39.40 -31.65 -15.84
N VAL V 54 38.36 -31.30 -16.59
CA VAL V 54 37.01 -31.70 -16.23
C VAL V 54 36.43 -32.63 -17.29
N LEU W 7 33.10 26.97 -22.98
CA LEU W 7 33.13 28.40 -23.24
C LEU W 7 32.83 29.17 -21.96
N GLY W 8 33.54 28.81 -20.89
CA GLY W 8 33.19 29.34 -19.59
C GLY W 8 31.97 28.70 -18.98
N TYR W 9 31.51 27.57 -19.55
CA TYR W 9 30.35 26.88 -19.00
C TYR W 9 30.61 26.31 -17.62
N THR W 10 31.88 26.07 -17.28
CA THR W 10 32.23 25.41 -16.02
C THR W 10 33.28 26.20 -15.23
N GLY W 11 33.49 27.47 -15.56
CA GLY W 11 34.43 28.29 -14.83
C GLY W 11 35.84 27.77 -14.89
N LEU W 12 36.29 27.41 -16.08
CA LEU W 12 37.56 26.75 -16.28
C LEU W 12 38.35 27.53 -17.33
N THR W 13 39.57 27.94 -17.00
CA THR W 13 40.32 28.80 -17.89
C THR W 13 40.86 28.00 -19.07
N ASP W 14 41.31 28.73 -20.09
CA ASP W 14 41.83 28.10 -21.30
C ASP W 14 43.08 27.28 -21.02
N GLU W 15 44.01 27.85 -20.25
CA GLU W 15 45.24 27.12 -19.94
C GLU W 15 44.98 25.93 -19.03
N GLN W 16 44.04 26.06 -18.09
CA GLN W 16 43.66 24.92 -17.28
C GLN W 16 43.02 23.82 -18.12
N ALA W 17 42.22 24.20 -19.12
CA ALA W 17 41.68 23.22 -20.05
C ALA W 17 42.78 22.51 -20.81
N GLN W 18 43.78 23.28 -21.26
CA GLN W 18 44.90 22.66 -21.97
C GLN W 18 45.63 21.66 -21.08
N GLU W 19 45.89 22.03 -19.83
CA GLU W 19 46.58 21.15 -18.90
C GLU W 19 45.78 19.87 -18.62
N LEU W 20 44.48 20.04 -18.32
CA LEU W 20 43.64 18.89 -18.02
C LEU W 20 43.52 17.97 -19.23
N HIS W 21 43.40 18.54 -20.43
CA HIS W 21 43.35 17.71 -21.63
C HIS W 21 44.66 16.98 -21.85
N SER W 22 45.79 17.63 -21.58
CA SER W 22 47.07 16.97 -21.75
C SER W 22 47.18 15.75 -20.84
N VAL W 23 46.82 15.91 -19.57
CA VAL W 23 46.92 14.77 -18.66
C VAL W 23 45.86 13.69 -18.98
N TYR W 24 44.65 14.10 -19.37
CA TYR W 24 43.61 13.13 -19.73
C TYR W 24 44.05 12.32 -20.95
N MET W 25 44.65 12.98 -21.95
CA MET W 25 45.08 12.26 -23.13
C MET W 25 46.29 11.39 -22.83
N SER W 26 47.15 11.79 -21.90
CA SER W 26 48.22 10.89 -21.46
C SER W 26 47.64 9.60 -20.90
N GLY W 27 46.64 9.71 -20.02
CA GLY W 27 45.96 8.51 -19.54
C GLY W 27 45.29 7.71 -20.64
N LEU W 28 44.65 8.40 -21.59
CA LEU W 28 43.98 7.72 -22.69
C LEU W 28 44.96 6.93 -23.55
N TRP W 29 46.13 7.50 -23.84
CA TRP W 29 47.09 6.77 -24.65
C TRP W 29 47.72 5.61 -23.88
N LEU W 30 47.94 5.74 -22.57
CA LEU W 30 48.37 4.58 -21.80
C LEU W 30 47.34 3.46 -21.87
N PHE W 31 46.07 3.79 -21.66
CA PHE W 31 45.02 2.78 -21.75
C PHE W 31 44.98 2.14 -23.13
N SER W 32 45.08 2.95 -24.18
CA SER W 32 44.98 2.44 -25.54
C SER W 32 46.18 1.57 -25.90
N ALA W 33 47.38 1.93 -25.44
CA ALA W 33 48.54 1.08 -25.69
C ALA W 33 48.40 -0.26 -25.00
N VAL W 34 47.93 -0.26 -23.75
CA VAL W 34 47.71 -1.54 -23.06
C VAL W 34 46.66 -2.37 -23.80
N ALA W 35 45.58 -1.73 -24.26
CA ALA W 35 44.55 -2.46 -25.00
C ALA W 35 45.08 -3.01 -26.32
N ILE W 36 45.93 -2.26 -27.02
CA ILE W 36 46.51 -2.75 -28.27
C ILE W 36 47.39 -3.96 -28.02
N VAL W 37 48.22 -3.91 -26.97
CA VAL W 37 49.06 -5.07 -26.66
C VAL W 37 48.20 -6.27 -26.29
N ALA W 38 47.13 -6.06 -25.51
CA ALA W 38 46.26 -7.16 -25.14
C ALA W 38 45.58 -7.77 -26.37
N HIS W 39 45.10 -6.93 -27.28
CA HIS W 39 44.45 -7.43 -28.49
C HIS W 39 45.44 -8.17 -29.37
N LEU W 40 46.68 -7.69 -29.45
CA LEU W 40 47.71 -8.38 -30.22
C LEU W 40 48.00 -9.76 -29.64
N ALA W 41 48.10 -9.84 -28.31
CA ALA W 41 48.34 -11.14 -27.67
C ALA W 41 47.19 -12.10 -27.92
N VAL W 42 45.95 -11.61 -27.79
CA VAL W 42 44.79 -12.47 -28.03
C VAL W 42 44.75 -12.93 -29.49
N TYR W 43 45.04 -12.02 -30.43
CA TYR W 43 45.00 -12.37 -31.84
C TYR W 43 46.05 -13.41 -32.19
N ILE W 44 47.26 -13.27 -31.63
CA ILE W 44 48.28 -14.28 -31.86
C ILE W 44 47.85 -15.61 -31.25
N TRP W 45 47.25 -15.57 -30.06
CA TRP W 45 46.78 -16.79 -29.40
C TRP W 45 45.63 -17.42 -30.17
N ARG W 46 44.60 -16.64 -30.52
CA ARG W 46 43.44 -17.16 -31.23
C ARG W 46 42.88 -16.06 -32.13
N PRO W 47 43.29 -16.02 -33.39
CA PRO W 47 42.76 -15.00 -34.29
C PRO W 47 41.26 -15.14 -34.48
N TRP W 48 40.58 -14.00 -34.58
CA TRP W 48 39.13 -14.00 -34.76
C TRP W 48 38.73 -13.59 -36.17
N PHE W 49 39.64 -13.71 -37.13
CA PHE W 49 39.34 -13.44 -38.53
C PHE W 49 39.91 -14.53 -39.41
N FME X 1 25.48 27.59 -46.97
CN FME X 1 24.60 27.99 -46.01
O1 FME X 1 24.31 27.30 -45.02
CA FME X 1 26.16 26.32 -46.94
CB FME X 1 26.96 26.04 -48.22
CG FME X 1 27.44 24.61 -48.26
SD FME X 1 26.02 23.58 -48.17
CE FME X 1 25.34 23.73 -49.78
C FME X 1 27.15 26.24 -45.77
O FME X 1 27.01 25.46 -44.82
N SER X 2 28.18 27.07 -45.85
CA SER X 2 29.21 27.11 -44.82
C SER X 2 28.80 28.02 -43.66
N LYS X 3 27.49 28.13 -43.44
CA LYS X 3 26.95 28.90 -42.32
C LYS X 3 26.30 28.01 -41.28
N PHE X 4 26.66 26.72 -41.23
CA PHE X 4 26.12 25.83 -40.22
C PHE X 4 26.61 26.15 -38.82
N TYR X 5 27.65 26.98 -38.69
CA TYR X 5 28.23 27.26 -37.38
C TYR X 5 27.26 27.96 -36.45
N LYS X 6 26.17 28.52 -36.98
CA LYS X 6 25.13 29.14 -36.17
C LYS X 6 24.24 28.13 -35.45
N ILE X 7 24.39 26.83 -35.74
CA ILE X 7 23.55 25.85 -35.07
C ILE X 7 23.77 25.89 -33.56
N TRP X 8 24.98 26.24 -33.11
CA TRP X 8 25.25 26.32 -31.69
C TRP X 8 24.69 27.58 -31.06
N MET X 9 24.27 28.56 -31.85
CA MET X 9 23.58 29.72 -31.31
C MET X 9 22.20 29.35 -30.78
N ILE X 10 21.56 28.36 -31.38
CA ILE X 10 20.21 27.97 -31.02
C ILE X 10 20.20 26.83 -30.00
N PHE X 11 21.10 25.86 -30.17
CA PHE X 11 21.10 24.65 -29.37
C PHE X 11 22.24 24.64 -28.38
N ASP X 12 21.96 24.22 -27.15
CA ASP X 12 22.99 24.15 -26.13
C ASP X 12 24.00 23.08 -26.49
N PRO X 13 25.29 23.42 -26.54
CA PRO X 13 26.30 22.39 -26.86
C PRO X 13 26.27 21.19 -25.92
N ARG X 14 25.98 21.41 -24.63
CA ARG X 14 25.99 20.32 -23.67
C ARG X 14 24.93 19.27 -24.02
N ARG X 15 23.69 19.70 -24.19
CA ARG X 15 22.62 18.74 -24.49
C ARG X 15 22.84 18.08 -25.84
N VAL X 16 23.27 18.85 -26.84
CA VAL X 16 23.49 18.30 -28.16
C VAL X 16 24.57 17.21 -28.11
N PHE X 17 25.69 17.49 -27.44
CA PHE X 17 26.77 16.52 -27.38
C PHE X 17 26.37 15.28 -26.60
N VAL X 18 25.69 15.44 -25.47
CA VAL X 18 25.29 14.28 -24.68
C VAL X 18 24.32 13.42 -25.48
N ALA X 19 23.32 14.05 -26.11
CA ALA X 19 22.35 13.29 -26.90
C ALA X 19 23.01 12.61 -28.08
N GLN X 20 23.92 13.29 -28.76
CA GLN X 20 24.59 12.69 -29.90
C GLN X 20 25.45 11.50 -29.48
N GLY X 21 26.18 11.62 -28.37
CA GLY X 21 26.96 10.50 -27.89
C GLY X 21 26.10 9.30 -27.54
N VAL X 22 24.98 9.54 -26.83
CA VAL X 22 24.10 8.45 -26.45
C VAL X 22 23.51 7.79 -27.70
N PHE X 23 23.05 8.61 -28.65
CA PHE X 23 22.45 8.07 -29.87
C PHE X 23 23.46 7.27 -30.68
N LEU X 24 24.67 7.79 -30.84
CA LEU X 24 25.68 7.08 -31.62
C LEU X 24 26.07 5.77 -30.97
N PHE X 25 26.25 5.76 -29.65
CA PHE X 25 26.59 4.52 -28.96
C PHE X 25 25.47 3.50 -29.10
N LEU X 26 24.22 3.93 -28.90
CA LEU X 26 23.10 3.00 -28.98
C LEU X 26 22.95 2.45 -30.40
N LEU X 27 23.09 3.29 -31.42
CA LEU X 27 23.00 2.82 -32.79
C LEU X 27 24.11 1.81 -33.11
N ALA X 28 25.34 2.12 -32.67
CA ALA X 28 26.45 1.20 -32.92
C ALA X 28 26.24 -0.13 -32.22
N VAL X 29 25.76 -0.10 -30.97
CA VAL X 29 25.51 -1.33 -30.24
C VAL X 29 24.42 -2.15 -30.92
N MET X 30 23.35 -1.49 -31.38
CA MET X 30 22.29 -2.21 -32.06
C MET X 30 22.78 -2.86 -33.35
N ILE X 31 23.59 -2.14 -34.13
CA ILE X 31 24.11 -2.70 -35.37
C ILE X 31 25.03 -3.88 -35.09
N HIS X 32 25.91 -3.73 -34.09
CA HIS X 32 26.81 -4.81 -33.73
C HIS X 32 26.04 -6.05 -33.27
N LEU X 33 24.99 -5.86 -32.47
CA LEU X 33 24.21 -6.99 -31.97
C LEU X 33 23.39 -7.63 -33.08
N ILE X 34 22.90 -6.84 -34.04
CA ILE X 34 22.22 -7.42 -35.19
C ILE X 34 23.18 -8.28 -35.99
N LEU X 35 24.41 -7.79 -36.19
CA LEU X 35 25.39 -8.60 -36.91
C LEU X 35 25.75 -9.86 -36.14
N LEU X 36 25.90 -9.76 -34.83
CA LEU X 36 26.24 -10.92 -34.02
C LEU X 36 25.13 -11.97 -34.05
N SER X 37 23.87 -11.53 -33.99
CA SER X 37 22.75 -12.46 -34.05
C SER X 37 22.58 -13.07 -35.44
N THR X 38 23.10 -12.43 -36.47
CA THR X 38 23.02 -12.97 -37.82
C THR X 38 24.03 -14.11 -37.96
N PRO X 39 23.59 -15.32 -38.27
CA PRO X 39 24.53 -16.45 -38.36
C PRO X 39 25.59 -16.26 -39.44
N SER X 40 25.28 -15.55 -40.51
CA SER X 40 26.23 -15.36 -41.61
C SER X 40 27.24 -14.26 -41.34
N TYR X 41 27.03 -13.44 -40.30
CA TYR X 41 27.97 -12.38 -39.98
C TYR X 41 28.47 -12.44 -38.54
N ASN X 42 28.17 -13.51 -37.80
CA ASN X 42 28.71 -13.70 -36.46
C ASN X 42 30.18 -14.03 -36.60
N TRP X 43 31.05 -13.04 -36.36
CA TRP X 43 32.46 -13.22 -36.65
C TRP X 43 33.10 -14.25 -35.74
N LEU X 44 32.63 -14.38 -34.50
CA LEU X 44 33.16 -15.40 -33.61
C LEU X 44 32.84 -16.80 -34.12
N GLU X 45 31.59 -17.02 -34.55
CA GLU X 45 31.23 -18.32 -35.11
C GLU X 45 31.90 -18.56 -36.45
N ILE X 46 32.08 -17.52 -37.26
CA ILE X 46 32.78 -17.67 -38.52
C ILE X 46 34.22 -18.13 -38.28
N SER X 47 34.90 -17.49 -37.33
CA SER X 47 36.27 -17.89 -37.01
C SER X 47 36.30 -19.30 -36.43
N ALA X 48 35.33 -19.65 -35.58
CA ALA X 48 35.29 -20.99 -35.01
C ALA X 48 35.15 -22.05 -36.10
N ALA X 49 34.27 -21.81 -37.07
CA ALA X 49 34.13 -22.75 -38.18
C ALA X 49 35.38 -22.78 -39.04
N LYS X 50 36.01 -21.63 -39.26
CA LYS X 50 37.19 -21.56 -40.10
C LYS X 50 38.37 -22.32 -39.48
N TYR X 51 38.54 -22.22 -38.17
CA TYR X 51 39.69 -22.79 -37.49
C TYR X 51 39.36 -24.09 -36.74
N ASN X 52 38.15 -24.62 -36.90
CA ASN X 52 37.73 -25.89 -36.30
C ASN X 52 37.94 -25.88 -34.78
N ARG X 53 37.29 -24.92 -34.12
CA ARG X 53 37.48 -24.71 -32.69
C ARG X 53 36.39 -25.35 -31.84
N VAL X 54 35.45 -26.06 -32.44
CA VAL X 54 34.44 -26.76 -31.67
C VAL X 54 34.31 -28.20 -32.17
N GLY Y 8 22.39 34.55 -29.56
CA GLY Y 8 21.18 33.75 -29.60
C GLY Y 8 20.71 33.30 -28.23
N TYR Y 9 20.05 32.14 -28.18
CA TYR Y 9 19.59 31.60 -26.91
C TYR Y 9 20.78 31.24 -26.02
N THR Y 10 21.80 30.61 -26.59
CA THR Y 10 22.94 30.19 -25.80
C THR Y 10 23.81 31.35 -25.34
N GLY Y 11 23.68 32.51 -25.98
CA GLY Y 11 24.49 33.65 -25.65
C GLY Y 11 25.90 33.61 -26.19
N LEU Y 12 26.23 32.63 -27.03
CA LEU Y 12 27.55 32.53 -27.60
C LEU Y 12 27.80 33.65 -28.60
N THR Y 13 29.05 34.11 -28.66
CA THR Y 13 29.42 35.09 -29.66
C THR Y 13 29.59 34.41 -31.02
N ASP Y 14 29.73 35.24 -32.06
CA ASP Y 14 29.89 34.71 -33.40
C ASP Y 14 31.19 33.93 -33.55
N GLU Y 15 32.30 34.49 -33.04
CA GLU Y 15 33.57 33.78 -33.11
C GLU Y 15 33.55 32.52 -32.25
N GLN Y 16 32.81 32.54 -31.14
CA GLN Y 16 32.65 31.34 -30.33
C GLN Y 16 31.96 30.23 -31.12
N ALA Y 17 30.91 30.58 -31.87
CA ALA Y 17 30.25 29.60 -32.72
C ALA Y 17 31.19 29.09 -33.81
N GLN Y 18 31.96 30.00 -34.42
CA GLN Y 18 32.97 29.58 -35.39
C GLN Y 18 33.89 28.52 -34.82
N GLU Y 19 34.50 28.81 -33.65
CA GLU Y 19 35.46 27.88 -33.08
C GLU Y 19 34.81 26.58 -32.66
N LEU Y 20 33.63 26.64 -32.04
CA LEU Y 20 32.98 25.44 -31.57
C LEU Y 20 32.61 24.54 -32.73
N HIS Y 21 32.06 25.11 -33.81
CA HIS Y 21 31.72 24.30 -34.97
C HIS Y 21 32.96 23.77 -35.66
N SER Y 22 34.05 24.55 -35.69
CA SER Y 22 35.28 24.03 -36.28
C SER Y 22 35.77 22.79 -35.54
N VAL Y 23 35.80 22.85 -34.22
CA VAL Y 23 36.25 21.70 -33.44
C VAL Y 23 35.29 20.51 -33.57
N TYR Y 24 33.98 20.76 -33.50
CA TYR Y 24 33.01 19.68 -33.65
C TYR Y 24 33.13 19.03 -35.02
N MET Y 25 33.33 19.82 -36.07
CA MET Y 25 33.48 19.26 -37.41
C MET Y 25 34.77 18.48 -37.54
N SER Y 26 35.85 18.94 -36.91
CA SER Y 26 37.09 18.17 -36.93
C SER Y 26 36.89 16.80 -36.29
N GLY Y 27 36.22 16.77 -35.14
CA GLY Y 27 35.92 15.49 -34.52
C GLY Y 27 35.03 14.62 -35.37
N LEU Y 28 34.01 15.21 -36.01
CA LEU Y 28 33.12 14.45 -36.87
C LEU Y 28 33.88 13.85 -38.05
N TRP Y 29 34.80 14.61 -38.64
CA TRP Y 29 35.57 14.10 -39.76
C TRP Y 29 36.50 12.98 -39.33
N LEU Y 30 37.10 13.09 -38.14
CA LEU Y 30 37.93 12.00 -37.65
C LEU Y 30 37.11 10.73 -37.43
N PHE Y 31 35.94 10.87 -36.81
CA PHE Y 31 35.05 9.73 -36.59
C PHE Y 31 34.64 9.09 -37.92
N SER Y 32 34.28 9.92 -38.90
CA SER Y 32 33.86 9.41 -40.19
C SER Y 32 35.01 8.75 -40.96
N ALA Y 33 36.22 9.28 -40.83
CA ALA Y 33 37.36 8.64 -41.50
C ALA Y 33 37.62 7.27 -40.91
N VAL Y 34 37.57 7.15 -39.58
CA VAL Y 34 37.75 5.85 -38.96
C VAL Y 34 36.63 4.90 -39.39
N ALA Y 35 35.40 5.40 -39.45
CA ALA Y 35 34.28 4.56 -39.88
C ALA Y 35 34.44 4.11 -41.33
N ILE Y 36 34.94 4.99 -42.20
CA ILE Y 36 35.16 4.63 -43.60
C ILE Y 36 36.21 3.53 -43.71
N VAL Y 37 37.30 3.66 -42.95
CA VAL Y 37 38.34 2.63 -42.99
C VAL Y 37 37.78 1.31 -42.49
N ALA Y 38 36.99 1.34 -41.40
CA ALA Y 38 36.41 0.11 -40.86
C ALA Y 38 35.47 -0.54 -41.87
N HIS Y 39 34.63 0.26 -42.53
CA HIS Y 39 33.70 -0.28 -43.50
C HIS Y 39 34.45 -0.87 -44.70
N LEU Y 40 35.52 -0.22 -45.14
CA LEU Y 40 36.33 -0.76 -46.22
C LEU Y 40 36.94 -2.10 -45.83
N ALA Y 41 37.47 -2.19 -44.60
CA ALA Y 41 38.06 -3.45 -44.16
C ALA Y 41 37.03 -4.56 -44.09
N VAL Y 42 35.85 -4.26 -43.56
CA VAL Y 42 34.79 -5.28 -43.48
C VAL Y 42 34.34 -5.70 -44.87
N TYR Y 43 34.19 -4.73 -45.79
CA TYR Y 43 33.72 -5.06 -47.13
C TYR Y 43 34.73 -5.92 -47.87
N ILE Y 44 36.02 -5.62 -47.74
CA ILE Y 44 37.03 -6.48 -48.35
C ILE Y 44 37.02 -7.87 -47.70
N TRP Y 45 36.89 -7.92 -46.38
CA TRP Y 45 36.86 -9.20 -45.67
C TRP Y 45 35.64 -10.01 -46.06
N ARG Y 46 34.46 -9.40 -45.99
CA ARG Y 46 33.20 -10.11 -46.18
C ARG Y 46 32.17 -9.13 -46.71
N PRO Y 47 32.08 -8.96 -48.03
CA PRO Y 47 31.17 -7.97 -48.59
C PRO Y 47 29.72 -8.33 -48.36
N TRP Y 48 28.89 -7.31 -48.22
CA TRP Y 48 27.46 -7.49 -48.00
C TRP Y 48 26.62 -7.19 -49.24
N PHE Y 49 27.26 -6.94 -50.37
CA PHE Y 49 26.53 -6.74 -51.62
C PHE Y 49 26.93 -7.79 -52.65
N FME Z 1 6.01 31.34 -52.14
CN FME Z 1 5.64 31.84 -50.92
O1 FME Z 1 6.29 31.70 -49.88
CA FME Z 1 7.21 30.58 -52.38
CB FME Z 1 7.44 30.30 -53.88
CG FME Z 1 7.14 28.86 -54.22
SD FME Z 1 8.59 28.19 -54.99
CE FME Z 1 9.80 28.37 -53.75
C FME Z 1 8.48 31.27 -51.88
O FME Z 1 9.42 30.67 -51.36
N SER Z 2 8.49 32.59 -52.03
CA SER Z 2 9.62 33.41 -51.59
C SER Z 2 9.36 34.02 -50.22
N LYS Z 3 8.42 33.43 -49.48
CA LYS Z 3 8.06 33.95 -48.16
C LYS Z 3 7.97 32.85 -47.12
N PHE Z 4 8.49 31.66 -47.41
CA PHE Z 4 8.42 30.56 -46.45
C PHE Z 4 9.25 30.83 -45.19
N TYR Z 5 10.23 31.72 -45.26
CA TYR Z 5 11.09 31.98 -44.11
C TYR Z 5 10.29 32.43 -42.89
N LYS Z 6 9.11 33.03 -43.13
CA LYS Z 6 8.28 33.51 -42.03
C LYS Z 6 7.72 32.37 -41.18
N ILE Z 7 7.85 31.11 -41.62
CA ILE Z 7 7.57 29.98 -40.73
C ILE Z 7 8.38 30.13 -39.45
N TRP Z 8 9.63 30.57 -39.58
CA TRP Z 8 10.49 30.73 -38.42
C TRP Z 8 10.02 31.86 -37.51
N MET Z 9 9.19 32.78 -38.00
CA MET Z 9 8.60 33.79 -37.14
C MET Z 9 7.44 33.25 -36.31
N ILE Z 10 6.94 32.06 -36.65
CA ILE Z 10 5.83 31.46 -35.93
C ILE Z 10 6.25 30.21 -35.15
N PHE Z 11 7.24 29.47 -35.62
CA PHE Z 11 7.71 28.25 -34.98
C PHE Z 11 9.09 28.45 -34.40
N ASP Z 12 9.27 28.01 -33.16
CA ASP Z 12 10.58 28.11 -32.50
C ASP Z 12 11.58 27.18 -33.17
N PRO Z 13 12.80 27.65 -33.46
CA PRO Z 13 13.77 26.78 -34.14
C PRO Z 13 14.12 25.51 -33.37
N ARG Z 14 14.22 25.59 -32.04
CA ARG Z 14 14.63 24.41 -31.27
C ARG Z 14 13.61 23.28 -31.42
N ARG Z 15 12.34 23.59 -31.19
CA ARG Z 15 11.31 22.55 -31.26
C ARG Z 15 11.18 22.01 -32.68
N VAL Z 16 11.26 22.88 -33.69
CA VAL Z 16 11.15 22.43 -35.07
C VAL Z 16 12.28 21.49 -35.42
N PHE Z 17 13.51 21.86 -35.06
CA PHE Z 17 14.66 21.03 -35.37
C PHE Z 17 14.60 19.69 -34.64
N VAL Z 18 14.22 19.70 -33.36
CA VAL Z 18 14.13 18.45 -32.61
C VAL Z 18 13.06 17.54 -33.22
N ALA Z 19 11.89 18.10 -33.53
CA ALA Z 19 10.82 17.31 -34.10
C ALA Z 19 11.22 16.74 -35.45
N GLN Z 20 11.86 17.55 -36.29
CA GLN Z 20 12.25 17.07 -37.61
C GLN Z 20 13.33 15.99 -37.53
N GLY Z 21 14.30 16.15 -36.63
CA GLY Z 21 15.30 15.12 -36.46
C GLY Z 21 14.71 13.81 -35.99
N VAL Z 22 13.82 13.87 -35.01
CA VAL Z 22 13.18 12.64 -34.52
C VAL Z 22 12.35 12.00 -35.62
N PHE Z 23 11.58 12.80 -36.36
CA PHE Z 23 10.75 12.26 -37.42
C PHE Z 23 11.59 11.61 -38.50
N LEU Z 24 12.69 12.28 -38.90
CA LEU Z 24 13.56 11.74 -39.93
C LEU Z 24 14.16 10.41 -39.49
N PHE Z 25 14.65 10.36 -38.25
CA PHE Z 25 15.25 9.11 -37.77
C PHE Z 25 14.22 7.98 -37.72
N LEU Z 26 13.02 8.27 -37.22
CA LEU Z 26 12.00 7.22 -37.13
C LEU Z 26 11.56 6.74 -38.49
N LEU Z 27 11.39 7.66 -39.45
CA LEU Z 27 11.02 7.27 -40.80
C LEU Z 27 12.10 6.42 -41.45
N ALA Z 28 13.37 6.81 -41.28
CA ALA Z 28 14.46 6.03 -41.85
C ALA Z 28 14.52 4.64 -41.23
N VAL Z 29 14.35 4.54 -39.91
CA VAL Z 29 14.36 3.24 -39.26
C VAL Z 29 13.21 2.39 -39.75
N MET Z 30 12.02 2.98 -39.90
CA MET Z 30 10.88 2.21 -40.38
C MET Z 30 11.11 1.68 -41.79
N ILE Z 31 11.64 2.52 -42.68
CA ILE Z 31 11.87 2.07 -44.04
C ILE Z 31 12.95 0.99 -44.09
N HIS Z 32 14.02 1.17 -43.32
CA HIS Z 32 15.08 0.16 -43.27
C HIS Z 32 14.56 -1.17 -42.73
N LEU Z 33 13.74 -1.13 -41.69
CA LEU Z 33 13.18 -2.36 -41.14
C LEU Z 33 12.21 -3.02 -42.11
N ILE Z 34 11.43 -2.22 -42.83
CA ILE Z 34 10.52 -2.77 -43.83
C ILE Z 34 11.31 -3.48 -44.93
N LEU Z 35 12.40 -2.86 -45.39
CA LEU Z 35 13.24 -3.51 -46.39
C LEU Z 35 13.89 -4.78 -45.84
N LEU Z 36 14.31 -4.75 -44.58
CA LEU Z 36 14.91 -5.91 -43.95
C LEU Z 36 13.92 -7.07 -43.84
N SER Z 37 12.65 -6.77 -43.60
CA SER Z 37 11.66 -7.83 -43.42
C SER Z 37 11.38 -8.56 -44.73
N THR Z 38 11.33 -7.84 -45.84
CA THR Z 38 11.07 -8.49 -47.13
C THR Z 38 12.28 -9.33 -47.52
N PRO Z 39 12.10 -10.62 -47.82
CA PRO Z 39 13.25 -11.46 -48.18
C PRO Z 39 13.93 -11.05 -49.46
N SER Z 40 13.24 -10.35 -50.36
CA SER Z 40 13.82 -9.94 -51.62
C SER Z 40 14.68 -8.68 -51.50
N TYR Z 41 14.63 -7.99 -50.35
CA TYR Z 41 15.42 -6.79 -50.15
C TYR Z 41 16.29 -6.84 -48.89
N ASN Z 42 16.27 -7.95 -48.15
CA ASN Z 42 17.14 -8.12 -46.99
C ASN Z 42 18.57 -8.35 -47.48
N TRP Z 43 19.41 -7.32 -47.37
CA TRP Z 43 20.73 -7.39 -47.98
C TRP Z 43 21.63 -8.42 -47.31
N LEU Z 44 21.43 -8.66 -46.02
CA LEU Z 44 22.25 -9.66 -45.32
C LEU Z 44 21.98 -11.06 -45.86
N GLU Z 45 20.71 -11.46 -45.94
CA GLU Z 45 20.39 -12.76 -46.50
C GLU Z 45 20.68 -12.83 -48.00
N ILE Z 46 20.54 -11.70 -48.71
CA ILE Z 46 20.88 -11.69 -50.13
C ILE Z 46 22.36 -12.01 -50.33
N SER Z 47 23.23 -11.37 -49.56
CA SER Z 47 24.66 -11.67 -49.65
C SER Z 47 24.96 -13.08 -49.16
N ALA Z 48 24.26 -13.54 -48.12
CA ALA Z 48 24.50 -14.88 -47.59
C ALA Z 48 24.18 -15.94 -48.64
N ALA Z 49 23.09 -15.75 -49.38
CA ALA Z 49 22.74 -16.68 -50.45
C ALA Z 49 23.67 -16.52 -51.66
N LYS Z 50 24.08 -15.28 -51.95
CA LYS Z 50 24.97 -15.04 -53.08
C LYS Z 50 26.31 -15.72 -52.89
N TYR Z 51 26.89 -15.61 -51.70
CA TYR Z 51 28.23 -16.11 -51.43
C TYR Z 51 28.24 -17.47 -50.72
N ASN Z 52 27.08 -18.06 -50.47
CA ASN Z 52 26.96 -19.37 -49.83
C ASN Z 52 27.69 -19.38 -48.48
N ARG Z 53 27.21 -18.52 -47.58
CA ARG Z 53 27.83 -18.34 -46.27
C ARG Z 53 27.16 -19.15 -45.18
N VAL Z 54 26.16 -19.96 -45.51
CA VAL Z 54 25.48 -20.76 -44.50
C VAL Z 54 25.35 -22.20 -44.97
N GLY AA 8 5.71 36.51 -34.77
CA GLY AA 8 5.45 37.46 -33.70
C GLY AA 8 5.65 36.87 -32.32
N TYR AA 9 5.93 35.57 -32.27
CA TYR AA 9 6.15 34.87 -31.02
C TYR AA 9 7.62 34.63 -30.71
N THR AA 10 8.42 34.23 -31.71
CA THR AA 10 9.84 34.05 -31.52
C THR AA 10 10.60 35.37 -31.48
N GLY AA 11 10.04 36.44 -32.03
CA GLY AA 11 10.71 37.72 -32.06
C GLY AA 11 11.80 37.85 -33.09
N LEU AA 12 11.97 36.86 -33.98
CA LEU AA 12 13.00 36.94 -35.00
C LEU AA 12 12.69 38.04 -36.00
N THR AA 13 13.72 38.76 -36.41
CA THR AA 13 13.56 39.82 -37.39
C THR AA 13 13.50 39.23 -38.80
N ASP AA 14 13.25 40.11 -39.77
CA ASP AA 14 13.20 39.66 -41.16
C ASP AA 14 14.54 39.09 -41.61
N GLU AA 15 15.62 39.81 -41.34
CA GLU AA 15 16.94 39.33 -41.74
C GLU AA 15 17.32 38.05 -41.02
N GLN AA 16 17.02 37.95 -39.72
CA GLN AA 16 17.33 36.73 -38.98
C GLN AA 16 16.55 35.54 -39.53
N ALA AA 17 15.26 35.73 -39.80
CA ALA AA 17 14.44 34.64 -40.34
C ALA AA 17 14.94 34.23 -41.71
N GLN AA 18 15.29 35.19 -42.56
CA GLN AA 18 15.80 34.86 -43.88
C GLN AA 18 17.12 34.09 -43.80
N GLU AA 19 18.01 34.51 -42.90
CA GLU AA 19 19.28 33.79 -42.73
C GLU AA 19 19.06 32.37 -42.23
N LEU AA 20 18.19 32.21 -41.23
CA LEU AA 20 17.90 30.88 -40.69
C LEU AA 20 17.29 29.98 -41.75
N HIS AA 21 16.34 30.50 -42.53
CA HIS AA 21 15.75 29.69 -43.58
C HIS AA 21 16.74 29.37 -44.69
N SER AA 22 17.68 30.28 -44.97
CA SER AA 22 18.69 30.00 -45.99
C SER AA 22 19.60 28.85 -45.54
N VAL AA 23 20.02 28.85 -44.27
CA VAL AA 23 20.84 27.76 -43.79
C VAL AA 23 20.05 26.46 -43.75
N TYR AA 24 18.78 26.51 -43.32
CA TYR AA 24 17.94 25.33 -43.32
C TYR AA 24 17.78 24.76 -44.74
N MET AA 25 17.59 25.63 -45.72
CA MET AA 25 17.46 25.18 -47.10
C MET AA 25 18.76 24.55 -47.58
N SER AA 26 19.90 25.13 -47.22
CA SER AA 26 21.17 24.52 -47.60
C SER AA 26 21.29 23.10 -47.04
N GLY AA 27 20.92 22.94 -45.77
CA GLY AA 27 20.93 21.60 -45.18
C GLY AA 27 19.98 20.65 -45.86
N LEU AA 28 18.77 21.12 -46.18
CA LEU AA 28 17.78 20.28 -46.83
C LEU AA 28 18.24 19.83 -48.21
N TRP AA 29 18.84 20.74 -48.99
CA TRP AA 29 19.36 20.34 -50.29
C TRP AA 29 20.52 19.37 -50.17
N LEU AA 30 21.41 19.56 -49.19
CA LEU AA 30 22.49 18.58 -49.00
C LEU AA 30 21.95 17.20 -48.67
N PHE AA 31 20.98 17.15 -47.74
CA PHE AA 31 20.37 15.88 -47.36
C PHE AA 31 19.68 15.23 -48.56
N SER AA 32 18.94 16.02 -49.34
CA SER AA 32 18.23 15.48 -50.49
C SER AA 32 19.19 14.98 -51.55
N ALA AA 33 20.30 15.68 -51.77
CA ALA AA 33 21.29 15.22 -52.74
C ALA AA 33 21.90 13.89 -52.31
N VAL AA 34 22.26 13.77 -51.02
CA VAL AA 34 22.79 12.50 -50.54
C VAL AA 34 21.77 11.38 -50.70
N ALA AA 35 20.51 11.67 -50.37
CA ALA AA 35 19.47 10.64 -50.50
C ALA AA 35 19.24 10.25 -51.95
N ILE AA 36 19.32 11.22 -52.87
CA ILE AA 36 19.13 10.92 -54.28
C ILE AA 36 20.27 10.04 -54.79
N VAL AA 37 21.50 10.34 -54.39
CA VAL AA 37 22.63 9.50 -54.80
C VAL AA 37 22.48 8.09 -54.24
N ALA AA 38 22.07 7.96 -52.98
CA ALA AA 38 21.87 6.65 -52.39
C ALA AA 38 20.76 5.88 -53.10
N HIS AA 39 19.67 6.58 -53.45
CA HIS AA 39 18.57 5.93 -54.17
C HIS AA 39 19.00 5.48 -55.56
N LEU AA 40 19.83 6.28 -56.23
CA LEU AA 40 20.34 5.86 -57.54
C LEU AA 40 21.22 4.62 -57.41
N ALA AA 41 22.07 4.58 -56.37
CA ALA AA 41 22.89 3.41 -56.14
C ALA AA 41 22.04 2.17 -55.90
N VAL AA 42 21.00 2.30 -55.07
CA VAL AA 42 20.14 1.15 -54.79
C VAL AA 42 19.39 0.73 -56.05
N TYR AA 43 18.91 1.70 -56.84
CA TYR AA 43 18.18 1.36 -58.06
C TYR AA 43 19.06 0.64 -59.05
N ILE AA 44 20.31 1.07 -59.20
CA ILE AA 44 21.24 0.35 -60.07
C ILE AA 44 21.51 -1.04 -59.51
N TRP AA 45 21.56 -1.17 -58.18
CA TRP AA 45 21.76 -2.49 -57.58
C TRP AA 45 20.53 -3.37 -57.78
N ARG AA 46 19.38 -2.95 -57.26
CA ARG AA 46 18.13 -3.71 -57.38
C ARG AA 46 16.99 -2.75 -57.61
N PRO AA 47 16.61 -2.51 -58.86
CA PRO AA 47 15.48 -1.62 -59.13
C PRO AA 47 14.18 -2.17 -58.57
N TRP AA 48 13.34 -1.28 -58.06
CA TRP AA 48 12.04 -1.65 -57.54
C TRP AA 48 10.91 -1.32 -58.51
N PHE AA 49 11.24 -1.00 -59.75
CA PHE AA 49 10.24 -0.77 -60.78
C PHE AA 49 10.57 -1.59 -62.02
N SER BA 2 -14.28 33.95 -51.47
CA SER BA 2 -13.00 34.10 -50.79
C SER BA 2 -13.21 34.35 -49.30
N LYS BA 3 -12.43 35.28 -48.75
CA LYS BA 3 -12.51 35.67 -47.34
C LYS BA 3 -12.24 34.51 -46.39
N PHE BA 4 -11.55 33.47 -46.86
CA PHE BA 4 -11.22 32.35 -45.99
C PHE BA 4 -10.17 32.71 -44.95
N TYR BA 5 -9.44 33.82 -45.16
CA TYR BA 5 -8.40 34.23 -44.24
C TYR BA 5 -8.92 34.50 -42.83
N LYS BA 6 -10.23 34.68 -42.67
CA LYS BA 6 -10.82 34.85 -41.35
C LYS BA 6 -10.63 33.62 -40.49
N ILE BA 7 -10.27 32.47 -41.09
CA ILE BA 7 -9.94 31.30 -40.29
C ILE BA 7 -8.74 31.60 -39.38
N TRP BA 8 -7.89 32.54 -39.79
CA TRP BA 8 -6.83 33.02 -38.92
C TRP BA 8 -7.35 34.18 -38.08
N MET BA 9 -8.52 33.98 -37.49
CA MET BA 9 -9.06 34.84 -36.45
C MET BA 9 -9.63 34.04 -35.29
N ILE BA 10 -9.72 32.71 -35.43
CA ILE BA 10 -10.33 31.85 -34.44
C ILE BA 10 -9.34 30.85 -33.87
N PHE BA 11 -8.44 30.33 -34.69
CA PHE BA 11 -7.49 29.30 -34.28
C PHE BA 11 -6.07 29.84 -34.33
N ASP BA 12 -5.24 29.31 -33.43
CA ASP BA 12 -3.83 29.68 -33.41
C ASP BA 12 -3.12 29.06 -34.60
N PRO BA 13 -2.39 29.84 -35.41
CA PRO BA 13 -1.71 29.26 -36.57
C PRO BA 13 -0.72 28.16 -36.23
N ARG BA 14 -0.04 28.26 -35.08
CA ARG BA 14 0.88 27.19 -34.68
C ARG BA 14 0.14 25.86 -34.55
N ARG BA 15 -0.98 25.87 -33.82
CA ARG BA 15 -1.76 24.65 -33.65
C ARG BA 15 -2.32 24.17 -34.98
N VAL BA 16 -2.77 25.09 -35.84
CA VAL BA 16 -3.30 24.70 -37.14
C VAL BA 16 -2.24 23.97 -37.94
N PHE BA 17 -1.03 24.53 -38.01
CA PHE BA 17 0.02 23.92 -38.81
C PHE BA 17 0.47 22.58 -38.22
N VAL BA 18 0.61 22.50 -36.90
CA VAL BA 18 1.02 21.25 -36.28
C VAL BA 18 -0.01 20.16 -36.53
N ALA BA 19 -1.30 20.49 -36.33
CA ALA BA 19 -2.35 19.51 -36.55
C ALA BA 19 -2.41 19.08 -38.00
N GLN BA 20 -2.26 20.03 -38.93
CA GLN BA 20 -2.34 19.67 -40.34
C GLN BA 20 -1.16 18.81 -40.77
N GLY BA 21 0.04 19.10 -40.25
CA GLY BA 21 1.18 18.24 -40.55
C GLY BA 21 1.01 16.84 -40.02
N VAL BA 22 0.55 16.70 -38.77
CA VAL BA 22 0.29 15.38 -38.21
C VAL BA 22 -0.75 14.65 -39.05
N PHE BA 23 -1.82 15.35 -39.43
CA PHE BA 23 -2.86 14.78 -40.27
C PHE BA 23 -2.30 14.26 -41.59
N LEU BA 24 -1.54 15.09 -42.30
CA LEU BA 24 -1.04 14.69 -43.60
C LEU BA 24 -0.09 13.51 -43.48
N PHE BA 25 0.81 13.52 -42.49
CA PHE BA 25 1.74 12.41 -42.35
C PHE BA 25 1.00 11.11 -42.05
N LEU BA 26 0.01 11.17 -41.14
CA LEU BA 26 -0.75 9.96 -40.83
C LEU BA 26 -1.51 9.44 -42.05
N LEU BA 27 -2.12 10.35 -42.81
CA LEU BA 27 -2.86 9.94 -44.00
C LEU BA 27 -1.93 9.29 -45.02
N ALA BA 28 -0.76 9.89 -45.27
CA ALA BA 28 0.17 9.33 -46.23
C ALA BA 28 0.69 7.97 -45.79
N VAL BA 29 1.02 7.83 -44.51
CA VAL BA 29 1.48 6.55 -43.98
C VAL BA 29 0.40 5.49 -44.16
N MET BA 30 -0.86 5.85 -43.82
CA MET BA 30 -1.96 4.91 -43.96
C MET BA 30 -2.12 4.46 -45.40
N ILE BA 31 -2.09 5.39 -46.34
CA ILE BA 31 -2.32 5.01 -47.73
C ILE BA 31 -1.19 4.15 -48.25
N HIS BA 32 0.07 4.51 -47.92
CA HIS BA 32 1.19 3.68 -48.35
C HIS BA 32 1.11 2.29 -47.76
N LEU BA 33 0.74 2.16 -46.49
CA LEU BA 33 0.64 0.86 -45.85
C LEU BA 33 -0.48 0.03 -46.46
N ILE BA 34 -1.61 0.65 -46.76
CA ILE BA 34 -2.71 -0.07 -47.40
C ILE BA 34 -2.30 -0.55 -48.79
N LEU BA 35 -1.57 0.29 -49.53
CA LEU BA 35 -1.06 -0.16 -50.83
C LEU BA 35 -0.11 -1.34 -50.68
N LEU BA 36 0.75 -1.30 -49.66
CA LEU BA 36 1.61 -2.45 -49.40
C LEU BA 36 0.84 -3.67 -48.97
N SER BA 37 -0.35 -3.49 -48.39
CA SER BA 37 -1.14 -4.63 -47.93
C SER BA 37 -1.69 -5.43 -49.12
N THR BA 38 -2.17 -4.76 -50.14
CA THR BA 38 -2.71 -5.45 -51.31
C THR BA 38 -1.56 -5.92 -52.20
N PRO BA 39 -1.50 -7.21 -52.55
CA PRO BA 39 -0.43 -7.68 -53.44
C PRO BA 39 -0.45 -7.03 -54.80
N SER BA 40 -1.59 -6.47 -55.22
CA SER BA 40 -1.68 -5.85 -56.53
C SER BA 40 -0.77 -4.63 -56.64
N TYR BA 41 -0.67 -3.83 -55.57
CA TYR BA 41 0.13 -2.62 -55.55
C TYR BA 41 1.24 -2.67 -54.50
N ASN BA 42 1.82 -3.84 -54.27
CA ASN BA 42 2.98 -3.97 -53.40
C ASN BA 42 4.21 -3.98 -54.30
N TRP BA 43 4.83 -2.81 -54.48
CA TRP BA 43 5.87 -2.67 -55.48
C TRP BA 43 7.09 -3.53 -55.18
N LEU BA 44 7.38 -3.79 -53.91
CA LEU BA 44 8.47 -4.71 -53.57
C LEU BA 44 8.15 -6.11 -54.04
N GLU BA 45 6.92 -6.57 -53.80
CA GLU BA 45 6.54 -7.91 -54.22
C GLU BA 45 6.37 -8.00 -55.74
N ILE BA 46 5.87 -6.93 -56.37
CA ILE BA 46 5.79 -6.89 -57.83
C ILE BA 46 7.18 -6.97 -58.44
N SER BA 47 8.14 -6.25 -57.86
CA SER BA 47 9.52 -6.30 -58.33
C SER BA 47 10.11 -7.68 -58.13
N ALA BA 48 9.83 -8.31 -56.99
CA ALA BA 48 10.33 -9.66 -56.75
C ALA BA 48 9.78 -10.65 -57.77
N ALA BA 49 8.49 -10.53 -58.10
CA ALA BA 49 7.89 -11.44 -59.08
C ALA BA 49 8.41 -11.17 -60.48
N LYS BA 50 8.62 -9.90 -60.82
CA LYS BA 50 9.01 -9.53 -62.19
C LYS BA 50 10.44 -9.97 -62.50
N TYR BA 51 11.35 -9.80 -61.55
CA TYR BA 51 12.76 -10.11 -61.75
C TYR BA 51 13.15 -11.50 -61.26
N ASN BA 52 12.19 -12.29 -60.80
CA ASN BA 52 12.46 -13.65 -60.29
C ASN BA 52 13.48 -13.62 -59.16
N ARG BA 53 13.39 -12.61 -58.28
CA ARG BA 53 14.36 -12.48 -57.20
C ARG BA 53 14.17 -13.55 -56.14
N VAL BA 54 12.92 -13.90 -55.83
CA VAL BA 54 12.67 -14.93 -54.84
C VAL BA 54 12.96 -16.31 -55.45
N GLY CA 8 -10.21 39.47 -33.63
CA GLY CA 8 -10.21 38.01 -33.63
C GLY CA 8 -9.81 37.41 -32.30
N TYR CA 9 -10.21 36.15 -32.08
CA TYR CA 9 -9.86 35.47 -30.84
C TYR CA 9 -8.36 35.24 -30.75
N THR CA 10 -7.72 34.90 -31.87
CA THR CA 10 -6.28 34.66 -31.88
C THR CA 10 -5.45 35.92 -31.70
N GLY CA 11 -6.08 37.11 -31.76
CA GLY CA 11 -5.37 38.35 -31.62
C GLY CA 11 -4.65 38.83 -32.86
N LEU CA 12 -4.71 38.08 -33.95
CA LEU CA 12 -4.06 38.47 -35.18
C LEU CA 12 -4.82 39.61 -35.86
N THR CA 13 -4.07 40.44 -36.59
CA THR CA 13 -4.69 41.52 -37.34
C THR CA 13 -5.23 41.01 -38.67
N ASP CA 14 -5.92 41.89 -39.38
CA ASP CA 14 -6.46 41.52 -40.69
C ASP CA 14 -5.35 41.20 -41.67
N GLU CA 15 -4.33 42.07 -41.73
CA GLU CA 15 -3.23 41.87 -42.68
C GLU CA 15 -2.46 40.59 -42.38
N GLN CA 16 -2.22 40.30 -41.11
CA GLN CA 16 -1.49 39.10 -40.75
C GLN CA 16 -2.25 37.85 -41.18
N ALA CA 17 -3.56 37.83 -40.95
CA ALA CA 17 -4.38 36.70 -41.39
C ALA CA 17 -4.35 36.57 -42.91
N GLN CA 18 -4.45 37.69 -43.62
CA GLN CA 18 -4.41 37.63 -45.08
C GLN CA 18 -3.09 37.05 -45.58
N GLU CA 19 -1.98 37.49 -45.00
CA GLU CA 19 -0.67 37.00 -45.42
C GLU CA 19 -0.48 35.53 -45.07
N LEU CA 20 -0.94 35.13 -43.87
CA LEU CA 20 -0.86 33.73 -43.48
C LEU CA 20 -1.65 32.85 -44.45
N HIS CA 21 -2.87 33.27 -44.80
CA HIS CA 21 -3.64 32.50 -45.75
C HIS CA 21 -2.99 32.47 -47.12
N SER CA 22 -2.40 33.59 -47.56
CA SER CA 22 -1.73 33.60 -48.86
C SER CA 22 -0.60 32.59 -48.90
N VAL CA 23 0.28 32.60 -47.90
CA VAL CA 23 1.43 31.71 -47.95
C VAL CA 23 1.00 30.26 -47.75
N TYR CA 24 0.04 30.02 -46.85
CA TYR CA 24 -0.47 28.67 -46.65
C TYR CA 24 -1.11 28.13 -47.92
N MET CA 25 -1.83 28.98 -48.65
CA MET CA 25 -2.42 28.57 -49.92
C MET CA 25 -1.33 28.25 -50.94
N SER CA 26 -0.26 29.04 -50.98
CA SER CA 26 0.83 28.75 -51.89
C SER CA 26 1.45 27.39 -51.58
N GLY CA 27 1.68 27.11 -50.30
CA GLY CA 27 2.20 25.81 -49.91
C GLY CA 27 1.25 24.68 -50.26
N LEU CA 28 -0.05 24.90 -50.08
CA LEU CA 28 -1.04 23.90 -50.46
C LEU CA 28 -1.00 23.63 -51.95
N TRP CA 29 -0.86 24.68 -52.76
CA TRP CA 29 -0.79 24.51 -54.20
C TRP CA 29 0.46 23.74 -54.60
N LEU CA 30 1.60 24.03 -53.96
CA LEU CA 30 2.82 23.27 -54.23
C LEU CA 30 2.64 21.79 -53.88
N PHE CA 31 2.05 21.51 -52.71
CA PHE CA 31 1.81 20.13 -52.30
C PHE CA 31 0.88 19.43 -53.28
N SER CA 32 -0.18 20.10 -53.71
CA SER CA 32 -1.11 19.52 -54.66
C SER CA 32 -0.45 19.26 -56.00
N ALA CA 33 0.43 20.17 -56.45
CA ALA CA 33 1.14 19.95 -57.71
C ALA CA 33 2.00 18.70 -57.64
N VAL CA 34 2.78 18.56 -56.55
CA VAL CA 34 3.62 17.38 -56.40
C VAL CA 34 2.76 16.12 -56.34
N ALA CA 35 1.66 16.17 -55.60
CA ALA CA 35 0.80 15.00 -55.46
C ALA CA 35 0.17 14.62 -56.81
N ILE CA 36 -0.22 15.61 -57.60
CA ILE CA 36 -0.82 15.33 -58.91
C ILE CA 36 0.22 14.71 -59.84
N VAL CA 37 1.44 15.22 -59.82
CA VAL CA 37 2.50 14.63 -60.65
C VAL CA 37 2.74 13.19 -60.24
N ALA CA 38 2.81 12.92 -58.93
CA ALA CA 38 3.02 11.55 -58.46
C ALA CA 38 1.86 10.64 -58.85
N HIS CA 39 0.63 11.13 -58.71
CA HIS CA 39 -0.53 10.32 -59.06
C HIS CA 39 -0.57 10.01 -60.55
N LEU CA 40 -0.22 10.97 -61.39
CA LEU CA 40 -0.13 10.69 -62.82
C LEU CA 40 0.94 9.65 -63.11
N ALA CA 41 2.10 9.76 -62.47
CA ALA CA 41 3.15 8.77 -62.68
C ALA CA 41 2.67 7.38 -62.31
N VAL CA 42 1.98 7.25 -61.17
CA VAL CA 42 1.45 5.96 -60.77
C VAL CA 42 0.37 5.48 -61.75
N TYR CA 43 -0.43 6.40 -62.26
CA TYR CA 43 -1.54 6.02 -63.15
C TYR CA 43 -1.01 5.45 -64.46
N ILE CA 44 -0.04 6.11 -65.10
CA ILE CA 44 0.57 5.50 -66.28
C ILE CA 44 1.29 4.21 -65.90
N TRP CA 45 1.94 4.17 -64.73
CA TRP CA 45 2.60 2.92 -64.34
C TRP CA 45 1.59 1.80 -64.14
N ARG CA 46 0.55 2.04 -63.34
CA ARG CA 46 -0.46 1.03 -63.05
C ARG CA 46 -1.77 1.76 -62.76
N PRO CA 47 -2.69 1.82 -63.73
CA PRO CA 47 -3.98 2.46 -63.47
C PRO CA 47 -4.83 1.61 -62.54
N TRP CA 48 -5.56 2.30 -61.65
CA TRP CA 48 -6.49 1.64 -60.75
C TRP CA 48 -7.94 1.80 -61.19
N PHE CA 49 -8.18 2.30 -62.40
CA PHE CA 49 -9.53 2.46 -62.91
C PHE CA 49 -9.63 1.86 -64.30
N PHE DA 4 -30.16 30.48 -38.59
CA PHE DA 4 -29.36 29.61 -37.72
C PHE DA 4 -28.02 30.25 -37.40
N TYR DA 5 -28.00 31.57 -37.29
CA TYR DA 5 -26.78 32.31 -37.02
C TYR DA 5 -26.49 32.47 -35.53
N LYS DA 6 -27.43 32.08 -34.67
CA LYS DA 6 -27.23 32.23 -33.23
C LYS DA 6 -26.24 31.21 -32.67
N ILE DA 7 -25.91 30.17 -33.43
CA ILE DA 7 -24.97 29.16 -32.94
C ILE DA 7 -23.66 29.80 -32.54
N TRP DA 8 -23.19 30.76 -33.34
CA TRP DA 8 -21.90 31.40 -33.08
C TRP DA 8 -21.94 32.34 -31.88
N MET DA 9 -23.10 32.63 -31.32
CA MET DA 9 -23.18 33.29 -30.03
C MET DA 9 -23.65 32.35 -28.92
N ILE DA 10 -23.87 31.08 -29.25
CA ILE DA 10 -24.25 30.07 -28.27
C ILE DA 10 -23.14 29.03 -28.07
N PHE DA 11 -22.54 28.57 -29.16
CA PHE DA 11 -21.48 27.58 -29.12
C PHE DA 11 -20.17 28.21 -29.57
N ASP DA 12 -19.09 27.86 -28.88
CA ASP DA 12 -17.79 28.44 -29.18
C ASP DA 12 -17.33 28.03 -30.57
N PRO DA 13 -16.95 28.97 -31.44
CA PRO DA 13 -16.56 28.59 -32.81
C PRO DA 13 -15.40 27.62 -32.89
N ARG DA 14 -14.41 27.76 -32.00
CA ARG DA 14 -13.27 26.84 -32.02
C ARG DA 14 -13.73 25.41 -31.83
N ARG DA 15 -14.54 25.16 -30.80
CA ARG DA 15 -15.00 23.81 -30.52
C ARG DA 15 -15.88 23.27 -31.63
N VAL DA 16 -16.75 24.12 -32.19
CA VAL DA 16 -17.64 23.68 -33.26
C VAL DA 16 -16.82 23.25 -34.47
N PHE DA 17 -15.87 24.09 -34.89
CA PHE DA 17 -15.05 23.75 -36.05
C PHE DA 17 -14.21 22.49 -35.80
N VAL DA 18 -13.62 22.37 -34.61
CA VAL DA 18 -12.78 21.22 -34.31
C VAL DA 18 -13.60 19.93 -34.33
N ALA DA 19 -14.76 19.95 -33.66
CA ALA DA 19 -15.60 18.77 -33.62
C ALA DA 19 -16.11 18.39 -35.00
N GLN DA 20 -16.53 19.39 -35.78
CA GLN DA 20 -17.02 19.12 -37.13
C GLN DA 20 -15.93 18.49 -37.99
N GLY DA 21 -14.72 19.06 -37.95
CA GLY DA 21 -13.64 18.50 -38.74
C GLY DA 21 -13.31 17.08 -38.34
N VAL DA 22 -13.19 16.84 -37.03
CA VAL DA 22 -12.83 15.50 -36.55
C VAL DA 22 -13.89 14.49 -36.98
N PHE DA 23 -15.16 14.81 -36.76
CA PHE DA 23 -16.22 13.85 -37.06
C PHE DA 23 -16.38 13.63 -38.56
N LEU DA 24 -16.25 14.69 -39.36
CA LEU DA 24 -16.36 14.52 -40.81
C LEU DA 24 -15.21 13.68 -41.36
N PHE DA 25 -13.99 13.92 -40.90
CA PHE DA 25 -12.87 13.09 -41.35
C PHE DA 25 -13.05 11.65 -40.94
N LEU DA 26 -13.50 11.42 -39.70
CA LEU DA 26 -13.73 10.04 -39.26
C LEU DA 26 -14.81 9.37 -40.08
N LEU DA 27 -15.89 10.09 -40.39
CA LEU DA 27 -16.95 9.53 -41.21
C LEU DA 27 -16.44 9.15 -42.60
N ALA DA 28 -15.63 10.03 -43.19
CA ALA DA 28 -15.09 9.75 -44.52
C ALA DA 28 -14.19 8.52 -44.51
N VAL DA 29 -13.31 8.42 -43.52
CA VAL DA 29 -12.40 7.28 -43.49
C VAL DA 29 -13.16 5.99 -43.21
N MET DA 30 -14.17 6.04 -42.34
CA MET DA 30 -14.97 4.84 -42.09
C MET DA 30 -15.72 4.40 -43.34
N ILE DA 31 -16.27 5.35 -44.10
CA ILE DA 31 -16.95 4.98 -45.34
C ILE DA 31 -15.97 4.34 -46.31
N HIS DA 32 -14.78 4.93 -46.46
CA HIS DA 32 -13.79 4.37 -47.37
C HIS DA 32 -13.36 2.98 -46.95
N LEU DA 33 -13.16 2.77 -45.64
CA LEU DA 33 -12.74 1.45 -45.16
C LEU DA 33 -13.86 0.43 -45.28
N ILE DA 34 -15.12 0.84 -45.12
CA ILE DA 34 -16.24 -0.06 -45.37
C ILE DA 34 -16.25 -0.49 -46.83
N LEU DA 35 -16.00 0.46 -47.74
CA LEU DA 35 -15.92 0.12 -49.15
C LEU DA 35 -14.77 -0.83 -49.43
N LEU DA 36 -13.61 -0.59 -48.81
CA LEU DA 36 -12.46 -1.47 -49.02
C LEU DA 36 -12.71 -2.86 -48.45
N SER DA 37 -13.48 -2.95 -47.36
CA SER DA 37 -13.77 -4.25 -46.76
C SER DA 37 -14.56 -5.14 -47.71
N THR DA 38 -15.58 -4.59 -48.35
CA THR DA 38 -16.42 -5.38 -49.25
C THR DA 38 -15.71 -5.59 -50.58
N PRO DA 39 -15.56 -6.84 -51.05
CA PRO DA 39 -14.87 -7.09 -52.31
C PRO DA 39 -15.59 -6.54 -53.54
N SER DA 40 -16.88 -6.23 -53.43
CA SER DA 40 -17.63 -5.76 -54.60
C SER DA 40 -17.13 -4.40 -55.07
N TYR DA 41 -16.85 -3.49 -54.14
CA TYR DA 41 -16.45 -2.12 -54.48
C TYR DA 41 -14.98 -1.85 -54.17
N ASN DA 42 -14.20 -2.87 -53.82
CA ASN DA 42 -12.77 -2.69 -53.57
C ASN DA 42 -12.09 -2.41 -54.90
N TRP DA 43 -11.78 -1.13 -55.16
CA TRP DA 43 -11.33 -0.73 -56.48
C TRP DA 43 -9.98 -1.33 -56.84
N LEU DA 44 -9.09 -1.51 -55.86
CA LEU DA 44 -7.82 -2.17 -56.13
C LEU DA 44 -8.04 -3.61 -56.59
N GLU DA 45 -8.94 -4.33 -55.90
CA GLU DA 45 -9.25 -5.70 -56.30
C GLU DA 45 -9.95 -5.74 -57.65
N ILE DA 46 -10.79 -4.75 -57.93
CA ILE DA 46 -11.47 -4.69 -59.22
C ILE DA 46 -10.45 -4.52 -60.34
N SER DA 47 -9.49 -3.62 -60.16
CA SER DA 47 -8.44 -3.43 -61.15
C SER DA 47 -7.59 -4.68 -61.30
N ALA DA 48 -7.29 -5.35 -60.18
CA ALA DA 48 -6.51 -6.58 -60.23
C ALA DA 48 -7.23 -7.65 -61.05
N ALA DA 49 -8.53 -7.78 -60.83
CA ALA DA 49 -9.30 -8.74 -61.63
C ALA DA 49 -9.34 -8.35 -63.10
N LYS DA 50 -9.52 -7.07 -63.38
CA LYS DA 50 -9.69 -6.63 -64.77
C LYS DA 50 -8.41 -6.81 -65.58
N TYR DA 51 -7.26 -6.42 -65.03
CA TYR DA 51 -5.98 -6.51 -65.72
C TYR DA 51 -5.23 -7.79 -65.42
N ASN DA 52 -5.83 -8.72 -64.67
CA ASN DA 52 -5.16 -9.96 -64.27
C ASN DA 52 -3.85 -9.68 -63.54
N ARG DA 53 -3.88 -8.67 -62.66
CA ARG DA 53 -2.69 -8.32 -61.89
C ARG DA 53 -2.28 -9.46 -60.96
N VAL DA 54 -3.25 -10.10 -60.30
CA VAL DA 54 -2.96 -11.21 -59.41
C VAL DA 54 -3.12 -12.53 -60.15
N LEU EA 12 -20.48 36.82 -28.34
CA LEU EA 12 -20.15 37.10 -29.72
C LEU EA 12 -21.17 38.06 -30.34
N THR EA 13 -20.68 39.02 -31.13
CA THR EA 13 -21.55 40.01 -31.74
C THR EA 13 -22.46 39.37 -32.79
N ASP EA 14 -23.61 40.01 -32.99
CA ASP EA 14 -24.55 39.52 -34.01
C ASP EA 14 -23.94 39.62 -35.41
N GLU EA 15 -23.23 40.71 -35.69
CA GLU EA 15 -22.58 40.85 -36.99
C GLU EA 15 -21.48 39.81 -37.17
N GLN EA 16 -20.70 39.55 -36.12
CA GLN EA 16 -19.67 38.52 -36.18
C GLN EA 16 -20.29 37.15 -36.43
N ALA EA 17 -21.39 36.85 -35.73
CA ALA EA 17 -22.07 35.57 -35.93
C ALA EA 17 -22.60 35.44 -37.35
N GLN EA 18 -23.17 36.53 -37.89
CA GLN EA 18 -23.70 36.48 -39.25
C GLN EA 18 -22.57 36.26 -40.27
N GLU EA 19 -21.45 36.96 -40.11
CA GLU EA 19 -20.32 36.79 -41.03
C GLU EA 19 -19.75 35.38 -40.94
N LEU EA 20 -19.62 34.85 -39.72
CA LEU EA 20 -19.12 33.49 -39.56
C LEU EA 20 -20.07 32.47 -40.19
N HIS EA 21 -21.38 32.67 -40.01
CA HIS EA 21 -22.33 31.78 -40.66
C HIS EA 21 -22.23 31.86 -42.17
N SER EA 22 -22.02 33.07 -42.71
CA SER EA 22 -21.87 33.24 -44.15
C SER EA 22 -20.66 32.46 -44.67
N VAL EA 23 -19.50 32.63 -44.04
CA VAL EA 23 -18.30 31.97 -44.54
C VAL EA 23 -18.40 30.45 -44.34
N TYR EA 24 -18.97 30.01 -43.21
CA TYR EA 24 -19.13 28.58 -42.97
C TYR EA 24 -20.10 27.96 -43.97
N MET EA 25 -21.18 28.66 -44.31
CA MET EA 25 -22.10 28.16 -45.32
C MET EA 25 -21.44 28.11 -46.69
N SER EA 26 -20.61 29.10 -47.02
CA SER EA 26 -19.89 29.04 -48.29
C SER EA 26 -18.96 27.84 -48.36
N GLY EA 27 -18.22 27.59 -47.28
CA GLY EA 27 -17.38 26.41 -47.23
C GLY EA 27 -18.16 25.12 -47.35
N LEU EA 28 -19.32 25.06 -46.68
CA LEU EA 28 -20.17 23.88 -46.76
C LEU EA 28 -20.71 23.69 -48.18
N TRP EA 29 -21.07 24.77 -48.86
CA TRP EA 29 -21.56 24.65 -50.22
C TRP EA 29 -20.46 24.14 -51.16
N LEU EA 30 -19.23 24.64 -50.98
CA LEU EA 30 -18.13 24.11 -51.79
C LEU EA 30 -17.88 22.63 -51.49
N PHE EA 31 -17.95 22.26 -50.20
CA PHE EA 31 -17.78 20.86 -49.82
C PHE EA 31 -18.83 19.98 -50.47
N SER EA 32 -20.09 20.41 -50.44
CA SER EA 32 -21.16 19.62 -51.04
C SER EA 32 -21.06 19.59 -52.56
N ALA EA 33 -20.60 20.69 -53.17
CA ALA EA 33 -20.39 20.69 -54.62
C ALA EA 33 -19.34 19.66 -55.03
N VAL EA 34 -18.26 19.56 -54.26
CA VAL EA 34 -17.28 18.51 -54.54
C VAL EA 34 -17.88 17.13 -54.30
N ALA EA 35 -18.61 16.97 -53.20
CA ALA EA 35 -19.12 15.66 -52.80
C ALA EA 35 -20.12 15.11 -53.81
N ILE EA 36 -20.99 15.98 -54.34
CA ILE EA 36 -21.98 15.51 -55.32
C ILE EA 36 -21.29 15.02 -56.58
N VAL EA 37 -20.27 15.75 -57.05
CA VAL EA 37 -19.54 15.32 -58.25
C VAL EA 37 -18.86 13.97 -58.00
N ALA EA 38 -18.24 13.81 -56.82
CA ALA EA 38 -17.61 12.54 -56.51
C ALA EA 38 -18.61 11.40 -56.46
N HIS EA 39 -19.75 11.62 -55.80
CA HIS EA 39 -20.78 10.58 -55.70
C HIS EA 39 -21.33 10.22 -57.07
N LEU EA 40 -21.56 11.22 -57.92
CA LEU EA 40 -22.06 10.97 -59.27
C LEU EA 40 -21.05 10.19 -60.10
N ALA EA 41 -19.76 10.53 -59.98
CA ALA EA 41 -18.73 9.81 -60.72
C ALA EA 41 -18.68 8.35 -60.27
N VAL EA 42 -18.78 8.10 -58.96
CA VAL EA 42 -18.78 6.73 -58.47
C VAL EA 42 -20.01 5.98 -58.95
N TYR EA 43 -21.17 6.64 -58.97
CA TYR EA 43 -22.38 5.97 -59.44
C TYR EA 43 -22.28 5.62 -60.92
N ILE EA 44 -21.72 6.53 -61.72
CA ILE EA 44 -21.50 6.23 -63.13
C ILE EA 44 -20.55 5.06 -63.28
N TRP EA 45 -19.47 5.05 -62.49
CA TRP EA 45 -18.53 3.94 -62.56
C TRP EA 45 -19.17 2.63 -62.09
N ARG EA 46 -19.94 2.68 -61.01
CA ARG EA 46 -20.54 1.47 -60.44
C ARG EA 46 -21.82 1.86 -59.70
N PRO EA 47 -22.98 1.75 -60.35
CA PRO EA 47 -24.24 2.07 -59.68
C PRO EA 47 -24.48 1.13 -58.50
N TRP EA 48 -25.12 1.65 -57.46
CA TRP EA 48 -25.25 0.90 -56.23
C TRP EA 48 -26.53 0.09 -56.15
N PHE EA 49 -27.39 0.19 -57.16
CA PHE EA 49 -28.66 -0.53 -57.17
C PHE EA 49 -29.25 -0.58 -58.57
N VAL FA 4 -19.10 23.09 -20.57
CA VAL FA 4 -18.01 22.13 -20.60
C VAL FA 4 -16.67 22.85 -20.72
N SER FA 5 -15.74 22.50 -19.85
CA SER FA 5 -14.44 23.16 -19.82
C SER FA 5 -13.62 22.83 -21.06
N GLU FA 6 -12.58 23.63 -21.30
CA GLU FA 6 -11.72 23.42 -22.46
C GLU FA 6 -10.97 22.10 -22.35
N PHE FA 7 -10.49 21.77 -21.15
CA PHE FA 7 -9.80 20.50 -20.94
C PHE FA 7 -10.74 19.31 -21.17
N ALA FA 8 -11.99 19.41 -20.70
CA ALA FA 8 -12.93 18.32 -20.92
C ALA FA 8 -13.24 18.13 -22.39
N PHE FA 9 -13.45 19.23 -23.12
CA PHE FA 9 -13.67 19.14 -24.56
C PHE FA 9 -12.46 18.51 -25.25
N ARG FA 10 -11.25 18.91 -24.84
CA ARG FA 10 -10.06 18.27 -25.36
C ARG FA 10 -10.05 16.78 -25.06
N LEU FA 11 -10.56 16.38 -23.89
CA LEU FA 11 -10.58 14.98 -23.53
C LEU FA 11 -11.54 14.18 -24.41
N MET FA 12 -12.76 14.68 -24.62
CA MET FA 12 -13.68 13.98 -25.52
C MET FA 12 -13.15 13.93 -26.95
N MET FA 13 -12.57 15.04 -27.43
CA MET FA 13 -11.98 15.01 -28.76
C MET FA 13 -10.83 14.03 -28.84
N ALA FA 14 -10.02 13.93 -27.78
CA ALA FA 14 -8.94 12.95 -27.77
C ALA FA 14 -9.48 11.53 -27.83
N ALA FA 15 -10.57 11.26 -27.10
CA ALA FA 15 -11.17 9.92 -27.16
C ALA FA 15 -11.67 9.59 -28.56
N VAL FA 16 -12.37 10.53 -29.19
CA VAL FA 16 -12.89 10.29 -30.53
C VAL FA 16 -11.77 10.10 -31.53
N ILE FA 17 -10.73 10.94 -31.44
CA ILE FA 17 -9.57 10.81 -32.32
C ILE FA 17 -8.88 9.48 -32.08
N PHE FA 18 -8.75 9.07 -30.82
CA PHE FA 18 -8.15 7.79 -30.48
C PHE FA 18 -8.89 6.65 -31.17
N VAL FA 19 -10.22 6.64 -31.05
CA VAL FA 19 -11.01 5.57 -31.65
C VAL FA 19 -10.84 5.56 -33.17
N GLY FA 20 -10.99 6.73 -33.80
CA GLY FA 20 -10.95 6.78 -35.26
C GLY FA 20 -9.58 6.42 -35.82
N VAL FA 21 -8.53 7.00 -35.26
CA VAL FA 21 -7.18 6.72 -35.73
C VAL FA 21 -6.80 5.27 -35.43
N GLY FA 22 -7.27 4.74 -34.30
CA GLY FA 22 -7.01 3.34 -34.01
C GLY FA 22 -7.63 2.42 -35.04
N ILE FA 23 -8.89 2.68 -35.41
CA ILE FA 23 -9.53 1.87 -36.45
C ILE FA 23 -8.75 1.98 -37.75
N MET FA 24 -8.44 3.21 -38.16
CA MET FA 24 -7.84 3.42 -39.48
C MET FA 24 -6.45 2.81 -39.56
N PHE FA 25 -5.64 2.91 -38.50
CA PHE FA 25 -4.30 2.35 -38.54
C PHE FA 25 -4.27 0.86 -38.19
N ALA FA 26 -5.29 0.33 -37.52
CA ALA FA 26 -5.44 -1.11 -37.43
C ALA FA 26 -5.72 -1.70 -38.81
N PHE FA 27 -6.53 -1.00 -39.61
CA PHE FA 27 -6.73 -1.42 -40.99
C PHE FA 27 -5.45 -1.27 -41.80
N ALA FA 28 -4.75 -0.13 -41.65
CA ALA FA 28 -3.57 0.13 -42.47
C ALA FA 28 -2.43 -0.84 -42.15
N GLY FA 29 -2.09 -1.00 -40.87
CA GLY FA 29 -0.98 -1.85 -40.49
C GLY FA 29 -1.28 -3.32 -40.43
N GLY FA 30 -2.54 -3.71 -40.56
CA GLY FA 30 -2.90 -5.11 -40.54
C GLY FA 30 -2.94 -5.75 -39.17
N HIS FA 31 -2.95 -4.96 -38.10
CA HIS FA 31 -3.04 -5.51 -36.75
C HIS FA 31 -3.64 -4.44 -35.83
N TRP FA 32 -4.43 -4.88 -34.85
CA TRP FA 32 -5.06 -3.93 -33.95
C TRP FA 32 -4.04 -3.20 -33.09
N PHE FA 33 -2.87 -3.80 -32.86
CA PHE FA 33 -1.88 -3.17 -32.00
C PHE FA 33 -1.27 -1.93 -32.65
N VAL FA 34 -1.01 -1.99 -33.96
CA VAL FA 34 -0.47 -0.82 -34.65
C VAL FA 34 -1.44 0.34 -34.56
N GLY FA 35 -2.72 0.07 -34.83
CA GLY FA 35 -3.73 1.10 -34.68
C GLY FA 35 -3.84 1.62 -33.27
N LEU FA 36 -3.75 0.72 -32.29
CA LEU FA 36 -3.83 1.14 -30.89
C LEU FA 36 -2.66 2.07 -30.53
N VAL FA 37 -1.46 1.72 -30.97
CA VAL FA 37 -0.29 2.56 -30.68
C VAL FA 37 -0.45 3.92 -31.32
N VAL FA 38 -0.81 3.96 -32.61
CA VAL FA 38 -0.91 5.24 -33.31
C VAL FA 38 -2.01 6.10 -32.69
N GLY FA 39 -3.19 5.50 -32.46
CA GLY FA 39 -4.28 6.25 -31.87
C GLY FA 39 -3.99 6.74 -30.47
N GLY FA 40 -3.35 5.89 -29.66
CA GLY FA 40 -3.00 6.31 -28.30
C GLY FA 40 -2.01 7.45 -28.28
N LEU FA 41 -0.96 7.37 -29.10
CA LEU FA 41 0.00 8.47 -29.16
C LEU FA 41 -0.65 9.75 -29.66
N VAL FA 42 -1.49 9.65 -30.70
CA VAL FA 42 -2.11 10.84 -31.26
C VAL FA 42 -3.06 11.48 -30.25
N ALA FA 43 -3.87 10.66 -29.57
CA ALA FA 43 -4.81 11.18 -28.59
C ALA FA 43 -4.09 11.77 -27.39
N ALA FA 44 -3.00 11.12 -26.95
CA ALA FA 44 -2.22 11.67 -25.83
C ALA FA 44 -1.61 13.02 -26.20
N PHE FA 45 -1.10 13.15 -27.42
CA PHE FA 45 -0.55 14.42 -27.86
C PHE FA 45 -1.64 15.48 -27.98
N PHE FA 46 -2.81 15.09 -28.47
CA PHE FA 46 -3.91 16.03 -28.62
C PHE FA 46 -4.43 16.53 -27.27
N ALA FA 47 -4.56 15.63 -26.29
CA ALA FA 47 -5.11 16.01 -25.01
C ALA FA 47 -4.12 16.82 -24.16
N ALA FA 48 -2.83 16.74 -24.45
CA ALA FA 48 -1.83 17.43 -23.65
C ALA FA 48 -1.66 18.89 -24.04
N THR FA 49 -2.35 19.36 -25.06
CA THR FA 49 -2.16 20.71 -25.60
C THR FA 49 -3.50 21.43 -25.72
N PRO FA 50 -4.10 21.81 -24.58
CA PRO FA 50 -5.35 22.59 -24.64
C PRO FA 50 -5.08 24.08 -24.68
N ASN FA 51 -6.13 24.89 -24.69
CA ASN FA 51 -5.99 26.34 -24.67
C ASN FA 51 -5.65 26.83 -23.26
N THR GA 17 -59.39 18.23 3.30
CA THR GA 17 -59.09 18.07 1.88
C THR GA 17 -57.67 18.51 1.56
N ASN GA 18 -57.33 19.74 1.97
CA ASN GA 18 -55.94 20.19 1.83
C ASN GA 18 -55.01 19.30 2.64
N LEU GA 19 -55.42 18.94 3.86
CA LEU GA 19 -54.60 18.09 4.71
C LEU GA 19 -54.46 16.68 4.13
N ARG GA 20 -55.55 16.13 3.58
CA ARG GA 20 -55.48 14.82 2.96
C ARG GA 20 -54.51 14.80 1.78
N LEU GA 21 -54.58 15.82 0.92
CA LEU GA 21 -53.65 15.89 -0.20
C LEU GA 21 -52.22 16.11 0.29
N TRP GA 22 -52.03 16.87 1.37
CA TRP GA 22 -50.68 17.06 1.89
C TRP GA 22 -50.09 15.74 2.40
N VAL GA 23 -50.88 14.98 3.16
CA VAL GA 23 -50.39 13.69 3.66
C VAL GA 23 -50.10 12.74 2.51
N ALA GA 24 -51.01 12.69 1.53
CA ALA GA 24 -50.81 11.82 0.37
C ALA GA 24 -49.58 12.24 -0.42
N PHE GA 25 -49.34 13.54 -0.54
CA PHE GA 25 -48.18 14.02 -1.29
C PHE GA 25 -46.88 13.66 -0.58
N GLN GA 26 -46.84 13.77 0.75
CA GLN GA 26 -45.63 13.39 1.47
C GLN GA 26 -45.36 11.89 1.33
N MET GA 27 -46.41 11.07 1.51
CA MET GA 27 -46.24 9.63 1.37
C MET GA 27 -45.82 9.25 -0.04
N MET GA 28 -46.43 9.88 -1.04
CA MET GA 28 -46.06 9.62 -2.43
C MET GA 28 -44.66 10.09 -2.73
N LYS GA 29 -44.19 11.15 -2.08
CA LYS GA 29 -42.81 11.58 -2.27
C LYS GA 29 -41.84 10.51 -1.79
N GLY GA 30 -42.07 9.99 -0.59
CA GLY GA 30 -41.22 8.92 -0.09
C GLY GA 30 -41.29 7.67 -0.95
N ALA GA 31 -42.50 7.26 -1.30
CA ALA GA 31 -42.68 6.04 -2.10
C ALA GA 31 -42.08 6.21 -3.49
N GLY GA 32 -42.23 7.40 -4.09
CA GLY GA 32 -41.69 7.62 -5.42
C GLY GA 32 -40.18 7.67 -5.42
N TRP GA 33 -39.57 8.22 -4.37
CA TRP GA 33 -38.11 8.19 -4.29
C TRP GA 33 -37.60 6.76 -4.16
N ALA GA 34 -38.23 5.97 -3.28
CA ALA GA 34 -37.84 4.57 -3.16
C ALA GA 34 -38.04 3.82 -4.46
N GLY GA 35 -39.16 4.07 -5.15
CA GLY GA 35 -39.42 3.41 -6.41
C GLY GA 35 -38.46 3.83 -7.50
N GLY GA 36 -38.11 5.11 -7.55
CA GLY GA 36 -37.12 5.56 -8.52
C GLY GA 36 -35.80 4.86 -8.33
N VAL GA 37 -35.35 4.74 -7.08
CA VAL GA 37 -34.11 4.02 -6.82
C VAL GA 37 -34.24 2.55 -7.21
N PHE GA 38 -35.37 1.93 -6.89
CA PHE GA 38 -35.55 0.50 -7.16
C PHE GA 38 -35.55 0.22 -8.66
N PHE GA 39 -36.32 0.98 -9.42
CA PHE GA 39 -36.36 0.76 -10.86
C PHE GA 39 -35.12 1.25 -11.58
N GLY GA 40 -34.38 2.22 -11.03
CA GLY GA 40 -33.07 2.52 -11.58
C GLY GA 40 -32.11 1.37 -11.39
N THR GA 41 -32.15 0.73 -10.22
CA THR GA 41 -31.33 -0.45 -10.01
C THR GA 41 -31.71 -1.58 -10.96
N LEU GA 42 -33.02 -1.81 -11.15
CA LEU GA 42 -33.45 -2.81 -12.11
C LEU GA 42 -33.02 -2.46 -13.53
N LEU GA 43 -33.04 -1.17 -13.89
CA LEU GA 43 -32.62 -0.78 -15.22
C LEU GA 43 -31.14 -1.06 -15.44
N LEU GA 44 -30.31 -0.76 -14.44
CA LEU GA 44 -28.88 -1.08 -14.55
C LEU GA 44 -28.66 -2.59 -14.63
N ILE GA 45 -29.37 -3.36 -13.80
CA ILE GA 45 -29.23 -4.82 -13.84
C ILE GA 45 -29.65 -5.36 -15.20
N GLY GA 46 -30.73 -4.82 -15.76
CA GLY GA 46 -31.17 -5.23 -17.07
C GLY GA 46 -30.17 -4.86 -18.16
N PHE GA 47 -29.51 -3.72 -18.02
CA PHE GA 47 -28.45 -3.35 -18.95
C PHE GA 47 -27.33 -4.39 -18.91
N PHE GA 48 -26.91 -4.77 -17.71
CA PHE GA 48 -25.85 -5.77 -17.59
C PHE GA 48 -26.30 -7.11 -18.17
N ARG GA 49 -27.55 -7.48 -17.94
CA ARG GA 49 -28.09 -8.72 -18.49
C ARG GA 49 -28.12 -8.69 -20.02
N VAL GA 50 -28.54 -7.56 -20.60
CA VAL GA 50 -28.60 -7.43 -22.05
C VAL GA 50 -27.20 -7.51 -22.64
N VAL GA 51 -26.23 -6.84 -22.01
CA VAL GA 51 -24.85 -6.91 -22.48
C VAL GA 51 -24.32 -8.33 -22.39
N GLY GA 52 -24.70 -9.06 -21.34
CA GLY GA 52 -24.28 -10.43 -21.21
C GLY GA 52 -24.93 -11.39 -22.18
N ARG GA 53 -26.13 -11.07 -22.67
CA ARG GA 53 -26.78 -11.95 -23.64
C ARG GA 53 -26.27 -11.74 -25.07
N MET GA 54 -25.75 -10.57 -25.40
CA MET GA 54 -25.14 -10.37 -26.71
C MET GA 54 -23.66 -10.72 -26.71
N LEU GA 55 -23.20 -11.46 -25.72
CA LEU GA 55 -21.84 -11.93 -25.63
C LEU GA 55 -21.82 -13.45 -25.74
N PRO GA 56 -20.75 -14.04 -26.25
CA PRO GA 56 -20.69 -15.50 -26.41
C PRO GA 56 -20.49 -16.26 -25.10
N ILE GA 57 -21.29 -15.93 -24.09
CA ILE GA 57 -21.14 -16.55 -22.79
C ILE GA 57 -21.81 -17.92 -22.74
N GLN GA 58 -22.94 -18.08 -23.42
CA GLN GA 58 -23.63 -19.37 -23.43
C GLN GA 58 -22.80 -20.45 -24.09
N GLU GA 59 -22.10 -20.12 -25.19
CA GLU GA 59 -21.18 -21.06 -25.80
C GLU GA 59 -19.98 -21.34 -24.92
N ASN GA 60 -19.64 -20.40 -24.04
CA ASN GA 60 -18.42 -20.47 -23.24
C ASN GA 60 -18.74 -20.46 -21.76
N GLN GA 61 -19.74 -21.22 -21.34
CA GLN GA 61 -20.23 -21.13 -19.98
C GLN GA 61 -19.22 -21.71 -19.00
N ALA GA 62 -18.94 -20.98 -17.93
CA ALA GA 62 -17.89 -21.33 -16.99
C ALA GA 62 -18.38 -22.38 -15.99
N PRO GA 63 -17.46 -23.15 -15.40
CA PRO GA 63 -17.85 -24.11 -14.37
C PRO GA 63 -18.21 -23.42 -13.06
N ALA GA 64 -18.97 -24.12 -12.24
CA ALA GA 64 -19.39 -23.60 -10.94
C ALA GA 64 -18.19 -23.50 -10.00
N PRO GA 65 -17.97 -22.35 -9.37
CA PRO GA 65 -16.83 -22.20 -8.45
C PRO GA 65 -17.12 -22.61 -7.02
N ASN GA 66 -18.30 -23.15 -6.74
CA ASN GA 66 -18.71 -23.51 -5.39
C ASN GA 66 -19.08 -24.98 -5.35
N ILE GA 67 -18.91 -25.59 -4.17
CA ILE GA 67 -19.21 -27.01 -4.01
C ILE GA 67 -20.69 -27.28 -4.25
N THR GA 68 -21.55 -26.32 -3.94
CA THR GA 68 -22.95 -26.42 -4.32
C THR GA 68 -23.07 -26.38 -5.85
N GLY GA 69 -24.06 -27.09 -6.37
CA GLY GA 69 -24.22 -27.22 -7.81
C GLY GA 69 -24.29 -25.93 -8.58
MG BCL HA . -5.96 -12.05 -7.33
CHA BCL HA . -8.94 -10.50 -7.08
CHB BCL HA . -4.55 -9.37 -5.80
CHC BCL HA . -3.21 -13.94 -6.88
CHD BCL HA . -7.65 -15.11 -8.16
NA BCL HA . -6.63 -10.27 -6.53
C1A BCL HA . -7.77 -9.74 -6.56
C2A BCL HA . -7.91 -8.33 -6.07
C3A BCL HA . -6.44 -7.91 -6.13
C4A BCL HA . -5.84 -9.29 -6.09
CMA BCL HA . -6.11 -7.29 -7.48
CAA BCL HA . -8.44 -8.28 -4.65
CBA BCL HA . -8.64 -6.87 -4.13
CGA BCL HA . -10.04 -6.37 -4.40
O1A BCL HA . -10.68 -6.79 -5.35
O2A BCL HA . -10.65 -5.36 -3.55
NB BCL HA . -4.12 -11.68 -6.52
C1B BCL HA . -3.70 -10.57 -5.92
C2B BCL HA . -2.36 -10.62 -5.29
C3B BCL HA . -1.90 -11.97 -5.76
C4B BCL HA . -3.11 -12.55 -6.41
CMB BCL HA . -1.57 -9.43 -4.85
CAB BCL HA . -0.60 -12.68 -5.56
OBB BCL HA . -0.40 -13.74 -6.13
CBB BCL HA . 0.48 -12.13 -4.68
NC BCL HA . -5.50 -14.06 -7.58
C1C BCL HA . -4.26 -14.53 -7.45
C2C BCL HA . -4.10 -15.90 -8.03
C3C BCL HA . -5.51 -16.39 -7.83
C4C BCL HA . -6.23 -15.08 -7.84
CMC BCL HA . -3.09 -16.36 -9.07
CAC BCL HA . -5.69 -17.50 -6.79
CBC BCL HA . -5.88 -18.79 -7.55
ND BCL HA . -7.78 -12.71 -8.01
C1D BCL HA . -8.32 -13.84 -8.46
C2D BCL HA . -9.79 -13.75 -8.36
C3D BCL HA . -10.05 -12.41 -7.81
C4D BCL HA . -8.80 -11.85 -7.63
CMD BCL HA . -10.82 -14.78 -8.76
CAD BCL HA . -11.09 -11.43 -7.38
OBD BCL HA . -12.36 -11.59 -7.42
CBD BCL HA . -10.39 -10.21 -6.93
CGD BCL HA . -11.05 -9.02 -7.53
O1D BCL HA . -10.55 -8.43 -8.46
O2D BCL HA . -12.33 -8.56 -7.03
CED BCL HA . -12.94 -7.40 -7.60
C1 BCL HA . -12.02 -4.98 -3.67
C2 BCL HA . -12.68 -4.94 -2.32
C3 BCL HA . -13.78 -5.65 -2.03
C4 BCL HA . -14.43 -6.53 -3.06
C5 BCL HA . -14.38 -5.57 -0.64
C6 BCL HA . -15.60 -4.69 -0.59
C7 BCL HA . -15.82 -4.21 0.85
C8 BCL HA . -17.28 -3.97 1.16
C9 BCL HA . -17.90 -2.95 0.22
C10 BCL HA . -17.43 -3.52 2.61
C11 BCL HA . -17.58 -4.70 3.53
C12 BCL HA . -18.00 -4.22 4.91
C13 BCL HA . -17.78 -5.29 5.99
C14 BCL HA . -18.87 -6.35 5.95
C15 BCL HA . -17.76 -4.57 7.33
C16 BCL HA . -17.60 -5.52 8.50
C17 BCL HA . -17.17 -4.71 9.72
C18 BCL HA . -17.61 -5.36 11.02
C19 BCL HA . -17.70 -4.32 12.13
C20 BCL HA . -16.67 -6.49 11.40
O1D BPH IA . -16.51 3.56 7.50
CGD BPH IA . -15.78 3.00 6.73
O2D BPH IA . -14.61 2.45 7.08
CED BPH IA . -14.30 2.47 8.49
CBD BPH IA . -16.07 2.79 5.29
CHA BPH IA . -15.42 1.53 4.76
C4D BPH IA . -14.55 1.93 3.69
C3D BPH IA . -14.53 3.32 3.49
CAD BPH IA . -15.44 3.94 4.46
OBD BPH IA . -15.68 5.10 4.63
C2D BPH IA . -13.63 3.57 2.43
CMD BPH IA . -13.28 4.91 1.86
C1D BPH IA . -13.14 2.33 2.01
ND BPH IA . -13.71 1.36 2.78
CHD BPH IA . -12.23 2.03 1.01
C4C BPH IA . -11.77 0.75 0.65
C3C BPH IA . -10.70 0.48 -0.39
CAC BPH IA . -10.79 1.36 -1.63
CBC BPH IA . -12.11 1.26 -2.34
C2C BPH IA . -10.87 -1.02 -0.65
CMC BPH IA . -9.58 -1.81 -0.84
C1C BPH IA . -11.65 -1.47 0.58
NC BPH IA . -12.23 -0.40 1.24
CHC BPH IA . -11.80 -2.80 0.97
C4B BPH IA . -12.46 -3.38 2.12
C3B BPH IA . -12.54 -4.76 2.53
CAB BPH IA . -11.94 -5.95 1.88
CBB BPH IA . -10.95 -5.80 0.76
OBB BPH IA . -12.26 -7.07 2.23
C2B BPH IA . -13.30 -4.79 3.72
CMB BPH IA . -13.67 -5.98 4.55
C1B BPH IA . -13.69 -3.46 4.02
NB BPH IA . -13.18 -2.64 3.04
CHB BPH IA . -14.44 -3.09 5.11
C4A BPH IA . -14.99 -1.84 5.42
C3A BPH IA . -15.73 -1.53 6.70
CMA BPH IA . -14.74 -1.53 7.86
C2A BPH IA . -16.39 -0.21 6.38
C1A BPH IA . -15.56 0.26 5.21
NA BPH IA . -14.89 -0.76 4.59
CAA BPH IA . -17.86 -0.29 5.99
CBA BPH IA . -18.73 -0.75 7.15
CGA BPH IA . -20.15 -0.98 6.74
O1A BPH IA . -20.51 -1.25 5.63
O2A BPH IA . -20.99 -0.83 7.76
C1 BPH IA . -22.36 -1.21 7.53
C2 BPH IA . -22.46 -2.69 7.44
C3 BPH IA . -22.23 -3.52 8.45
C4 BPH IA . -22.09 -3.06 9.87
C5 BPH IA . -22.06 -4.99 8.23
C6 BPH IA . -23.15 -5.60 7.40
C7 BPH IA . -23.04 -7.12 7.36
C8 BPH IA . -24.01 -7.82 6.41
C9 BPH IA . -25.46 -7.41 6.66
C10 BPH IA . -23.85 -9.34 6.50
C11 BPH IA . -22.51 -9.85 6.04
C12 BPH IA . -22.27 -9.64 4.57
C13 BPH IA . -20.86 -9.94 4.07
C14 BPH IA . -20.78 -9.79 2.56
C15 BPH IA . -20.38 -11.31 4.52
C16 BPH IA . -18.96 -11.65 4.17
C17 BPH IA . -18.61 -13.09 4.38
C18 BPH IA . -17.19 -13.50 4.00
C19 BPH IA . -16.20 -13.08 5.07
C20 BPH IA . -16.80 -12.93 2.65
C1 U10 JA . 5.89 11.18 1.20
C2 U10 JA . 5.20 11.85 2.33
C3 U10 JA . 5.21 13.34 2.47
C4 U10 JA . 5.92 14.15 1.45
C5 U10 JA . 6.61 13.48 0.33
C6 U10 JA . 6.61 12.01 0.17
C1M U10 JA . 5.81 9.67 1.16
C3M U10 JA . 4.80 13.66 4.85
C4M U10 JA . 7.01 16.14 2.29
C7 U10 JA . 7.39 11.54 -1.05
C8 U10 JA . 7.04 10.26 -1.75
C9 U10 JA . 7.45 10.09 -3.01
C10 U10 JA . 8.23 11.17 -3.69
C11 U10 JA . 7.17 8.82 -3.75
C12 U10 JA . 5.74 8.80 -4.28
C13 U10 JA . 5.68 7.79 -5.39
C14 U10 JA . 5.31 6.52 -5.17
C15 U10 JA . 4.95 6.05 -3.79
C16 U10 JA . 5.26 5.55 -6.32
C17 U10 JA . 4.88 6.28 -7.60
C18 U10 JA . 4.40 5.27 -8.61
C19 U10 JA . 3.31 5.51 -9.36
C20 U10 JA . 2.57 6.81 -9.20
C21 U10 JA . 2.84 4.49 -10.36
C22 U10 JA . 2.21 3.31 -9.63
C23 U10 JA . 1.38 2.50 -10.59
C24 U10 JA . 1.85 1.41 -11.19
C25 U10 JA . 3.25 0.93 -10.93
C26 U10 JA . 0.97 0.65 -12.16
C27 U10 JA . 1.00 1.36 -13.50
C28 U10 JA . 0.34 0.50 -14.55
O2 U10 JA . 4.60 11.15 3.16
O3 U10 JA . 4.58 14.00 3.49
O4 U10 JA . 5.94 15.51 1.58
O5 U10 JA . 7.22 14.18 -0.50
C1 U10 KA . 7.09 -5.89 -23.43
C2 U10 KA . 6.47 -7.22 -23.61
C3 U10 KA . 4.99 -7.36 -23.58
C4 U10 KA . 4.14 -6.16 -23.38
C5 U10 KA . 4.78 -4.82 -23.20
C6 U10 KA . 6.25 -4.69 -23.22
C1M U10 KA . 8.58 -5.75 -23.44
C3M U10 KA . 4.81 -9.82 -23.30
C4M U10 KA . 1.88 -5.53 -24.11
C7 U10 KA . 6.89 -3.33 -23.02
C8 U10 KA . 7.23 -3.14 -21.55
C9 U10 KA . 8.44 -2.69 -21.17
C10 U10 KA . 9.49 -2.38 -22.20
C11 U10 KA . 8.77 -2.49 -19.70
C12 U10 KA . 7.56 -2.65 -18.79
C13 U10 KA . 7.82 -3.81 -17.85
C14 U10 KA . 7.57 -3.76 -16.53
C15 U10 KA . 7.87 -4.95 -15.69
C16 U10 KA . 6.98 -2.53 -15.88
C17 U10 KA . 5.59 -2.83 -15.35
C18 U10 KA . 4.79 -3.49 -16.45
C19 U10 KA . 3.59 -4.04 -16.22
C20 U10 KA . 2.97 -4.00 -14.87
C21 U10 KA . 2.87 -4.68 -17.38
C22 U10 KA . 1.76 -3.74 -17.83
C23 U10 KA . 1.09 -4.26 -19.07
C24 U10 KA . -0.09 -4.87 -18.97
C25 U10 KA . -0.72 -5.05 -17.63
C26 U10 KA . -0.77 -5.39 -20.21
C27 U10 KA . -0.82 -4.31 -21.27
C28 U10 KA . -2.06 -3.47 -21.03
O2 U10 KA . 7.25 -8.19 -23.78
O3 U10 KA . 4.33 -8.55 -23.76
O4 U10 KA . 2.78 -6.35 -23.37
O5 U10 KA . 4.09 -3.79 -23.01
P PGV LA . -16.97 -27.26 16.92
C01 PGV LA . -14.16 -23.17 17.41
C02 PGV LA . -15.35 -23.87 18.08
C03 PGV LA . -15.36 -25.32 17.64
C04 PGV LA . -18.97 -28.00 15.38
C05 PGV LA . -20.46 -27.74 15.16
C06 PGV LA . -21.05 -27.19 16.45
O01 PGV LA . -16.55 -23.20 17.70
O02 PGV LA . -18.04 -24.06 19.25
O03 PGV LA . -14.14 -21.79 17.74
O04 PGV LA . -12.77 -21.32 15.95
O05 PGV LA . -21.12 -28.95 14.81
O06 PGV LA . -22.47 -27.13 16.33
O11 PGV LA . -16.70 -25.82 17.58
O12 PGV LA . -18.46 -27.07 16.33
O13 PGV LA . -17.01 -28.29 18.02
O14 PGV LA . -16.03 -27.42 15.75
C1 PGV LA . -17.47 -23.07 18.82
C2 PGV LA . -17.73 -21.72 19.43
C3 PGV LA . -18.15 -20.70 18.39
C4 PGV LA . -18.23 -19.32 19.02
C5 PGV LA . -18.69 -18.26 18.01
C6 PGV LA . -19.97 -18.69 17.31
C7 PGV LA . -20.57 -17.56 16.49
C8 PGV LA . -21.82 -18.05 15.78
C9 PGV LA . -22.61 -16.92 15.14
C10 PGV LA . -21.85 -16.29 13.99
C11 PGV LA . -22.81 -15.43 13.20
C12 PGV LA . -22.64 -14.11 13.17
C19 PGV LA . -13.41 -20.87 16.89
C20 PGV LA . -13.45 -19.40 17.15
C21 PGV LA . -12.63 -19.05 18.38
C22 PGV LA . -13.40 -18.14 19.32
C23 PGV LA . -13.94 -16.90 18.61
C24 PGV LA . -12.84 -15.97 18.10
C25 PGV LA . -11.85 -15.59 19.20
C26 PGV LA . -12.50 -14.74 20.28
C27 PGV LA . -11.58 -14.59 21.48
C28 PGV LA . -12.29 -13.88 22.63
P PGV MA . -5.69 -12.15 -29.54
C01 PGV MA . -8.03 -8.92 -29.89
C02 PGV MA . -7.18 -9.05 -28.63
C03 PGV MA . -7.18 -10.49 -28.16
C04 PGV MA . -4.27 -14.35 -29.65
C05 PGV MA . -4.32 -15.63 -28.81
C06 PGV MA . -5.17 -15.38 -27.56
O01 PGV MA . -7.73 -8.18 -27.65
O02 PGV MA . -5.62 -7.82 -26.83
O03 PGV MA . -8.64 -7.64 -29.88
O04 PGV MA . -8.95 -7.63 -32.17
O05 PGV MA . -3.00 -16.01 -28.42
O06 PGV MA . -6.44 -14.84 -27.95
O11 PGV MA . -5.89 -11.07 -28.37
O12 PGV MA . -4.71 -13.24 -28.87
O13 PGV MA . -4.95 -11.47 -30.69
O14 PGV MA . -7.01 -12.82 -29.79
C1 PGV MA . -6.70 -7.33 -27.11
C2 PGV MA . -6.95 -5.85 -26.89
C3 PGV MA . -7.74 -5.61 -25.61
C4 PGV MA . -7.92 -4.12 -25.36
C5 PGV MA . -6.58 -3.39 -25.36
C6 PGV MA . -5.84 -3.58 -24.04
C7 PGV MA . -4.39 -3.10 -24.17
C8 PGV MA . -3.55 -4.12 -24.93
C9 PGV MA . -2.27 -3.49 -25.46
C10 PGV MA . -1.51 -2.73 -24.38
C11 PGV MA . -0.21 -2.19 -24.93
C19 PGV MA . -9.16 -7.07 -31.11
C20 PGV MA . -9.98 -5.79 -31.07
C21 PGV MA . -9.65 -4.99 -29.81
C22 PGV MA . -8.31 -4.28 -29.93
C23 PGV MA . -8.21 -3.16 -28.91
N1 LDA NA . -23.20 14.62 -2.74
O1 LDA NA . -24.11 13.92 -2.29
CM1 LDA NA . -23.09 15.85 -1.97
CM2 LDA NA . -23.50 14.96 -4.14
C1 LDA NA . -21.93 13.88 -2.67
C2 LDA NA . -21.98 12.63 -3.54
C3 LDA NA . -20.65 11.88 -3.53
C4 LDA NA . -20.66 10.76 -2.50
C5 LDA NA . -21.59 9.62 -2.93
C6 LDA NA . -21.67 8.57 -1.85
C7 LDA NA . -22.81 7.58 -2.09
C8 LDA NA . -22.47 6.64 -3.23
C9 LDA NA . -23.34 5.39 -3.21
C10 LDA NA . -23.13 4.60 -4.49
C11 LDA NA . -23.45 3.12 -4.29
C12 LDA NA . -23.14 2.33 -5.53
MG BCL OA . -12.16 -11.54 1.80
CHA BCL OA . -9.47 -12.30 3.68
CHB BCL OA . -13.62 -10.33 4.64
CHC BCL OA . -14.60 -10.36 -0.14
CHD BCL OA . -10.49 -12.50 -1.18
NA BCL OA . -11.64 -11.30 3.79
C1A BCL OA . -10.58 -11.63 4.40
C2A BCL OA . -10.51 -11.36 5.87
C3A BCL OA . -11.99 -11.27 6.18
C4A BCL OA . -12.48 -11.02 4.78
CMA BCL OA . -12.53 -12.62 6.65
CAA BCL OA . -9.77 -10.05 6.17
CBA BCL OA . -9.95 -8.95 5.12
CGA BCL OA . -9.55 -7.62 5.72
O1A BCL OA . -9.23 -7.56 6.88
O2A BCL OA . -9.54 -6.42 4.90
NB BCL OA . -13.89 -10.55 2.22
C1B BCL OA . -14.23 -9.96 3.37
C2B BCL OA . -15.47 -9.13 3.33
C3B BCL OA . -15.84 -9.27 1.89
C4B BCL OA . -14.74 -10.08 1.31
CMB BCL OA . -16.36 -8.88 4.51
CAB BCL OA . -16.83 -8.48 1.09
OBB BCL OA . -16.59 -8.22 -0.07
CBB BCL OA . -18.12 -8.02 1.70
NC BCL OA . -12.41 -11.31 -0.22
C1C BCL OA . -13.58 -10.95 -0.76
C2C BCL OA . -13.68 -11.32 -2.19
C3C BCL OA . -12.21 -11.25 -2.54
C4C BCL OA . -11.70 -11.69 -1.21
CMC BCL OA . -14.72 -12.20 -2.86
CAC BCL OA . -11.75 -10.05 -3.37
CBC BCL OA . -11.36 -8.96 -2.39
ND BCL OA . -10.27 -12.02 1.18
C1D BCL OA . -9.71 -12.44 0.06
C2D BCL OA . -8.49 -13.21 0.33
C3D BCL OA . -8.37 -13.16 1.80
C4D BCL OA . -9.47 -12.43 2.23
CMD BCL OA . -7.57 -13.88 -0.66
CAD BCL OA . -7.59 -13.56 3.00
OBD BCL OA . -6.51 -14.25 3.01
CBD BCL OA . -8.29 -13.02 4.19
CGD BCL OA . -8.39 -14.11 5.21
O1D BCL OA . -7.50 -14.30 6.01
O2D BCL OA . -9.57 -14.95 5.26
CED BCL OA . -9.51 -16.14 6.03
C1 BCL OA . -9.11 -5.17 5.43
C2 BCL OA . -10.20 -4.66 6.34
C3 BCL OA . -9.93 -4.37 7.61
C4 BCL OA . -8.55 -4.54 8.16
C5 BCL OA . -11.05 -3.88 8.51
C6 BCL OA . -11.56 -5.03 9.37
C7 BCL OA . -12.20 -6.14 8.54
C8 BCL OA . -13.00 -7.11 9.40
C9 BCL OA . -12.05 -8.06 10.10
C10 BCL OA . -13.99 -7.85 8.51
C11 BCL OA . -14.47 -9.15 9.17
C12 BCL OA . -15.60 -9.76 8.37
C13 BCL OA . -16.40 -10.74 9.22
C14 BCL OA . -15.61 -12.00 9.50
C15 BCL OA . -17.71 -11.07 8.51
C16 BCL OA . -18.55 -9.81 8.30
C17 BCL OA . -20.01 -10.03 8.70
C18 BCL OA . -20.10 -10.72 10.06
C19 BCL OA . -21.42 -11.46 10.21
C20 BCL OA . -19.92 -9.70 11.19
N1 LDA PA . -32.17 18.26 1.36
O1 LDA PA . -32.10 19.30 0.69
CM1 LDA PA . -33.26 18.37 2.35
CM2 LDA PA . -30.90 18.04 2.07
C1 LDA PA . -32.41 17.11 0.48
C2 LDA PA . -31.28 16.97 -0.52
C3 LDA PA . -31.33 15.61 -1.19
C4 LDA PA . -32.71 15.35 -1.80
C5 LDA PA . -32.88 13.87 -2.13
C6 LDA PA . -32.71 13.03 -0.86
C7 LDA PA . -31.60 12.01 -1.01
C8 LDA PA . -32.07 10.81 -1.81
C9 LDA PA . -30.95 9.79 -1.94
C10 LDA PA . -31.51 8.43 -2.35
C11 LDA PA . -30.44 7.36 -2.17
C12 LDA PA . -31.03 5.98 -2.32
N1 LDA QA . -26.41 10.46 -3.81
O1 LDA QA . -27.65 10.57 -3.66
CM1 LDA QA . -25.73 11.24 -2.78
CM2 LDA QA . -26.02 10.94 -5.13
C1 LDA QA . -26.03 9.05 -3.65
C2 LDA QA . -26.61 8.22 -4.80
C3 LDA QA . -26.69 6.75 -4.43
C4 LDA QA . -28.11 6.24 -4.60
C5 LDA QA . -28.19 4.74 -4.40
C6 LDA QA . -27.28 4.03 -5.40
C7 LDA QA . -27.15 2.55 -5.08
C8 LDA QA . -28.44 1.80 -5.37
C9 LDA QA . -28.23 0.29 -5.27
C10 LDA QA . -27.03 -0.14 -6.10
C11 LDA QA . -27.29 -1.46 -6.81
C12 LDA QA . -27.89 -2.47 -5.88
C1B LMT RA . -39.09 -24.25 -4.04
C2B LMT RA . -38.75 -24.69 -5.46
C3B LMT RA . -38.82 -26.21 -5.59
C4B LMT RA . -40.21 -26.71 -5.20
C5B LMT RA . -40.83 -25.89 -4.08
C6B LMT RA . -41.67 -26.75 -3.16
O1B LMT RA . -39.83 -23.03 -4.06
O2B LMT RA . -39.62 -24.07 -6.41
O3B LMT RA . -37.83 -26.81 -4.75
O4' LMT RA . -41.06 -26.69 -6.36
O5B LMT RA . -39.79 -25.27 -3.32
O6B LMT RA . -40.84 -27.67 -2.46
C1' LMT RA . -38.56 -19.27 -2.65
C2' LMT RA . -37.70 -19.99 -3.68
C3' LMT RA . -38.49 -21.05 -4.42
C4' LMT RA . -39.11 -21.99 -3.39
C5' LMT RA . -40.02 -21.14 -2.50
C6' LMT RA . -40.82 -21.97 -1.53
O1' LMT RA . -37.70 -18.38 -1.92
O2' LMT RA . -37.21 -19.05 -4.63
O3' LMT RA . -37.64 -21.74 -5.33
O5' LMT RA . -39.20 -20.20 -1.78
O6' LMT RA . -42.17 -22.11 -2.00
C1 LMT RA . -38.28 -17.10 -1.73
C2 LMT RA . -37.21 -16.15 -1.20
C3 LMT RA . -36.03 -16.04 -2.16
C4 LMT RA . -36.05 -14.72 -2.92
C5 LMT RA . -35.82 -13.53 -1.99
C6 LMT RA . -36.17 -12.22 -2.70
C7 LMT RA . -35.66 -11.00 -1.95
C8 LMT RA . -36.61 -10.59 -0.83
C9 LMT RA . -36.32 -9.17 -0.36
C10 LMT RA . -35.16 -9.10 0.63
C11 LMT RA . -35.47 -8.09 1.73
C12 LMT RA . -34.24 -7.69 2.52
C1B LMT SA . -39.14 4.30 9.06
C2B LMT SA . -40.54 3.87 8.61
C3B LMT SA . -41.75 4.56 9.21
C4B LMT SA . -41.45 5.18 10.55
C5B LMT SA . -40.25 6.08 10.38
C6B LMT SA . -40.03 6.88 11.66
O1B LMT SA . -38.31 4.63 7.94
O2B LMT SA . -40.61 4.08 7.20
O3B LMT SA . -42.79 3.60 9.35
O4' LMT SA . -42.57 5.94 10.99
O5B LMT SA . -39.08 5.30 10.09
O6B LMT SA . -41.30 7.15 12.28
C1' LMT SA . -35.70 2.84 5.31
C2' LMT SA . -36.94 2.03 5.61
C3' LMT SA . -37.95 2.93 6.28
C4' LMT SA . -37.40 3.59 7.54
C5' LMT SA . -36.01 4.16 7.26
C6' LMT SA . -35.32 4.56 8.56
O1' LMT SA . -34.80 2.02 4.58
O2' LMT SA . -37.50 1.50 4.40
O3' LMT SA . -39.05 2.10 6.62
O5' LMT SA . -35.16 3.26 6.55
O6' LMT SA . -36.21 5.38 9.31
C1 LMT SA . -34.17 2.77 3.54
C2 LMT SA . -33.25 1.84 2.77
C3 LMT SA . -32.21 2.65 2.02
C4 LMT SA . -31.02 1.78 1.66
C5 LMT SA . -30.02 2.58 0.83
C6 LMT SA . -30.56 2.86 -0.57
C7 LMT SA . -30.11 1.81 -1.58
C8 LMT SA . -31.09 0.65 -1.67
C9 LMT SA . -30.53 -0.61 -1.04
C10 LMT SA . -31.63 -1.64 -0.84
C11 LMT SA . -31.04 -3.05 -0.81
C12 LMT SA . -30.40 -3.39 -2.13
P PGV TA . 11.95 -11.58 -40.70
C01 PGV TA . 14.29 -8.68 -38.97
C02 PGV TA . 12.81 -8.37 -38.77
C03 PGV TA . 12.02 -9.06 -39.87
C04 PGV TA . 12.95 -14.03 -40.78
C05 PGV TA . 14.32 -14.70 -40.75
C06 PGV TA . 15.09 -14.19 -39.55
O01 PGV TA . 12.59 -6.97 -38.76
O02 PGV TA . 11.53 -7.40 -36.74
O03 PGV TA . 14.99 -8.33 -37.79
O04 PGV TA . 16.50 -10.08 -37.96
O05 PGV TA . 15.04 -14.37 -41.94
O06 PGV TA . 16.46 -14.53 -39.67
O11 PGV TA . 12.71 -10.26 -40.17
O12 PGV TA . 13.16 -12.64 -40.63
O13 PGV TA . 11.59 -11.37 -42.16
O14 PGV TA . 10.90 -11.98 -39.71
C1 PGV TA . 11.89 -6.55 -37.54
C2 PGV TA . 11.62 -5.10 -37.27
C3 PGV TA . 10.87 -4.95 -35.96
C4 PGV TA . 11.83 -4.68 -34.82
C5 PGV TA . 11.11 -4.10 -33.61
C6 PGV TA . 10.31 -2.87 -33.99
C7 PGV TA . 8.85 -3.00 -33.58
C8 PGV TA . 8.54 -2.30 -32.26
C9 PGV TA . 7.20 -2.80 -31.72
C10 PGV TA . 6.64 -1.90 -30.62
C11 PGV TA . 7.73 -1.56 -29.64
C12 PGV TA . 7.69 -0.39 -29.00
C13 PGV TA . 6.57 0.57 -29.25
C14 PGV TA . 6.03 1.07 -27.91
C15 PGV TA . 5.52 -0.08 -27.05
C16 PGV TA . 5.04 0.43 -25.71
C17 PGV TA . 4.36 -0.67 -24.90
C18 PGV TA . 3.09 -1.14 -25.60
C19 PGV TA . 16.21 -9.03 -37.42
C20 PGV TA . 17.10 -8.41 -36.38
C21 PGV TA . 17.14 -6.91 -36.62
C22 PGV TA . 16.13 -6.18 -35.73
C23 PGV TA . 16.38 -4.68 -35.81
C24 PGV TA . 15.37 -3.91 -34.99
C25 PGV TA . 15.62 -4.06 -33.49
C26 PGV TA . 14.54 -3.34 -32.69
C27 PGV TA . 14.87 -3.29 -31.21
C28 PGV TA . 16.10 -2.43 -30.93
C29 PGV TA . 16.15 -2.03 -29.45
C30 PGV TA . 16.25 -3.25 -28.54
C31 PGV TA . 15.71 -2.94 -27.16
C32 PGV TA . 16.42 -1.74 -26.53
C33 PGV TA . 17.72 -2.19 -25.85
C34 PGV TA . 18.47 -1.01 -25.27
P PGV UA . -11.40 -14.87 -28.53
C01 PGV UA . -13.07 -11.46 -26.96
C02 PGV UA . -11.56 -11.24 -27.10
C03 PGV UA . -11.00 -12.32 -28.01
C04 PGV UA . -13.16 -16.83 -28.74
C05 PGV UA . -13.87 -17.84 -27.85
C06 PGV UA . -12.82 -18.76 -27.22
O01 PGV UA . -10.99 -11.39 -25.81
O02 PGV UA . -9.96 -9.37 -26.20
O03 PGV UA . -13.72 -11.48 -28.23
O04 PGV UA . -15.67 -12.23 -27.29
O05 PGV UA . -14.77 -18.60 -28.65
O06 PGV UA . -13.49 -19.82 -26.52
O11 PGV UA . -11.56 -13.56 -27.61
O12 PGV UA . -12.54 -15.83 -27.92
O13 PGV UA . -10.05 -15.50 -28.25
O14 PGV UA . -11.79 -14.50 -29.94
C1 PGV UA . -10.27 -10.20 -25.38
C2 PGV UA . -9.94 -10.02 -23.92
C3 PGV UA . -9.33 -8.64 -23.70
C4 PGV UA . -9.50 -8.23 -22.25
C5 PGV UA . -8.18 -7.86 -21.61
C6 PGV UA . -7.60 -6.59 -22.23
C7 PGV UA . -6.91 -5.74 -21.18
C8 PGV UA . -7.95 -4.97 -20.36
C9 PGV UA . -7.30 -4.28 -19.16
C10 PGV UA . -6.23 -3.29 -19.58
C11 PGV UA . -4.88 -3.83 -19.21
C19 PGV UA . -15.14 -11.75 -28.28
C20 PGV UA . -15.92 -11.45 -29.53
C21 PGV UA . -17.41 -11.25 -29.25
C22 PGV UA . -17.67 -10.02 -28.40
C23 PGV UA . -16.88 -8.81 -28.87
C24 PGV UA . -17.55 -7.51 -28.47
C25 PGV UA . -17.67 -7.38 -26.96
C26 PGV UA . -16.31 -7.11 -26.33
C27 PGV UA . -16.05 -5.62 -26.17
C28 PGV UA . -17.07 -5.00 -25.22
C29 PGV UA . -16.64 -3.60 -24.81
C1B LMT VA . -35.10 -12.47 -14.06
C2B LMT VA . -35.71 -13.86 -13.94
C3B LMT VA . -34.71 -14.94 -14.34
C4B LMT VA . -34.09 -14.62 -15.68
C5B LMT VA . -33.47 -13.23 -15.63
C6B LMT VA . -32.79 -12.88 -16.94
O1B LMT VA . -34.17 -12.30 -12.99
O2B LMT VA . -36.10 -14.05 -12.59
O3B LMT VA . -35.37 -16.21 -14.40
O4' LMT VA . -33.10 -15.60 -16.02
O5B LMT VA . -34.48 -12.28 -15.33
O6B LMT VA . -33.73 -12.99 -18.02
C1' LMT VA . -33.46 -9.35 -10.19
C2' LMT VA . -34.92 -9.52 -10.59
C3' LMT VA . -35.12 -10.84 -11.31
C4' LMT VA . -34.15 -10.97 -12.48
C5' LMT VA . -32.72 -10.65 -12.05
C6' LMT VA . -31.83 -10.58 -13.29
O1' LMT VA . -33.34 -8.06 -9.59
O2' LMT VA . -35.73 -9.46 -9.42
O3' LMT VA . -36.49 -10.88 -11.76
O5' LMT VA . -32.65 -9.41 -11.37
O6' LMT VA . -32.32 -9.57 -14.18
C1 LMT VA . -32.25 -7.97 -8.69
C2 LMT VA . -32.62 -6.93 -7.65
C3 LMT VA . -31.58 -6.81 -6.55
C4 LMT VA . -32.14 -5.99 -5.41
C5 LMT VA . -33.41 -6.63 -4.87
C6 LMT VA . -34.37 -5.57 -4.32
C7 LMT VA . -33.66 -4.71 -3.28
C8 LMT VA . -34.12 -3.27 -3.36
C9 LMT VA . -33.47 -2.54 -4.53
C10 LMT VA . -33.29 -1.06 -4.20
C11 LMT VA . -34.57 -0.50 -3.62
C12 LMT VA . -34.38 0.91 -3.13
MG BCL WA . 6.55 -9.18 -8.04
CHA BCL WA . 4.18 -7.76 -9.98
CHB BCL WA . 8.68 -6.75 -9.12
CHC BCL WA . 8.54 -10.04 -5.52
CHD BCL WA . 4.31 -11.70 -7.00
NA BCL WA . 6.43 -7.47 -9.21
C1A BCL WA . 5.47 -7.03 -9.90
C2A BCL WA . 5.69 -5.77 -10.69
C3A BCL WA . 7.21 -5.85 -10.81
C4A BCL WA . 7.48 -6.82 -9.70
CMA BCL WA . 7.61 -6.49 -12.13
CAA BCL WA . 5.20 -4.53 -9.94
CBA BCL WA . 5.64 -4.42 -8.49
CGA BCL WA . 5.12 -3.16 -7.86
O1A BCL WA . 3.93 -3.00 -7.70
O2A BCL WA . 6.03 -2.10 -7.45
NB BCL WA . 8.43 -8.59 -7.51
C1B BCL WA . 9.09 -7.50 -7.93
C2B BCL WA . 10.36 -7.20 -7.25
C3B BCL WA . 10.33 -8.23 -6.16
C4B BCL WA . 9.04 -8.95 -6.39
CMB BCL WA . 11.54 -6.54 -7.90
CAB BCL WA . 11.22 -8.39 -4.95
OBB BCL WA . 10.89 -9.12 -4.04
CBB BCL WA . 12.52 -7.66 -4.86
NC BCL WA . 6.43 -10.55 -6.52
C1C BCL WA . 7.48 -10.81 -5.72
C2C BCL WA . 7.38 -12.12 -5.02
C3C BCL WA . 5.92 -12.44 -5.19
C4C BCL WA . 5.58 -11.47 -6.28
CMC BCL WA . 8.50 -13.12 -4.81
CAC BCL WA . 5.12 -12.69 -3.93
CBC BCL WA . 4.50 -11.36 -3.53
ND BCL WA . 4.54 -9.55 -8.07
C1D BCL WA . 3.74 -10.51 -7.64
C2D BCL WA . 2.49 -10.53 -8.43
C3D BCL WA . 2.64 -9.41 -9.38
C4D BCL WA . 3.90 -8.89 -9.10
CMD BCL WA . 1.30 -11.44 -8.30
CAD BCL WA . 2.05 -8.62 -10.50
OBD BCL WA . 0.91 -8.82 -11.04
CBD BCL WA . 3.04 -7.58 -10.87
CGD BCL WA . 3.18 -7.52 -12.36
O1D BCL WA . 2.59 -6.68 -13.01
O2D BCL WA . 4.04 -8.46 -13.05
CED BCL WA . 4.03 -8.50 -14.47
C1 BCL WA . 5.61 -1.14 -6.48
C2 BCL WA . 6.78 -0.39 -5.91
C3 BCL WA . 7.58 0.41 -6.66
C4 BCL WA . 8.73 1.13 -6.02
C5 BCL WA . 7.38 0.59 -8.13
C6 BCL WA . 8.71 0.26 -8.79
C7 BCL WA . 8.86 -1.24 -8.97
C8 BCL WA . 8.83 -1.61 -10.43
C9 BCL WA . 7.40 -1.77 -10.93
C10 BCL WA . 9.64 -2.87 -10.65
C11 BCL WA . 11.11 -2.52 -10.88
C12 BCL WA . 11.93 -3.78 -11.07
C13 BCL WA . 11.53 -4.46 -12.38
C14 BCL WA . 11.24 -5.94 -12.14
C15 BCL WA . 12.60 -4.27 -13.43
C16 BCL WA . 12.12 -4.80 -14.77
C17 BCL WA . 12.24 -3.73 -15.86
C18 BCL WA . 12.58 -4.37 -17.20
C19 BCL WA . 13.45 -3.42 -18.03
C20 BCL WA . 11.33 -4.79 -17.96
P PGV XA . -6.29 -24.08 16.67
C01 PGV XA . -6.17 -21.02 12.80
C02 PGV XA . -5.82 -21.16 14.28
C03 PGV XA . -5.46 -22.60 14.62
C04 PGV XA . -8.85 -24.60 16.75
C05 PGV XA . -10.18 -23.89 16.58
C06 PGV XA . -11.26 -24.93 16.31
O01 PGV XA . -6.95 -20.74 15.04
O02 PGV XA . -5.51 -19.21 15.97
O03 PGV XA . -7.08 -19.94 12.68
O04 PGV XA . -5.87 -18.89 11.03
O05 PGV XA . -10.09 -22.99 15.47
O06 PGV XA . -10.72 -26.00 15.53
O11 PGV XA . -5.69 -22.73 16.03
O12 PGV XA . -7.82 -23.64 16.88
O13 PGV XA . -5.64 -24.30 18.01
O14 PGV XA . -6.30 -25.17 15.64
C1 PGV XA . -6.61 -19.71 16.00
C2 PGV XA . -7.62 -19.24 17.03
C3 PGV XA . -8.28 -17.95 16.57
C4 PGV XA . -9.51 -18.20 15.70
C5 PGV XA . -10.14 -16.89 15.26
C6 PGV XA . -11.52 -17.11 14.64
C7 PGV XA . -12.14 -15.79 14.22
C8 PGV XA . -13.61 -15.97 13.84
C9 PGV XA . -14.36 -14.64 13.74
C10 PGV XA . -15.86 -14.89 13.82
C11 PGV XA . -16.64 -13.63 13.61
C12 PGV XA . -17.58 -13.60 12.65
C13 PGV XA . -17.83 -14.82 11.81
C14 PGV XA . -19.25 -14.77 11.25
C15 PGV XA . -19.51 -15.96 10.35
C16 PGV XA . -18.55 -15.99 9.18
C17 PGV XA . -18.94 -15.00 8.11
C18 PGV XA . -20.27 -15.37 7.50
C19 PGV XA . -6.74 -18.79 11.86
C20 PGV XA . -7.45 -17.47 12.07
C21 PGV XA . -6.75 -16.41 11.24
C22 PGV XA . -7.54 -16.08 9.99
C23 PGV XA . -6.66 -15.43 8.94
C24 PGV XA . -6.37 -13.99 9.30
C25 PGV XA . -7.64 -13.16 9.32
C26 PGV XA . -7.43 -11.92 10.18
C27 PGV XA . -8.65 -11.02 10.20
C28 PGV XA . -8.48 -9.92 11.25
C29 PGV XA . -7.09 -9.30 11.19
C30 PGV XA . -6.99 -8.08 12.09
N1 LDA YA . -21.79 20.40 -3.15
O1 LDA YA . -22.71 19.81 -2.54
CM1 LDA YA . -20.97 21.13 -2.17
CM2 LDA YA . -22.37 21.35 -4.09
C1 LDA YA . -20.96 19.42 -3.84
C2 LDA YA . -21.67 18.88 -5.08
C3 LDA YA . -20.82 17.82 -5.79
C4 LDA YA . -20.43 16.71 -4.82
C5 LDA YA . -20.09 15.43 -5.54
C6 LDA YA . -18.81 15.57 -6.34
C7 LDA YA . -18.17 14.21 -6.64
C8 LDA YA . -17.84 13.47 -5.35
C9 LDA YA . -16.91 14.27 -4.45
C10 LDA YA . -15.54 13.60 -4.31
C11 LDA YA . -14.79 13.59 -5.62
C12 LDA YA . -13.43 12.94 -5.46
MG BCL ZA . -0.51 -14.22 -2.12
CHA BCL ZA . 2.34 -13.23 -0.71
CHB BCL ZA . -1.74 -11.09 -1.64
CHC BCL ZA . -3.28 -15.22 -3.71
CHD BCL ZA . 1.06 -17.18 -3.42
NA BCL ZA . 0.19 -12.43 -1.34
C1A BCL ZA . 1.29 -12.20 -0.75
C2A BCL ZA . 1.46 -10.85 -0.09
C3A BCL ZA . 0.11 -10.22 -0.37
C4A BCL ZA . -0.50 -11.29 -1.22
CMA BCL ZA . -0.68 -10.04 0.92
CAA BCL ZA . 2.52 -10.02 -0.78
CBA BCL ZA . 3.04 -8.94 0.15
CGA BCL ZA . 3.86 -7.96 -0.64
O1A BCL ZA . 3.52 -6.80 -0.74
O2A BCL ZA . 5.08 -8.39 -1.30
NB BCL ZA . -2.35 -13.36 -2.39
C1B BCL ZA . -2.68 -12.09 -2.15
C2B BCL ZA . -4.09 -11.74 -2.44
C3B BCL ZA . -4.53 -12.96 -3.18
C4B BCL ZA . -3.35 -13.86 -3.10
CMB BCL ZA . -4.62 -10.32 -2.46
CAB BCL ZA . -5.82 -13.26 -3.87
OBB BCL ZA . -5.93 -14.29 -4.50
CBB BCL ZA . -6.99 -12.32 -3.82
NC BCL ZA . -0.98 -15.77 -3.36
C1C BCL ZA . -2.24 -16.06 -3.70
C2C BCL ZA . -2.39 -17.49 -4.10
C3C BCL ZA . -1.03 -17.66 -4.74
C4C BCL ZA . -0.31 -16.78 -3.78
CMC BCL ZA . -3.19 -18.58 -3.42
CAC BCL ZA . -0.94 -17.56 -6.27
CBC BCL ZA . -1.51 -18.85 -6.81
ND BCL ZA . 1.34 -15.04 -2.33
C1D BCL ZA . 1.89 -16.09 -2.90
C2D BCL ZA . 3.30 -16.23 -2.47
C3D BCL ZA . 3.51 -15.07 -1.58
C4D BCL ZA . 2.29 -14.42 -1.56
CMD BCL ZA . 4.32 -17.27 -2.86
CAD BCL ZA . 4.44 -14.31 -0.71
OBD BCL ZA . 5.67 -14.60 -0.47
CBD BCL ZA . 3.69 -13.18 -0.14
CGD BCL ZA . 3.76 -13.29 1.34
O1D BCL ZA . 4.69 -12.80 1.97
O2D BCL ZA . 2.69 -13.99 2.03
CED BCL ZA . 2.96 -15.08 2.92
C1 BCL ZA . 5.81 -7.46 -2.10
C2 BCL ZA . 7.02 -6.98 -1.33
C3 BCL ZA . 8.16 -7.67 -1.32
C4 BCL ZA . 8.27 -8.95 -2.09
C5 BCL ZA . 9.33 -7.14 -0.55
C6 BCL ZA . 10.07 -6.09 -1.36
C7 BCL ZA . 11.22 -5.51 -0.56
C8 BCL ZA . 12.51 -5.50 -1.37
C9 BCL ZA . 13.66 -4.96 -0.54
C10 BCL ZA . 12.28 -4.66 -2.62
C11 BCL ZA . 13.61 -4.28 -3.27
C12 BCL ZA . 13.38 -3.62 -4.62
C13 BCL ZA . 14.47 -4.02 -5.59
C14 BCL ZA . 15.82 -3.54 -5.09
C15 BCL ZA . 14.16 -3.48 -6.98
C16 BCL ZA . 14.56 -2.02 -7.10
C17 BCL ZA . 14.10 -1.46 -8.44
C18 BCL ZA . 14.25 0.05 -8.53
C19 BCL ZA . 14.01 0.71 -7.19
C20 BCL ZA . 13.31 0.63 -9.57
O1D BPH AB . 13.71 4.02 -0.63
CGD BPH AB . 12.71 3.48 -0.27
O2D BPH AB . 11.48 3.90 -0.57
CED BPH AB . 11.40 5.05 -1.45
CBD BPH AB . 12.67 2.21 0.53
CHA BPH AB . 11.87 1.11 -0.17
C4D BPH AB . 10.82 0.73 0.73
C3D BPH AB . 10.82 1.48 1.91
CAD BPH AB . 11.94 2.42 1.86
OBD BPH AB . 12.29 3.23 2.70
C2D BPH AB . 9.73 1.02 2.68
CMD BPH AB . 9.31 1.51 4.03
C1D BPH AB . 9.11 0.01 1.96
ND BPH AB . 9.78 -0.15 0.78
CHD BPH AB . 8.00 -0.75 2.29
C4C BPH AB . 7.35 -1.72 1.52
C3C BPH AB . 6.10 -2.48 1.92
CAC BPH AB . 6.18 -3.23 3.26
CBC BPH AB . 6.17 -2.32 4.48
C2C BPH AB . 5.88 -3.44 0.75
CMC BPH AB . 4.47 -3.43 0.17
C1C BPH AB . 6.94 -3.01 -0.25
NC BPH AB . 7.78 -2.06 0.25
CHC BPH AB . 7.06 -3.57 -1.53
C4B BPH AB . 7.99 -3.25 -2.60
C3B BPH AB . 8.09 -3.85 -3.90
CAB BPH AB . 7.27 -4.91 -4.48
CBB BPH AB . 5.84 -5.07 -4.09
OBB BPH AB . 7.75 -5.70 -5.30
C2B BPH AB . 9.14 -3.20 -4.57
CMB BPH AB . 9.65 -3.46 -5.96
C1B BPH AB . 9.69 -2.24 -3.69
NB BPH AB . 8.97 -2.29 -2.52
CHB BPH AB . 10.74 -1.42 -4.00
C4A BPH AB . 11.41 -0.49 -3.20
C3A BPH AB . 12.45 0.49 -3.72
CMA BPH AB . 11.77 1.56 -4.57
C2A BPH AB . 13.09 0.97 -2.43
C1A BPH AB . 12.05 0.59 -1.41
NA BPH AB . 11.20 -0.37 -1.85
CAA BPH AB . 14.44 0.30 -2.17
CBA BPH AB . 15.35 0.60 -3.35
CGA BPH AB . 16.69 -0.08 -3.33
O1A BPH AB . 17.11 -0.76 -2.43
O2A BPH AB . 17.34 0.14 -4.46
C1 BPH AB . 18.57 -0.58 -4.68
C2 BPH AB . 18.87 -0.47 -6.14
C3 BPH AB . 18.79 -1.50 -6.98
C4 BPH AB . 18.93 -2.92 -6.52
C5 BPH AB . 18.47 -1.33 -8.43
C6 BPH AB . 19.14 -0.16 -9.06
C7 BPH AB . 18.89 -0.10 -10.56
C8 BPH AB . 19.57 1.05 -11.31
C9 BPH AB . 19.49 0.86 -12.82
C10 BPH AB . 21.01 1.26 -10.84
C11 BPH AB . 21.86 2.17 -11.69
C12 BPH AB . 21.45 3.62 -11.74
C13 BPH AB . 22.35 4.51 -12.60
C14 BPH AB . 23.77 4.54 -12.09
C15 BPH AB . 21.78 5.93 -12.76
C16 BPH AB . 22.60 6.85 -13.63
C17 BPH AB . 21.97 8.17 -13.96
C18 BPH AB . 22.80 9.09 -14.85
C19 BPH AB . 22.04 10.36 -15.23
C20 BPH AB . 23.28 8.36 -16.10
FE FE BB . -1.04 12.19 6.48
C1 U10 CB . -8.57 8.98 9.63
C2 U10 CB . -7.87 10.27 9.43
C3 U10 CB . -7.74 11.25 10.55
C4 U10 CB . -8.32 10.92 11.88
C5 U10 CB . -9.02 9.62 12.07
C6 U10 CB . -9.15 8.65 10.97
C1M U10 CB . -8.67 8.03 8.47
C3M U10 CB . -5.70 12.54 10.11
C4M U10 CB . -8.33 13.18 12.94
C7 U10 CB . -9.87 7.34 11.23
C8 U10 CB . -8.92 6.15 11.24
C9 U10 CB . -8.70 5.39 12.32
C10 U10 CB . -9.36 5.67 13.64
C11 U10 CB . -7.74 4.24 12.21
C12 U10 CB . -8.45 2.95 12.59
C13 U10 CB . -9.41 2.59 11.49
C14 U10 CB . -9.33 1.42 10.86
C15 U10 CB . -8.27 0.44 11.23
C16 U10 CB . -10.31 1.08 9.76
C17 U10 CB . -11.02 -0.21 10.13
C18 U10 CB . -12.11 0.12 11.11
C19 U10 CB . -12.79 -0.83 11.75
C20 U10 CB . -12.47 -2.28 11.52
C21 U10 CB . -13.87 -0.45 12.73
C22 U10 CB . -15.22 -0.89 12.20
C23 U10 CB . -16.29 -0.14 12.96
C24 U10 CB . -17.48 0.13 12.41
C25 U10 CB . -17.78 -0.31 11.01
C26 U10 CB . -18.49 0.90 13.21
C27 U10 CB . -19.55 0.01 13.83
C28 U10 CB . -20.89 0.52 13.38
C29 U10 CB . -22.03 0.10 13.95
C30 U10 CB . -21.98 -0.89 15.07
C31 U10 CB . -23.37 0.63 13.47
C32 U10 CB . -23.31 2.13 13.27
C33 U10 CB . -24.69 2.63 12.91
C34 U10 CB . -25.43 3.26 13.83
C35 U10 CB . -24.89 3.47 15.21
C36 U10 CB . -26.81 3.74 13.49
C37 U10 CB . -27.57 3.93 14.80
C38 U10 CB . -28.99 3.45 14.67
C39 U10 CB . -29.59 2.82 15.70
C40 U10 CB . -28.84 2.58 16.96
C41 U10 CB . -31.02 2.34 15.56
O2 U10 CB . -7.40 10.54 8.32
O3 U10 CB . -7.10 12.44 10.32
O4 U10 CB . -8.22 11.76 12.96
O5 U10 CB . -9.49 9.34 13.18
C1B LMT DB . 13.36 -31.38 3.02
C2B LMT DB . 13.13 -31.22 1.53
O1B LMT DB . 12.85 -30.24 3.70
O5B LMT DB . 12.72 -32.56 3.48
C1' LMT DB . 13.78 -28.18 7.14
C2' LMT DB . 14.96 -28.88 6.48
C3' LMT DB . 14.59 -29.24 5.05
C4' LMT DB . 13.33 -30.10 5.04
C5' LMT DB . 12.22 -29.45 5.87
C6' LMT DB . 11.02 -30.37 6.02
O1' LMT DB . 14.15 -27.83 8.47
O2' LMT DB . 16.10 -28.01 6.47
O3' LMT DB . 15.69 -29.94 4.47
O5' LMT DB . 12.68 -29.09 7.17
O6' LMT DB . 11.26 -31.29 7.09
C1 LMT DB . 13.51 -26.62 8.89
C2 LMT DB . 13.81 -26.41 10.36
C3 LMT DB . 13.67 -24.96 10.77
C4 LMT DB . 12.22 -24.53 10.94
C5 LMT DB . 12.19 -23.16 11.59
C6 LMT DB . 10.83 -22.50 11.52
C7 LMT DB . 10.98 -21.01 11.26
C8 LMT DB . 9.71 -20.24 11.58
C9 LMT DB . 9.46 -20.17 13.08
C10 LMT DB . 8.37 -19.16 13.40
C11 LMT DB . 7.60 -19.51 14.66
C12 LMT DB . 8.42 -19.28 15.91
C1B LMT EB . -11.31 20.13 -13.48
C2B LMT EB . -12.17 20.87 -14.50
C3B LMT EB . -12.03 20.18 -15.85
C4B LMT EB . -12.62 18.78 -15.78
C5B LMT EB . -12.24 18.09 -14.48
C6B LMT EB . -11.83 16.63 -14.73
O1B LMT EB . -11.86 20.26 -12.16
O2B LMT EB . -13.54 20.90 -14.08
O3B LMT EB . -10.66 20.10 -16.22
O4' LMT EB . -14.04 18.86 -15.88
O5B LMT EB . -11.13 18.75 -13.86
O6B LMT EB . -12.89 15.93 -15.39
C1' LMT EB . -10.99 17.21 -9.51
C2' LMT EB . -9.92 18.29 -9.56
C3' LMT EB . -10.10 19.32 -10.68
C4' LMT EB . -11.49 19.18 -11.29
C5' LMT EB . -12.47 19.04 -10.14
C6' LMT EB . -13.89 19.31 -10.57
O1' LMT EB . -10.73 16.16 -10.44
O2' LMT EB . -9.92 18.95 -8.29
O3' LMT EB . -9.07 19.14 -11.65
O5' LMT EB . -12.34 17.68 -9.71
O6' LMT EB . -14.08 20.72 -10.71
C1 LMT EB . -11.54 15.02 -10.19
C2 LMT EB . -11.16 13.88 -11.14
C3 LMT EB . -11.50 12.52 -10.53
C4 LMT EB . -10.45 12.10 -9.52
C5 LMT EB . -10.73 10.72 -8.94
C6 LMT EB . -10.77 9.66 -10.01
C7 LMT EB . -10.62 8.26 -9.43
C8 LMT EB . -10.92 7.20 -10.50
C9 LMT EB . -10.09 5.94 -10.30
C10 LMT EB . -8.65 6.16 -10.75
C1 CDL FB . 11.75 8.59 19.05
O1 CDL FB . 12.31 7.91 20.18
CA2 CDL FB . 10.24 8.42 19.05
OA2 CDL FB . 9.86 7.04 18.87
PA1 CDL FB . 8.29 6.69 18.71
OA3 CDL FB . 7.59 7.20 19.94
OA4 CDL FB . 7.87 7.19 17.35
OA5 CDL FB . 8.22 5.09 18.69
CA3 CDL FB . 8.77 4.34 19.80
CA4 CDL FB . 8.51 2.86 19.62
OA6 CDL FB . 7.15 2.50 19.99
CA5 CDL FB . 6.35 2.00 19.04
OA7 CDL FB . 6.50 2.25 17.88
C11 CDL FB . 5.32 1.05 19.56
C12 CDL FB . 5.40 -0.30 18.92
C13 CDL FB . 4.29 -1.24 19.35
C14 CDL FB . 4.13 -1.33 20.85
C15 CDL FB . 3.17 -2.39 21.30
C16 CDL FB . 3.74 -3.80 21.29
C17 CDL FB . 2.79 -4.82 21.85
C18 CDL FB . 3.41 -6.16 22.13
C19 CDL FB . 2.44 -7.19 22.62
C20 CDL FB . 3.05 -8.53 22.96
C21 CDL FB . 3.96 -8.51 24.16
C22 CDL FB . 3.28 -8.09 25.44
CA6 CDL FB . 9.47 1.97 20.37
OA8 CDL FB . 9.02 0.60 20.30
CA7 CDL FB . 9.19 -0.04 19.15
OA9 CDL FB . 9.69 0.46 18.18
C31 CDL FB . 8.73 -1.47 19.23
C32 CDL FB . 9.02 -2.25 17.98
C33 CDL FB . 8.48 -3.67 18.05
C34 CDL FB . 8.80 -4.50 16.83
C35 CDL FB . 8.22 -5.89 16.87
C36 CDL FB . 8.61 -6.75 15.70
C37 CDL FB . 8.01 -8.13 15.71
C38 CDL FB . 6.50 -8.15 15.72
C39 CDL FB . 5.91 -9.53 15.62
C40 CDL FB . 6.18 -10.42 16.79
C41 CDL FB . 5.71 -11.84 16.62
C42 CDL FB . 4.25 -11.96 16.25
CB2 CDL FB . 12.42 8.11 17.79
OB2 CDL FB . 13.01 6.80 18.03
PB2 CDL FB . 13.46 5.91 16.77
OB3 CDL FB . 14.37 4.83 17.27
OB4 CDL FB . 13.92 6.83 15.69
OB5 CDL FB . 12.07 5.21 16.35
CB3 CDL FB . 12.02 4.41 15.14
CB4 CDL FB . 11.04 3.28 15.30
OB6 CDL FB . 9.67 3.77 15.39
CB5 CDL FB . 8.66 2.96 15.03
OB7 CDL FB . 7.54 3.16 15.41
C51 CDL FB . 8.98 1.85 14.07
C52 CDL FB . 7.82 0.91 13.85
C53 CDL FB . 7.95 0.10 12.57
C54 CDL FB . 9.04 -0.95 12.55
C55 CDL FB . 8.82 -2.10 13.48
C56 CDL FB . 9.64 -3.33 13.17
C57 CDL FB . 9.38 -3.91 11.81
C58 CDL FB . 9.86 -5.32 11.59
C59 CDL FB . 11.36 -5.50 11.69
C60 CDL FB . 11.92 -6.50 10.70
C61 CDL FB . 11.44 -7.92 10.88
C62 CDL FB . 12.18 -8.72 11.93
C63 CDL FB . 11.75 -10.16 12.02
C64 CDL FB . 10.31 -10.35 12.40
C65 CDL FB . 9.83 -11.78 12.41
C66 CDL FB . 10.51 -12.67 13.40
C67 CDL FB . 9.95 -14.07 13.43
CB6 CDL FB . 11.34 2.41 16.51
OB8 CDL FB . 12.28 1.40 16.13
CB7 CDL FB . 12.70 0.59 17.10
OB9 CDL FB . 12.54 0.83 18.26
C71 CDL FB . 13.34 -0.66 16.54
C72 CDL FB . 12.43 -1.46 15.68
C73 CDL FB . 13.09 -2.71 15.11
C74 CDL FB . 13.56 -3.68 16.16
C75 CDL FB . 14.24 -4.92 15.61
C76 CDL FB . 13.34 -5.83 14.82
C1 A1EF2 GB . 27.24 -14.95 -1.82
C5 A1EF2 GB . 22.06 -15.67 -2.59
C4 A1EF2 GB . 24.83 -15.30 -2.55
C3 A1EF2 GB . 26.27 -14.97 -2.73
C2 A1EF2 GB . 28.64 -14.52 -2.13
C6 A1EF2 GB . 27.02 -15.36 -0.39
C8 A1EF2 GB . 24.03 -14.19 -1.91
C9 A1EF2 GB . 22.52 -14.36 -2.01
C10 A1EF2 GB . 21.71 -13.41 -1.58
C11 A1EF2 GB . 20.31 -13.26 -1.89
C12 A1EF2 GB . 19.43 -12.43 -1.24
C13 A1EF2 GB . 18.08 -12.15 -1.52
C14 A1EF2 GB . 17.50 -12.19 -2.80
C15 A1EF2 GB . 16.17 -12.04 -3.13
C16 A1EF2 GB . 15.55 -11.87 -4.35
C17 A1EF2 GB . 14.18 -11.80 -4.66
C18 A1EF2 GB . 13.68 -11.46 -5.93
C19 A1EF2 GB . 12.37 -11.40 -6.37
C20 A1EF2 GB . 11.90 -10.94 -7.58
C21 A1EF2 GB . 12.65 -10.34 -8.57
C22 A1EF2 GB . 12.28 -9.88 -9.84
C23 A1EF2 GB . 13.19 -9.27 -10.70
C24 A1EF2 GB . 13.08 -8.93 -12.03
C25 A1EF2 GB . 14.10 -8.24 -12.78
C26 A1EF2 GB . 14.15 -7.97 -14.06
C27 A1EF2 GB . 15.28 -7.14 -14.62
C28 A1EF2 GB . 15.27 -6.95 -16.12
C29 A1EF2 GB . 16.44 -6.14 -16.59
C30 A1EF2 GB . 16.70 -5.73 -17.82
C31 A1EF2 GB . 17.93 -4.92 -18.12
C32 A1EF2 GB . 18.02 -4.48 -19.56
C33 A1EF2 GB . 19.38 -3.96 -19.93
C34 A1EF2 GB . 19.78 -3.46 -21.09
C35 A1EF2 GB . 18.84 -3.14 -22.20
C37 A1EF2 GB . 17.20 -11.82 -0.38
C38 A1EF2 GB . 13.21 -12.10 -3.58
C39 A1EF2 GB . 10.88 -10.04 -10.28
C40 A1EF2 GB . 13.13 -8.44 -15.07
C41 A1EF2 GB . 15.84 -6.04 -19.01
C42 A1EF2 GB . 21.22 -3.16 -21.37
P PGV HB . 30.28 -8.96 2.36
C01 PGV HB . 30.28 -4.04 1.27
C02 PGV HB . 29.52 -5.10 2.05
C03 PGV HB . 30.42 -6.32 2.21
C04 PGV HB . 28.54 -10.75 1.58
C05 PGV HB . 27.05 -10.47 1.34
C06 PGV HB . 26.50 -11.38 0.25
O01 PGV HB . 28.34 -5.42 1.30
O02 PGV HB . 27.11 -6.54 2.91
O03 PGV HB . 31.56 -3.83 1.85
O04 PGV HB . 32.59 -2.68 0.13
O05 PGV HB . 26.90 -9.11 0.93
O06 PGV HB . 27.58 -12.11 -0.34
O11 PGV HB . 29.65 -7.49 2.48
O12 PGV HB . 28.96 -9.85 2.59
O13 PGV HB . 31.27 -9.17 3.47
O14 PGV HB . 30.68 -9.21 0.92
C1 PGV HB . 27.15 -5.62 2.11
C2 PGV HB . 25.93 -4.75 1.94
C3 PGV HB . 26.24 -3.35 2.41
C4 PGV HB . 26.67 -3.37 3.86
C5 PGV HB . 26.31 -2.07 4.56
C6 PGV HB . 24.81 -1.89 4.60
C7 PGV HB . 24.38 -0.76 5.54
C8 PGV HB . 24.29 -1.27 6.97
C9 PGV HB . 25.50 -0.82 7.79
C10 PGV HB . 25.53 0.70 7.83
C11 PGV HB . 24.38 1.17 8.67
C12 PGV HB . 24.50 2.31 9.35
C13 PGV HB . 23.34 2.76 10.20
C14 PGV HB . 23.88 3.62 11.34
C15 PGV HB . 24.78 2.85 12.30
C16 PGV HB . 24.86 3.58 13.63
C17 PGV HB . 25.18 5.05 13.41
C18 PGV HB . 25.03 5.84 14.69
C19 PGV HB . 32.44 -2.79 1.34
C20 PGV HB . 33.13 -1.85 2.28
C21 PGV HB . 32.11 -0.88 2.86
C22 PGV HB . 31.15 -1.57 3.84
C23 PGV HB . 30.11 -0.58 4.35
C24 PGV HB . 29.53 -1.08 5.67
C25 PGV HB . 28.70 0.01 6.34
C1 CDL IB . 23.94 14.74 -10.94
O1 CDL IB . 24.57 15.84 -10.28
CA2 CDL IB . 22.64 15.20 -11.57
OA2 CDL IB . 21.65 15.53 -10.56
PA1 CDL IB . 20.30 16.27 -11.01
OA3 CDL IB . 20.70 17.67 -11.41
OA4 CDL IB . 19.61 15.40 -12.01
OA5 CDL IB . 19.43 16.37 -9.67
CA3 CDL IB . 19.13 15.17 -8.89
CA4 CDL IB . 18.14 14.26 -9.58
OA6 CDL IB . 16.99 15.06 -9.96
CA6 CDL IB . 17.69 13.11 -8.70
OA8 CDL IB . 16.95 12.15 -9.49
CA7 CDL IB . 15.64 12.36 -9.61
OA9 CDL IB . 15.08 13.31 -9.14
C31 CDL IB . 14.98 11.27 -10.38
C32 CDL IB . 13.50 11.46 -10.57
C33 CDL IB . 12.70 11.19 -9.30
C34 CDL IB . 12.81 9.77 -8.80
C35 CDL IB . 11.77 9.40 -7.77
C36 CDL IB . 11.87 7.97 -7.29
C37 CDL IB . 10.75 7.53 -6.39
C38 CDL IB . 10.83 6.10 -5.94
C39 CDL IB . 9.65 5.64 -5.12
CB2 CDL IB . 23.78 13.59 -9.99
OB2 CDL IB . 23.09 12.48 -10.62
PB2 CDL IB . 22.98 11.09 -9.83
OB3 CDL IB . 22.55 11.43 -8.43
OB4 CDL IB . 24.24 10.31 -10.07
OB5 CDL IB . 21.79 10.32 -10.58
CB3 CDL IB . 21.31 9.07 -10.02
CB4 CDL IB . 20.26 9.33 -8.96
OB6 CDL IB . 20.32 8.32 -7.92
CB5 CDL IB . 21.18 8.49 -6.90
OB7 CDL IB . 22.05 9.31 -6.90
C51 CDL IB . 20.89 7.56 -5.76
C52 CDL IB . 21.90 7.61 -4.69
C53 CDL IB . 21.92 6.34 -3.87
CB6 CDL IB . 18.85 9.41 -9.50
OB8 CDL IB . 17.91 9.09 -8.45
CB7 CDL IB . 17.62 7.80 -8.28
OB9 CDL IB . 18.09 6.92 -8.96
C71 CDL IB . 16.67 7.58 -7.15
C72 CDL IB . 16.21 6.16 -7.03
C73 CDL IB . 15.11 5.99 -6.00
C74 CDL IB . 14.52 4.60 -5.90
C75 CDL IB . 15.35 3.59 -5.14
C76 CDL IB . 16.49 2.99 -5.90
C1B LMT JB . -6.57 23.09 -16.92
C2B LMT JB . -6.20 24.57 -16.98
C3B LMT JB . -6.34 25.21 -15.61
C4B LMT JB . -7.74 24.97 -15.10
C5B LMT JB . -8.00 23.47 -15.05
C6B LMT JB . -9.40 23.16 -14.51
O1B LMT JB . -5.61 22.41 -16.11
O2B LMT JB . -4.84 24.69 -17.44
O3B LMT JB . -6.09 26.62 -15.69
O4' LMT JB . -7.91 25.53 -13.80
O5B LMT JB . -7.88 22.93 -16.37
O6B LMT JB . -10.40 23.52 -15.47
C1' LMT JB . -3.73 18.75 -16.33
C2' LMT JB . -3.99 19.42 -17.67
C3' LMT JB . -4.32 20.89 -17.46
C4' LMT JB . -5.46 21.04 -16.47
C5' LMT JB . -5.16 20.24 -15.19
C6' LMT JB . -6.31 20.33 -14.20
O1' LMT JB . -3.46 17.37 -16.52
O2' LMT JB . -2.85 19.28 -18.52
O3' LMT JB . -4.65 21.46 -18.73
O5' LMT JB . -4.89 18.88 -15.51
O6' LMT JB . -7.41 19.52 -14.64
C1 LMT JB . -3.04 16.76 -15.29
C2 LMT JB . -3.45 15.30 -15.29
C3 LMT JB . -2.53 14.49 -14.39
C4 LMT JB . -1.12 14.50 -14.94
C5 LMT JB . -0.22 13.53 -14.18
C6 LMT JB . 0.08 14.07 -12.79
C7 LMT JB . 1.15 13.22 -12.11
C8 LMT JB . 0.62 11.84 -11.78
C9 LMT JB . 1.67 11.04 -11.02
C10 LMT JB . 2.93 10.87 -11.85
C11 LMT JB . 2.70 9.98 -13.06
C12 LMT JB . 3.96 9.79 -13.86
C1B LMT KB . -7.09 -28.90 20.20
C2B LMT KB . -6.71 -30.37 20.19
C3B LMT KB . -6.66 -30.89 18.77
C4B LMT KB . -8.03 -30.70 18.14
C5B LMT KB . -8.37 -29.21 18.18
C6B LMT KB . -9.77 -29.00 17.62
O1B LMT KB . -6.02 -28.18 19.59
O2B LMT KB . -5.43 -30.52 20.80
O3B LMT KB . -6.32 -32.29 18.76
O4' LMT KB . -8.03 -31.18 16.80
O5B LMT KB . -8.33 -28.71 19.52
O6B LMT KB . -10.69 -29.81 18.37
C1' LMT KB . -5.25 -24.82 22.05
C2' LMT KB . -6.49 -24.76 21.15
C3' LMT KB . -6.94 -26.14 20.69
C4' LMT KB . -5.76 -26.87 20.09
C5' LMT KB . -4.62 -26.90 21.11
C6' LMT KB . -3.43 -27.69 20.58
O1' LMT KB . -4.80 -23.49 22.27
O2' LMT KB . -7.56 -24.10 21.85
O3' LMT KB . -7.98 -25.99 19.72
O5' LMT KB . -4.23 -25.57 21.40
O6' LMT KB . -3.88 -28.98 20.15
C1 LMT KB . -3.55 -23.43 22.95
C2 LMT KB . -3.16 -21.96 23.11
C3 LMT KB . -1.70 -21.82 23.54
C4 LMT KB . -1.18 -20.43 23.22
C5 LMT KB . 0.27 -20.26 23.64
C6 LMT KB . 0.87 -18.98 23.06
C7 LMT KB . 2.30 -18.78 23.54
C8 LMT KB . 2.90 -17.51 22.95
C9 LMT KB . 4.27 -17.21 23.57
C10 LMT KB . 4.86 -15.91 23.01
C11 LMT KB . 4.05 -14.70 23.44
C12 LMT KB . 4.46 -13.46 22.68
P PGV LB . -13.36 5.71 23.92
C01 PGV LB . -15.77 2.49 20.86
C02 PGV LB . -14.42 2.80 21.50
C03 PGV LB . -14.52 4.14 22.20
O01 PGV LB . -13.41 2.86 20.48
O02 PGV LB . -12.28 1.11 21.49
O03 PGV LB . -15.56 1.79 19.64
O04 PGV LB . -17.81 1.59 19.19
O11 PGV LB . -13.36 4.42 22.97
O12 PGV LB . -12.13 5.40 24.91
O13 PGV LB . -14.64 5.69 24.72
O14 PGV LB . -13.03 6.91 23.07
C1 PGV LB . -12.48 1.74 20.47
C2 PGV LB . -11.78 1.39 19.17
C3 PGV LB . -10.82 0.24 19.35
C4 PGV LB . -11.07 -0.85 18.31
C5 PGV LB . -10.14 -0.75 17.10
C6 PGV LB . -10.33 -1.97 16.20
C7 PGV LB . -9.28 -2.09 15.10
C8 PGV LB . -9.51 -3.35 14.27
C9 PGV LB . -8.57 -3.47 13.08
C10 PGV LB . -7.20 -3.98 13.51
C11 PGV LB . -6.40 -4.42 12.31
C12 PGV LB . -5.22 -3.86 12.03
C13 PGV LB . -4.64 -2.77 12.90
C14 PGV LB . -3.20 -2.50 12.51
C19 PGV LB . -16.68 1.28 18.87
C20 PGV LB . -16.39 0.39 17.69
C21 PGV LB . -15.35 -0.62 18.10
C22 PGV LB . -14.64 -1.24 16.89
C23 PGV LB . -15.34 -2.51 16.44
C24 PGV LB . -14.42 -3.31 15.54
C25 PGV LB . -15.01 -4.68 15.23
C26 PGV LB . -14.04 -5.53 14.42
P PGV MB . -20.00 2.68 31.64
C01 PGV MB . -20.66 -0.12 29.45
C02 PGV MB . -21.58 -0.44 30.62
C03 PGV MB . -21.87 0.85 31.34
C04 PGV MB . -17.62 3.58 32.35
C05 PGV MB . -16.19 3.13 32.59
C06 PGV MB . -15.30 4.37 32.55
O01 PGV MB . -20.94 -1.33 31.53
O02 PGV MB . -21.45 -3.16 30.25
O03 PGV MB . -19.62 -1.09 29.35
O04 PGV MB . -18.17 0.35 28.24
O05 PGV MB . -15.78 2.19 31.60
O06 PGV MB . -13.92 3.99 32.54
O11 PGV MB . -20.64 1.25 31.93
O12 PGV MB . -18.48 2.47 32.14
O13 PGV MB . -20.65 3.71 32.53
O14 PGV MB . -19.97 2.89 30.15
C1 PGV MB . -21.41 -2.69 31.38
C2 PGV MB . -21.84 -3.49 32.58
C3 PGV MB . -23.28 -3.13 32.92
C4 PGV MB . -24.21 -3.54 31.79
C5 PGV MB . -24.42 -5.04 31.79
C6 PGV MB . -24.49 -5.60 30.37
C7 PGV MB . -23.08 -5.87 29.83
C8 PGV MB . -22.34 -6.84 30.76
C9 PGV MB . -20.99 -7.22 30.19
C10 PGV MB . -21.11 -7.59 28.71
C11 PGV MB . -19.96 -8.47 28.32
C12 PGV MB . -20.10 -9.39 27.37
C13 PGV MB . -21.44 -9.55 26.68
C19 PGV MB . -18.48 -0.81 28.48
C20 PGV MB . -17.70 -1.95 27.87
C21 PGV MB . -18.45 -3.26 28.14
C22 PGV MB . -19.66 -3.41 27.24
C23 PGV MB . -19.30 -3.12 25.78
C24 PGV MB . -19.04 -4.40 25.00
C25 PGV MB . -17.62 -4.90 25.21
C26 PGV MB . -17.44 -6.27 24.54
C27 PGV MB . -18.28 -7.32 25.25
C28 PGV MB . -18.07 -8.69 24.60
C1B LMT NB . -38.28 -20.80 -12.39
C2B LMT NB . -39.26 -21.15 -13.49
C3B LMT NB . -39.61 -22.63 -13.45
C4B LMT NB . -40.04 -23.02 -12.04
C5B LMT NB . -38.98 -22.59 -11.02
C6B LMT NB . -38.48 -23.80 -10.23
O1B LMT NB . -38.88 -19.88 -11.47
O2B LMT NB . -40.46 -20.38 -13.31
O3B LMT NB . -38.48 -23.40 -13.83
O4' LMT NB . -41.28 -22.36 -11.73
O5B LMT NB . -37.88 -21.98 -11.69
O6B LMT NB . -39.55 -24.33 -9.45
C1' LMT NB . -38.30 -15.99 -10.30
C2' LMT NB . -38.14 -16.23 -11.78
C3' LMT NB . -38.60 -17.63 -12.21
C4' LMT NB . -38.11 -18.71 -11.25
C5' LMT NB . -38.28 -18.28 -9.80
C6' LMT NB . -37.65 -19.29 -8.87
O1' LMT NB . -37.71 -14.74 -9.97
O2' LMT NB . -38.90 -15.26 -12.51
O3' LMT NB . -38.06 -17.87 -13.51
O5' LMT NB . -37.64 -17.03 -9.59
O6' LMT NB . -38.54 -20.40 -8.71
C1 LMT NB . -38.02 -14.35 -8.64
C2 LMT NB . -37.61 -12.89 -8.43
C3 LMT NB . -36.12 -12.76 -8.21
C4 LMT NB . -35.75 -13.19 -6.80
C5 LMT NB . -34.91 -12.11 -6.13
C6 LMT NB . -33.43 -12.45 -6.12
C7 LMT NB . -32.62 -11.23 -5.73
C8 LMT NB . -31.15 -11.57 -5.54
C9 LMT NB . -30.33 -10.30 -5.51
C10 LMT NB . -28.94 -10.56 -4.94
C11 LMT NB . -28.01 -9.41 -5.27
C12 LMT NB . -28.55 -8.09 -4.78
MG BCL OB . -49.69 -6.63 -6.28
CHA BCL OB . -50.75 -4.91 -3.56
CHB BCL OB . -48.71 -3.68 -7.63
CHC BCL OB . -49.37 -8.22 -9.22
CHD BCL OB . -51.42 -9.54 -5.12
NA BCL OB . -49.87 -4.63 -5.79
C1A BCL OB . -50.22 -4.10 -4.69
C2A BCL OB . -50.08 -2.61 -4.56
C3A BCL OB . -49.79 -2.25 -6.00
C4A BCL OB . -49.37 -3.60 -6.48
CMA BCL OB . -51.05 -1.80 -6.72
CAA BCL OB . -48.90 -2.28 -3.68
CBA BCL OB . -48.76 -0.77 -3.60
CGA BCL OB . -48.33 -0.40 -2.20
O1A BCL OB . -47.68 -1.17 -1.53
O2A BCL OB . -48.71 0.87 -1.62
NB BCL OB . -49.05 -6.04 -8.11
C1B BCL OB . -48.55 -4.87 -8.47
C2B BCL OB . -47.92 -4.81 -9.81
C3B BCL OB . -48.43 -6.10 -10.38
C4B BCL OB . -48.91 -6.83 -9.18
CMB BCL OB . -47.60 -3.56 -10.57
CAB BCL OB . -48.07 -6.74 -11.67
OBB BCL OB . -47.48 -7.81 -11.67
CBB BCL OB . -48.44 -6.06 -12.96
NC BCL OB . -50.11 -8.53 -6.95
C1C BCL OB . -49.90 -8.93 -8.22
C2C BCL OB . -50.33 -10.34 -8.48
C3C BCL OB . -50.45 -10.85 -7.07
C4C BCL OB . -50.65 -9.54 -6.37
CMC BCL OB . -51.03 -10.88 -9.71
CAC BCL OB . -49.46 -11.95 -6.69
CBC BCL OB . -50.24 -12.97 -5.90
ND BCL OB . -50.57 -7.36 -4.58
C1D BCL OB . -51.07 -8.51 -4.15
C2D BCL OB . -51.85 -8.29 -2.91
C3D BCL OB . -51.72 -6.83 -2.65
C4D BCL OB . -50.95 -6.36 -3.70
CMD BCL OB . -52.57 -9.30 -2.07
CAD BCL OB . -52.08 -5.69 -1.77
OBD BCL OB . -52.78 -5.74 -0.69
CBD BCL OB . -51.47 -4.48 -2.34
CGD BCL OB . -52.48 -3.37 -2.31
O1D BCL OB . -53.48 -3.41 -3.01
O2D BCL OB . -52.31 -2.25 -1.41
CED BCL OB . -53.20 -1.15 -1.49
C1 BCL OB . -48.19 1.20 -0.34
C2 BCL OB . -48.20 2.70 -0.20
C3 BCL OB . -47.23 3.45 -0.71
C4 BCL OB . -46.10 2.79 -1.45
C5 BCL OB . -47.30 4.94 -0.55
C6 BCL OB . -48.73 5.31 -0.19
C7 BCL OB . -49.29 6.41 -1.07
C8 BCL OB . -50.74 6.73 -0.76
C9 BCL OB . -50.96 8.23 -0.64
C10 BCL OB . -51.19 6.04 0.52
C11 BCL OB . -52.71 6.11 0.72
C12 BCL OB . -53.44 5.40 -0.41
C13 BCL OB . -54.82 4.97 0.06
C14 BCL OB . -55.57 4.23 -1.05
C15 BCL OB . -55.60 6.20 0.53
C1B LMT PB . -57.72 5.21 16.51
C2B LMT PB . -57.26 6.62 16.87
C3B LMT PB . -57.80 7.08 18.22
C4B LMT PB . -59.31 6.85 18.27
C5B LMT PB . -59.59 5.39 18.00
C6B LMT PB . -61.08 5.08 18.11
O1B LMT PB . -56.99 4.23 17.26
O2B LMT PB . -55.82 6.64 16.92
O3B LMT PB . -57.51 8.47 18.43
O4' LMT PB . -59.84 7.22 19.55
O5B LMT PB . -59.13 5.05 16.69
O6B LMT PB . -61.78 5.69 17.03
C1' LMT PB . -54.40 1.25 15.87
C2' LMT PB . -54.05 2.67 15.49
C3' LMT PB . -54.79 3.64 16.41
C4' LMT PB . -56.28 3.34 16.38
C5' LMT PB . -56.50 1.89 16.76
C6' LMT PB . -57.97 1.54 16.75
O1' LMT PB . -53.77 0.33 14.99
O2' LMT PB . -52.63 2.88 15.59
O3' LMT PB . -54.55 4.99 16.00
O5' LMT PB . -55.81 1.06 15.83
O6' LMT PB . -58.65 2.30 17.76
C1 LMT PB . -53.80 -1.00 15.53
C2 LMT PB . -52.63 -1.82 15.01
C3 LMT PB . -52.09 -2.74 16.09
C4 LMT PB . -51.40 -1.94 17.19
MG BCL QB . -50.25 -9.87 2.44
CHA BCL QB . -49.54 -6.73 1.41
CHB BCL QB . -50.59 -8.67 5.59
CHC BCL QB . -50.88 -13.02 3.39
CHD BCL QB . -48.86 -11.23 -0.55
NA BCL QB . -49.94 -8.06 3.38
C1A BCL QB . -49.81 -6.91 2.86
C2A BCL QB . -49.95 -5.73 3.77
C3A BCL QB . -49.86 -6.41 5.12
C4A BCL QB . -50.19 -7.80 4.66
CMA BCL QB . -48.43 -6.34 5.67
CAA BCL QB . -51.33 -5.11 3.57
CBA BCL QB . -51.23 -3.59 3.52
CGA BCL QB . -50.95 -3.04 4.89
O1A BCL QB . -50.30 -2.03 5.04
O2A BCL QB . -51.45 -3.74 6.07
NB BCL QB . -50.65 -10.72 4.24
C1B BCL QB . -50.76 -10.12 5.43
C2B BCL QB . -51.08 -11.01 6.57
C3B BCL QB . -51.22 -12.33 5.89
C4B BCL QB . -50.94 -12.00 4.46
CMB BCL QB . -51.64 -10.56 7.90
CAB BCL QB . -51.51 -13.69 6.43
OBB BCL QB . -51.88 -14.56 5.68
CBB BCL QB . -51.35 -13.97 7.89
NC BCL QB . -50.05 -11.73 1.55
C1C BCL QB . -50.41 -12.87 2.15
C2C BCL QB . -50.23 -14.08 1.29
C3C BCL QB . -49.98 -13.44 -0.06
C4C BCL QB . -49.63 -12.06 0.39
CMC BCL QB . -49.78 -15.46 1.73
CAC BCL QB . -50.95 -13.79 -1.17
CBC BCL QB . -50.42 -15.02 -1.85
ND BCL QB . -49.62 -9.26 0.60
C1D BCL QB . -49.20 -9.81 -0.52
C2D BCL QB . -48.56 -8.79 -1.39
C3D BCL QB . -48.70 -7.54 -0.62
C4D BCL QB . -49.34 -7.90 0.55
CMD BCL QB . -47.93 -8.99 -2.75
CAD BCL QB . -48.43 -6.08 -0.59
OBD BCL QB . -47.85 -5.39 -1.49
CBD BCL QB . -48.97 -5.56 0.69
CGD BCL QB . -47.98 -4.60 1.27
O1D BCL QB . -46.87 -4.95 1.60
O2D BCL QB . -48.33 -3.20 1.39
CED BCL QB . -47.45 -2.31 2.08
C1 BCL QB . -52.44 -3.16 6.92
C2 BCL QB . -53.66 -4.03 6.81
C3 BCL QB . -53.72 -5.24 7.40
C4 BCL QB . -52.57 -5.77 8.21
C5 BCL QB . -54.96 -6.08 7.23
C6 BCL QB . -55.18 -6.28 5.74
C7 BCL QB . -54.10 -7.16 5.12
C8 BCL QB . -54.61 -8.54 4.70
C9 BCL QB . -56.10 -8.54 4.42
C10 BCL QB . -54.30 -9.57 5.78
C11 BCL QB . -54.86 -10.93 5.37
C12 BCL QB . -55.13 -11.80 6.58
C13 BCL QB . -55.30 -13.26 6.18
C14 BCL QB . -56.17 -13.38 4.92
C15 BCL QB . -55.89 -14.06 7.33
C16 BCL QB . -56.21 -15.49 6.90
C17 BCL QB . -57.51 -15.98 7.51
C18 BCL QB . -58.28 -16.92 6.58
C19 BCL QB . -58.45 -18.30 7.19
C20 BCL QB . -57.63 -17.05 5.21
C1 A1EF2 RB . -42.64 -11.95 5.32
C5 A1EF2 RB . -42.94 -8.02 9.42
C4 A1EF2 RB . -43.51 -9.81 6.37
C3 A1EF2 RB . -43.61 -11.19 5.80
C2 A1EF2 RB . -41.19 -11.59 5.44
C6 A1EF2 RB . -42.92 -13.23 4.60
C8 A1EF2 RB . -43.93 -9.73 7.82
C9 A1EF2 RB . -43.97 -8.33 8.38
C10 A1EF2 RB . -44.86 -7.45 7.94
C11 A1EF2 RB . -45.14 -6.17 8.53
C12 A1EF2 RB . -46.06 -5.23 8.12
C13 A1EF2 RB . -46.40 -4.00 8.72
C14 A1EF2 RB . -47.24 -3.07 8.09
C15 A1EF2 RB . -47.68 -1.84 8.53
C16 A1EF2 RB . -48.41 -0.97 7.74
C17 A1EF2 RB . -48.99 0.26 8.06
C18 A1EF2 RB . -49.59 1.08 7.08
C19 A1EF2 RB . -50.21 2.30 7.23
C20 A1EF2 RB . -50.72 3.15 6.26
C21 A1EF2 RB . -51.35 4.38 6.34
C22 A1EF2 RB . -51.71 5.23 5.28
C23 A1EF2 RB . -52.33 6.47 5.46
C24 A1EF2 RB . -52.60 7.44 4.51
C25 A1EF2 RB . -53.29 8.70 4.67
C26 A1EF2 RB . -53.48 9.60 3.72
C27 A1EF2 RB . -54.38 10.79 3.96
C28 A1EF2 RB . -55.85 10.50 3.73
C29 A1EF2 RB . -56.16 10.26 2.28
C30 A1EF2 RB . -57.26 9.74 1.76
C31 A1EF2 RB . -58.36 9.20 2.62
C32 A1EF2 RB . -59.70 9.86 2.39
C33 A1EF2 RB . -60.77 9.28 3.28
C34 A1EF2 RB . -61.91 8.69 2.93
C35 A1EF2 RB . -62.84 8.09 3.92
C37 A1EF2 RB . -45.83 -3.66 10.04
C38 A1EF2 RB . -49.00 0.72 9.46
C39 A1EF2 RB . -51.43 4.78 3.90
C40 A1EF2 RB . -52.83 9.55 2.37
C41 A1EF2 RB . -57.50 9.64 0.28
C42 A1EF2 RB . -62.35 8.58 1.50
MG BCL SB . -47.49 -12.81 9.86
CHA BCL SB . -47.69 -11.11 12.77
CHB BCL SB . -47.60 -9.85 8.21
CHC BCL SB . -47.96 -14.50 7.00
CHD BCL SB . -47.81 -15.93 11.58
NA BCL SB . -47.67 -10.82 10.38
C1A BCL SB . -47.65 -10.28 11.53
C2A BCL SB . -47.62 -8.78 11.59
C3A BCL SB . -47.76 -8.42 10.13
C4A BCL SB . -47.68 -9.79 9.53
CMA BCL SB . -49.12 -7.81 9.80
CAA BCL SB . -46.28 -8.26 12.11
CBA BCL SB . -46.45 -6.85 12.66
CGA BCL SB . -45.13 -6.16 12.79
O1A BCL SB . -44.15 -6.59 12.22
O2A BCL SB . -45.01 -4.96 13.60
NB BCL SB . -47.44 -12.27 7.90
C1B BCL SB . -47.39 -11.05 7.39
C2B BCL SB . -47.15 -10.97 5.93
C3B BCL SB . -47.43 -12.39 5.54
C4B BCL SB . -47.62 -13.08 6.86
CMB BCL SB . -47.24 -9.71 5.11
CAB BCL SB . -47.28 -13.07 4.20
OBB BCL SB . -47.39 -14.28 4.14
CBB BCL SB . -46.98 -12.30 2.96
NC BCL SB . -47.86 -14.79 9.39
C1C BCL SB . -48.02 -15.22 8.13
C2C BCL SB . -48.29 -16.68 8.01
C3C BCL SB . -47.89 -17.15 9.39
C4C BCL SB . -47.86 -15.85 10.12
CMC BCL SB . -49.24 -17.36 7.06
CAC BCL SB . -46.81 -18.22 9.47
CBC BCL SB . -47.49 -19.51 9.88
ND BCL SB . -47.96 -13.53 11.72
C1D BCL SB . -48.13 -14.70 12.30
C2D BCL SB . -48.14 -14.56 13.77
C3D BCL SB . -47.97 -13.10 13.98
C4D BCL SB . -47.87 -12.56 12.71
CMD BCL SB . -48.30 -15.63 14.82
CAD BCL SB . -47.86 -11.98 14.96
OBD BCL SB . -47.91 -12.09 16.23
CBD BCL SB . -47.70 -10.73 14.20
CGD BCL SB . -48.65 -9.74 14.77
O1D BCL SB . -49.85 -9.90 14.66
O2D BCL SB . -48.19 -8.56 15.48
CED BCL SB . -49.15 -7.60 15.90
C1 BCL SB . -43.73 -4.37 13.83
C2 BCL SB . -43.48 -3.28 12.82
C3 BCL SB . -43.25 -2.02 13.19
C4 BCL SB . -43.24 -1.66 14.64
C5 BCL SB . -43.00 -0.96 12.15
C6 BCL SB . -44.31 -0.43 11.58
C7 BCL SB . -44.06 0.77 10.68
C8 BCL SB . -45.29 1.66 10.62
C9 BCL SB . -45.62 2.01 9.18
C10 BCL SB . -45.04 2.91 11.45
C11 BCL SB . -45.99 4.07 11.14
C12 BCL SB . -45.65 5.24 12.07
C13 BCL SB . -46.85 6.12 12.36
C14 BCL SB . -46.52 7.12 13.47
C15 BCL SB . -48.05 5.26 12.77
C1B LMT TB . -39.44 2.59 12.03
C2B LMT TB . -38.62 3.69 12.72
C3B LMT TB . -39.23 4.12 14.03
C4B LMT TB . -40.73 3.92 13.94
C5B LMT TB . -40.95 2.42 13.90
C6B LMT TB . -42.42 2.17 13.64
O1B LMT TB . -38.72 1.96 10.96
O2B LMT TB . -37.25 3.31 12.90
O3B LMT TB . -38.96 5.51 14.26
O4' LMT TB . -41.41 4.46 15.08
O5B LMT TB . -40.12 1.73 12.95
O6B LMT TB . -43.17 3.16 14.35
C1' LMT TB . -38.33 -0.25 8.54
C2' LMT TB . -39.36 -0.49 9.63
C3' LMT TB . -38.69 -0.43 11.00
C4' LMT TB . -37.88 0.83 11.14
C5' LMT TB . -36.87 0.85 9.99
C6' LMT TB . -35.42 0.66 10.38
O1' LMT TB . -38.27 -1.28 7.56
O2' LMT TB . -40.36 0.53 9.60
O3' LMT TB . -37.76 -1.53 11.10
O5' LMT TB . -37.06 -0.25 9.15
O6' LMT TB . -34.68 0.59 9.16
C1 LMT TB . -36.93 -1.38 7.09
C2 LMT TB . -36.87 -1.58 5.59
C3 LMT TB . -37.34 -2.98 5.23
C4 LMT TB . -38.41 -2.91 4.15
C5 LMT TB . -38.49 -4.23 3.40
C6 LMT TB . -37.10 -4.57 2.87
C7 LMT TB . -36.62 -3.52 1.87
C8 LMT TB . -35.21 -3.80 1.41
C9 LMT TB . -35.19 -4.08 -0.08
C10 LMT TB . -36.01 -5.32 -0.41
C11 LMT TB . -36.82 -5.13 -1.67
C12 LMT TB . -37.49 -3.77 -1.64
C1 A1EF2 UB . -35.74 -17.32 17.73
C5 A1EF2 UB . -34.99 -13.37 21.63
C4 A1EF2 UB . -35.80 -15.38 19.37
C3 A1EF2 UB . -36.29 -16.65 18.72
C2 A1EF2 UB . -36.45 -18.44 17.02
C6 A1EF2 UB . -34.35 -17.05 17.24
C8 A1EF2 UB . -36.58 -15.08 20.63
C9 A1EF2 UB . -36.38 -13.70 21.19
C10 A1EF2 UB . -37.42 -12.87 21.29
C11 A1EF2 UB . -37.51 -11.60 21.94
C12 A1EF2 UB . -38.66 -10.83 21.98
C13 A1EF2 UB . -38.89 -9.60 22.61
C14 A1EF2 UB . -40.10 -8.90 22.45
C15 A1EF2 UB . -40.48 -7.67 22.96
C16 A1EF2 UB . -41.64 -7.02 22.60
C17 A1EF2 UB . -42.10 -5.75 23.00
C18 A1EF2 UB . -43.18 -5.10 22.38
C19 A1EF2 UB . -43.65 -3.83 22.62
C20 A1EF2 UB . -44.58 -3.05 21.94
C21 A1EF2 UB . -44.92 -1.73 22.13
C22 A1EF2 UB . -45.72 -0.90 21.32
C23 A1EF2 UB . -45.96 0.45 21.62
C24 A1EF2 UB . -46.69 1.38 20.91
C25 A1EF2 UB . -47.02 2.72 21.34
C26 A1EF2 UB . -47.76 3.63 20.73
C27 A1EF2 UB . -48.18 4.88 21.45
C28 A1EF2 UB . -47.79 6.18 20.78
C29 A1EF2 UB . -48.30 7.34 21.56
C30 A1EF2 UB . -47.63 8.39 22.05
C31 A1EF2 UB . -48.21 9.23 23.15
C32 A1EF2 UB . -47.34 10.37 23.64
C33 A1EF2 UB . -47.96 11.05 24.82
C34 A1EF2 UB . -47.53 12.10 25.50
C35 A1EF2 UB . -46.32 12.88 25.09
C37 A1EF2 UB . -37.83 -9.01 23.46
C38 A1EF2 UB . -41.42 -5.09 24.13
C39 A1EF2 UB . -46.36 -1.50 20.13
C40 A1EF2 UB . -48.24 3.49 19.31
C41 A1EF2 UB . -46.29 8.81 21.55
C42 A1EF2 UB . -48.19 12.59 26.75
C1B LMT VB . -49.01 -0.81 34.87
C2B LMT VB . -48.87 0.67 35.26
C3B LMT VB . -48.73 0.86 36.76
C4B LMT VB . -49.76 0.02 37.52
C5B LMT VB . -49.72 -1.41 37.03
C6B LMT VB . -50.70 -2.30 37.80
O1B LMT VB . -47.80 -1.52 35.13
O2B LMT VB . -47.74 1.24 34.60
O3B LMT VB . -48.89 2.24 37.09
O4' LMT VB . -49.48 0.07 38.92
O5B LMT VB . -50.04 -1.42 35.64
O6B LMT VB . -50.36 -2.26 39.19
C1' LMT VB . -45.40 -3.92 32.71
C2' LMT VB . -45.37 -2.42 32.49
C3' LMT VB . -45.91 -1.71 33.71
C4' LMT VB . -47.32 -2.19 33.96
C5' LMT VB . -47.32 -3.71 34.14
C6' LMT VB . -48.73 -4.26 34.32
O1' LMT VB . -44.92 -4.56 31.52
O2' LMT VB . -44.02 -2.00 32.24
O3' LMT VB . -45.90 -0.29 33.54
O5' LMT VB . -46.73 -4.33 32.99
O6' LMT VB . -48.68 -5.69 34.43
C1 LMT VB . -45.06 -5.97 31.54
C2 LMT VB . -44.81 -6.49 30.14
C3 LMT VB . -45.28 -7.93 29.98
C4 LMT VB . -45.57 -8.25 28.52
C1 A1EF2 WB . -59.51 -26.65 5.28
C5 A1EF2 WB . -57.08 -23.94 9.01
C4 A1EF2 WB . -58.43 -24.92 6.80
C3 A1EF2 WB . -59.11 -25.42 5.56
C2 A1EF2 WB . -60.18 -27.01 4.00
C6 A1EF2 WB . -59.34 -27.79 6.24
C8 A1EF2 WB . -58.13 -23.43 6.75
C9 A1EF2 WB . -57.37 -22.93 7.94
C10 A1EF2 WB . -57.02 -21.65 8.02
C11 A1EF2 WB . -56.05 -21.04 8.92
C12 A1EF2 WB . -55.83 -19.70 9.13
C13 A1EF2 WB . -54.70 -19.06 9.68
C14 A1EF2 WB . -54.67 -17.71 10.03
C15 A1EF2 WB . -53.60 -16.95 10.49
C16 A1EF2 WB . -53.65 -15.59 10.73
C17 A1EF2 WB . -52.61 -14.71 11.07
C18 A1EF2 WB . -52.81 -13.34 11.24
C19 A1EF2 WB . -51.92 -12.34 11.61
C20 A1EF2 WB . -52.15 -10.97 11.62
C21 A1EF2 WB . -51.46 -9.90 12.13
C22 A1EF2 WB . -51.73 -8.52 11.98
C23 A1EF2 WB . -50.99 -7.52 12.63
C24 A1EF2 WB . -50.92 -6.16 12.39
C25 A1EF2 WB . -49.97 -5.28 13.02
C26 A1EF2 WB . -49.67 -4.01 12.80
C27 A1EF2 WB . -48.61 -3.35 13.66
C28 A1EF2 WB . -48.42 -1.85 13.54
C29 A1EF2 WB . -47.47 -1.42 14.62
C30 A1EF2 WB . -47.03 -0.21 14.93
C31 A1EF2 WB . -46.14 -0.01 16.13
C32 A1EF2 WB . -45.58 1.36 16.37
C33 A1EF2 WB . -44.64 1.37 17.53
C34 A1EF2 WB . -43.95 2.38 18.02
C35 A1EF2 WB . -43.98 3.76 17.44
C37 A1EF2 WB . -53.48 -19.86 9.90
C38 A1EF2 WB . -51.25 -15.26 11.24
C39 A1EF2 WB . -52.84 -8.10 11.09
C40 A1EF2 WB . -50.30 -3.14 11.75
C41 A1EF2 WB . -47.37 1.03 14.17
C42 A1EF2 WB . -43.04 2.23 19.22
MG BCL XB . -44.35 -16.07 18.02
CHA BCL XB . -44.38 -12.88 16.90
CHB BCL XB . -43.59 -14.87 21.10
CHC BCL XB . -44.03 -19.25 19.03
CHD BCL XB . -44.21 -17.32 14.67
NA BCL XB . -43.91 -14.22 18.84
C1A BCL XB . -44.04 -13.07 18.33
C2A BCL XB . -43.87 -11.89 19.23
C3A BCL XB . -43.35 -12.56 20.49
C4A BCL XB . -43.74 -13.96 20.14
CMA BCL XB . -41.83 -12.44 20.57
CAA BCL XB . -45.21 -11.21 19.49
CBA BCL XB . -45.00 -9.73 19.77
CGA BCL XB . -45.62 -9.38 21.09
O1A BCL XB . -46.79 -9.07 21.17
O2A BCL XB . -44.82 -9.44 22.31
NB BCL XB . -43.90 -16.93 19.81
C1B BCL XB . -43.52 -16.32 20.93
C2B BCL XB . -43.23 -17.22 22.09
C3B BCL XB . -43.61 -18.53 21.50
C4B BCL XB . -43.95 -18.23 20.09
CMB BCL XB . -43.26 -16.77 23.53
CAB BCL XB . -43.61 -19.90 22.12
OBB BCL XB . -44.16 -20.81 21.54
CBB BCL XB . -42.91 -20.15 23.41
NC BCL XB . -44.29 -17.89 17.06
C1C BCL XB . -44.14 -19.06 17.72
C2C BCL XB . -44.07 -20.25 16.80
C3C BCL XB . -44.62 -19.65 15.54
C4C BCL XB . -44.36 -18.21 15.83
CMC BCL XB . -43.15 -21.45 16.91
CAC BCL XB . -45.92 -20.24 15.03
CBC BCL XB . -45.59 -21.04 13.79
ND BCL XB . -44.59 -15.41 16.10
C1D BCL XB . -44.62 -15.93 14.89
C2D BCL XB . -44.49 -14.87 13.87
C3D BCL XB . -44.39 -13.62 14.67
C4D BCL XB . -44.46 -14.04 15.98
CMD BCL XB . -44.47 -15.01 12.38
CAD BCL XB . -44.25 -12.15 14.65
OBD BCL XB . -44.16 -11.41 13.60
CBD BCL XB . -44.26 -11.67 16.04
CGD BCL XB . -43.24 -10.60 16.21
O1D BCL XB . -42.06 -10.83 16.20
O2D BCL XB . -43.67 -9.22 16.36
CED BCL XB . -42.71 -8.22 16.65
C1 BCL XB . -45.46 -9.30 23.57
C2 BCL XB . -45.76 -10.65 24.15
C3 BCL XB . -44.80 -11.50 24.54
C4 BCL XB . -43.35 -11.13 24.43
C5 BCL XB . -45.18 -12.85 25.11
C6 BCL XB . -45.31 -13.83 23.95
C7 BCL XB . -46.73 -14.41 23.83
C8 BCL XB . -46.98 -14.92 22.42
C9 BCL XB . -47.64 -13.84 21.58
C10 BCL XB . -47.84 -16.18 22.48
C11 BCL XB . -47.05 -17.42 22.13
C12 BCL XB . -47.13 -18.45 23.26
C13 BCL XB . -47.70 -19.78 22.78
C14 BCL XB . -49.20 -19.66 22.50
C15 BCL XB . -47.42 -20.84 23.84
C16 BCL XB . -48.16 -22.15 23.57
C17 BCL XB . -47.99 -23.11 24.74
C18 BCL XB . -49.26 -23.89 25.06
C19 BCL XB . -49.37 -25.17 24.25
C20 BCL XB . -50.50 -23.03 24.87
P PGV YB . -18.03 5.82 24.54
C01 PGV YB . -20.30 1.99 21.96
C02 PGV YB . -19.63 2.45 23.24
C03 PGV YB . -19.34 3.95 23.18
O01 PGV YB . -18.42 1.73 23.42
O02 PGV YB . -19.08 1.29 25.59
O03 PGV YB . -20.15 0.58 21.83
O04 PGV YB . -21.98 0.41 20.44
O11 PGV YB . -18.67 4.35 24.37
O12 PGV YB . -17.14 5.64 25.86
O13 PGV YB . -19.13 6.80 24.83
O14 PGV YB . -17.09 6.07 23.39
C1 PGV YB . -18.14 1.39 24.80
C2 PGV YB . -16.73 1.16 25.26
C3 PGV YB . -15.95 0.46 24.16
C4 PGV YB . -16.31 -1.03 24.07
C5 PGV YB . -15.84 -1.62 22.75
C6 PGV YB . -14.34 -1.44 22.57
C7 PGV YB . -13.58 -2.54 23.31
C8 PGV YB . -12.08 -2.50 23.05
C9 PGV YB . -11.73 -2.74 21.59
C10 PGV YB . -12.44 -3.97 21.02
C11 PGV YB . -11.80 -4.38 19.72
C12 PGV YB . -11.99 -5.61 19.27
C13 PGV YB . -11.36 -6.05 17.98
C14 PGV YB . -11.21 -7.57 18.00
C15 PGV YB . -12.57 -8.24 18.19
C16 PGV YB . -12.44 -9.72 18.50
C17 PGV YB . -11.86 -9.94 19.88
C19 PGV YB . -21.06 -0.18 20.99
C20 PGV YB . -20.86 -1.66 20.78
C21 PGV YB . -19.80 -1.90 19.70
C22 PGV YB . -20.32 -1.50 18.32
C23 PGV YB . -19.28 -1.76 17.25
C24 PGV YB . -19.12 -3.25 16.98
C25 PGV YB . -20.42 -3.83 16.42
C26 PGV YB . -20.16 -5.04 15.53
C27 PGV YB . -21.45 -5.45 14.82
C28 PGV YB . -21.96 -4.33 13.93
C29 PGV YB . -23.32 -4.68 13.35
C30 PGV YB . -24.46 -4.11 14.19
C31 PGV YB . -25.66 -5.05 14.16
C32 PGV YB . -25.32 -6.38 14.82
C33 PGV YB . -26.46 -7.37 14.71
C34 PGV YB . -26.27 -8.55 15.65
P PGV ZB . -27.91 9.31 26.45
C01 PGV ZB . -28.12 6.50 24.08
C02 PGV ZB . -29.61 6.72 24.30
C03 PGV ZB . -29.80 7.87 25.29
C04 PGV ZB . -25.89 9.86 28.05
C05 PGV ZB . -24.65 9.19 28.63
C06 PGV ZB . -23.71 8.81 27.49
O01 PGV ZB . -30.23 5.55 24.81
O02 PGV ZB . -30.81 4.98 22.65
O03 PGV ZB . -27.57 5.68 25.11
O04 PGV ZB . -25.73 7.00 25.55
O05 PGV ZB . -25.04 7.99 29.32
O06 PGV ZB . -22.53 8.21 28.04
O11 PGV ZB . -28.70 7.93 26.19
O12 PGV ZB . -26.73 8.87 27.46
O13 PGV ZB . -28.83 10.26 27.18
O14 PGV ZB . -27.26 9.75 25.16
C1 PGV ZB . -31.09 4.91 23.82
C2 PGV ZB . -32.30 4.13 24.28
C3 PGV ZB . -32.76 3.18 23.18
C4 PGV ZB . -33.84 2.24 23.69
C5 PGV ZB . -33.27 1.14 24.58
C6 PGV ZB . -32.62 0.03 23.76
C7 PGV ZB . -32.27 -1.18 24.63
C8 PGV ZB . -31.67 -2.31 23.82
C9 PGV ZB . -32.55 -2.71 22.64
C10 PGV ZB . -32.43 -4.20 22.31
C11 PGV ZB . -32.11 -4.39 20.85
C12 PGV ZB . -31.13 -5.22 20.50
C13 PGV ZB . -30.76 -5.45 19.05
C14 PGV ZB . -29.25 -5.36 18.93
C15 PGV ZB . -28.76 -6.07 17.66
C19 PGV ZB . -26.19 5.87 25.52
C20 PGV ZB . -25.32 4.69 25.87
C21 PGV ZB . -25.32 3.70 24.71
C22 PGV ZB . -24.21 2.68 24.84
C23 PGV ZB . -23.98 2.28 26.29
C24 PGV ZB . -23.58 0.82 26.46
C25 PGV ZB . -22.20 0.52 25.89
C26 PGV ZB . -22.30 -0.25 24.58
C27 PGV ZB . -23.20 -1.47 24.73
C28 PGV ZB . -23.12 -2.36 23.50
C29 PGV ZB . -23.61 -3.78 23.82
C30 PGV ZB . -22.84 -4.38 24.99
C31 PGV ZB . -23.31 -5.80 25.27
C32 PGV ZB . -23.10 -6.67 24.04
C33 PGV ZB . -23.67 -8.07 24.24
MG BCL AC . -38.67 -18.53 23.82
CHA BCL AC . -37.95 -16.84 26.65
CHB BCL AC . -39.67 -15.59 22.44
CHC BCL AC . -39.94 -20.26 21.26
CHD BCL AC . -37.98 -21.63 25.41
NA BCL AC . -38.82 -16.55 24.44
C1A BCL AC . -38.42 -16.01 25.51
C2A BCL AC . -38.45 -14.50 25.60
C3A BCL AC . -39.11 -14.15 24.28
C4A BCL AC . -39.19 -15.52 23.68
CMA BCL AC . -40.52 -13.61 24.47
CAA BCL AC . -37.07 -13.88 25.63
CBA BCL AC . -37.15 -12.53 26.32
CGA BCL AC . -35.97 -11.65 25.99
O1A BCL AC . -35.12 -12.01 25.22
O2A BCL AC . -35.87 -10.33 26.58
NB BCL AC . -39.40 -17.98 22.00
C1B BCL AC . -39.82 -16.78 21.61
C2B BCL AC . -40.19 -16.66 20.19
C3B BCL AC . -40.11 -18.10 19.76
C4B BCL AC . -39.80 -18.80 21.04
CMB BCL AC . -39.97 -15.41 19.37
CAB BCL AC . -40.49 -18.75 18.47
OBB BCL AC . -40.64 -19.96 18.44
CBB BCL AC . -40.68 -17.96 17.23
NC BCL AC . -39.00 -20.53 23.45
C1C BCL AC . -39.58 -20.97 22.33
C2C BCL AC . -39.86 -22.44 22.32
C3C BCL AC . -39.02 -22.90 23.48
C4C BCL AC . -38.66 -21.57 24.10
CMC BCL AC . -41.07 -23.15 21.74
CAC BCL AC . -38.04 -24.01 23.16
CBC BCL AC . -38.12 -25.03 24.27
ND BCL AC . -38.38 -19.28 25.70
C1D BCL AC . -38.20 -20.46 26.26
C2D BCL AC . -37.63 -20.31 27.62
C3D BCL AC . -37.54 -18.83 27.80
C4D BCL AC . -38.00 -18.30 26.61
CMD BCL AC . -37.26 -21.37 28.61
CAD BCL AC . -37.16 -17.71 28.70
OBD BCL AC . -36.69 -17.81 29.88
CBD BCL AC . -37.43 -16.46 27.98
CGD BCL AC . -38.21 -15.58 28.90
O1D BCL AC . -39.31 -15.92 29.30
O2D BCL AC . -37.68 -14.31 29.37
CED BCL AC . -38.54 -13.45 30.12
C1 BCL AC . -34.69 -9.55 26.43
C2 BCL AC . -34.88 -8.59 25.28
C3 BCL AC . -34.72 -7.27 25.41
C4 BCL AC . -34.35 -6.71 26.75
C5 BCL AC . -34.92 -6.37 24.22
C6 BCL AC . -35.19 -4.94 24.68
C7 BCL AC . -35.77 -4.09 23.56
C8 BCL AC . -37.12 -3.51 23.96
C9 BCL AC . -38.19 -3.85 22.93
C10 BCL AC . -36.99 -2.00 24.11
C11 BCL AC . -38.18 -1.45 24.89
C12 BCL AC . -37.86 -0.08 25.50
C13 BCL AC . -38.86 0.26 26.60
C14 BCL AC . -38.44 1.52 27.34
C15 BCL AC . -38.98 -0.92 27.55
C16 BCL AC . -39.70 -0.54 28.84
C17 BCL AC . -41.21 -0.49 28.64
C18 BCL AC . -41.96 -1.10 29.83
C19 BCL AC . -41.19 -0.94 31.13
C20 BCL AC . -42.29 -2.56 29.56
C1 A1EF2 BC . -24.43 -21.54 26.86
C5 A1EF2 BC . -22.57 -17.46 30.23
C4 A1EF2 BC . -24.03 -19.59 28.44
C3 A1EF2 BC . -24.63 -20.88 27.99
C2 A1EF2 BC . -25.27 -22.70 26.43
C6 A1EF2 BC . -23.32 -21.18 25.92
C8 A1EF2 BC . -24.25 -19.35 29.91
C9 A1EF2 BC . -23.98 -17.95 30.37
C10 A1EF2 BC . -24.98 -17.23 30.88
C11 A1EF2 BC . -24.98 -15.93 31.50
C12 A1EF2 BC . -26.13 -15.34 31.97
C13 A1EF2 BC . -26.31 -14.11 32.64
C14 A1EF2 BC . -27.58 -13.57 32.90
C15 A1EF2 BC . -27.93 -12.38 33.48
C16 A1EF2 BC . -29.22 -11.88 33.55
C17 A1EF2 BC . -29.66 -10.65 34.08
C18 A1EF2 BC . -30.96 -10.16 33.91
C19 A1EF2 BC . -31.45 -8.91 34.24
C20 A1EF2 BC . -32.64 -8.27 33.95
C21 A1EF2 BC . -33.03 -6.97 34.26
C22 A1EF2 BC . -34.18 -6.27 33.88
C23 A1EF2 BC . -34.46 -4.96 34.29
C24 A1EF2 BC . -35.54 -4.15 34.00
C25 A1EF2 BC . -35.83 -2.87 34.59
C26 A1EF2 BC . -36.89 -2.10 34.36
C27 A1EF2 BC . -37.15 -0.89 35.23
C28 A1EF2 BC . -37.20 0.43 34.49
C29 A1EF2 BC . -37.54 1.56 35.41
C30 A1EF2 BC . -36.82 2.65 35.67
C31 A1EF2 BC . -37.15 3.56 36.83
C32 A1EF2 BC . -36.00 4.46 37.22
C33 A1EF2 BC . -36.21 5.22 38.50
C34 A1EF2 BC . -36.14 6.54 38.69
C35 A1EF2 BC . -36.05 7.52 37.57
C37 A1EF2 BC . -25.10 -13.37 33.08
C38 A1EF2 BC . -28.70 -9.82 34.84
C39 A1EF2 BC . -35.16 -6.96 33.00
C40 A1EF2 BC . -37.88 -2.34 33.26
C41 A1EF2 BC . -35.65 3.07 34.84
C42 A1EF2 BC . -36.15 7.15 40.05
C1B LMT CC . -33.77 -5.37 49.88
O1B LMT CC . -32.57 -6.09 49.63
C1' LMT CC . -30.40 -7.09 46.28
C2' LMT CC . -30.83 -5.63 46.34
C3' LMT CC . -31.27 -5.29 47.76
C4' LMT CC . -32.33 -6.27 48.24
C5' LMT CC . -31.91 -7.72 47.99
C6' LMT CC . -33.06 -8.68 48.29
O1' LMT CC . -29.95 -7.44 44.98
O2' LMT CC . -29.73 -4.78 45.98
O3' LMT CC . -31.77 -3.95 47.80
O5' LMT CC . -31.51 -7.89 46.64
O6' LMT CC . -32.74 -9.98 47.81
C1 LMT CC . -29.23 -8.66 45.02
C2 LMT CC . -29.07 -9.23 43.62
C3 LMT CC . -30.20 -10.20 43.31
C4 LMT CC . -30.30 -11.26 44.40
MG BCL DC . -32.26 -21.21 30.20
CHA BCL DC . -33.10 -18.09 29.24
CHB BCL DC . -30.49 -19.87 32.75
CHC BCL DC . -31.38 -24.33 31.02
CHD BCL DC . -33.35 -22.51 27.08
NA BCL DC . -31.74 -19.31 30.80
C1A BCL DC . -32.23 -18.20 30.44
C2A BCL DC . -31.89 -16.99 31.25
C3A BCL DC . -30.79 -17.55 32.15
C4A BCL DC . -31.05 -19.01 31.91
CMA BCL DC . -29.42 -17.16 31.64
CAA BCL DC . -33.09 -16.56 32.08
CBA BCL DC . -32.86 -15.18 32.66
CGA BCL DC . -33.47 -15.14 34.04
O1A BCL DC . -34.24 -14.25 34.35
O2A BCL DC . -33.14 -16.17 35.01
NB BCL DC . -31.26 -22.00 31.78
C1B BCL DC . -30.50 -21.34 32.65
C2B BCL DC . -29.73 -22.17 33.61
C3B BCL DC . -30.13 -23.54 33.15
C4B BCL DC . -31.05 -23.29 32.01
CMB BCL DC . -29.33 -21.73 34.99
CAB BCL DC . -29.67 -24.88 33.61
OBB BCL DC . -30.27 -25.88 33.29
CBB BCL DC . -28.44 -25.00 34.47
NC BCL DC . -32.39 -23.05 29.26
C1C BCL DC . -31.93 -24.18 29.82
C2C BCL DC . -32.08 -25.37 28.93
C3C BCL DC . -33.11 -24.86 27.96
C4C BCL DC . -32.91 -23.40 28.15
CMC BCL DC . -31.08 -26.48 28.68
CAC BCL DC . -34.45 -25.59 27.95
CBC BCL DC . -34.40 -26.55 26.78
ND BCL DC . -33.43 -20.66 28.61
C1D BCL DC . -33.88 -21.21 27.49
C2D BCL DC . -34.20 -20.17 26.49
C3D BCL DC . -33.89 -18.90 27.19
C4D BCL DC . -33.45 -19.27 28.44
CMD BCL DC . -34.73 -20.35 25.10
CAD BCL DC . -33.88 -17.42 27.11
OBD BCL DC . -34.23 -16.72 26.09
CBD BCL DC . -33.39 -16.91 28.41
CGD BCL DC . -32.45 -15.77 28.19
O1D BCL DC . -31.33 -15.95 27.76
O2D BCL DC . -32.87 -14.42 28.48
CED BCL DC . -31.89 -13.39 28.58
C1 BCL DC . -34.11 -16.64 35.95
C2 BCL DC . -34.58 -18.04 35.59
C3 BCL DC . -33.77 -19.10 35.47
C4 BCL DC . -32.29 -19.01 35.68
C5 BCL DC . -34.38 -20.43 35.10
C6 BCL DC . -33.29 -21.48 34.92
C7 BCL DC . -33.26 -22.46 36.09
C8 BCL DC . -32.69 -23.79 35.63
C9 BCL DC . -33.77 -24.59 34.93
C10 BCL DC . -32.12 -24.56 36.83
C11 BCL DC . -31.73 -25.98 36.44
C12 BCL DC . -31.98 -26.97 37.57
C13 BCL DC . -33.01 -28.01 37.16
C14 BCL DC . -34.40 -27.39 37.05
C15 BCL DC . -33.03 -29.17 38.14
C16 BCL DC . -33.96 -30.26 37.63
C17 BCL DC . -34.71 -30.93 38.78
C18 BCL DC . -34.00 -32.20 39.23
C19 BCL DC . -34.95 -33.38 39.22
C20 BCL DC . -33.38 -32.01 40.62
C1B LMT EC . -47.11 -33.72 28.78
C2B LMT EC . -47.64 -34.93 28.01
C3B LMT EC . -46.50 -35.85 27.63
C4B LMT EC . -45.78 -36.34 28.88
C5B LMT EC . -45.55 -35.20 29.86
C6B LMT EC . -44.11 -35.25 30.36
O1B LMT EC . -48.00 -33.40 29.85
O2B LMT EC . -48.59 -35.64 28.81
O3B LMT EC . -45.57 -35.12 26.82
O4' LMT EC . -46.56 -37.36 29.52
O5B LMT EC . -45.77 -33.94 29.23
O6B LMT EC . -43.72 -36.61 30.58
C1' LMT EC . -49.25 -29.57 30.17
C2' LMT EC . -48.69 -30.29 28.95
C3' LMT EC . -47.46 -31.09 29.33
C4' LMT EC . -47.76 -32.12 30.41
C5' LMT EC . -48.95 -31.69 31.28
C6' LMT EC . -48.93 -32.34 32.65
O1' LMT EC . -48.68 -28.26 30.21
O2' LMT EC . -49.70 -31.11 28.34
O3' LMT EC . -46.44 -30.18 29.79
O5' LMT EC . -48.94 -30.26 31.39
O6' LMT EC . -47.93 -31.71 33.47
C1 LMT EC . -49.34 -27.38 31.11
C2 LMT EC . -48.97 -25.95 30.75
C3 LMT EC . -49.55 -25.54 29.41
C4 LMT EC . -49.17 -24.10 29.07
C5 LMT EC . -47.71 -23.99 28.68
C6 LMT EC . -47.22 -22.55 28.74
C7 LMT EC . -47.09 -22.10 30.19
C8 LMT EC . -46.64 -20.66 30.29
C9 LMT EC . -45.29 -20.46 29.61
C10 LMT EC . -44.54 -19.30 30.23
C11 LMT EC . -45.38 -18.03 30.27
C12 LMT EC . -44.66 -16.93 31.00
C1 A1EF2 FC . -50.84 -33.32 23.70
C5 A1EF2 FC . -46.69 -30.99 25.82
C4 A1EF2 FC . -48.99 -31.76 24.50
C3 A1EF2 FC . -50.23 -32.15 23.73
C2 A1EF2 FC . -52.05 -33.59 22.85
C6 A1EF2 FC . -50.39 -34.50 24.52
C8 A1EF2 FC . -48.71 -30.29 24.43
C9 A1EF2 FC . -47.50 -29.87 25.23
C10 A1EF2 FC . -47.20 -28.58 25.40
C11 A1EF2 FC . -46.00 -27.95 25.87
C12 A1EF2 FC . -45.86 -26.61 26.18
C13 A1EF2 FC . -44.68 -25.83 26.27
C14 A1EF2 FC . -44.67 -24.49 26.65
C15 A1EF2 FC . -43.61 -23.61 26.64
C16 A1EF2 FC . -43.67 -22.27 26.93
C17 A1EF2 FC . -42.69 -21.28 26.81
C18 A1EF2 FC . -42.92 -19.93 27.07
C19 A1EF2 FC . -42.07 -18.85 26.99
C20 A1EF2 FC . -42.41 -17.53 27.24
C21 A1EF2 FC . -41.70 -16.35 27.33
C22 A1EF2 FC . -42.18 -15.06 27.57
C23 A1EF2 FC . -41.34 -13.93 27.73
C24 A1EF2 FC . -41.64 -12.58 27.74
C25 A1EF2 FC . -40.63 -11.55 27.86
C26 A1EF2 FC . -40.70 -10.24 27.71
C27 A1EF2 FC . -39.46 -9.40 27.89
C28 A1EF2 FC . -39.58 -7.90 27.71
C29 A1EF2 FC . -38.36 -7.23 28.24
C30 A1EF2 FC . -38.07 -5.93 28.30
C31 A1EF2 FC . -36.85 -5.47 29.06
C32 A1EF2 FC . -36.54 -3.99 28.99
C33 A1EF2 FC . -35.28 -3.68 29.73
C34 A1EF2 FC . -34.66 -2.52 29.86
C35 A1EF2 FC . -35.14 -1.26 29.19
C37 A1EF2 FC . -43.39 -26.46 25.93
C38 A1EF2 FC . -41.35 -21.69 26.36
C39 A1EF2 FC . -43.64 -14.85 27.67
C40 A1EF2 FC . -41.97 -9.48 27.37
C41 A1EF2 FC . -38.87 -4.86 27.65
C42 A1EF2 FC . -33.41 -2.35 30.67
C1B LMT GC . -22.39 -29.86 20.01
C2B LMT GC . -21.55 -31.12 19.86
C3B LMT GC . -22.31 -32.13 19.02
C4B LMT GC . -22.51 -31.61 17.61
C5B LMT GC . -22.88 -30.13 17.62
C6B LMT GC . -24.02 -29.86 16.63
O1B LMT GC . -21.53 -28.73 20.17
O2B LMT GC . -20.29 -30.81 19.24
O3B LMT GC . -23.60 -32.37 19.62
O4' LMT GC . -21.30 -31.78 16.87
O5B LMT GC . -23.32 -29.72 18.92
O6B LMT GC . -24.32 -28.46 16.63
C1' LMT GC . -22.49 -24.66 20.66
C2' LMT GC . -23.66 -25.58 20.36
C3' LMT GC . -23.34 -27.04 20.63
C4' LMT GC . -22.05 -27.43 19.89
C5' LMT GC . -20.96 -26.43 20.29
C6' LMT GC . -19.63 -26.78 19.65
O1' LMT GC . -22.83 -23.34 20.26
O2' LMT GC . -24.79 -25.20 21.16
O3' LMT GC . -24.48 -27.77 20.16
O5' LMT GC . -21.35 -25.11 19.91
C1 LMT GC . -21.68 -22.50 20.19
C2 LMT GC . -22.11 -21.04 20.31
C3 LMT GC . -23.02 -20.64 19.17
C4 LMT GC . -23.48 -19.19 19.31
MG BCL HC . -24.59 -22.97 33.46
CHA BCL HC . -23.15 -21.18 35.95
CHB BCL HC . -26.32 -20.18 32.60
CHC BCL HC . -26.53 -24.87 31.49
CHD BCL HC . -23.05 -25.97 34.60
NA BCL HC . -24.73 -21.02 34.15
C1A BCL HC . -24.08 -20.44 35.06
C2A BCL HC . -24.29 -18.96 35.24
C3A BCL HC . -25.47 -18.74 34.30
C4A BCL HC . -25.44 -20.04 33.59
CMA BCL HC . -26.80 -18.60 35.03
CAA BCL HC . -23.11 -18.15 34.73
CBA BCL HC . -23.22 -16.72 35.25
CGA BCL HC . -22.19 -15.84 34.60
O1A BCL HC . -21.58 -16.20 33.61
O2A BCL HC . -21.90 -14.53 35.14
NB BCL HC . -25.97 -22.53 32.01
C1B BCL HC . -26.68 -21.42 31.89
C2B BCL HC . -27.66 -21.39 30.78
C3B BCL HC . -27.52 -22.78 30.26
C4B BCL HC . -26.60 -23.41 31.25
CMB BCL HC . -28.02 -20.12 30.04
CAB BCL HC . -28.26 -23.49 29.16
OBB BCL HC . -28.30 -24.70 29.16
CBB BCL HC . -28.95 -22.72 28.08
NC BCL HC . -24.81 -25.01 33.16
C1C BCL HC . -25.72 -25.52 32.33
C2C BCL HC . -25.79 -27.01 32.37
C3C BCL HC . -24.51 -27.34 33.09
C4C BCL HC . -24.14 -26.00 33.62
CMC BCL HC . -27.05 -27.86 32.28
CAC BCL HC . -23.58 -28.28 32.35
CBC BCL HC . -23.25 -29.42 33.28
ND BCL HC . -23.55 -23.66 35.08
C1D BCL HC . -23.04 -24.80 35.49
C2D BCL HC . -22.09 -24.59 36.59
C3D BCL HC . -22.12 -23.12 36.80
C4D BCL HC . -23.02 -22.65 35.85
CMD BCL HC . -21.27 -25.59 37.35
CAD BCL HC . -21.60 -21.96 37.57
OBD BCL HC . -20.75 -22.01 38.52
CBD BCL HC . -22.26 -20.74 37.04
CGD BCL HC . -22.72 -19.94 38.22
O1D BCL HC . -23.64 -20.33 38.92
O2D BCL HC . -22.07 -18.70 38.58
CED BCL HC . -22.62 -17.95 39.66
C1 BCL HC . -20.80 -13.77 34.62
C2 BCL HC . -21.32 -12.74 33.66
C3 BCL HC . -21.45 -11.46 34.01
C4 BCL HC . -21.06 -11.02 35.39
C5 BCL HC . -21.98 -10.46 33.01
C6 BCL HC . -22.98 -9.56 33.71
C7 BCL HC . -24.22 -9.35 32.85
C8 BCL HC . -25.31 -8.58 33.59
C9 BCL HC . -26.32 -8.02 32.60
C10 BCL HC . -24.68 -7.47 34.42
C11 BCL HC . -25.69 -6.43 34.87
C12 BCL HC . -25.00 -5.19 35.43
C13 BCL HC . -25.91 -4.39 36.34
C14 BCL HC . -25.16 -3.20 36.93
C15 BCL HC . -26.46 -5.29 37.42
C16 BCL HC . -26.99 -4.52 38.62
C17 BCL HC . -27.63 -5.48 39.61
C18 BCL HC . -27.05 -5.35 41.01
C19 BCL HC . -25.53 -5.21 40.98
C20 BCL HC . -27.48 -6.53 41.87
C1B LMT IC . -10.27 -10.63 51.62
C2B LMT IC . -11.60 -10.70 52.38
C3B LMT IC . -11.53 -9.85 53.63
C4B LMT IC . -11.28 -8.38 53.26
C5B LMT IC . -10.28 -8.25 52.12
C6B LMT IC . -9.31 -7.11 52.42
O1B LMT IC . -10.44 -10.76 50.21
O2B LMT IC . -12.68 -10.28 51.55
O3B LMT IC . -10.47 -10.31 54.47
O4' LMT IC . -12.52 -7.77 52.87
O5B LMT IC . -9.52 -9.46 51.96
O6B LMT IC . -10.00 -6.02 53.05
C1' LMT IC . -8.47 -12.11 47.59
C2' LMT IC . -9.92 -11.72 47.30
C3' LMT IC . -10.84 -12.31 48.37
C4' LMT IC . -10.31 -12.13 49.79
C5' LMT IC . -8.87 -12.61 49.87
C6' LMT IC . -8.73 -13.75 50.88
O1' LMT IC . -7.89 -12.64 46.38
O2' LMT IC . -10.02 -10.29 47.29
O3' LMT IC . -10.99 -13.71 48.11
O5' LMT IC . -8.46 -13.11 48.60
O6' LMT IC . -8.53 -13.21 52.19
C1 LMT IC . -6.63 -13.25 46.61
C2 LMT IC . -5.99 -13.64 45.28
C3 LMT IC . -5.30 -14.98 45.37
C4 LMT IC . -6.31 -16.11 45.52
C1 A1EF2 JC . -10.18 -24.18 31.14
C5 A1EF2 JC . -7.65 -19.87 33.75
C4 A1EF2 JC . -9.35 -22.21 32.51
C3 A1EF2 JC . -9.90 -23.59 32.29
C2 A1EF2 JC . -10.89 -25.50 31.06
C6 A1EF2 JC . -9.82 -23.60 29.82
C8 A1EF2 JC . -9.09 -21.97 33.98
C9 A1EF2 JC . -8.86 -20.53 34.36
C10 A1EF2 JC . -9.69 -19.93 35.20
C11 A1EF2 JC . -9.59 -18.64 35.85
C12 A1EF2 JC . -10.55 -18.15 36.71
C13 A1EF2 JC . -10.58 -16.96 37.45
C14 A1EF2 JC . -11.73 -16.55 38.14
C15 A1EF2 JC . -11.97 -15.40 38.86
C16 A1EF2 JC . -13.21 -15.02 39.36
C17 A1EF2 JC . -13.55 -13.88 40.10
C18 A1EF2 JC . -14.88 -13.53 40.40
C19 A1EF2 JC . -15.34 -12.38 41.02
C20 A1EF2 JC . -16.60 -11.83 41.15
C21 A1EF2 JC . -16.97 -10.60 41.64
C22 A1EF2 JC . -18.24 -9.99 41.64
C23 A1EF2 JC . -18.47 -8.70 42.15
C24 A1EF2 JC . -19.64 -7.97 42.19
C25 A1EF2 JC . -19.84 -6.68 42.79
C26 A1EF2 JC . -20.99 -6.01 42.91
C27 A1EF2 JC . -21.07 -4.76 43.75
C28 A1EF2 JC . -21.50 -3.49 43.03
C29 A1EF2 JC . -21.62 -2.36 44.00
C30 A1EF2 JC . -21.03 -1.16 43.97
C31 A1EF2 JC . -20.89 -0.34 45.22
C32 A1EF2 JC . -20.12 0.96 45.09
C33 A1EF2 JC . -19.91 1.62 46.41
C34 A1EF2 JC . -19.28 2.76 46.68
C35 A1EF2 JC . -18.73 3.65 45.61
C37 A1EF2 JC . -9.37 -16.12 37.50
C38 A1EF2 JC . -12.47 -12.99 40.57
C39 A1EF2 JC . -19.38 -10.73 41.04
C40 A1EF2 JC . -22.27 -6.45 42.26
C41 A1EF2 JC . -20.50 -0.52 42.73
C42 A1EF2 JC . -19.07 3.27 48.07
C1 A1EF2 KC . 5.07 -24.99 29.19
C5 A1EF2 KC . 7.84 -20.53 31.18
C4 A1EF2 KC . 6.06 -22.98 30.40
C3 A1EF2 KC . 5.61 -24.41 30.25
C2 A1EF2 KC . 4.51 -26.38 29.23
C6 A1EF2 KC . 5.00 -24.32 27.86
C8 A1EF2 KC . 6.76 -22.78 31.72
C9 A1EF2 KC . 6.98 -21.35 32.11
C10 A1EF2 KC . 6.43 -20.87 33.22
C11 A1EF2 KC . 6.61 -19.59 33.85
C12 A1EF2 KC . 6.00 -19.22 35.02
C13 A1EF2 KC . 6.10 -18.03 35.76
C14 A1EF2 KC . 5.31 -17.76 36.88
C15 A1EF2 KC . 5.23 -16.63 37.66
C16 A1EF2 KC . 4.27 -16.42 38.63
C17 A1EF2 KC . 4.06 -15.30 39.44
C18 A1EF2 KC . 2.93 -15.14 40.25
C19 A1EF2 KC . 2.55 -14.05 41.00
C20 A1EF2 KC . 1.35 -13.74 41.62
C21 A1EF2 KC . 0.97 -12.60 42.29
C22 A1EF2 KC . -0.30 -12.23 42.75
C23 A1EF2 KC . -0.54 -11.02 43.41
C24 A1EF2 KC . -1.71 -10.50 43.90
C25 A1EF2 KC . -1.82 -9.27 44.63
C26 A1EF2 KC . -2.89 -8.68 45.15
C27 A1EF2 KC . -2.75 -7.36 45.86
C28 A1EF2 KC . -3.46 -6.22 45.16
C29 A1EF2 KC . -2.82 -4.90 45.43
C30 A1EF2 KC . -3.28 -3.90 46.18
C31 A1EF2 KC . -2.62 -2.55 46.16
C32 A1EF2 KC . -2.16 -2.08 47.52
C33 A1EF2 KC . -1.75 -0.63 47.52
C34 A1EF2 KC . -1.26 0.07 48.54
C35 A1EF2 KC . -0.96 -0.55 49.87
C37 A1EF2 KC . 7.10 -17.01 35.34
C38 A1EF2 KC . 5.08 -14.23 39.46
C39 A1EF2 KC . -1.43 -13.15 42.53
C40 A1EF2 KC . -4.28 -9.25 45.09
C41 A1EF2 KC . -4.45 -4.03 47.10
C42 A1EF2 KC . -0.95 1.53 48.43
C1 A1EF2 LC . -33.93 -39.02 37.22
C5 A1EF2 LC . -29.81 -36.02 38.18
C4 A1EF2 LC . -32.28 -37.18 37.79
C3 A1EF2 LC . -33.62 -37.75 37.40
C2 A1EF2 LC . -35.30 -39.45 36.78
C6 A1EF2 LC . -32.97 -40.14 37.44
C8 A1EF2 LC . -32.30 -35.67 37.88
C9 A1EF2 LC . -30.94 -35.05 38.05
C10 A1EF2 LC . -30.81 -33.73 38.11
C11 A1EF2 LC . -29.59 -32.95 37.98
C12 A1EF2 LC . -29.47 -31.59 38.17
C13 A1EF2 LC . -28.45 -30.72 37.78
C14 A1EF2 LC . -28.39 -29.37 38.15
C15 A1EF2 LC . -27.54 -28.37 37.72
C16 A1EF2 LC . -27.65 -27.05 38.10
C17 A1EF2 LC . -26.92 -25.94 37.66
C18 A1EF2 LC . -27.20 -24.63 38.09
C19 A1EF2 LC . -26.60 -23.43 37.76
C20 A1EF2 LC . -26.99 -22.17 38.18
C21 A1EF2 LC . -26.44 -20.91 38.03
C22 A1EF2 LC . -26.93 -19.66 38.46
C23 A1EF2 LC . -26.18 -18.48 38.38
C24 A1EF2 LC . -26.59 -17.15 38.46
C25 A1EF2 LC . -25.68 -16.02 38.44
C26 A1EF2 LC . -25.93 -14.73 38.26
C27 A1EF2 LC . -24.79 -13.73 38.38
C28 A1EF2 LC . -25.09 -12.28 38.09
C29 A1EF2 LC . -23.85 -11.47 38.32
C30 A1EF2 LC . -23.65 -10.17 38.12
C31 A1EF2 LC . -22.32 -9.54 38.44
C32 A1EF2 LC . -22.14 -8.08 38.05
C33 A1EF2 LC . -20.78 -7.60 38.45
C34 A1EF2 LC . -20.25 -6.40 38.30
C35 A1EF2 LC . -20.96 -5.28 37.59
C37 A1EF2 LC . -27.36 -31.25 36.92
C38 A1EF2 LC . -25.83 -26.14 36.69
C39 A1EF2 LC . -28.30 -19.61 39.03
C40 A1EF2 LC . -27.27 -14.15 37.92
C41 A1EF2 LC . -24.69 -9.23 37.57
C42 A1EF2 LC . -18.89 -6.04 38.80
MG BCL MC . -16.10 -24.92 37.07
CHA BCL MC . -17.54 -21.90 36.57
CHB BCL MC . -13.70 -23.37 38.88
CHC BCL MC . -14.70 -27.91 37.48
CHD BCL MC . -18.09 -26.39 34.49
NA BCL MC . -15.59 -22.95 37.52
C1A BCL MC . -16.30 -21.92 37.38
C2A BCL MC . -15.84 -20.66 38.06
C3A BCL MC . -14.52 -21.12 38.64
C4A BCL MC . -14.65 -22.59 38.39
CMA BCL MC . -13.35 -20.57 37.82
CAA BCL MC . -16.86 -20.32 39.15
CBA BCL MC . -17.01 -18.83 39.35
CGA BCL MC . -16.17 -18.41 40.54
O1A BCL MC . -15.32 -17.55 40.43
O2A BCL MC . -16.40 -19.06 41.82
NB BCL MC . -14.39 -25.54 38.00
C1B BCL MC . -13.49 -24.79 38.61
C2B BCL MC . -12.34 -25.53 39.20
C3B BCL MC . -12.75 -26.94 38.92
C4B BCL MC . -14.03 -26.80 38.19
CMB BCL MC . -11.48 -25.01 40.32
CAB BCL MC . -12.04 -28.22 39.21
OBB BCL MC . -12.65 -29.28 39.13
CBB BCL MC . -10.59 -28.24 39.58
NC BCL MC . -16.36 -26.77 36.20
C1C BCL MC . -15.64 -27.84 36.54
C2C BCL MC . -15.95 -29.06 35.74
C3C BCL MC . -17.29 -28.67 35.15
C4C BCL MC . -17.20 -27.19 35.33
CMC BCL MC . -14.99 -30.07 35.14
CAC BCL MC . -18.46 -29.56 35.50
CBC BCL MC . -18.69 -30.47 34.32
ND BCL MC . -17.73 -24.48 35.92
C1D BCL MC . -18.48 -25.08 35.02
C2D BCL MC . -19.30 -24.09 34.28
C3D BCL MC . -18.94 -22.81 34.91
C4D BCL MC . -17.99 -23.11 35.87
CMD BCL MC . -20.27 -24.33 33.16
CAD BCL MC . -19.16 -21.33 34.92
OBD BCL MC . -19.96 -20.67 34.17
CBD BCL MC . -18.29 -20.77 35.98
CGD BCL MC . -17.67 -19.50 35.49
O1D BCL MC . -16.82 -19.50 34.62
O2D BCL MC . -18.10 -18.23 36.05
CED BCL MC . -17.51 -17.03 35.57
C1 BCL MC . -15.40 -19.93 42.35
C2 BCL MC . -15.94 -21.33 42.23
C3 BCL MC . -15.62 -22.34 43.06
C4 BCL MC . -14.67 -22.09 44.19
C5 BCL MC . -16.23 -23.69 42.82
C6 BCL MC . -15.37 -24.47 41.84
C7 BCL MC . -14.54 -25.51 42.56
C8 BCL MC . -14.87 -26.93 42.11
C9 BCL MC . -16.04 -27.50 42.89
C10 BCL MC . -13.61 -27.78 42.26
C11 BCL MC . -13.83 -29.08 43.02
C12 BCL MC . -12.59 -29.97 42.95
C13 BCL MC . -12.97 -31.44 43.08
C14 BCL MC . -14.32 -31.72 42.44
C15 BCL MC . -12.98 -31.87 44.55
C16 BCL MC . -13.72 -33.18 44.74
C17 BCL MC . -12.78 -34.39 44.65
C18 BCL MC . -13.16 -35.40 45.72
C19 BCL MC . -12.01 -36.35 46.04
C20 BCL MC . -14.40 -36.19 45.33
C1 CDL NC . -0.85 3.02 31.53
O1 CDL NC . 0.19 3.65 30.77
CA2 CDL NC . -1.27 1.74 30.84
OA2 CDL NC . -1.09 0.60 31.70
PA1 CDL NC . -1.41 -0.87 31.14
OA3 CDL NC . -1.10 -1.86 32.22
OA4 CDL NC . -2.76 -0.85 30.49
OA5 CDL NC . -0.29 -1.06 29.99
CA3 CDL NC . -0.51 -1.99 28.90
CA4 CDL NC . -0.55 -3.44 29.35
OA6 CDL NC . -1.83 -3.72 30.01
CA5 CDL NC . -2.89 -4.05 29.25
OA7 CDL NC . -4.02 -3.88 29.64
C11 CDL NC . -2.55 -4.71 27.95
C12 CDL NC . -3.75 -5.04 27.12
C13 CDL NC . -3.40 -5.90 25.92
C14 CDL NC . -2.94 -7.29 26.29
C15 CDL NC . -2.20 -8.01 25.20
C16 CDL NC . -1.89 -9.45 25.51
C17 CDL NC . -3.10 -10.33 25.63
CA6 CDL NC . 0.59 -3.83 30.25
OA8 CDL NC . 0.58 -5.28 30.40
CA7 CDL NC . 1.13 -5.98 29.42
OA9 CDL NC . 1.75 -5.49 28.51
C31 CDL NC . 0.87 -7.45 29.59
C32 CDL NC . 1.57 -8.32 28.59
C33 CDL NC . 1.32 -9.81 28.82
C34 CDL NC . 1.98 -10.70 27.81
C35 CDL NC . 1.84 -12.18 28.10
C36 CDL NC . 2.60 -13.06 27.14
C37 CDL NC . 2.64 -14.52 27.52
C38 CDL NC . 1.32 -15.23 27.48
C39 CDL NC . 1.40 -16.71 27.76
CB2 CDL NC . -1.98 4.00 31.73
OB2 CDL NC . -2.98 3.41 32.60
PB2 CDL NC . -2.83 3.54 34.20
OB3 CDL NC . -3.30 4.91 34.58
OB4 CDL NC . -1.44 3.10 34.57
OB5 CDL NC . -3.85 2.42 34.75
CB3 CDL NC . -5.28 2.61 34.63
CB4 CDL NC . -6.00 1.28 34.78
OB6 CDL NC . -6.12 0.54 33.53
CB5 CDL NC . -5.03 -0.06 32.99
OB7 CDL NC . -3.90 0.27 33.22
C51 CDL NC . -5.42 -1.23 32.13
C52 CDL NC . -6.43 -0.90 31.07
C53 CDL NC . -6.78 -2.09 30.20
C54 CDL NC . -7.72 -1.77 29.07
C55 CDL NC . -8.01 -2.94 28.16
C56 CDL NC . -8.90 -2.61 26.98
CB6 CDL NC . -7.36 1.40 35.42
OB8 CDL NC . -8.24 0.40 34.86
CB7 CDL NC . -7.99 -0.88 35.14
OB9 CDL NC . -7.15 -1.25 35.91
C71 CDL NC . -8.90 -1.80 34.37
C72 CDL NC . -8.60 -3.26 34.59
C73 CDL NC . -7.31 -3.69 33.93
C1B LMT OC . -10.26 -32.08 21.83
C2B LMT OC . -10.99 -33.01 22.80
C3B LMT OC . -10.52 -34.44 22.58
C4B LMT OC . -9.12 -34.50 22.00
C5B LMT OC . -8.28 -33.32 22.49
C6B LMT OC . -6.86 -33.47 21.97
O1B LMT OC . -10.87 -30.77 21.79
O2B LMT OC . -10.76 -32.63 24.17
O3B LMT OC . -11.43 -35.11 21.70
O4' LMT OC . -8.49 -35.72 22.41
O5B LMT OC . -8.85 -32.08 22.04
O6B LMT OC . -6.86 -33.63 20.55
C1' LMT OC . -10.56 -27.04 23.29
C2' LMT OC . -9.38 -27.90 23.71
C3' LMT OC . -9.38 -29.15 22.85
C4' LMT OC . -10.72 -29.87 22.89
C5' LMT OC . -11.90 -28.89 22.78
C6' LMT OC . -13.22 -29.58 23.09
O1' LMT OC . -10.54 -25.76 23.92
O2' LMT OC . -8.14 -27.20 23.54
O3' LMT OC . -8.35 -30.03 23.29
O5' LMT OC . -11.74 -27.76 23.62
O6' LMT OC . -13.43 -30.64 22.15
C1 LMT OC . -11.45 -24.87 23.28
C2 LMT OC . -11.29 -23.46 23.82
C3 LMT OC . -10.05 -22.77 23.23
C4 LMT OC . -9.87 -21.37 23.79
C5 LMT OC . -8.62 -20.72 23.23
C6 LMT OC . -8.26 -19.44 23.98
C7 LMT OC . -6.85 -18.99 23.60
C8 LMT OC . -6.54 -17.62 24.20
C9 LMT OC . -5.07 -17.25 24.01
C10 LMT OC . -4.19 -18.13 24.88
C11 LMT OC . -2.76 -17.58 24.94
C12 LMT OC . -1.97 -18.26 26.03
MG BCL PC . -7.63 -25.68 37.26
CHA BCL PC . -5.56 -23.65 39.01
CHB BCL PC . -9.87 -23.12 37.18
CHC BCL PC . -9.91 -27.85 36.10
CHD BCL PC . -5.42 -28.47 37.70
NA BCL PC . -7.73 -23.74 38.01
C1A BCL PC . -6.84 -23.05 38.59
C2A BCL PC . -7.15 -21.60 38.86
C3A BCL PC . -8.58 -21.51 38.36
C4A BCL PC . -8.70 -22.86 37.73
CMA BCL PC . -9.59 -21.40 39.51
CAA BCL PC . -6.29 -20.68 38.01
CBA BCL PC . -6.53 -19.23 38.42
CGA BCL PC . -5.59 -18.35 37.65
O1A BCL PC . -4.74 -18.84 36.95
O2A BCL PC . -5.67 -16.90 37.72
NB BCL PC . -9.53 -25.46 36.55
C1B BCL PC . -10.31 -24.39 36.61
C2B BCL PC . -11.59 -24.50 35.88
C3B BCL PC . -11.51 -25.90 35.37
C4B BCL PC . -10.29 -26.43 36.04
CMB BCL PC . -12.41 -23.34 35.37
CAB BCL PC . -12.56 -26.72 34.71
OBB BCL PC . -12.65 -27.90 34.98
CBB BCL PC . -13.48 -26.11 33.70
NC BCL PC . -7.69 -27.73 37.04
C1C BCL PC . -8.77 -28.37 36.56
C2C BCL PC . -8.61 -29.86 36.54
C3C BCL PC . -7.11 -30.00 36.68
C4C BCL PC . -6.77 -28.62 37.16
CMC BCL PC . -9.65 -30.90 36.91
CAC BCL PC . -6.41 -30.74 35.56
CBC BCL PC . -5.72 -31.94 36.17
ND BCL PC . -5.92 -26.17 38.26
C1D BCL PC . -5.13 -27.22 38.37
C2D BCL PC . -3.84 -26.85 39.02
C3D BCL PC . -4.00 -25.40 39.29
C4D BCL PC . -5.27 -25.08 38.80
CMD BCL PC . -2.67 -27.72 39.33
CAD BCL PC . -3.39 -24.17 39.84
OBD BCL PC . -2.23 -24.07 40.37
CBD BCL PC . -4.37 -23.08 39.68
CGD BCL PC . -4.45 -22.37 41.00
O1D BCL PC . -4.79 -22.98 41.99
O2D BCL PC . -4.11 -20.97 41.13
CED BCL PC . -4.33 -20.32 42.37
C1 BCL PC . -5.02 -16.12 36.73
C2 BCL PC . -6.00 -15.08 36.23
C3 BCL PC . -6.08 -13.88 36.82
C4 BCL PC . -5.19 -13.57 37.99
C5 BCL PC . -7.08 -12.86 36.32
C6 BCL PC . -6.49 -12.10 35.14
C7 BCL PC . -7.60 -11.48 34.29
C8 BCL PC . -7.02 -10.98 32.97
C9 BCL PC . -6.82 -9.46 33.03
C10 BCL PC . -7.93 -11.37 31.81
C11 BCL PC . -7.53 -10.70 30.52
P PGV QC . 6.41 2.79 34.26
C01 PGV QC . 6.63 -0.67 31.69
C02 PGV QC . 7.94 0.09 31.89
C03 PGV QC . 7.85 0.91 33.17
O01 PGV QC . 8.17 0.94 30.76
O02 PGV QC . 10.09 2.14 31.22
O03 PGV QC . 6.64 -1.87 32.44
O04 PGV QC . 4.66 -2.64 31.51
O11 PGV QC . 6.59 1.53 33.26
O12 PGV QC . 5.37 3.73 33.46
C1 PGV QC . 9.57 1.26 30.57
C2 PGV QC . 10.38 0.51 29.53
C3 PGV QC . 9.59 0.40 28.23
C4 PGV QC . 10.02 -0.85 27.47
C5 PGV QC . 11.52 -0.85 27.20
C6 PGV QC . 11.97 -2.19 26.64
C7 PGV QC . 11.20 -2.54 25.38
C8 PGV QC . 11.38 -4.00 24.99
C9 PGV QC . 12.73 -4.23 24.34
C10 PGV QC . 13.19 -5.66 24.56
C11 PGV QC . 12.21 -6.64 23.94
C12 PGV QC . 12.63 -7.83 23.54
C13 PGV QC . 14.08 -8.22 23.70
C14 PGV QC . 14.18 -9.70 24.05
C15 PGV QC . 13.78 -10.58 22.87
C16 PGV QC . 13.96 -12.05 23.21
C17 PGV QC . 13.71 -12.95 22.01
C18 PGV QC . 13.92 -14.41 22.37
C19 PGV QC . 5.67 -2.91 32.15
C20 PGV QC . 5.90 -4.32 32.62
C21 PGV QC . 6.18 -4.29 34.11
C22 PGV QC . 7.55 -4.90 34.43
C23 PGV QC . 7.61 -6.32 33.87
C24 PGV QC . 9.06 -6.77 33.70
C25 PGV QC . 9.10 -8.19 33.14
C26 PGV QC . 8.17 -8.33 31.94
C27 PGV QC . 8.24 -9.74 31.37
C28 PGV QC . 7.08 -10.01 30.42
C29 PGV QC . 7.42 -11.17 29.50
C30 PGV QC . 6.22 -11.58 28.65
C31 PGV QC . 5.15 -12.21 29.54
C1 A1EF2 RC . 18.53 -23.60 22.79
C5 A1EF2 RC . 21.40 -18.76 23.60
C4 A1EF2 RC . 19.68 -21.46 23.50
C3 A1EF2 RC . 19.39 -22.92 23.52
C2 A1EF2 RC . 18.22 -25.04 23.03
C6 A1EF2 RC . 17.78 -22.99 21.64
C8 A1EF2 RC . 20.87 -21.14 24.36
C9 A1EF2 RC . 21.05 -19.69 24.73
C10 A1EF2 RC . 20.93 -19.32 25.99
C11 A1EF2 RC . 21.17 -18.05 26.61
C12 A1EF2 RC . 21.04 -17.84 27.96
C13 A1EF2 RC . 21.23 -16.68 28.72
C14 A1EF2 RC . 20.89 -16.61 30.09
C15 A1EF2 RC . 20.92 -15.56 30.96
C16 A1EF2 RC . 20.37 -15.58 32.22
C17 A1EF2 RC . 20.25 -14.53 33.14
C18 A1EF2 RC . 19.42 -14.58 34.26
C19 A1EF2 RC . 19.17 -13.58 35.17
C20 A1EF2 RC . 18.16 -13.39 36.10
C21 A1EF2 RC . 17.94 -12.31 36.94
C22 A1EF2 RC . 16.81 -12.02 37.73
C23 A1EF2 RC . 16.73 -10.90 38.55
C24 A1EF2 RC . 15.72 -10.50 39.38
C25 A1EF2 RC . 15.69 -9.29 40.14
C26 A1EF2 RC . 14.74 -8.82 40.93
C27 A1EF2 RC . 14.84 -7.41 41.47
C28 A1EF2 RC . 13.86 -6.49 40.79
C29 A1EF2 RC . 14.17 -5.04 41.00
C30 A1EF2 RC . 14.02 -4.31 42.10
C31 A1EF2 RC . 14.34 -2.84 42.12
C32 A1EF2 RC . 15.36 -2.48 43.17
C33 A1EF2 RC . 15.69 -1.03 43.16
C34 A1EF2 RC . 16.56 -0.39 43.94
C35 A1EF2 RC . 17.28 -1.08 45.05
C37 A1EF2 RC . 21.77 -15.46 28.06
C38 A1EF2 RC . 21.05 -13.30 32.92
C39 A1EF2 RC . 15.66 -12.94 37.68
C40 A1EF2 RC . 13.51 -9.57 41.32
C41 A1EF2 RC . 13.51 -4.84 43.40
C42 A1EF2 RC . 16.91 1.05 43.76
C1 A1EF2 SC . -12.68 -42.63 43.68
C5 A1EF2 SC . -8.93 -39.00 43.39
C4 A1EF2 SC . -11.24 -40.55 43.47
C3 A1EF2 SC . -12.53 -41.32 43.59
C2 A1EF2 SC . -14.03 -43.27 43.85
C6 A1EF2 SC . -11.53 -43.59 43.64
C8 A1EF2 SC . -11.48 -39.06 43.37
C9 A1EF2 SC . -10.21 -38.23 43.24
C10 A1EF2 SC . -10.28 -36.92 43.02
C11 A1EF2 SC . -9.23 -36.00 42.66
C12 A1EF2 SC . -9.34 -34.62 42.67
C13 A1EF2 SC . -8.51 -33.63 42.14
C14 A1EF2 SC . -8.71 -32.26 42.35
C15 A1EF2 SC . -8.01 -31.18 41.87
C16 A1EF2 SC . -8.37 -29.87 42.12
C17 A1EF2 SC . -7.76 -28.68 41.74
C18 A1EF2 SC . -8.26 -27.42 42.09
C19 A1EF2 SC . -7.74 -26.17 41.82
C20 A1EF2 SC . -8.24 -24.94 42.23
C21 A1EF2 SC . -7.76 -23.65 42.12
C22 A1EF2 SC . -8.33 -22.45 42.59
C23 A1EF2 SC . -7.73 -21.20 42.39
C24 A1EF2 SC . -8.27 -19.92 42.48
C25 A1EF2 SC . -7.53 -18.69 42.26
C26 A1EF2 SC . -7.99 -17.47 42.01
C27 A1EF2 SC . -7.02 -16.32 41.93
C28 A1EF2 SC . -7.62 -15.00 41.48
C29 A1EF2 SC . -6.64 -13.87 41.61
C30 A1EF2 SC . -6.80 -12.60 41.23
C31 A1EF2 SC . -5.80 -11.54 41.59
C32 A1EF2 SC . -5.07 -10.94 40.41
C33 A1EF2 SC . -4.47 -9.61 40.72
C34 A1EF2 SC . -4.69 -8.45 40.10
C35 A1EF2 SC . -5.39 -8.37 38.77
C37 A1EF2 SC . -7.38 -34.04 41.27
C38 A1EF2 SC . -6.52 -28.76 40.97
C39 A1EF2 SC . -9.60 -22.52 43.34
C40 A1EF2 SC . -9.44 -17.14 41.78
C41 A1EF2 SC . -7.98 -12.12 40.43
C42 A1EF2 SC . -4.30 -7.13 40.69
MG BCL TC . 1.70 -26.44 37.22
CHA BCL TC . -0.16 -23.62 37.33
CHB BCL TC . 4.40 -24.58 38.08
CHC BCL TC . 3.55 -29.19 36.73
CHD BCL TC . -0.95 -28.16 35.50
NA BCL TC . 2.09 -24.44 37.53
C1A BCL TC . 1.28 -23.45 37.64
C2A BCL TC . 1.83 -22.14 38.07
C3A BCL TC . 3.33 -22.43 38.03
C4A BCL TC . 3.26 -23.92 37.93
CMA BCL TC . 3.96 -21.84 36.78
CAA BCL TC . 1.37 -21.81 39.48
CBA BCL TC . 1.68 -20.36 39.81
CGA BCL TC . 2.22 -20.31 41.22
O1A BCL TC . 1.88 -19.45 42.01
O2A BCL TC . 3.17 -21.33 41.64
NB BCL TC . 3.68 -26.84 37.42
C1B BCL TC . 4.66 -25.99 37.73
C2B BCL TC . 6.03 -26.55 37.71
C3B BCL TC . 5.74 -27.99 37.46
C4B BCL TC . 4.26 -28.03 37.29
CMB BCL TC . 7.24 -25.92 38.36
CAB BCL TC . 6.62 -29.19 37.45
OBB BCL TC . 6.14 -30.29 37.61
CBB BCL TC . 8.10 -29.05 37.25
NC BCL TC . 1.35 -28.30 36.38
C1C BCL TC . 2.29 -29.25 36.29
C2C BCL TC . 1.83 -30.49 35.60
C3C BCL TC . 0.34 -30.30 35.64
C4C BCL TC . 0.29 -28.83 35.88
CMC BCL TC . 2.62 -31.33 34.60
CAC BCL TC . -0.47 -31.35 36.39
CBC BCL TC . -0.92 -32.36 35.36
ND BCL TC . -0.29 -26.21 36.76
C1D BCL TC . -1.25 -26.92 36.20
C2D BCL TC . -2.39 -26.06 35.86
C3D BCL TC . -1.98 -24.71 36.32
C4D BCL TC . -0.71 -24.89 36.84
CMD BCL TC . -3.68 -26.45 35.21
CAD BCL TC . -2.34 -23.27 36.45
OBD BCL TC . -3.44 -22.74 36.08
CBD BCL TC . -1.20 -22.59 37.10
CGD BCL TC . -0.96 -21.27 36.43
O1D BCL TC . -0.54 -21.19 35.30
O2D BCL TC . -1.23 -20.04 37.15
CED BCL TC . -0.72 -18.81 36.65
C1 BCL TC . 3.10 -21.91 42.93
C2 BCL TC . 2.91 -23.41 42.80
C3 BCL TC . 3.81 -24.21 42.21
C4 BCL TC . 5.10 -23.67 41.68
C5 BCL TC . 3.52 -25.69 42.12
C6 BCL TC . 4.50 -26.35 41.17
C7 BCL TC . 5.42 -27.30 41.92
C8 BCL TC . 5.68 -28.55 41.09
C9 BCL TC . 4.77 -29.68 41.54
C10 BCL TC . 7.16 -28.92 41.20
C11 BCL TC . 7.42 -30.34 40.70
C12 BCL TC . 8.06 -31.20 41.78
C13 BCL TC . 7.83 -32.67 41.48
C14 BCL TC . 6.34 -32.98 41.41
C15 BCL TC . 8.53 -33.52 42.53
C16 BCL TC . 8.02 -34.96 42.51
C17 BCL TC . 9.03 -35.87 43.19
C18 BCL TC . 8.35 -37.02 43.92
C19 BCL TC . 7.22 -36.52 44.81
C20 BCL TC . 9.35 -37.82 44.73
C1B LMT UC . 11.35 -35.92 17.28
C2B LMT UC . 11.81 -37.36 17.51
C3B LMT UC . 11.11 -38.35 16.59
C4B LMT UC . 10.27 -37.62 15.57
C5B LMT UC . 11.16 -36.55 14.93
C6B LMT UC . 10.45 -35.87 13.76
O1B LMT UC . 12.07 -35.07 18.18
O2B LMT UC . 13.22 -37.44 17.30
O3B LMT UC . 10.28 -39.25 17.36
O4' LMT UC . 9.79 -38.54 14.58
O5B LMT UC . 11.54 -35.57 15.90
O6B LMT UC . 11.33 -34.92 13.15
C1' LMT UC . 12.41 -30.97 18.38
C2' LMT UC . 12.02 -31.47 17.01
C3' LMT UC . 11.48 -32.88 17.14
C4' LMT UC . 12.55 -33.79 17.75
C5' LMT UC . 13.22 -33.13 18.98
C6' LMT UC . 14.50 -33.87 19.36
O1' LMT UC . 12.71 -29.57 18.30
O2' LMT UC . 11.02 -30.60 16.44
O3' LMT UC . 11.16 -33.32 15.82
O5' LMT UC . 13.53 -31.75 18.81
O6' LMT UC . 14.30 -35.29 19.24
C1 LMT UC . 11.72 -28.79 18.94
C2 LMT UC . 11.65 -27.42 18.28
C3 LMT UC . 10.49 -26.57 18.79
C4 LMT UC . 9.13 -27.20 18.52
C5 LMT UC . 8.01 -26.29 19.03
C6 LMT UC . 6.65 -26.92 18.79
C7 LMT UC . 5.54 -25.99 19.27
OA2 CDL VC . 7.27 6.51 22.65
PA1 CDL VC . 5.72 6.08 22.67
OA3 CDL VC . 5.01 6.91 23.70
OA4 CDL VC . 5.23 6.04 21.25
OA5 CDL VC . 5.79 4.56 23.23
CA3 CDL VC . 6.67 4.25 24.34
CA4 CDL VC . 6.33 2.89 24.86
OA6 CDL VC . 6.07 2.07 23.70
CA5 CDL VC . 6.55 0.81 23.66
OA7 CDL VC . 6.00 -0.03 23.00
C11 CDL VC . 7.81 0.60 24.44
C12 CDL VC . 8.95 0.10 23.61
C13 CDL VC . 8.74 -1.31 23.09
CA6 CDL VC . 5.10 2.90 25.76
OA8 CDL VC . 5.14 1.76 26.65
CA7 CDL VC . 4.70 0.60 26.20
OA9 CDL VC . 5.13 -0.46 26.57
C31 CDL VC . 3.55 0.77 25.23
C32 CDL VC . 3.16 -0.50 24.53
C33 CDL VC . 2.45 -1.49 25.44
C34 CDL VC . 2.40 -2.89 24.90
C35 CDL VC . 1.62 -3.86 25.74
C36 CDL VC . 0.15 -3.61 25.77
OB2 CDL VC . 16.90 1.85 22.13
PB2 CDL VC . 15.78 0.89 21.50
OB3 CDL VC . 15.95 -0.46 22.16
OB4 CDL VC . 15.85 1.01 20.00
OB5 CDL VC . 14.41 1.57 21.99
CB3 CDL VC . 13.13 1.18 21.41
CB4 CDL VC . 12.73 -0.23 21.74
OB6 CDL VC . 13.21 -0.58 23.08
CB6 CDL VC . 13.18 -1.26 20.73
OB8 CDL VC . 12.61 -2.54 21.06
CB7 CDL VC . 12.92 -3.55 20.25
OB9 CDL VC . 13.66 -3.43 19.32
C71 CDL VC . 12.22 -4.81 20.65
C72 CDL VC . 12.50 -5.95 19.72
MG BCL WC . 9.72 -26.19 34.12
CHA BCL WC . 12.03 -23.93 35.12
CHB BCL WC . 7.31 -23.94 34.99
CHC BCL WC . 7.46 -28.62 33.82
CHD BCL WC . 12.26 -28.70 33.65
NA BCL WC . 9.67 -24.28 34.93
C1A BCL WC . 10.62 -23.48 35.18
C2A BCL WC . 10.28 -22.06 35.56
C3A BCL WC . 8.76 -22.17 35.71
C4A BCL WC . 8.57 -23.57 35.18
CMA BCL WC . 8.32 -22.12 37.16
CAA BCL WC . 10.60 -21.08 34.46
CBA BCL WC . 10.78 -19.69 35.07
CGA BCL WC . 10.69 -18.62 34.01
O1A BCL WC . 10.18 -18.85 32.94
O2A BCL WC . 11.18 -17.29 34.27
NB BCL WC . 7.69 -26.20 34.12
C1B BCL WC . 6.86 -25.19 34.36
C2B BCL WC . 5.44 -25.44 34.03
C3B BCL WC . 5.46 -26.93 33.88
C4B BCL WC . 6.91 -27.27 34.01
CMB BCL WC . 4.30 -24.54 34.42
CAB BCL WC . 4.40 -27.87 33.44
OBB BCL WC . 4.65 -29.05 33.34
CBB BCL WC . 3.02 -27.39 33.12
NC BCL WC . 9.83 -28.23 33.83
C1C BCL WC . 8.74 -29.01 33.77
C2C BCL WC . 9.03 -30.45 33.62
C3C BCL WC . 10.48 -30.42 33.21
C4C BCL WC . 10.82 -29.01 33.58
CMC BCL WC . 8.31 -31.61 34.29
CAC BCL WC . 10.80 -31.08 31.88
CBC BCL WC . 12.00 -31.97 32.11
ND BCL WC . 11.72 -26.47 34.40
C1D BCL WC . 12.62 -27.41 34.20
C2D BCL WC . 14.00 -26.90 34.43
C3D BCL WC . 13.77 -25.49 34.80
C4D BCL WC . 12.40 -25.31 34.76
CMD BCL WC . 15.31 -27.63 34.31
CAD BCL WC . 14.39 -24.19 35.20
OBD BCL WC . 15.64 -23.98 35.34
CBD BCL WC . 13.30 -23.23 35.41
CGD BCL WC . 13.57 -22.52 36.70
O1D BCL WC . 13.68 -23.15 37.73
O2D BCL WC . 13.71 -21.09 36.76
CED BCL WC . 13.86 -20.48 38.03
C1 BCL WC . 11.01 -16.25 33.31
C2 BCL WC . 9.89 -15.34 33.76
C3 BCL WC . 10.10 -14.03 33.92
C4 BCL WC . 11.46 -13.45 33.68
C5 BCL WC . 8.97 -13.13 34.38
C6 BCL WC . 7.75 -13.33 33.47
C7 BCL WC . 6.63 -12.34 33.78
C8 BCL WC . 6.59 -11.90 35.24
C9 BCL WC . 5.76 -12.88 36.08
C10 BCL WC . 5.99 -10.50 35.32
C11 BCL WC . 5.80 -10.04 36.77
C12 BCL WC . 7.14 -9.75 37.44
C13 BCL WC . 6.96 -9.45 38.92
C14 BCL WC . 6.01 -8.27 39.12
C15 BCL WC . 8.32 -9.15 39.56
C16 BCL WC . 8.19 -8.72 41.01
C17 BCL WC . 8.11 -9.93 41.93
C18 BCL WC . 8.69 -9.62 43.32
C19 BCL WC . 9.96 -8.78 43.22
C20 BCL WC . 8.96 -10.91 44.08
N1 LDA XC . 21.83 -5.78 26.22
O1 LDA XC . 21.22 -6.54 25.44
CM1 LDA XC . 23.16 -5.51 25.68
CM2 LDA XC . 21.99 -6.44 27.53
C1 LDA XC . 21.10 -4.51 26.38
C2 LDA XC . 19.86 -4.68 27.26
C3 LDA XC . 18.72 -3.80 26.78
C4 LDA XC . 18.97 -2.32 27.04
C5 LDA XC . 18.59 -1.50 25.81
C6 LDA XC . 18.14 -0.10 26.17
C7 LDA XC . 19.06 0.55 27.20
C8 LDA XC . 18.85 2.05 27.29
C9 LDA XC . 19.13 2.71 25.95
C10 LDA XC . 20.59 2.52 25.53
C11 LDA XC . 20.78 2.77 24.05
C12 LDA XC . 20.38 4.18 23.66
C1 A1EF2 YC . 9.45 -43.59 41.04
C5 A1EF2 YC . 12.37 -39.50 39.60
C4 A1EF2 YC . 10.46 -41.34 40.46
C3 A1EF2 YC . 9.38 -42.28 40.88
C2 A1EF2 YC . 8.26 -44.42 41.44
C6 A1EF2 YC . 10.72 -44.36 40.84
C8 A1EF2 YC . 10.00 -39.90 40.45
C9 A1EF2 YC . 11.04 -38.91 39.98
C10 A1EF2 YC . 10.76 -37.61 39.94
C11 A1EF2 YC . 11.49 -36.54 39.30
C12 A1EF2 YC . 11.23 -35.19 39.48
C13 A1EF2 YC . 11.64 -34.09 38.71
C14 A1EF2 YC . 11.33 -32.77 39.05
C15 A1EF2 YC . 11.61 -31.60 38.38
C16 A1EF2 YC . 11.23 -30.35 38.84
C17 A1EF2 YC . 11.52 -29.09 38.32
C18 A1EF2 YC . 11.05 -27.90 38.90
C19 A1EF2 YC . 11.29 -26.58 38.56
C20 A1EF2 YC . 10.81 -25.45 39.19
C21 A1EF2 YC . 11.07 -24.10 39.00
C22 A1EF2 YC . 10.50 -22.99 39.64
C23 A1EF2 YC . 10.90 -21.66 39.38
C24 A1EF2 YC . 10.28 -20.47 39.70
C25 A1EF2 YC . 10.80 -19.17 39.37
C26 A1EF2 YC . 10.19 -18.00 39.33
C27 A1EF2 YC . 10.96 -16.75 38.99
C28 A1EF2 YC . 10.16 -15.47 38.87
C29 A1EF2 YC . 11.05 -14.32 38.49
C30 A1EF2 YC . 10.72 -13.05 38.31
C31 A1EF2 YC . 11.76 -12.03 37.92
C32 A1EF2 YC . 11.24 -10.64 37.60
C33 A1EF2 YC . 12.34 -9.69 37.28
C34 A1EF2 YC . 12.26 -8.41 36.95
C35 A1EF2 YC . 10.96 -7.72 36.72
C37 A1EF2 YC . 12.40 -34.33 37.47
C38 A1EF2 YC . 12.34 -29.00 37.10
C39 A1EF2 YC . 9.44 -23.23 40.66
C40 A1EF2 YC . 8.72 -17.80 39.59
C41 A1EF2 YC . 9.33 -12.51 38.49
C42 A1EF2 YC . 13.48 -7.56 36.74
MG BCL ZC . 18.52 -25.67 30.96
CHA BCL ZC . 16.54 -23.10 31.89
CHB BCL ZC . 21.12 -23.51 30.86
CHC BCL ZC . 20.37 -28.20 29.80
CHD BCL ZC . 15.63 -27.67 30.16
NA BCL ZC . 18.78 -23.64 31.27
C1A BCL ZC . 17.97 -22.78 31.72
C2A BCL ZC . 18.50 -21.42 32.05
C3A BCL ZC . 19.91 -21.52 31.47
C4A BCL ZC . 19.95 -22.99 31.24
CMA BCL ZC . 19.99 -20.78 30.15
CAA BCL ZC . 18.55 -21.18 33.56
CBA BCL ZC . 18.63 -19.68 33.83
CGA BCL ZC . 19.72 -19.41 34.84
O1A BCL ZC . 19.52 -18.67 35.79
O2A BCL ZC . 21.02 -20.03 34.69
NB BCL ZC . 20.48 -25.83 30.44
C1B BCL ZC . 21.39 -24.86 30.37
C2B BCL ZC . 22.75 -25.28 29.95
C3B BCL ZC . 22.52 -26.73 29.70
C4B BCL ZC . 21.09 -26.95 30.07
CMB BCL ZC . 24.02 -24.59 30.36
CAB BCL ZC . 23.48 -27.80 29.27
OBB BCL ZC . 23.25 -28.95 29.55
CBB BCL ZC . 24.70 -27.43 28.49
NC BCL ZC . 18.10 -27.55 30.21
C1C BCL ZC . 19.05 -28.37 29.75
C2C BCL ZC . 18.52 -29.61 29.11
C3C BCL ZC . 17.11 -29.61 29.65
C4C BCL ZC . 17.00 -28.18 30.03
CMC BCL ZC . 18.99 -30.25 27.81
CAC BCL ZC . 16.70 -30.79 30.53
CBC BCL ZC . 16.30 -31.92 29.60
ND BCL ZC . 16.49 -25.67 31.21
C1D BCL ZC . 15.47 -26.46 30.96
C2D BCL ZC . 14.20 -25.73 31.08
C3D BCL ZC . 14.60 -24.37 31.47
C4D BCL ZC . 15.99 -24.40 31.52
CMD BCL ZC . 12.81 -26.27 30.87
CAD BCL ZC . 14.16 -22.99 31.82
OBD BCL ZC . 12.96 -22.57 31.88
CBD BCL ZC . 15.38 -22.20 32.10
CGD BCL ZC . 15.22 -20.84 31.49
O1D BCL ZC . 15.12 -20.69 30.29
O2D BCL ZC . 15.13 -19.66 32.34
CED BCL ZC . 15.04 -18.38 31.75
C1 BCL ZC . 21.70 -20.52 35.84
C2 BCL ZC . 21.47 -22.02 35.95
C3 BCL ZC . 21.94 -22.88 35.04
C4 BCL ZC . 22.76 -22.42 33.87
C5 BCL ZC . 21.67 -24.35 35.23
C6 BCL ZC . 22.12 -25.12 34.00
C7 BCL ZC . 23.31 -26.01 34.30
C8 BCL ZC . 23.54 -26.98 33.17
C9 BCL ZC . 22.80 -28.29 33.44
C10 BCL ZC . 25.03 -27.22 32.96
C11 BCL ZC . 25.29 -28.52 32.20
C12 BCL ZC . 26.25 -29.42 32.95
C13 BCL ZC . 26.12 -30.86 32.47
C14 BCL ZC . 24.68 -31.33 32.63
C15 BCL ZC . 27.07 -31.77 33.24
C16 BCL ZC . 26.85 -33.22 32.86
C17 BCL ZC . 27.04 -34.14 34.06
C18 BCL ZC . 28.23 -35.07 33.86
C19 BCL ZC . 28.08 -36.33 34.69
C20 BCL ZC . 29.53 -34.36 34.18
O1B LMT AD . 21.68 -29.81 6.77
C1' LMT AD . 20.34 -27.62 8.73
C2' LMT AD . 21.39 -28.47 9.43
C3' LMT AD . 21.21 -29.96 9.12
C4' LMT AD . 20.68 -30.19 7.71
C5' LMT AD . 19.40 -29.41 7.47
C6' LMT AD . 18.20 -30.34 7.43
O1' LMT AD . 19.98 -26.54 9.59
O2' LMT AD . 22.69 -28.05 9.01
O3' LMT AD . 20.29 -30.52 10.05
O5' LMT AD . 19.19 -28.42 8.47
O6' LMT AD . 17.82 -30.67 8.78
C1 LMT AD . 18.92 -25.77 9.05
C2 LMT AD . 18.06 -25.24 10.20
C3 LMT AD . 18.87 -24.35 11.14
C4 LMT AD . 18.20 -24.29 12.51
C5 LMT AD . 16.85 -23.61 12.48
C6 LMT AD . 17.00 -22.09 12.43
C7 LMT AD . 15.65 -21.40 12.49
C8 LMT AD . 15.83 -19.90 12.41
C9 LMT AD . 14.48 -19.19 12.26
C10 LMT AD . 14.70 -17.69 12.04
C11 LMT AD . 15.66 -17.45 10.88
C12 LMT AD . 16.11 -16.01 10.85
C1B LMT BD . 15.51 -34.82 12.05
O1B LMT BD . 14.67 -33.85 12.67
C1' LMT BD . 14.98 -29.87 13.72
C2' LMT BD . 15.51 -30.21 12.33
C3' LMT BD . 15.15 -31.61 11.89
C4' LMT BD . 15.35 -32.64 13.00
C5' LMT BD . 14.81 -32.15 14.33
C6' LMT BD . 15.13 -33.14 15.42
O1' LMT BD . 15.53 -28.62 14.12
O2' LMT BD . 14.99 -29.28 11.38
O3' LMT BD . 15.98 -31.95 10.78
O5' LMT BD . 15.38 -30.88 14.65
O6' LMT BD . 14.48 -34.38 15.13
C1 LMT BD . 15.03 -28.16 15.37
C2 LMT BD . 15.35 -26.67 15.47
C3 LMT BD . 14.39 -25.97 16.42
C4 LMT BD . 13.87 -24.68 15.81
C5 LMT BD . 12.97 -23.93 16.79
C6 LMT BD . 12.57 -22.57 16.25
P PGV CD . 28.65 4.56 17.24
C01 PGV CD . 26.95 0.95 15.70
C02 PGV CD . 28.08 0.71 16.70
C03 PGV CD . 28.43 1.98 17.47
C04 PGV CD . 27.91 6.86 18.19
C05 PGV CD . 26.72 7.60 18.78
C06 PGV CD . 25.64 7.79 17.73
O01 PGV CD . 29.21 0.22 15.97
O02 PGV CD . 30.66 -0.20 17.71
O03 PGV CD . 27.00 -0.06 14.70
O04 PGV CD . 24.78 0.12 14.07
O05 PGV CD . 27.16 8.89 19.25
O06 PGV CD . 24.43 8.23 18.37
O11 PGV CD . 27.90 3.17 16.90
O12 PGV CD . 27.50 5.61 17.64
O13 PGV CD . 29.30 5.07 15.98
O14 PGV CD . 29.45 4.36 18.49
C1 PGV CD . 30.03 -0.66 16.77
C2 PGV CD . 30.13 -2.13 16.45
C3 PGV CD . 31.28 -2.41 15.48
C4 PGV CD . 30.94 -2.08 14.03
C5 PGV CD . 29.70 -2.82 13.56
C6 PGV CD . 29.85 -4.34 13.67
C7 PGV CD . 28.53 -5.02 13.33
C8 PGV CD . 28.53 -6.47 13.80
C9 PGV CD . 27.14 -7.08 13.62
C10 PGV CD . 26.10 -6.30 14.41
C19 PGV CD . 25.90 -0.22 13.75
C20 PGV CD . 26.17 -0.77 12.37
C21 PGV CD . 26.06 -2.29 12.40
C22 PGV CD . 24.61 -2.74 12.41
C23 PGV CD . 23.98 -2.57 11.03
C24 PGV CD . 22.46 -2.44 11.12
C25 PGV CD . 21.79 -3.77 11.48
C26 PGV CD . 20.28 -3.59 11.54
C27 PGV CD . 19.57 -4.92 11.76
C28 PGV CD . 19.90 -5.89 10.62
C29 PGV CD . 19.35 -7.28 10.91
C30 PGV CD . 20.11 -8.33 10.12
MG BCL DD . 24.90 -24.28 25.45
CHA BCL DD . 27.17 -21.80 25.77
CHB BCL DD . 22.70 -22.36 27.17
CHC BCL DD . 22.85 -26.91 25.47
CHD BCL DD . 27.35 -26.43 23.90
NA BCL DD . 24.96 -22.46 26.45
C1A BCL DD . 25.85 -21.55 26.40
C2A BCL DD . 25.51 -20.22 27.00
C3A BCL DD . 24.16 -20.51 27.61
C4A BCL DD . 23.91 -21.85 26.99
CMA BCL DD . 24.25 -20.67 29.12
CAA BCL DD . 25.35 -19.15 25.91
CBA BCL DD . 25.09 -17.82 26.60
CGA BCL DD . 25.09 -16.68 25.61
O1A BCL DD . 25.62 -16.78 24.52
O2A BCL DD . 24.47 -15.42 25.98
NB BCL DD . 23.01 -24.56 26.16
C1B BCL DD . 22.25 -23.71 26.83
C2B BCL DD . 20.84 -24.13 27.05
C3B BCL DD . 20.87 -25.50 26.46
C4B BCL DD . 22.29 -25.67 26.03
CMB BCL DD . 19.68 -23.17 27.19
CAB BCL DD . 19.81 -26.56 26.43
OBB BCL DD . 20.07 -27.65 25.97
CBB BCL DD . 18.44 -26.30 26.98
NC BCL DD . 25.09 -26.26 24.88
C1C BCL DD . 24.09 -27.14 25.03
C2C BCL DD . 24.46 -28.52 24.63
C3C BCL DD . 25.64 -28.24 23.73
C4C BCL DD . 26.00 -26.88 24.23
CMC BCL DD . 24.19 -29.82 25.37
CAC BCL DD . 25.47 -28.62 22.27
CBC BCL DD . 26.69 -29.41 21.86
ND BCL DD . 26.88 -24.31 24.99
C1D BCL DD . 27.73 -25.12 24.38
C2D BCL DD . 29.02 -24.44 24.12
C3D BCL DD . 28.80 -23.08 24.68
C4D BCL DD . 27.51 -23.10 25.18
CMD BCL DD . 30.25 -24.98 23.44
CAD BCL DD . 29.38 -21.73 24.93
OBD BCL DD . 30.56 -21.35 24.60
CBD BCL DD . 28.36 -20.94 25.63
CGD BCL DD . 29.00 -20.23 26.77
O1D BCL DD . 29.52 -20.85 27.67
O2D BCL DD . 29.03 -18.78 26.84
CED BCL DD . 29.50 -18.17 28.04
C1 BCL DD . 24.70 -14.25 25.24
C2 BCL DD . 23.44 -13.42 25.30
C3 BCL DD . 23.50 -12.09 25.45
C4 BCL DD . 24.82 -11.41 25.57
C5 BCL DD . 22.21 -11.29 25.51
C6 BCL DD . 21.19 -12.02 26.37
C7 BCL DD . 20.38 -11.05 27.20
C8 BCL DD . 20.74 -11.15 28.68
C9 BCL DD . 19.63 -11.82 29.47
C10 BCL DD . 21.10 -9.77 29.21
C11 BCL DD . 20.37 -9.44 30.51
C12 BCL DD . 20.92 -8.17 31.16
C13 BCL DD . 22.23 -8.43 31.90
C14 BCL DD . 22.13 -9.71 32.72
C15 BCL DD . 22.56 -7.21 32.74
C16 BCL DD . 23.38 -7.56 33.99
C17 BCL DD . 24.86 -7.64 33.69
C18 BCL DD . 25.67 -7.47 34.97
C19 BCL DD . 27.02 -6.83 34.68
C20 BCL DD . 25.84 -8.80 35.70
C1 A1EF2 ED . 28.27 -42.02 31.34
C5 A1EF2 ED . 29.74 -37.84 28.56
C4 A1EF2 ED . 28.91 -39.74 30.42
C3 A1EF2 ED . 28.30 -40.69 31.40
C2 A1EF2 ED . 27.55 -42.86 32.34
C6 A1EF2 ED . 28.97 -42.79 30.26
C8 A1EF2 ED . 28.81 -38.30 30.89
C9 A1EF2 ED . 29.27 -37.28 29.87
C10 A1EF2 ED . 29.24 -35.98 30.16
C11 A1EF2 ED . 29.34 -34.86 29.24
C12 A1EF2 ED . 29.27 -33.53 29.57
C13 A1EF2 ED . 29.06 -32.41 28.73
C14 A1EF2 ED . 28.99 -31.09 29.21
C15 A1EF2 ED . 28.72 -29.93 28.51
C16 A1EF2 ED . 28.54 -28.71 29.12
C17 A1EF2 ED . 28.32 -27.44 28.55
C18 A1EF2 ED . 28.10 -26.29 29.32
C19 A1EF2 ED . 27.98 -24.97 28.95
C20 A1EF2 ED . 27.75 -23.89 29.78
C21 A1EF2 ED . 27.71 -22.53 29.58
C22 A1EF2 ED . 27.36 -21.51 30.50
C23 A1EF2 ED . 27.41 -20.14 30.19
C24 A1EF2 ED . 26.89 -19.06 30.86
C25 A1EF2 ED . 26.91 -17.72 30.33
C26 A1EF2 ED . 26.30 -16.60 30.71
C27 A1EF2 ED . 26.46 -15.36 29.85
C28 A1EF2 ED . 25.67 -14.13 30.26
C29 A1EF2 ED . 26.12 -12.96 29.45
C30 A1EF2 ED . 25.70 -11.70 29.51
C31 A1EF2 ED . 26.41 -10.61 28.74
C32 A1EF2 ED . 25.89 -9.21 28.93
C33 A1EF2 ED . 26.74 -8.20 28.21
C34 A1EF2 ED . 26.60 -6.89 28.17
C35 A1EF2 ED . 25.47 -6.16 28.82
C37 A1EF2 ED . 28.89 -32.63 27.28
C38 A1EF2 ED . 28.30 -27.32 27.08
C39 A1EF2 ED . 26.91 -21.93 31.86
C40 A1EF2 ED . 25.47 -16.44 31.94
C41 A1EF2 ED . 24.51 -11.25 30.30
C42 A1EF2 ED . 27.59 -6.00 27.47
MG BCL FD . 31.78 -22.62 19.36
CHA BCL FD . 29.99 -20.37 21.14
CHB BCL FD . 33.91 -20.12 18.53
CHC BCL FD . 33.42 -24.85 17.49
CHD BCL FD . 29.03 -24.93 19.39
NA BCL FD . 31.88 -20.57 19.66
C1A BCL FD . 31.21 -19.85 20.47
C2A BCL FD . 31.70 -18.47 20.75
C3A BCL FD . 32.80 -18.34 19.70
C4A BCL FD . 32.90 -19.79 19.32
CMA BCL FD . 32.35 -17.51 18.51
CAA BCL FD . 32.26 -18.37 22.16
CBA BCL FD . 32.63 -16.94 22.50
CGA BCL FD . 33.92 -16.97 23.29
O1A BCL FD . 34.02 -16.37 24.34
O2A BCL FD . 35.06 -17.71 22.78
NB BCL FD . 33.47 -22.50 18.23
C1B BCL FD . 34.13 -21.42 17.86
C2B BCL FD . 35.28 -21.62 16.93
C3B BCL FD . 35.21 -23.11 16.75
C4B BCL FD . 34.06 -23.52 17.59
CMB BCL FD . 36.49 -20.74 16.90
CAB BCL FD . 36.03 -24.02 15.89
OBB BCL FD . 35.86 -25.21 15.95
CBB BCL FD . 37.07 -23.48 14.95
NC BCL FD . 31.34 -24.49 18.64
C1C BCL FD . 32.18 -25.18 17.84
C2C BCL FD . 31.61 -26.46 17.33
C3C BCL FD . 30.46 -26.64 18.27
C4C BCL FD . 30.32 -25.26 18.78
CMC BCL FD . 31.73 -27.02 15.92
CAC BCL FD . 30.48 -27.91 19.12
CBC BCL FD . 29.68 -28.94 18.35
ND BCL FD . 29.99 -22.89 20.29
C1D BCL FD . 29.04 -23.81 20.34
C2D BCL FD . 27.81 -23.25 20.94
C3D BCL FD . 28.18 -21.86 21.28
C4D BCL FD . 29.49 -21.73 20.86
CMD BCL FD . 26.49 -23.95 21.17
CAD BCL FD . 27.74 -20.57 21.87
OBD BCL FD . 26.59 -20.32 22.37
CBD BCL FD . 28.89 -19.63 21.80
CGD BCL FD . 28.40 -18.29 21.39
O1D BCL FD . 27.91 -18.09 20.30
O2D BCL FD . 28.48 -17.18 22.32
CED BCL FD . 28.22 -15.87 21.85
C1 BCL FD . 35.92 -18.45 23.64
C2 BCL FD . 36.00 -19.91 23.24
C3 BCL FD . 36.42 -20.33 22.03
C4 BCL FD . 36.87 -19.36 20.97
C5 BCL FD . 36.47 -21.81 21.73
C6 BCL FD . 36.95 -22.04 20.32
C7 BCL FD . 37.35 -23.50 20.09
C8 BCL FD . 38.74 -23.66 19.48
C9 BCL FD . 39.50 -22.34 19.41
C10 BCL FD . 38.62 -24.27 18.09
C11 BCL FD . 38.73 -25.79 18.14
C12 BCL FD . 40.17 -26.25 18.14
C13 BCL FD . 40.25 -27.76 18.16
C14 BCL FD . 39.38 -28.32 19.27
C15 BCL FD . 41.71 -28.18 18.33
C16 BCL FD . 41.83 -29.58 18.93
C17 BCL FD . 42.21 -30.62 17.88
C18 BCL FD . 43.23 -31.61 18.41
C19 BCL FD . 42.57 -32.67 19.29
C20 BCL FD . 44.33 -30.89 19.19
C1 A1EF2 GD . 29.21 -19.97 11.66
C5 A1EF2 GD . 31.72 -15.21 11.87
C4 A1EF2 GD . 31.05 -18.25 12.04
C3 A1EF2 GD . 30.37 -19.58 12.16
C2 A1EF2 GD . 28.64 -21.34 11.93
C6 A1EF2 GD . 28.37 -19.12 10.76
C8 A1EF2 GD . 30.36 -17.14 12.80
C9 A1EF2 GD . 31.23 -15.95 13.08
C10 A1EF2 GD . 31.51 -15.61 14.33
C11 A1EF2 GD . 32.17 -14.46 14.90
C12 A1EF2 GD . 32.36 -14.36 16.26
C13 A1EF2 GD . 32.78 -13.28 17.05
C14 A1EF2 GD . 32.77 -13.33 18.45
C15 A1EF2 GD . 33.03 -12.33 19.36
C16 A1EF2 GD . 32.83 -12.39 20.73
C17 A1EF2 GD . 32.99 -11.39 21.69
C18 A1EF2 GD . 32.57 -11.49 23.02
C19 A1EF2 GD . 32.59 -10.52 23.99
C20 A1EF2 GD . 32.04 -10.44 25.26
C21 A1EF2 GD . 31.99 -9.38 26.14
C22 A1EF2 GD . 31.32 -9.29 27.38
C23 A1EF2 GD . 31.28 -8.12 28.16
C24 A1EF2 GD . 30.65 -7.94 29.38
C25 A1EF2 GD . 30.45 -6.76 30.17
C26 A1EF2 GD . 29.76 -6.76 31.32
C27 A1EF2 GD . 29.42 -5.48 32.02
C28 A1EF2 GD . 30.63 -4.59 32.26
C29 A1EF2 GD . 30.32 -3.40 33.12
C30 A1EF2 GD . 30.28 -2.12 32.75
C31 A1EF2 GD . 30.51 -1.01 33.74
C32 A1EF2 GD . 31.57 -0.06 33.21
C33 A1EF2 GD . 32.07 0.99 34.16
C34 A1EF2 GD . 32.07 2.30 34.00
C35 A1EF2 GD . 33.04 3.21 34.69
C37 A1EF2 GD . 33.28 -12.05 16.38
C38 A1EF2 GD . 33.63 -10.12 21.26
C39 A1EF2 GD . 30.61 -10.49 27.86
C40 A1EF2 GD . 29.27 -8.02 31.97
C41 A1EF2 GD . 30.02 -1.68 31.35
C42 A1EF2 GD . 31.09 3.01 33.12
C1B LMT HD . 25.26 -33.06 -0.81
O1B LMT HD . 25.72 -31.77 -0.43
C1' LMT HD . 24.71 -29.35 2.74
C2' LMT HD . 25.20 -30.79 2.86
C3' LMT HD . 24.66 -31.71 1.75
C4' LMT HD . 24.75 -31.08 0.35
C5' LMT HD . 25.05 -29.59 0.42
C6' LMT HD . 24.82 -28.90 -0.91
O1' LMT HD . 23.70 -29.11 3.72
O2' LMT HD . 26.63 -30.80 2.88
O3' LMT HD . 23.31 -32.10 2.03
O5' LMT HD . 24.23 -29.02 1.43
O6' LMT HD . 25.63 -29.51 -1.92
C1 LMT HD . 23.79 -27.78 4.22
C2 LMT HD . 24.11 -27.86 5.71
C3 LMT HD . 23.94 -26.52 6.40
C4 LMT HD . 24.38 -25.37 5.50
C5 LMT HD . 24.46 -24.08 6.30
C6 LMT HD . 23.21 -23.91 7.17
C7 LMT HD . 23.47 -22.87 8.25
C8 LMT HD . 24.08 -21.62 7.65
C9 LMT HD . 24.73 -20.76 8.74
C10 LMT HD . 25.52 -19.61 8.10
C11 LMT HD . 24.60 -18.65 7.36
C12 LMT HD . 23.70 -17.91 8.32
MG BCL ID . 35.74 -20.28 12.12
CHA BCL ID . 37.83 -17.63 11.93
CHB BCL ID . 33.96 -18.58 14.43
CHC BCL ID . 34.16 -23.14 12.81
CHD BCL ID . 37.71 -22.11 9.75
NA BCL ID . 35.93 -18.47 13.11
C1A BCL ID . 36.71 -17.50 12.88
C2A BCL ID . 36.46 -16.21 13.61
C3A BCL ID . 35.34 -16.63 14.55
C4A BCL ID . 35.01 -17.95 13.92
CMA BCL ID . 35.83 -16.85 15.97
CAA BCL ID . 35.95 -15.11 12.70
CBA BCL ID . 35.80 -13.84 13.52
CGA BCL ID . 35.46 -12.66 12.63
O1A BCL ID . 35.67 -12.70 11.44
O2A BCL ID . 34.91 -11.46 13.21
NB BCL ID . 34.18 -20.74 13.34
C1B BCL ID . 33.64 -20.00 14.30
C2B BCL ID . 32.48 -20.59 15.01
C3B BCL ID . 32.42 -21.93 14.35
C4B BCL ID . 33.61 -21.93 13.45
CMB BCL ID . 31.36 -19.78 15.61
CAB BCL ID . 31.55 -23.12 14.64
OBB BCL ID . 31.79 -24.17 14.10
CBB BCL ID . 30.38 -23.01 15.57
NC BCL ID . 35.94 -22.23 11.48
C1C BCL ID . 35.18 -23.23 11.96
C2C BCL ID . 35.54 -24.57 11.43
C3C BCL ID . 36.42 -24.21 10.27
C4C BCL ID . 36.66 -22.76 10.56
CMC BCL ID . 35.56 -25.88 12.20
CAC BCL ID . 35.99 -24.78 8.92
CBC BCL ID . 37.20 -25.39 8.27
ND BCL ID . 37.54 -20.14 11.14
C1D BCL ID . 38.22 -20.85 10.28
C2D BCL ID . 39.29 -20.04 9.65
C3D BCL ID . 39.16 -18.73 10.32
C4D BCL ID . 38.08 -18.87 11.19
CMD BCL ID . 40.29 -20.45 8.61
CAD BCL ID . 39.66 -17.33 10.45
OBD BCL ID . 40.64 -16.82 9.80
CBD BCL ID . 38.83 -16.66 11.46
CGD BCL ID . 39.74 -15.95 12.42
O1D BCL ID . 40.58 -16.56 13.03
O2D BCL ID . 39.63 -14.52 12.62
CED BCL ID . 40.46 -13.93 13.61
C1 BCL ID . 34.14 -10.56 12.42
C2 BCL ID . 32.89 -10.18 13.18
C3 BCL ID . 32.81 -9.00 13.81
C4 BCL ID . 33.96 -8.04 13.78
C5 BCL ID . 31.54 -8.64 14.56
C6 BCL ID . 31.90 -8.02 15.90
C7 BCL ID . 30.68 -8.02 16.84
C8 BCL ID . 30.82 -7.07 18.03
C9 BCL ID . 29.73 -6.02 18.00
C10 BCL ID . 32.19 -6.40 18.07
C11 BCL ID . 32.73 -6.36 19.50
C12 BCL ID . 33.89 -5.38 19.63
C13 BCL ID . 33.49 -4.10 20.37
C14 BCL ID . 32.69 -3.17 19.46
C15 BCL ID . 34.75 -3.42 20.88
C16 BCL ID . 35.36 -4.21 22.03
C17 BCL ID . 36.47 -3.43 22.74
C18 BCL ID . 37.87 -3.92 22.35
C19 BCL ID . 38.48 -3.06 21.25
C20 BCL ID . 37.88 -5.39 21.96
C1B LMT JD . 28.47 9.38 13.18
C2B LMT JD . 27.89 9.40 14.59
C3B LMT JD . 26.75 10.39 14.75
C4B LMT JD . 27.08 11.73 14.13
C5B LMT JD . 27.58 11.53 12.71
C6B LMT JD . 27.90 12.85 12.03
O1B LMT JD . 27.57 8.74 12.27
O2B LMT JD . 27.42 8.09 14.93
O3B LMT JD . 26.46 10.56 16.15
O4' LMT JD . 25.90 12.55 14.10
O5B LMT JD . 28.75 10.71 12.73
O6B LMT JD . 28.22 12.62 10.66
C1' LMT JD . 28.39 5.98 9.20
C2' LMT JD . 28.75 5.55 10.62
C3' LMT JD . 28.16 6.47 11.70
C4' LMT JD . 28.28 7.93 11.32
C5' LMT JD . 27.69 8.13 9.93
C6' LMT JD . 27.67 9.60 9.54
O1' LMT JD . 29.26 5.29 8.29
O2' LMT JD . 28.26 4.23 10.83
O3' LMT JD . 28.85 6.23 12.92
O5' LMT JD . 28.50 7.39 9.01
O6' LMT JD . 28.97 10.17 9.69
C1 LMT JD . 28.61 4.98 7.05
C2 LMT JD . 29.52 5.28 5.87
C3 LMT JD . 30.74 4.37 5.84
C4 LMT JD . 30.37 2.98 5.34
C5 LMT JD . 29.97 3.00 3.87
C6 LMT JD . 31.18 2.83 2.95
C7 LMT JD . 30.74 2.46 1.54
N1 LDA KD . 25.99 -13.49 4.14
O1 LDA KD . 26.23 -14.55 4.75
CM1 LDA KD . 25.82 -13.80 2.72
CM2 LDA KD . 27.11 -12.56 4.30
C1 LDA KD . 24.77 -12.89 4.67
C2 LDA KD . 24.93 -12.71 6.18
C3 LDA KD . 23.68 -13.18 6.92
C4 LDA KD . 22.57 -12.15 6.81
C5 LDA KD . 23.06 -10.80 7.28
C6 LDA KD . 21.94 -9.77 7.28
C7 LDA KD . 22.51 -8.37 7.38
C8 LDA KD . 23.40 -8.06 6.19
C9 LDA KD . 23.88 -6.62 6.21
C10 LDA KD . 24.46 -6.28 7.58
C11 LDA KD . 24.33 -4.79 7.85
C12 LDA KD . 22.87 -4.42 8.01
C1 A1EF2 LD . 42.66 -37.73 15.11
C5 A1EF2 LD . 43.37 -33.13 12.71
C4 A1EF2 LD . 42.83 -35.30 14.36
C3 A1EF2 LD . 42.43 -36.43 15.26
C2 A1EF2 LD . 42.15 -38.77 16.06
C6 A1EF2 LD . 43.47 -38.27 13.97
C8 A1EF2 LD . 42.49 -33.95 14.95
C9 A1EF2 LD . 42.76 -32.78 14.04
C10 A1EF2 LD . 42.50 -31.55 14.42
C11 A1EF2 LD . 42.35 -30.36 13.61
C12 A1EF2 LD . 42.21 -29.06 14.04
C13 A1EF2 LD . 41.69 -27.94 13.36
C14 A1EF2 LD . 41.69 -26.64 13.89
C15 A1EF2 LD . 41.10 -25.51 13.41
C16 A1EF2 LD . 41.07 -24.30 14.08
C17 A1EF2 LD . 40.41 -23.10 13.75
C18 A1EF2 LD . 40.37 -22.01 14.61
C19 A1EF2 LD . 39.87 -20.74 14.41
C20 A1EF2 LD . 39.73 -19.77 15.40
C21 A1EF2 LD . 39.49 -18.42 15.36
C22 A1EF2 LD . 39.23 -17.55 16.42
C23 A1EF2 LD . 39.23 -16.15 16.26
C24 A1EF2 LD . 38.68 -15.16 17.06
C25 A1EF2 LD . 38.69 -13.77 16.69
C26 A1EF2 LD . 37.91 -12.79 17.13
C27 A1EF2 LD . 38.08 -11.40 16.55
C28 A1EF2 LD . 37.13 -10.35 17.08
C29 A1EF2 LD . 37.44 -9.01 16.51
C30 A1EF2 LD . 36.89 -7.84 16.81
C31 A1EF2 LD . 37.41 -6.55 16.23
C32 A1EF2 LD . 36.34 -5.67 15.65
C33 A1EF2 LD . 36.91 -4.41 15.06
C34 A1EF2 LD . 36.24 -3.35 14.60
C35 A1EF2 LD . 34.76 -3.20 14.73
C37 A1EF2 LD . 41.08 -28.13 12.04
C38 A1EF2 LD . 39.73 -23.01 12.45
C39 A1EF2 LD . 38.97 -18.11 17.77
C40 A1EF2 LD . 36.85 -12.94 18.18
C41 A1EF2 LD . 35.72 -7.69 17.72
C42 A1EF2 LD . 36.93 -2.21 13.92
MG BCL MD . 40.38 -17.80 4.30
CHA BCL MD . 38.96 -15.73 6.57
CHB BCL MD . 42.06 -15.13 3.07
CHC BCL MD . 41.47 -19.81 1.86
CHD BCL MD . 38.09 -20.45 5.18
NA BCL MD . 40.36 -15.75 4.62
C1A BCL MD . 39.87 -15.10 5.59
C2A BCL MD . 40.24 -13.66 5.73
C3A BCL MD . 41.03 -13.45 4.45
C4A BCL MD . 41.22 -14.88 4.07
CMA BCL MD . 40.18 -12.73 3.41
CAA BCL MD . 41.13 -13.46 6.94
CBA BCL MD . 41.18 -11.98 7.32
CGA BCL MD . 42.60 -11.60 7.60
O1A BCL MD . 42.89 -10.90 8.55
O2A BCL MD . 43.65 -12.08 6.73
NB BCL MD . 41.55 -17.49 2.65
C1B BCL MD . 42.15 -16.36 2.29
C2B BCL MD . 42.85 -16.42 0.97
C3B BCL MD . 42.76 -17.88 0.67
C4B BCL MD . 41.94 -18.42 1.79
CMB BCL MD . 43.76 -15.35 0.42
CAB BCL MD . 43.43 -18.69 -0.39
OBB BCL MD . 43.50 -19.89 -0.25
CBB BCL MD . 44.00 -18.07 -1.63
NC BCL MD . 39.97 -19.74 3.74
C1C BCL MD . 40.54 -20.33 2.67
C2C BCL MD . 40.05 -21.71 2.39
C3C BCL MD . 39.32 -22.01 3.66
C4C BCL MD . 39.17 -20.62 4.20
CMC BCL MD . 39.78 -22.32 1.03
CAC BCL MD . 39.78 -23.23 4.43
CBC BCL MD . 38.82 -24.34 4.07
ND BCL MD . 38.97 -18.24 5.71
C1D BCL MD . 38.18 -19.26 6.02
C2D BCL MD . 37.16 -18.84 7.01
C3D BCL MD . 37.47 -17.42 7.25
C4D BCL MD . 38.56 -17.14 6.44
CMD BCL MD . 36.07 -19.68 7.62
CAD BCL MD . 37.10 -16.18 8.00
OBD BCL MD . 36.16 -16.05 8.84
CBD BCL MD . 38.06 -15.13 7.58
CGD BCL MD . 37.35 -13.82 7.45
O1D BCL MD . 36.62 -13.58 6.52
O2D BCL MD . 37.52 -12.81 8.47
CED BCL MD . 36.99 -11.51 8.27
C1 BCL MD . 44.94 -12.39 7.24
C2 BCL MD . 45.14 -13.89 7.18
C3 BCL MD . 45.30 -14.53 6.01
C4 BCL MD . 45.29 -13.79 4.71
C5 BCL MD . 45.50 -16.02 6.02
C6 BCL MD . 45.09 -16.59 4.66
C7 BCL MD . 46.26 -17.35 4.05
C8 BCL MD . 45.90 -17.86 2.66
C9 BCL MD . 45.26 -19.23 2.78
C10 BCL MD . 47.14 -17.88 1.79
C11 BCL MD . 47.00 -18.87 0.64
C12 BCL MD . 48.31 -19.58 0.33
C13 BCL MD . 48.12 -21.09 0.38
C14 BCL MD . 47.77 -21.57 1.77
C15 BCL MD . 49.39 -21.80 -0.11
C16 BCL MD . 49.23 -23.30 0.03
C17 BCL MD . 50.56 -23.99 0.27
C18 BCL MD . 51.02 -24.75 -0.96
C19 BCL MD . 51.82 -25.99 -0.57
C20 BCL MD . 51.82 -23.85 -1.89
C1 A1EF2 ND . 35.16 -15.60 -2.15
C5 A1EF2 ND . 37.21 -10.62 -2.36
C4 A1EF2 ND . 36.82 -13.66 -2.08
C3 A1EF2 ND . 36.33 -15.06 -1.86
C2 A1EF2 ND . 34.86 -17.04 -1.90
C6 A1EF2 ND . 34.03 -14.83 -2.77
C8 A1EF2 ND . 36.26 -12.64 -1.13
C9 A1EF2 ND . 37.08 -11.38 -1.07
C10 A1EF2 ND . 37.65 -11.00 0.08
C11 A1EF2 ND . 38.43 -9.84 0.43
C12 A1EF2 ND . 38.91 -9.64 1.70
C13 A1EF2 ND . 39.57 -8.53 2.27
C14 A1EF2 ND . 39.91 -8.47 3.64
C15 A1EF2 ND . 40.46 -7.44 4.38
C16 A1EF2 ND . 40.60 -7.47 5.75
C17 A1EF2 ND . 41.11 -6.49 6.61
C18 A1EF2 ND . 41.06 -6.61 8.02
C19 A1EF2 ND . 41.41 -5.68 8.98
C20 A1EF2 ND . 41.24 -5.69 10.36
C21 A1EF2 ND . 41.49 -4.72 11.31
C22 A1EF2 ND . 41.16 -4.70 12.67
C23 A1EF2 ND . 41.43 -3.60 13.51
C24 A1EF2 ND . 41.15 -3.44 14.86
C25 A1EF2 ND . 41.51 -2.31 15.69
C26 A1EF2 ND . 41.24 -2.14 16.98
C27 A1EF2 ND . 41.76 -0.94 17.73
C28 A1EF2 ND . 41.26 0.41 17.22
C29 A1EF2 ND . 41.96 1.56 17.87
C30 A1EF2 ND . 41.44 2.53 18.61
C31 A1EF2 ND . 42.32 3.54 19.30
C32 A1EF2 ND . 41.98 4.99 19.02
C33 A1EF2 ND . 43.05 5.93 19.51
C34 A1EF2 ND . 43.05 7.25 19.49
C35 A1EF2 ND . 44.25 8.06 19.84
C37 A1EF2 ND . 39.92 -7.38 1.40
C38 A1EF2 ND . 41.73 -5.29 6.03
C39 A1EF2 ND . 40.49 -5.89 13.25
C40 A1EF2 ND . 40.42 -3.11 17.80
C41 A1EF2 ND . 39.97 2.72 18.83
C42 A1EF2 ND . 41.84 8.06 19.11
MG BCL OD . 41.44 -15.02 -3.74
CHA BCL OD . 42.80 -12.05 -4.65
CHB BCL OD . 40.38 -13.54 -0.90
CHC BCL OD . 40.53 -18.05 -2.70
CHD BCL OD . 43.02 -16.66 -6.56
NA BCL OD . 41.70 -13.17 -2.84
C1A BCL OD . 42.16 -12.09 -3.32
C2A BCL OD . 42.04 -10.84 -2.49
C3A BCL OD . 41.44 -11.41 -1.22
C4A BCL OD . 41.10 -12.77 -1.71
CMA BCL OD . 42.47 -11.50 -0.11
CAA BCL OD . 41.07 -9.86 -3.14
CBA BCL OD . 40.96 -8.65 -2.22
CGA BCL OD . 40.24 -7.51 -2.89
O1A BCL OD . 40.52 -7.16 -4.03
O2A BCL OD . 39.21 -6.80 -2.16
NB BCL OD . 40.66 -15.70 -1.99
C1B BCL OD . 40.16 -14.98 -1.00
C2B BCL OD . 39.16 -15.66 -0.14
C3B BCL OD . 39.41 -17.07 -0.53
C4B BCL OD . 40.30 -16.96 -1.73
CMB BCL OD . 38.61 -15.08 1.12
CAB BCL OD . 38.76 -18.34 -0.05
OBB BCL OD . 38.92 -19.36 -0.69
CBB BCL OD . 37.95 -18.38 1.20
NC BCL OD . 41.73 -16.94 -4.46
C1C BCL OD . 41.25 -18.02 -3.82
C2C BCL OD . 41.60 -19.31 -4.47
C3C BCL OD . 41.98 -18.83 -5.84
C4C BCL OD . 42.23 -17.39 -5.55
CMC BCL OD . 42.04 -20.61 -3.82
CAC BCL OD . 41.14 -19.36 -6.99
CBC BCL OD . 42.10 -19.98 -7.99
ND BCL OD . 42.53 -14.58 -5.42
C1D BCL OD . 43.03 -15.21 -6.46
C2D BCL OD . 43.89 -14.30 -7.27
C3D BCL OD . 43.80 -13.02 -6.54
C4D BCL OD . 42.97 -13.27 -5.46
CMD BCL OD . 44.64 -14.61 -8.54
CAD BCL OD . 44.21 -11.59 -6.51
OBD BCL OD . 44.97 -10.99 -7.34
CBD BCL OD . 43.59 -10.99 -5.31
CGD BCL OD . 44.65 -10.19 -4.59
O1D BCL OD . 45.69 -10.71 -4.25
O2D BCL OD . 44.47 -8.78 -4.32
CED BCL OD . 45.46 -8.10 -3.56
C1 BCL OD . 39.35 -5.41 -1.92
C2 BCL OD . 38.30 -4.97 -0.93
C3 BCL OD . 37.97 -3.68 -0.82
C4 BCL OD . 38.65 -2.66 -1.69
C5 BCL OD . 36.93 -3.24 0.17
C6 BCL OD . 37.31 -3.78 1.55
C7 BCL OD . 36.85 -2.85 2.66
C8 BCL OD . 37.95 -2.70 3.71
C9 BCL OD . 38.47 -4.04 4.18
C10 BCL OD . 37.46 -1.87 4.89
C11 BCL OD . 38.28 -0.59 5.01
C12 BCL OD . 39.78 -0.84 5.00
C13 BCL OD . 40.53 0.23 5.78
C14 BCL OD . 40.29 1.63 5.22
C15 BCL OD . 42.02 -0.09 5.79
C16 BCL OD . 42.82 0.97 6.54
C17 BCL OD . 44.12 1.31 5.81
C18 BCL OD . 45.25 0.42 6.27
C19 BCL OD . 46.55 1.21 6.34
C20 BCL OD . 45.42 -0.80 5.35
C1 A1EF2 PD . 50.57 -31.54 -3.91
C5 A1EF2 PD . 50.21 -26.84 -6.23
C4 A1EF2 PD . 50.37 -29.09 -4.56
C3 A1EF2 PD . 50.40 -30.26 -3.63
C2 A1EF2 PD . 50.55 -32.62 -2.87
C6 A1EF2 PD . 50.83 -32.02 -5.31
C8 A1EF2 PD . 50.19 -27.76 -3.85
C9 A1EF2 PD . 50.02 -26.57 -4.75
C10 A1EF2 PD . 49.74 -25.38 -4.26
C11 A1EF2 PD . 49.20 -24.21 -4.92
C12 A1EF2 PD . 49.03 -22.96 -4.36
C13 A1EF2 PD . 48.25 -21.88 -4.80
C14 A1EF2 PD . 48.25 -20.62 -4.16
C15 A1EF2 PD . 47.50 -19.50 -4.44
C16 A1EF2 PD . 47.48 -18.37 -3.65
C17 A1EF2 PD . 46.74 -17.19 -3.82
C18 A1EF2 PD . 46.75 -16.15 -2.88
C19 A1EF2 PD . 46.12 -14.92 -2.91
C20 A1EF2 PD . 46.24 -13.93 -1.95
C21 A1EF2 PD . 45.80 -12.63 -1.85
C22 A1EF2 PD . 46.04 -11.72 -0.81
C23 A1EF2 PD . 45.58 -10.39 -0.84
C24 A1EF2 PD . 45.46 -9.45 0.18
C25 A1EF2 PD . 44.85 -8.17 -0.08
C26 A1EF2 PD . 44.45 -7.19 0.72
C27 A1EF2 PD . 43.79 -5.98 0.11
C28 A1EF2 PD . 43.40 -4.84 1.02
C29 A1EF2 PD . 42.81 -3.76 0.17
C30 A1EF2 PD . 42.43 -2.53 0.53
C31 A1EF2 PD . 41.90 -1.58 -0.52
C32 A1EF2 PD . 41.52 -0.20 -0.02
C33 A1EF2 PD . 41.13 0.68 -1.18
C34 A1EF2 PD . 40.77 1.96 -1.17
C35 A1EF2 PD . 40.59 2.73 0.11
C37 A1EF2 PD . 47.37 -22.05 -5.96
C38 A1EF2 PD . 45.94 -17.03 -5.03
C39 A1EF2 PD . 46.82 -12.17 0.38
C40 A1EF2 PD . 44.57 -7.19 2.22
C41 A1EF2 PD . 42.50 -2.00 1.92
C42 A1EF2 PD . 40.54 2.74 -2.42
C1 A1EF2 QD . 35.58 -10.66 -16.37
C5 A1EF2 QD . 36.41 -5.41 -16.85
C4 A1EF2 QD . 36.79 -8.48 -16.87
C3 A1EF2 QD . 36.65 -9.94 -16.63
C2 A1EF2 QD . 35.62 -12.14 -16.11
C6 A1EF2 QD . 34.20 -10.07 -16.32
C8 A1EF2 QD . 36.66 -7.64 -15.64
C9 A1EF2 QD . 37.12 -6.21 -15.79
C10 A1EF2 QD . 38.10 -5.74 -15.03
C11 A1EF2 QD . 38.61 -4.41 -14.85
C12 A1EF2 QD . 39.59 -4.09 -13.92
C13 A1EF2 QD . 40.07 -2.84 -13.48
C14 A1EF2 QD . 40.98 -2.73 -12.41
C15 A1EF2 QD . 41.49 -1.61 -11.79
C16 A1EF2 QD . 42.23 -1.62 -10.63
C17 A1EF2 QD . 42.75 -0.54 -9.88
C18 A1EF2 QD . 43.32 -0.70 -8.59
C19 A1EF2 QD . 43.72 0.29 -7.71
C20 A1EF2 QD . 44.11 0.21 -6.38
C21 A1EF2 QD . 44.41 1.20 -5.46
C22 A1EF2 QD . 44.73 1.07 -4.10
C23 A1EF2 QD . 45.00 2.17 -3.26
C24 A1EF2 QD . 45.38 2.17 -1.93
C25 A1EF2 QD . 45.43 3.27 -0.99
C26 A1EF2 QD . 45.78 3.18 0.29
C27 A1EF2 QD . 45.56 4.33 1.25
C28 A1EF2 QD . 46.18 5.64 0.84
C29 A1EF2 QD . 46.38 6.59 1.97
C30 A1EF2 QD . 46.04 7.88 2.05
C31 A1EF2 QD . 46.85 8.87 2.84
C32 A1EF2 QD . 46.47 10.31 2.59
C33 A1EF2 QD . 47.57 11.27 2.92
C34 A1EF2 QD . 47.57 12.60 2.81
C35 A1EF2 QD . 48.79 13.44 2.99
C37 A1EF2 QD . 39.63 -1.61 -14.17
C38 A1EF2 QD . 42.69 0.81 -10.48
C39 A1EF2 QD . 44.76 -0.28 -3.50
C40 A1EF2 QD . 46.43 1.96 0.88
C41 A1EF2 QD . 44.81 8.45 1.40
C42 A1EF2 QD . 46.33 13.38 2.50
N1 LDA RD . 33.08 3.49 -11.26
O1 LDA RD . 33.97 3.14 -10.45
CM1 LDA RD . 31.77 3.35 -10.62
CM2 LDA RD . 33.14 2.64 -12.45
C1 LDA RD . 33.29 4.90 -11.62
C2 LDA RD . 34.64 5.05 -12.30
C3 LDA RD . 35.06 6.50 -12.39
C4 LDA RD . 35.46 7.03 -11.01
C5 LDA RD . 36.14 8.39 -11.12
C6 LDA RD . 36.75 8.76 -9.78
C7 LDA RD . 35.69 8.78 -8.69
C8 LDA RD . 35.09 10.18 -8.53
C9 LDA RD . 33.75 10.11 -7.83
C10 LDA RD . 33.34 11.47 -7.28
C11 LDA RD . 33.51 12.57 -8.33
C12 LDA RD . 33.11 13.91 -7.76
C1 A1EF2 SD . 29.79 -5.25 -29.28
C5 A1EF2 SD . 29.84 0.08 -29.85
C4 A1EF2 SD . 30.54 -2.94 -30.08
C3 A1EF2 SD . 30.65 -4.41 -29.84
C2 A1EF2 SD . 30.08 -6.70 -29.10
C6 A1EF2 SD . 28.44 -4.81 -28.80
C8 A1EF2 SD . 30.68 -2.12 -28.83
C9 A1EF2 SD . 30.91 -0.64 -29.06
C10 A1EF2 SD . 32.00 -0.07 -28.59
C11 A1EF2 SD . 32.37 1.32 -28.44
C12 A1EF2 SD . 33.58 1.71 -27.90
C13 A1EF2 SD . 34.03 2.99 -27.50
C14 A1EF2 SD . 35.24 3.17 -26.81
C15 A1EF2 SD . 35.76 4.30 -26.22
C16 A1EF2 SD . 36.90 4.38 -25.43
C17 A1EF2 SD . 37.43 5.49 -24.75
C18 A1EF2 SD . 38.49 5.40 -23.82
C19 A1EF2 SD . 39.02 6.41 -23.03
C20 A1EF2 SD . 39.94 6.41 -21.99
C21 A1EF2 SD . 40.37 7.43 -21.18
C22 A1EF2 SD . 41.20 7.38 -20.04
C23 A1EF2 SD . 41.50 8.50 -19.24
C24 A1EF2 SD . 42.33 8.56 -18.12
C25 A1EF2 SD . 42.56 9.63 -17.18
C26 A1EF2 SD . 43.41 9.56 -16.17
C27 A1EF2 SD . 43.53 10.66 -15.14
C28 A1EF2 SD . 43.47 12.07 -15.69
C29 A1EF2 SD . 44.14 13.09 -14.81
C30 A1EF2 SD . 43.58 14.07 -14.10
C31 A1EF2 SD . 44.39 15.27 -13.67
C32 A1EF2 SD . 43.65 16.57 -13.91
C33 A1EF2 SD . 44.52 17.79 -13.90
C34 A1EF2 SD . 44.15 19.06 -13.97
C35 A1EF2 SD . 45.13 20.19 -14.10
C37 A1EF2 SD . 33.20 4.16 -27.82
C38 A1EF2 SD . 36.85 6.82 -25.03
C39 A1EF2 SD . 41.76 6.07 -19.65
C40 A1EF2 SD . 44.32 8.38 -15.95
C41 A1EF2 SD . 42.15 14.09 -13.68
C42 A1EF2 SD . 42.71 19.48 -13.94
MG BCL TD . 42.77 -12.11 -12.42
CHA BCL TD . 42.03 -10.28 -9.68
CHB BCL TD . 43.39 -9.22 -14.07
CHC BCL TD . 43.24 -13.95 -15.17
CHD BCL TD . 41.14 -14.99 -11.01
NA BCL TD . 42.57 -10.10 -12.01
C1A BCL TD . 42.45 -9.53 -10.89
C2A BCL TD . 42.76 -8.06 -10.83
C3A BCL TD . 42.73 -7.72 -12.30
C4A BCL TD . 42.94 -9.11 -12.82
CMA BCL TD . 41.36 -7.23 -12.74
CAA BCL TD . 44.15 -7.88 -10.26
CBA BCL TD . 44.17 -6.85 -9.15
CGA BCL TD . 43.87 -5.48 -9.71
O1A BCL TD . 42.96 -4.83 -9.29
O2A BCL TD . 44.69 -4.96 -10.79
NB BCL TD . 43.37 -11.65 -14.31
C1B BCL TD . 43.48 -10.45 -14.86
C2B BCL TD . 43.86 -10.42 -16.30
C3B BCL TD . 43.94 -11.88 -16.58
C4B BCL TD . 43.62 -12.53 -15.28
CMB BCL TD . 44.57 -9.28 -16.96
CAB BCL TD . 44.21 -12.60 -17.87
OBB BCL TD . 44.40 -13.80 -17.85
CBB BCL TD . 44.21 -11.87 -19.17
NC BCL TD . 42.41 -14.08 -12.93
C1C BCL TD . 42.67 -14.58 -14.14
C2C BCL TD . 42.27 -16.00 -14.33
C3C BCL TD . 41.99 -16.40 -12.91
C4C BCL TD . 41.88 -15.05 -12.28
CMC BCL TD . 41.68 -16.63 -15.58
CAC BCL TD . 42.82 -17.56 -12.35
CBC BCL TD . 42.03 -18.81 -12.67
ND BCL TD . 41.99 -12.76 -10.65
C1D BCL TD . 41.45 -13.86 -10.15
C2D BCL TD . 40.76 -13.57 -8.87
C3D BCL TD . 41.00 -12.12 -8.66
C4D BCL TD . 41.73 -11.72 -9.76
CMD BCL TD . 40.02 -14.53 -7.98
CAD BCL TD . 40.78 -10.95 -7.78
OBD BCL TD . 40.14 -10.94 -6.67
CBD BCL TD . 41.44 -9.79 -8.43
CGD BCL TD . 40.52 -8.61 -8.32
O1D BCL TD . 39.55 -8.52 -9.04
O2D BCL TD . 40.78 -7.57 -7.35
CED BCL TD . 40.08 -6.34 -7.45
C1 BCL TD . 45.95 -4.32 -10.52
C2 BCL TD . 47.03 -5.30 -10.91
C3 BCL TD . 47.29 -5.61 -12.19
C4 BCL TD . 46.50 -5.00 -13.32
C5 BCL TD . 48.39 -6.60 -12.50
C6 BCL TD . 48.03 -7.96 -11.88
C7 BCL TD . 47.09 -8.77 -12.77
C8 BCL TD . 47.74 -10.04 -13.32
C9 BCL TD . 49.25 -10.07 -13.10
C10 BCL TD . 47.42 -10.19 -14.80
C11 BCL TD . 47.75 -11.60 -15.26
C12 BCL TD . 47.95 -11.68 -16.77
C13 BCL TD . 48.15 -13.12 -17.23
C14 BCL TD . 49.06 -13.88 -16.26
C15 BCL TD . 48.72 -13.16 -18.65
C16 BCL TD . 48.96 -14.61 -19.05
C17 BCL TD . 49.93 -14.74 -20.23
C18 BCL TD . 50.60 -16.11 -20.20
C19 BCL TD . 51.31 -16.35 -18.87
C20 BCL TD . 51.58 -16.28 -21.36
N1 LDA UD . 29.87 -22.23 -20.80
O1 LDA UD . 30.95 -22.42 -20.20
CM1 LDA UD . 30.14 -21.85 -22.19
CM2 LDA UD . 29.10 -23.48 -20.79
C1 LDA UD . 29.12 -21.17 -20.11
C2 LDA UD . 29.99 -19.93 -20.04
C3 LDA UD . 29.35 -18.84 -19.18
C4 LDA UD . 28.17 -18.20 -19.87
C5 LDA UD . 27.91 -16.82 -19.28
C6 LDA UD . 26.89 -16.04 -20.09
C7 LDA UD . 26.82 -14.58 -19.67
C8 LDA UD . 25.95 -13.78 -20.61
MG BCL VD . 40.63 -9.17 -20.09
CHA BCL VD . 41.30 -6.01 -21.12
CHB BCL VD . 40.62 -8.02 -16.91
CHC BCL VD . 40.49 -12.36 -19.09
CHD BCL VD . 40.80 -10.39 -23.44
NA BCL VD . 41.02 -7.36 -19.16
C1A BCL VD . 41.15 -6.20 -19.66
C2A BCL VD . 41.17 -5.03 -18.72
C3A BCL VD . 41.10 -5.73 -17.38
C4A BCL VD . 40.86 -7.13 -17.85
CMA BCL VD . 42.41 -5.67 -16.61
CAA BCL VD . 39.93 -4.16 -18.90
CBA BCL VD . 40.06 -2.97 -17.99
CGA BCL VD . 38.94 -2.00 -18.23
O1A BCL VD . 38.15 -2.17 -19.12
O2A BCL VD . 38.80 -0.82 -17.39
NB BCL VD . 40.46 -10.05 -18.26
C1B BCL VD . 40.53 -9.48 -17.07
C2B BCL VD . 40.20 -10.35 -15.92
C3B BCL VD . 39.98 -11.65 -16.61
C4B BCL VD . 40.35 -11.36 -18.03
CMB BCL VD . 39.59 -9.85 -14.64
CAB BCL VD . 39.78 -13.02 -16.05
OBB BCL VD . 40.05 -14.00 -16.71
CBB BCL VD . 39.26 -13.21 -14.66
NC BCL VD . 40.78 -10.99 -21.05
C1C BCL VD . 40.77 -12.16 -20.38
C2C BCL VD . 41.10 -13.33 -21.24
C3C BCL VD . 40.85 -12.77 -22.61
C4C BCL VD . 40.80 -11.31 -22.30
CMC BCL VD . 42.02 -14.49 -20.88
CAC BCL VD . 39.85 -13.53 -23.45
CBC BCL VD . 40.49 -13.76 -24.79
ND BCL VD . 41.17 -8.52 -21.96
C1D BCL VD . 41.28 -9.03 -23.17
C2D BCL VD . 41.49 -7.96 -24.17
C3D BCL VD . 41.50 -6.72 -23.35
C4D BCL VD . 41.31 -7.15 -22.04
CMD BCL VD . 41.66 -8.08 -25.66
CAD BCL VD . 41.63 -5.25 -23.34
OBD BCL VD . 41.83 -4.49 -24.35
CBD BCL VD . 41.51 -4.80 -21.94
CGD BCL VD . 42.59 -3.79 -21.67
O1D BCL VD . 43.76 -4.08 -21.79
O2D BCL VD . 42.26 -2.44 -21.27
CED BCL VD . 43.32 -1.58 -20.88
C1 BCL VD . 37.83 0.15 -17.72
C2 BCL VD . 37.01 0.48 -16.50
C3 BCL VD . 37.17 1.65 -15.87
C4 BCL VD . 38.18 2.64 -16.39
C5 BCL VD . 36.34 1.97 -14.65
C6 BCL VD . 36.95 1.43 -13.37
C7 BCL VD . 37.42 2.59 -12.50
C8 BCL VD . 37.99 2.08 -11.19
C9 BCL VD . 37.26 2.70 -10.00
C10 BCL VD . 39.48 2.38 -11.12
C11 BCL VD . 39.76 3.89 -11.12
C12 BCL VD . 41.15 4.17 -10.54
C13 BCL VD . 41.20 5.45 -9.72
C14 BCL VD . 39.85 5.76 -9.07
C15 BCL VD . 41.65 6.61 -10.59
C16 BCL VD . 43.04 7.08 -10.21
C17 BCL VD . 44.13 6.22 -10.83
C18 BCL VD . 45.22 7.09 -11.44
C19 BCL VD . 46.17 6.26 -12.30
C20 BCL VD . 45.98 7.86 -10.37
P PGV WD . 26.80 15.74 -18.52
C01 PGV WD . 27.70 12.08 -20.57
C02 PGV WD . 28.86 12.59 -19.74
C03 PGV WD . 28.47 13.78 -18.88
C04 PGV WD . 24.61 17.15 -18.54
C05 PGV WD . 23.22 17.26 -19.18
C06 PGV WD . 23.36 17.62 -20.65
O01 PGV WD . 30.01 12.90 -20.57
O02 PGV WD . 28.96 14.49 -21.91
O03 PGV WD . 26.65 11.64 -19.70
O04 PGV WD . 25.74 10.23 -21.30
O05 PGV WD . 22.47 18.28 -18.52
O06 PGV WD . 22.05 17.83 -21.20
O11 PGV WD . 27.36 14.50 -19.40
O12 PGV WD . 25.40 16.14 -19.18
O13 PGV WD . 27.76 16.90 -18.69
O14 PGV WD . 26.51 15.20 -17.14
C1 PGV WD . 29.74 13.57 -21.84
C2 PGV WD . 30.47 13.11 -23.07
C3 PGV WD . 29.62 13.37 -24.31
C4 PGV WD . 29.21 12.07 -24.97
C5 PGV WD . 28.47 11.15 -24.00
C6 PGV WD . 28.28 9.77 -24.62
C7 PGV WD . 27.78 8.76 -23.60
C8 PGV WD . 27.81 7.35 -24.19
C9 PGV WD . 27.83 6.30 -23.08
C10 PGV WD . 26.54 6.32 -22.26
C11 PGV WD . 26.78 5.65 -20.94
C12 PGV WD . 26.39 6.24 -19.81
C13 PGV WD . 26.61 5.59 -18.47
C14 PGV WD . 26.87 6.67 -17.43
C19 PGV WD . 25.59 10.79 -20.22
C20 PGV WD . 24.31 10.62 -19.44
C21 PGV WD . 23.43 9.64 -20.21
C22 PGV WD . 22.19 9.23 -19.41
C23 PGV WD . 21.71 7.87 -19.89
C24 PGV WD . 22.85 6.87 -19.85
C25 PGV WD . 22.49 5.58 -20.58
C26 PGV WD . 22.26 5.84 -22.06
C27 PGV WD . 21.86 4.56 -22.77
C28 PGV WD . 20.49 4.07 -22.31
C29 PGV WD . 19.40 5.08 -22.68
C30 PGV WD . 18.02 4.49 -22.45
C1 A1EF2 XD . 51.65 -23.54 -24.78
C5 A1EF2 XD . 49.30 -19.15 -26.32
C4 A1EF2 XD . 50.56 -21.26 -25.04
C3 A1EF2 XD . 51.23 -22.38 -24.31
C2 A1EF2 XD . 52.26 -24.60 -23.92
C6 A1EF2 XD . 51.57 -23.88 -26.24
C8 A1EF2 XD . 50.25 -20.08 -24.15
C9 A1EF2 XD . 49.57 -18.93 -24.86
C10 A1EF2 XD . 49.28 -17.81 -24.21
C11 A1EF2 XD . 48.44 -16.71 -24.62
C12 A1EF2 XD . 48.31 -15.51 -23.96
C13 A1EF2 XD . 47.31 -14.53 -24.06
C14 A1EF2 XD . 47.35 -13.31 -23.36
C15 A1EF2 XD . 46.38 -12.35 -23.21
C16 A1EF2 XD . 46.49 -11.24 -22.40
C17 A1EF2 XD . 45.56 -10.24 -22.12
C18 A1EF2 XD . 45.80 -9.19 -21.22
C19 A1EF2 XD . 45.03 -8.10 -20.89
C20 A1EF2 XD . 45.33 -7.14 -19.93
C21 A1EF2 XD . 44.79 -5.92 -19.59
C22 A1EF2 XD . 45.15 -5.05 -18.55
C23 A1EF2 XD . 44.58 -3.77 -18.38
C24 A1EF2 XD . 44.58 -2.93 -17.28
C25 A1EF2 XD . 43.78 -1.74 -17.14
C26 A1EF2 XD . 43.51 -1.01 -16.07
C27 A1EF2 XD . 42.60 0.19 -16.17
C28 A1EF2 XD . 42.33 0.95 -14.89
C29 A1EF2 XD . 41.52 2.18 -15.15
C30 A1EF2 XD . 41.82 3.44 -14.88
C31 A1EF2 XD . 41.15 4.58 -15.60
C32 A1EF2 XD . 40.45 5.57 -14.69
C33 A1EF2 XD . 39.90 6.74 -15.46
C34 A1EF2 XD . 39.28 7.81 -14.99
C35 A1EF2 XD . 38.94 7.99 -13.54
C37 A1EF2 XD . 46.12 -14.80 -24.90
C38 A1EF2 XD . 44.25 -10.31 -22.79
C39 A1EF2 XD . 46.16 -5.50 -17.56
C40 A1EF2 XD . 44.06 -1.30 -14.70
C41 A1EF2 XD . 42.83 3.85 -13.85
C42 A1EF2 XD . 38.86 8.95 -15.86
MG BCL YD . 38.13 -5.69 -28.46
CHA BCL YD . 38.25 -4.10 -25.50
CHB BCL YD . 37.85 -2.66 -29.97
CHC BCL YD . 37.64 -7.32 -31.34
CHD BCL YD . 37.67 -8.82 -26.82
NA BCL YD . 37.92 -3.73 -27.85
C1A BCL YD . 38.09 -3.24 -26.69
C2A BCL YD . 38.12 -1.74 -26.56
C3A BCL YD . 37.74 -1.32 -27.97
C4A BCL YD . 37.86 -2.66 -28.64
CMA BCL YD . 36.29 -0.86 -28.01
CAA BCL YD . 39.54 -1.31 -26.22
CBA BCL YD . 39.52 -0.11 -25.28
CGA BCL YD . 40.07 1.07 -26.01
O1A BCL YD . 39.44 2.10 -26.12
O2A BCL YD . 41.41 0.98 -26.57
NB BCL YD . 38.03 -5.08 -30.40
C1B BCL YD . 37.92 -3.84 -30.86
C2B BCL YD . 37.78 -3.70 -32.33
C3B BCL YD . 37.55 -5.12 -32.72
C4B BCL YD . 37.83 -5.87 -31.46
CMB BCL YD . 37.35 -2.44 -33.04
CAB BCL YD . 37.50 -5.75 -34.07
OBB BCL YD . 37.95 -6.88 -34.22
CBB BCL YD . 36.90 -5.03 -35.24
NC BCL YD . 37.82 -7.66 -28.98
C1C BCL YD . 37.62 -8.07 -30.23
C2C BCL YD . 37.33 -9.53 -30.36
C3C BCL YD . 37.84 -10.01 -29.02
C4C BCL YD . 37.78 -8.73 -28.27
CMC BCL YD . 36.29 -10.22 -31.23
CAC BCL YD . 39.01 -10.99 -29.06
CBC BCL YD . 38.45 -12.34 -28.69
ND BCL YD . 38.34 -6.52 -26.60
C1D BCL YD . 38.21 -7.71 -26.05
C2D BCL YD . 37.95 -7.59 -24.60
C3D BCL YD . 37.97 -6.13 -24.36
C4D BCL YD . 38.21 -5.56 -25.60
CMD BCL YD . 37.73 -8.69 -23.61
CAD BCL YD . 37.84 -5.04 -23.35
OBD BCL YD . 37.63 -5.18 -22.10
CBD BCL YD . 38.04 -3.76 -24.07
CGD BCL YD . 37.12 -2.70 -23.54
O1D BCL YD . 35.94 -2.68 -23.83
O2D BCL YD . 37.66 -1.68 -22.68
CED BCL YD . 36.94 -0.46 -22.49
C1 BCL YD . 41.57 1.07 -27.98
C2 BCL YD . 41.98 -0.29 -28.46
C3 BCL YD . 41.71 -0.69 -29.70
C4 BCL YD . 40.98 0.24 -30.63
C5 BCL YD . 42.12 -2.07 -30.16
C6 BCL YD . 41.23 -2.47 -31.32
C7 BCL YD . 41.51 -3.90 -31.78
C8 BCL YD . 41.70 -3.96 -33.28
C9 BCL YD . 40.80 -2.97 -34.02
C10 BCL YD . 41.46 -5.37 -33.78
C11 BCL YD . 41.39 -5.39 -35.30
C12 BCL YD . 41.88 -6.72 -35.85
C13 BCL YD . 42.65 -6.52 -37.15
C14 BCL YD . 41.84 -5.68 -38.12
C15 BCL YD . 43.02 -7.87 -37.74
C16 BCL YD . 43.51 -7.72 -39.18
C17 BCL YD . 43.71 -9.08 -39.83
C18 BCL YD . 45.18 -9.32 -40.15
C19 BCL YD . 45.35 -10.51 -41.10
C20 BCL YD . 45.99 -9.54 -38.87
MG BCL ZD . 33.05 -2.80 -34.55
CHA BCL ZD . 32.86 0.46 -35.47
CHB BCL ZD . 34.13 -1.76 -31.50
CHC BCL ZD . 33.77 -5.99 -33.86
CHD BCL ZD . 32.64 -3.86 -38.00
NA BCL ZD . 33.51 -0.98 -33.66
C1A BCL ZD . 33.30 0.20 -34.08
C2A BCL ZD . 33.52 1.34 -33.13
C3A BCL ZD . 34.06 0.59 -31.91
C4A BCL ZD . 33.91 -0.81 -32.40
CMA BCL ZD . 35.54 0.90 -31.68
CAA BCL ZD . 32.21 2.01 -32.75
CBA BCL ZD . 32.53 3.39 -32.16
CGA BCL ZD . 31.28 3.97 -31.55
O1A BCL ZD . 30.25 3.35 -31.52
O2A BCL ZD . 31.31 5.30 -30.98
NB BCL ZD . 33.73 -3.74 -32.88
C1B BCL ZD . 33.94 -3.20 -31.69
C2B BCL ZD . 33.96 -4.15 -30.56
C3B BCL ZD . 34.06 -5.44 -31.30
C4B BCL ZD . 33.91 -5.04 -32.73
CMB BCL ZD . 34.41 -3.80 -29.16
CAB BCL ZD . 34.13 -6.85 -30.80
OBB BCL ZD . 34.20 -7.76 -31.60
CBB BCL ZD . 34.10 -7.16 -29.34
NC BCL ZD . 33.13 -4.55 -35.66
C1C BCL ZD . 33.45 -5.73 -35.13
C2C BCL ZD . 33.44 -6.85 -36.11
C3C BCL ZD . 32.63 -6.24 -37.21
C4C BCL ZD . 32.82 -4.80 -36.88
CMC BCL ZD . 34.45 -7.98 -36.27
CAC BCL ZD . 31.30 -6.92 -37.52
CBC BCL ZD . 31.25 -7.10 -39.02
ND BCL ZD . 32.67 -2.02 -36.40
C1D BCL ZD . 32.42 -2.46 -37.62
C2D BCL ZD . 32.26 -1.34 -38.58
C3D BCL ZD . 32.43 -0.14 -37.70
C4D BCL ZD . 32.67 -0.64 -36.43
CMD BCL ZD . 31.97 -1.38 -40.04
CAD BCL ZD . 32.45 1.34 -37.64
OBD BCL ZD . 32.27 2.15 -38.62
CBD BCL ZD . 32.72 1.72 -36.24
CGD BCL ZD . 33.74 2.81 -36.24
O1D BCL ZD . 34.87 2.61 -36.64
O2D BCL ZD . 33.41 4.15 -35.79
CED BCL ZD . 34.44 5.10 -35.62
C1 BCL ZD . 30.09 5.89 -30.52
C2 BCL ZD . 30.20 6.21 -29.05
C3 BCL ZD . 30.05 7.47 -28.62
C4 BCL ZD . 29.78 8.56 -29.60
C5 BCL ZD . 30.15 7.79 -27.14
C6 BCL ZD . 31.55 7.50 -26.60
C7 BCL ZD . 31.50 7.10 -25.13
C8 BCL ZD . 32.57 7.80 -24.30
C9 BCL ZD . 32.23 7.75 -22.81
C10 BCL ZD . 32.72 9.26 -24.75
C11 BCL ZD . 34.18 9.59 -25.03
C12 BCL ZD . 34.40 11.11 -25.03
C13 BCL ZD . 35.27 11.54 -23.87
C14 BCL ZD . 34.65 11.15 -22.53
C15 BCL ZD . 35.50 13.05 -23.92
C16 BCL ZD . 36.93 13.39 -24.31
C17 BCL ZD . 37.10 13.56 -25.82
C18 BCL ZD . 38.37 12.87 -26.30
C19 BCL ZD . 39.13 13.76 -27.27
C20 BCL ZD . 38.06 11.52 -26.92
C1 A1EF2 AE . 19.07 -0.32 -39.71
C5 A1EF2 AE . 18.36 4.96 -39.69
C4 A1EF2 AE . 19.36 2.09 -40.49
C3 A1EF2 AE . 19.69 0.63 -40.39
C2 A1EF2 AE . 19.57 -1.73 -39.67
C6 A1EF2 AE . 17.80 -0.09 -38.96
C8 A1EF2 AE . 19.73 2.86 -39.23
C9 A1EF2 AE . 19.70 4.36 -39.40
C10 A1EF2 AE . 20.83 5.06 -39.27
C11 A1EF2 AE . 21.05 6.47 -39.16
C12 A1EF2 AE . 22.30 7.02 -39.01
C13 A1EF2 AE . 22.70 8.33 -38.71
C14 A1EF2 AE . 24.04 8.67 -38.49
C15 A1EF2 AE . 24.58 9.87 -38.11
C16 A1EF2 AE . 25.90 10.05 -37.71
C17 A1EF2 AE . 26.54 11.20 -37.26
C18 A1EF2 AE . 27.81 11.20 -36.66
C19 A1EF2 AE . 28.48 12.25 -36.07
C20 A1EF2 AE . 29.60 12.26 -35.24
C21 A1EF2 AE . 30.20 13.33 -34.59
C22 A1EF2 AE . 31.24 13.30 -33.66
C23 A1EF2 AE . 31.80 14.48 -33.11
C24 A1EF2 AE . 32.85 14.59 -32.22
C25 A1EF2 AE . 33.48 15.77 -31.70
C26 A1EF2 AE . 34.51 15.78 -30.87
C27 A1EF2 AE . 35.16 17.07 -30.44
C28 A1EF2 AE . 34.35 17.79 -29.37
C29 A1EF2 AE . 35.04 18.97 -28.74
C30 A1EF2 AE . 34.59 20.21 -28.62
C31 A1EF2 AE . 35.42 21.28 -27.98
C32 A1EF2 AE . 34.69 22.60 -27.76
C33 A1EF2 AE . 35.33 23.74 -28.50
C34 A1EF2 AE . 35.02 25.03 -28.45
C35 A1EF2 AE . 35.66 26.06 -29.34
C37 A1EF2 AE . 21.67 9.38 -38.62
C38 A1EF2 AE . 25.85 12.50 -37.44
C39 A1EF2 AE . 31.78 12.00 -33.24
C40 A1EF2 AE . 35.09 14.54 -30.26
C41 A1EF2 AE . 33.23 20.65 -29.10
C42 A1EF2 AE . 34.02 25.57 -27.48
C1 A1EF2 BE . 5.96 4.13 -46.88
C5 A1EF2 BE . 4.59 8.95 -47.20
C4 A1EF2 BE . 6.18 6.17 -45.40
C3 A1EF2 BE . 6.23 5.41 -46.69
C2 A1EF2 BE . 5.39 3.25 -45.81
C6 A1EF2 BE . 6.21 3.43 -48.18
C8 A1EF2 BE . 5.14 7.26 -45.37
C9 A1EF2 BE . 5.51 8.54 -46.08
C10 A1EF2 BE . 6.57 9.24 -45.71
C11 A1EF2 BE . 6.87 10.62 -46.01
C12 A1EF2 BE . 8.08 11.26 -45.78
C13 A1EF2 BE . 8.37 12.63 -45.74
C14 A1EF2 BE . 9.68 13.11 -45.65
C15 A1EF2 BE . 10.15 14.40 -45.50
C16 A1EF2 BE . 11.48 14.76 -45.39
C17 A1EF2 BE . 12.04 16.02 -45.12
C18 A1EF2 BE . 13.42 16.24 -45.00
C19 A1EF2 BE . 14.09 17.38 -44.61
C20 A1EF2 BE . 15.39 17.61 -44.21
C21 A1EF2 BE . 15.94 18.72 -43.60
C22 A1EF2 BE . 17.23 18.88 -43.05
C23 A1EF2 BE . 17.61 20.02 -42.32
C24 A1EF2 BE . 18.85 20.36 -41.81
C25 A1EF2 BE . 19.12 21.48 -40.94
C26 A1EF2 BE . 20.29 21.94 -40.51
C27 A1EF2 BE . 20.32 23.06 -39.49
C28 A1EF2 BE . 20.90 24.36 -40.02
C29 A1EF2 BE . 20.51 25.54 -39.20
C30 A1EF2 BE . 21.29 26.42 -38.58
C31 A1EF2 BE . 20.71 27.57 -37.79
C32 A1EF2 BE . 21.11 28.93 -38.31
C33 A1EF2 BE . 20.51 30.06 -37.52
C34 A1EF2 BE . 20.69 31.36 -37.67
C35 A1EF2 BE . 21.58 31.94 -38.73
C37 A1EF2 BE . 7.26 13.61 -45.79
C38 A1EF2 BE . 11.14 17.18 -44.97
C39 A1EF2 BE . 18.22 17.81 -43.25
C40 A1EF2 BE . 21.62 21.43 -40.95
C41 A1EF2 BE . 22.79 26.35 -38.58
C42 A1EF2 BE . 20.02 32.38 -36.79
C1 A1EF2 CE . 43.25 -15.19 -43.98
C5 A1EF2 CE . 40.19 -10.98 -44.07
C4 A1EF2 CE . 41.92 -13.06 -43.52
C3 A1EF2 CE . 42.97 -14.11 -43.25
C2 A1EF2 CE . 44.34 -16.13 -43.61
C6 A1EF2 CE . 42.50 -15.54 -45.22
C8 A1EF2 CE . 41.94 -11.95 -42.51
C9 A1EF2 CE . 40.96 -10.85 -42.79
C10 A1EF2 CE . 40.83 -9.82 -41.96
C11 A1EF2 CE . 39.76 -8.85 -41.89
C12 A1EF2 CE . 39.75 -7.73 -41.08
C13 A1EF2 CE . 38.67 -6.92 -40.69
C14 A1EF2 CE . 38.83 -5.73 -39.96
C15 A1EF2 CE . 37.88 -4.88 -39.45
C16 A1EF2 CE . 38.19 -3.79 -38.66
C17 A1EF2 CE . 37.35 -2.87 -38.02
C18 A1EF2 CE . 37.83 -1.88 -37.16
C19 A1EF2 CE . 37.17 -0.86 -36.52
C20 A1EF2 CE . 37.69 0.11 -35.65
C21 A1EF2 CE . 37.09 1.23 -35.11
C22 A1EF2 CE . 37.61 2.16 -34.18
C23 A1EF2 CE . 36.88 3.28 -33.76
C24 A1EF2 CE . 37.01 4.06 -32.63
C25 A1EF2 CE . 36.08 5.11 -32.26
C26 A1EF2 CE . 35.89 5.69 -31.08
C27 A1EF2 CE . 34.86 6.77 -30.94
C28 A1EF2 CE . 34.67 7.34 -29.55
C29 A1EF2 CE . 33.65 8.43 -29.54
C30 A1EF2 CE . 33.83 9.71 -29.24
C31 A1EF2 CE . 32.73 10.72 -29.44
C32 A1EF2 CE . 32.27 11.41 -28.17
C33 A1EF2 CE . 31.18 12.41 -28.44
C34 A1EF2 CE . 31.18 13.71 -28.16
C35 A1EF2 CE . 32.28 14.37 -27.40
C37 A1EF2 CE . 37.29 -7.34 -41.04
C38 A1EF2 CE . 35.89 -2.96 -38.25
C39 A1EF2 CE . 38.98 1.95 -33.65
C40 A1EF2 CE . 36.64 5.33 -29.83
C41 A1EF2 CE . 35.09 10.27 -28.69
C42 A1EF2 CE . 30.08 14.62 -28.61
MG BCL DE . 27.61 0.56 -41.28
CHA BCL DE . 28.43 2.01 -38.35
CHB BCL DE . 26.50 3.58 -42.34
CHC BCL DE . 26.42 -1.00 -44.00
CHD BCL DE . 27.88 -2.70 -39.78
NA BCL DE . 27.39 2.45 -40.46
C1A BCL DE . 27.88 2.91 -39.38
C2A BCL DE . 27.90 4.40 -39.20
C3A BCL DE . 26.98 4.81 -40.33
C4A BCL DE . 27.04 3.55 -41.13
CMA BCL DE . 25.56 5.02 -39.83
CAA BCL DE . 29.32 4.90 -39.40
CBA BCL DE . 29.62 6.07 -38.47
CGA BCL DE . 29.21 7.35 -39.15
O1A BCL DE . 28.27 8.01 -38.74
O2A BCL DE . 29.97 7.82 -40.28
NB BCL DE . 26.69 1.22 -42.97
C1B BCL DE . 26.18 2.43 -43.19
C2B BCL DE . 25.54 2.62 -44.53
C3B BCL DE . 25.73 1.26 -45.11
C4B BCL DE . 26.38 0.48 -44.03
CMB BCL DE . 25.45 3.95 -45.23
CAB BCL DE . 25.30 0.71 -46.44
OBB BCL DE . 25.73 -0.37 -46.81
CBB BCL DE . 24.33 1.46 -47.30
NC BCL DE . 27.35 -1.41 -41.83
C1C BCL DE . 26.85 -1.79 -43.02
C2C BCL DE . 26.78 -3.26 -43.21
C3C BCL DE . 27.61 -3.75 -42.06
C4C BCL DE . 27.60 -2.52 -41.21
CMC BCL DE . 25.68 -4.05 -43.92
CAC BCL DE . 28.84 -4.56 -42.43
CBC BCL DE . 28.48 -6.00 -42.10
ND BCL DE . 28.32 -0.34 -39.58
C1D BCL DE . 28.51 -1.56 -39.12
C2D BCL DE . 28.79 -1.52 -37.67
C3D BCL DE . 28.78 -0.07 -37.34
C4D BCL DE . 28.47 0.56 -38.53
CMD BCL DE . 29.07 -2.67 -36.74
CAD BCL DE . 28.93 0.96 -36.29
OBD BCL DE . 29.21 0.75 -35.05
CBD BCL DE . 28.73 2.27 -36.92
CGD BCL DE . 27.91 3.18 -36.04
O1D BCL DE . 26.73 2.94 -35.82
O2D BCL DE . 28.52 4.34 -35.44
CED BCL DE . 27.69 5.36 -34.92
C1 BCL DE . 29.31 7.94 -41.54
C2 BCL DE . 29.69 6.72 -42.33
C3 BCL DE . 30.57 6.77 -43.34
C4 BCL DE . 31.20 8.08 -43.69
C5 BCL DE . 30.93 5.50 -44.07
C6 BCL DE . 29.75 4.53 -44.00
C7 BCL DE . 29.15 4.30 -45.39
C8 BCL DE . 29.39 2.89 -45.88
C9 BCL DE . 30.82 2.72 -46.37
C10 BCL DE . 28.38 2.54 -46.96
C11 BCL DE . 28.85 1.37 -47.81
C12 BCL DE . 28.60 1.60 -49.29
C13 BCL DE . 28.71 0.30 -50.07
C14 BCL DE . 29.89 -0.53 -49.56
C15 BCL DE . 28.87 0.59 -51.56
C16 BCL DE . 28.99 -0.69 -52.38
C17 BCL DE . 30.33 -0.77 -53.09
C18 BCL DE . 30.19 -1.44 -54.45
C19 BCL DE . 31.31 -2.45 -54.67
C20 BCL DE . 30.18 -0.40 -55.56
C1B LMT EE . 3.86 -11.70 -42.81
C2B LMT EE . 3.76 -13.17 -42.42
C3B LMT EE . 4.75 -14.03 -43.20
C4B LMT EE . 4.62 -13.76 -44.69
C5B LMT EE . 4.78 -12.29 -44.97
C6B LMT EE . 4.58 -12.01 -46.45
O1B LMT EE . 5.07 -11.15 -42.28
O2B LMT EE . 3.99 -13.33 -41.02
O3B LMT EE . 4.51 -15.42 -42.95
O4' LMT EE . 5.63 -14.50 -45.39
O5B LMT EE . 3.81 -11.54 -44.23
O6B LMT EE . 3.24 -12.32 -46.83
C1' LMT EE . 5.86 -7.28 -41.10
C2' LMT EE . 4.55 -7.41 -41.84
C3' LMT EE . 4.13 -8.86 -42.07
C4' LMT EE . 5.30 -9.75 -42.51
C5' LMT EE . 6.58 -9.42 -41.73
C6' LMT EE . 7.76 -10.22 -42.26
O1' LMT EE . 6.24 -5.92 -41.05
O2' LMT EE . 3.51 -6.74 -41.11
O3' LMT EE . 3.11 -8.82 -43.09
O5' LMT EE . 6.85 -8.02 -41.81
O6' LMT EE . 7.34 -11.54 -42.58
C1 LMT EE . 7.65 -5.75 -40.88
C2 LMT EE . 7.99 -4.27 -40.79
C3 LMT EE . 7.53 -3.70 -39.46
C4 LMT EE . 7.79 -2.20 -39.39
C5 LMT EE . 7.04 -1.59 -38.22
C6 LMT EE . 7.78 -1.81 -36.91
C7 LMT EE . 9.01 -0.93 -36.85
C8 LMT EE . 8.62 0.54 -36.70
C9 LMT EE . 9.83 1.45 -36.91
C10 LMT EE . 9.59 2.82 -36.31
C11 LMT EE . 9.54 2.75 -34.80
C12 LMT EE . 10.84 2.21 -34.24
MG BCL FE . 20.63 2.99 -45.47
CHA BCL FE . 19.79 6.20 -46.15
CHB BCL FE . 22.17 4.08 -42.65
CHC BCL FE . 21.97 -0.07 -45.14
CHD BCL FE . 19.42 1.90 -48.71
NA BCL FE . 21.08 4.83 -44.63
C1A BCL FE . 20.62 5.98 -44.93
C2A BCL FE . 20.95 7.13 -44.01
C3A BCL FE . 21.90 6.44 -43.03
C4A BCL FE . 21.69 5.02 -43.46
CMA BCL FE . 23.35 6.84 -43.25
CAA BCL FE . 19.74 7.64 -43.26
CBA BCL FE . 20.08 8.98 -42.60
CGA BCL FE . 19.04 9.36 -41.59
O1A BCL FE . 18.21 8.56 -41.21
O2A BCL FE . 19.01 10.69 -41.02
NB BCL FE . 21.74 2.10 -44.01
C1B BCL FE . 22.15 2.63 -42.87
C2B BCL FE . 22.74 1.68 -41.88
C3B BCL FE . 22.83 0.45 -42.72
C4B BCL FE . 22.22 0.86 -44.02
CMB BCL FE . 23.62 2.11 -40.74
CAB BCL FE . 23.26 -0.94 -42.35
OBB BCL FE . 23.29 -1.80 -43.20
CBB BCL FE . 23.64 -1.29 -40.94
NC BCL FE . 20.64 1.27 -46.63
C1C BCL FE . 21.28 0.15 -46.26
C2C BCL FE . 21.17 -0.97 -47.23
C3C BCL FE . 20.08 -0.46 -48.14
C4C BCL FE . 20.07 0.99 -47.75
CMC BCL FE . 22.25 -1.98 -47.59
CAC BCL FE . 18.86 -1.36 -48.28
CBC BCL FE . 18.60 -1.50 -49.76
ND BCL FE . 19.81 3.75 -47.17
C1D BCL FE . 19.36 3.31 -48.33
C2D BCL FE . 18.76 4.40 -49.13
C3D BCL FE . 18.94 5.59 -48.25
C4D BCL FE . 19.57 5.11 -47.11
CMD BCL FE . 18.14 4.36 -50.50
CAD BCL FE . 18.72 7.05 -48.08
OBD BCL FE . 18.16 7.83 -48.93
CBD BCL FE . 19.26 7.43 -46.77
CGD BCL FE . 20.06 8.68 -46.98
O1D BCL FE . 20.96 8.70 -47.78
O2D BCL FE . 19.75 9.89 -46.25
CED BCL FE . 20.63 11.00 -46.35
C1 BCL FE . 17.81 11.14 -40.38
C2 BCL FE . 17.97 11.13 -38.88
C3 BCL FE . 18.64 12.08 -38.22
C4 BCL FE . 19.25 13.22 -38.97
C5 BCL FE . 18.75 12.01 -36.71
C6 BCL FE . 20.17 12.37 -36.27
C7 BCL FE . 20.33 12.16 -34.76
C8 BCL FE . 21.70 12.58 -34.23
C9 BCL FE . 21.57 13.19 -32.85
C10 BCL FE . 22.41 13.50 -35.22
C11 BCL FE . 23.21 14.59 -34.53
C1 A1EF2 GE . -8.98 5.86 -48.35
C5 A1EF2 GE . -11.20 10.35 -46.79
C4 A1EF2 GE . -8.36 7.93 -47.04
C3 A1EF2 GE . -8.97 7.17 -48.17
C2 A1EF2 GE . -8.48 4.90 -47.31
C6 A1EF2 GE . -9.49 5.21 -49.60
C8 A1EF2 GE . -9.36 8.69 -46.20
C9 A1EF2 GE . -9.73 10.06 -46.70
C10 A1EF2 GE . -8.79 10.94 -47.02
C11 A1EF2 GE . -8.92 12.38 -47.09
C12 A1EF2 GE . -7.94 13.29 -47.47
C13 A1EF2 GE . -7.89 14.68 -47.27
C14 A1EF2 GE . -6.83 15.48 -47.73
C15 A1EF2 GE . -6.55 16.81 -47.47
C16 A1EF2 GE . -5.40 17.49 -47.82
C17 A1EF2 GE . -4.97 18.77 -47.44
C18 A1EF2 GE . -3.68 19.27 -47.72
C19 A1EF2 GE . -3.08 20.43 -47.25
C20 A1EF2 GE . -1.79 20.95 -47.36
C21 A1EF2 GE . -1.24 22.05 -46.73
C22 A1EF2 GE . 0.07 22.57 -46.81
C23 A1EF2 GE . 0.50 23.68 -46.07
C24 A1EF2 GE . 1.71 24.36 -46.10
C25 A1EF2 GE . 2.09 25.46 -45.23
C26 A1EF2 GE . 3.19 26.21 -45.26
C27 A1EF2 GE . 3.41 27.26 -44.19
C28 A1EF2 GE . 3.48 28.69 -44.72
C29 A1EF2 GE . 3.37 29.72 -43.64
C30 A1EF2 GE . 4.19 30.74 -43.37
C31 A1EF2 GE . 3.91 31.70 -42.25
C32 A1EF2 GE . 3.86 33.14 -42.71
C33 A1EF2 GE . 3.81 34.12 -41.57
C34 A1EF2 GE . 3.05 35.19 -41.46
C35 A1EF2 GE . 2.10 35.63 -42.53
C37 A1EF2 GE . -8.99 15.32 -46.52
C38 A1EF2 GE . -5.93 19.65 -46.73
C39 A1EF2 GE . 1.04 21.89 -47.71
C40 A1EF2 GE . 4.26 26.10 -46.30
C41 A1EF2 GE . 5.43 31.04 -44.15
C42 A1EF2 GE . 3.07 36.07 -40.24
C1 A1EF2 HE . 29.32 -7.71 -58.13
C5 A1EF2 HE . 25.68 -4.03 -57.18
C4 A1EF2 HE . 27.89 -5.75 -57.37
C3 A1EF2 HE . 29.06 -6.68 -57.33
C2 A1EF2 HE . 30.50 -8.62 -57.92
C6 A1EF2 HE . 28.48 -8.04 -59.32
C8 A1EF2 HE . 28.00 -4.65 -56.34
C9 A1EF2 HE . 26.80 -3.74 -56.24
C10 A1EF2 HE . 26.79 -2.74 -55.36
C11 A1EF2 HE . 25.68 -1.96 -54.87
C12 A1EF2 HE . 25.76 -0.87 -54.03
C13 A1EF2 HE . 24.78 -0.24 -53.25
C14 A1EF2 HE . 25.03 0.90 -52.48
C15 A1EF2 HE . 24.17 1.62 -51.67
C16 A1EF2 HE . 24.56 2.68 -50.89
C17 A1EF2 HE . 23.79 3.49 -50.02
C18 A1EF2 HE . 24.36 4.51 -49.24
C19 A1EF2 HE . 23.72 5.46 -48.45
C20 A1EF2 HE . 24.30 6.45 -47.66
C21 A1EF2 HE . 23.76 7.52 -46.97
C22 A1EF2 HE . 24.40 8.43 -46.11
C23 A1EF2 HE . 23.72 9.49 -45.47
C24 A1EF2 HE . 24.10 10.24 -44.38
C25 A1EF2 HE . 23.31 11.28 -43.76
C26 A1EF2 HE . 23.50 11.87 -42.58
C27 A1EF2 HE . 22.59 13.00 -42.16
C28 A1EF2 HE . 22.92 13.61 -40.82
C29 A1EF2 HE . 22.03 14.78 -40.52
C30 A1EF2 HE . 22.07 15.60 -39.47
C31 A1EF2 HE . 21.11 16.75 -39.33
C32 A1EF2 HE . 20.18 16.63 -38.14
C33 A1EF2 HE . 19.33 17.85 -37.95
C34 A1EF2 HE . 19.25 18.63 -36.89
C35 A1EF2 HE . 20.01 18.36 -35.62
C37 A1EF2 HE . 23.42 -0.83 -53.23
C38 A1EF2 HE . 22.34 3.26 -49.95
C39 A1EF2 HE . 25.85 8.28 -45.86
C40 A1EF2 HE . 24.56 11.49 -41.60
C41 A1EF2 HE . 23.04 15.45 -38.34
C42 A1EF2 HE . 18.39 19.86 -36.85
MG BCL IE . 13.16 5.93 -50.34
CHA BCL IE . 14.62 7.37 -47.68
CHB BCL IE . 11.31 8.74 -50.76
CHC BCL IE . 11.71 4.44 -52.96
CHD BCL IE . 14.29 2.75 -49.31
NA BCL IE . 12.95 7.74 -49.35
C1A BCL IE . 13.67 8.22 -48.44
C2A BCL IE . 13.53 9.69 -48.16
C3A BCL IE . 12.23 9.98 -48.88
C4A BCL IE . 12.19 8.75 -49.76
CMA BCL IE . 11.05 9.96 -47.92
CAA BCL IE . 14.69 10.45 -48.78
CBA BCL IE . 15.25 11.48 -47.80
CGA BCL IE . 14.62 12.83 -48.05
O1A BCL IE . 15.31 13.82 -48.20
O2A BCL IE . 13.18 12.98 -48.10
NB BCL IE . 11.89 6.59 -51.78
C1B BCL IE . 11.09 7.65 -51.71
C2B BCL IE . 10.01 7.70 -52.74
C3B BCL IE . 10.46 6.61 -53.65
C4B BCL IE . 11.47 5.88 -52.83
CMB BCL IE . 9.16 8.90 -53.07
CAB BCL IE . 9.83 6.09 -54.89
OBB BCL IE . 9.59 4.90 -55.00
CBB BCL IE . 9.51 7.03 -56.01
NC BCL IE . 13.01 3.99 -50.99
C1C BCL IE . 12.35 3.63 -52.10
C2C BCL IE . 12.37 2.17 -52.37
C3C BCL IE . 13.52 1.74 -51.50
C4C BCL IE . 13.58 2.92 -50.57
CMC BCL IE . 11.21 1.30 -52.84
CAC BCL IE . 14.71 1.14 -52.23
CBC BCL IE . 14.51 -0.36 -52.21
ND BCL IE . 14.59 5.13 -49.11
C1D BCL IE . 15.05 3.92 -48.83
C2D BCL IE . 15.64 3.91 -47.47
C3D BCL IE . 15.49 5.30 -46.99
C4D BCL IE . 14.84 5.96 -48.04
CMD BCL IE . 16.28 2.76 -46.74
CAD BCL IE . 15.72 6.27 -45.89
OBD BCL IE . 16.29 6.02 -44.77
CBD BCL IE . 15.18 7.57 -46.32
CGD BCL IE . 14.46 8.23 -45.19
O1D BCL IE . 15.27 9.08 -45.49
O2D BCL IE . 14.09 9.22 -44.19
CED BCL IE . 15.04 9.92 -43.39
C1 BCL IE . 12.61 14.14 -48.70
C2 BCL IE . 11.90 13.74 -49.97
C3 BCL IE . 12.55 13.66 -51.14
C4 BCL IE . 14.01 14.02 -51.21
C5 BCL IE . 11.82 13.25 -52.39
C6 BCL IE . 12.76 12.46 -53.28
C7 BCL IE . 12.66 10.96 -52.98
C8 BCL IE . 13.93 10.21 -53.37
C9 BCL IE . 15.17 10.98 -52.96
C10 BCL IE . 13.92 9.95 -54.86
C11 BCL IE . 13.63 8.49 -55.20
C12 BCL IE . 14.55 8.02 -56.30
C13 BCL IE . 13.95 6.86 -57.08
C14 BCL IE . 14.95 6.30 -58.09
C15 BCL IE . 12.67 7.32 -57.77
C16 BCL IE . 12.07 6.19 -58.60
C17 BCL IE . 11.30 6.72 -59.80
C18 BCL IE . 11.43 5.79 -61.00
C19 BCL IE . 12.87 5.33 -61.20
C20 BCL IE . 10.92 6.45 -62.27
C1B LMT JE . 3.82 -7.15 -45.90
C2B LMT JE . 5.06 -7.98 -46.24
C3B LMT JE . 5.13 -8.27 -47.73
C4B LMT JE . 3.82 -8.92 -48.16
C5B LMT JE . 2.67 -7.98 -47.84
C6B LMT JE . 1.34 -8.54 -48.31
O1B LMT JE . 3.97 -5.82 -46.40
O2B LMT JE . 6.24 -7.28 -45.85
O3B LMT JE . 6.22 -9.15 -48.00
O4' LMT JE . 3.85 -9.20 -49.56
O5B LMT JE . 2.63 -7.76 -46.42
O6B LMT JE . 1.10 -9.82 -47.70
C1' LMT JE . 3.15 -3.93 -42.77
C2' LMT JE . 1.97 -4.05 -43.72
C3' LMT JE . 2.26 -5.09 -44.78
C4' LMT JE . 3.59 -4.78 -45.48
C5' LMT JE . 4.70 -4.55 -44.45
C6' LMT JE . 5.99 -4.10 -45.13
O1' LMT JE . 2.86 -2.97 -41.76
O2' LMT JE . 0.79 -4.44 -42.98
O3' LMT JE . 1.20 -5.09 -45.75
O5' LMT JE . 4.30 -3.55 -43.51
O6' LMT JE . 6.31 -4.99 -46.21
C1 LMT JE . 3.91 -2.87 -40.80
C2 LMT JE . 3.36 -2.29 -39.50
C3 LMT JE . 2.96 -0.83 -39.65
C4 LMT JE . 4.18 0.06 -39.86
C5 LMT JE . 3.85 1.50 -39.51
C6 LMT JE . 3.65 1.67 -38.02
C7 LMT JE . 2.85 2.93 -37.71
C8 LMT JE . 3.47 4.16 -38.34
C9 LMT JE . 2.64 5.41 -38.03
C10 LMT JE . 3.27 6.65 -38.63
MG BCL KE . 5.10 7.52 -52.12
CHA BCL KE . 3.51 10.50 -51.96
CHB BCL KE . 7.37 8.70 -49.90
CHC BCL KE . 7.10 4.94 -52.78
CHD BCL KE . 3.27 6.65 -55.04
NA BCL KE . 5.45 9.32 -51.16
C1A BCL KE . 4.76 10.40 -51.17
C2A BCL KE . 5.29 11.55 -50.36
C3A BCL KE . 6.59 10.97 -49.81
C4A BCL KE . 6.49 9.58 -50.37
CMA BCL KE . 7.81 11.66 -50.38
CAA BCL KE . 4.35 11.87 -49.19
CBA BCL KE . 4.84 13.12 -48.49
CGA BCL KE . 3.92 13.48 -47.35
O1A BCL KE . 2.92 12.82 -47.14
O2A BCL KE . 4.21 14.61 -46.49
NB BCL KE . 6.67 6.70 -51.12
C1B BCL KE . 7.36 7.23 -50.13
C2B BCL KE . 8.34 6.32 -49.49
C3B BCL KE . 8.38 5.23 -50.51
C4B BCL KE . 7.41 5.68 -51.54
CMB BCL KE . 9.40 6.74 -48.51
CAB BCL KE . 8.85 3.82 -50.35
OBB BCL KE . 8.32 2.93 -50.98
CBB BCL KE . 9.99 3.48 -49.43
NC BCL KE . 5.08 6.00 -53.50
C1C BCL KE . 5.98 5.02 -53.50
C2C BCL KE . 5.66 3.89 -54.44
C3C BCL KE . 4.33 4.35 -55.00
C4C BCL KE . 4.26 5.74 -54.45
CMC BCL KE . 6.62 2.93 -55.10
CAC BCL KE . 3.22 3.30 -54.93
CBC BCL KE . 2.50 3.38 -56.25
ND BCL KE . 3.41 8.10 -53.12
C1D BCL KE . 2.68 7.65 -54.14
C2D BCL KE . 1.81 8.74 -54.65
C3D BCL KE . 2.13 9.89 -53.78
C4D BCL KE . 3.10 9.43 -52.90
CMD BCL KE . 0.81 8.72 -55.77
CAD BCL KE . 1.85 11.32 -53.46
OBD BCL KE . 1.01 12.07 -54.06
CBD BCL KE . 2.70 11.70 -52.32
CGD BCL KE . 3.21 13.07 -52.62
O1D BCL KE . 3.87 13.30 -53.61
O2D BCL KE . 2.87 14.18 -51.75
CED BCL KE . 3.41 15.48 -52.01
C1 BCL KE . 3.38 14.91 -45.39
C2 BCL KE . 4.22 15.27 -44.19
C3 BCL KE . 4.03 16.42 -43.54
C4 BCL KE . 2.98 17.37 -44.01
C5 BCL KE . 4.88 16.78 -42.34
C6 BCL KE . 6.36 16.76 -42.72
C7 BCL KE . 7.19 17.45 -41.64
C8 BCL KE . 8.57 17.83 -42.17
C9 BCL KE . 9.63 16.89 -41.64
C10 BCL KE . 8.90 19.26 -41.77
C11 BCL KE . 9.14 20.15 -42.98
C12 BCL KE . 9.65 21.52 -42.53
C13 BCL KE . 9.34 22.59 -43.57
C14 BCL KE . 9.98 22.27 -44.91
C15 BCL KE . 9.82 23.94 -43.04
C1 A1EF2 LE . 10.23 -1.76 -67.83
C5 A1EF2 LE . 6.98 1.58 -65.47
C4 A1EF2 LE . 9.08 0.08 -66.51
C3 A1EF2 LE . 10.24 -0.72 -67.01
C2 A1EF2 LE . 11.47 -2.49 -68.24
C6 A1EF2 LE . 8.96 -2.30 -68.42
C8 A1EF2 LE . 9.48 1.15 -65.50
C9 A1EF2 LE . 8.32 1.88 -64.88
C10 A1EF2 LE . 8.52 2.77 -63.91
C11 A1EF2 LE . 7.55 3.39 -63.02
C12 A1EF2 LE . 7.82 4.40 -62.12
C13 A1EF2 LE . 7.01 4.93 -61.09
C14 A1EF2 LE . 7.37 6.06 -60.35
C15 A1EF2 LE . 6.67 6.71 -59.35
C16 A1EF2 LE . 7.15 7.76 -58.59
C17 A1EF2 LE . 6.48 8.55 -57.63
C18 A1EF2 LE . 7.12 9.55 -56.88
C19 A1EF2 LE . 6.61 10.37 -55.88
C20 A1EF2 LE . 7.22 11.41 -55.20
C21 A1EF2 LE . 6.74 12.25 -54.21
C22 A1EF2 LE . 7.39 13.34 -53.59
C23 A1EF2 LE . 6.80 14.09 -52.55
C24 A1EF2 LE . 7.35 15.07 -51.73
C25 A1EF2 LE . 6.63 15.74 -50.67
C26 A1EF2 LE . 7.04 16.59 -49.74
C27 A1EF2 LE . 6.04 17.22 -48.80
C28 A1EF2 LE . 6.59 18.24 -47.83
C29 A1EF2 LE . 5.47 18.92 -47.09
C30 A1EF2 LE . 5.54 19.96 -46.26
C31 A1EF2 LE . 4.29 20.63 -45.74
C32 A1EF2 LE . 4.24 20.78 -44.24
C33 A1EF2 LE . 2.99 21.48 -43.79
C34 A1EF2 LE . 2.65 21.83 -42.56
C35 A1EF2 LE . 3.55 21.61 -41.38
C37 A1EF2 LE . 5.76 4.25 -60.75
C38 A1EF2 LE . 5.03 8.34 -57.43
C39 A1EF2 LE . 8.74 13.72 -54.05
C40 A1EF2 LE . 8.48 16.98 -49.52
C41 A1EF2 LE . 6.82 20.55 -45.77
C42 A1EF2 LE . 1.35 22.50 -42.25
MG BCL ME . -4.13 9.25 -53.63
CHA BCL ME . -2.04 10.90 -51.57
CHB BCL ME . -6.36 11.77 -53.23
CHC BCL ME . -6.31 7.44 -55.39
CHD BCL ME . -2.10 6.32 -53.45
NA BCL ME . -4.26 10.96 -52.48
C1A BCL ME . -3.34 11.54 -51.84
C2A BCL ME . -3.60 12.95 -51.36
C3A BCL ME . -5.10 13.04 -51.60
C4A BCL ME . -5.24 11.85 -52.51
CMA BCL ME . -5.85 12.78 -50.30
CAA BCL ME . -2.84 13.94 -52.24
CBA BCL ME . -2.40 15.15 -51.43
CGA BCL ME . -3.20 16.37 -51.81
O1A BCL ME . -2.63 17.36 -52.25
O2A BCL ME . -4.65 16.40 -51.67
NB BCL ME . -5.93 9.70 -54.47
C1B BCL ME . -6.75 10.70 -54.16
C2B BCL ME . -8.06 10.70 -54.85
C3B BCL ME . -8.02 9.37 -55.51
C4B BCL ME . -6.66 8.86 -55.21
CMB BCL ME . -8.79 11.92 -55.37
CAB BCL ME . -8.91 8.78 -56.54
OBB BCL ME . -8.44 8.25 -57.53
CBB BCL ME . -10.39 8.82 -56.33
NC BCL ME . -4.18 7.31 -54.33
C1C BCL ME . -5.19 6.81 -55.06
C2C BCL ME . -4.98 5.42 -55.55
C3C BCL ME . -3.52 5.23 -55.25
C4C BCL ME . -3.29 6.37 -54.30
CMC BCL ME . -6.02 4.32 -55.71
CAC BCL ME . -2.64 4.89 -56.45
CBC BCL ME . -1.91 3.61 -56.10
ND BCL ME . -2.22 8.72 -53.10
C1D BCL ME . -1.49 7.61 -53.11
C2D BCL ME . -0.45 7.68 -52.06
C3D BCL ME . -0.65 9.01 -51.43
C4D BCL ME . -1.72 9.56 -52.10
CMD BCL ME . 0.59 6.65 -51.72
CAD BCL ME . -0.19 9.97 -50.39
OBD BCL ME . 0.78 9.79 -49.57
CBD BCL ME . -1.07 11.16 -50.48
CGD BCL ME . -1.39 11.62 -49.09
O1D BCL ME . -2.14 10.97 -48.38
O2D BCL ME . -0.81 12.83 -48.57
CED BCL ME . -1.21 13.34 -47.30
C1 BCL ME . -5.36 17.59 -51.98
C2 BCL ME . -5.93 17.47 -53.38
C3 BCL ME . -6.98 16.69 -53.66
C4 BCL ME . -7.66 15.90 -52.57
C5 BCL ME . -7.49 16.61 -55.07
C6 BCL ME . -6.37 16.13 -55.98
C7 BCL ME . -6.42 14.61 -56.11
C8 BCL ME . -5.04 13.97 -56.24
C9 BCL ME . -3.95 14.82 -55.58
C10 BCL ME . -4.71 13.74 -57.72
C11 BCL ME . -5.81 12.95 -58.42
C12 BCL ME . -5.90 11.52 -57.91
C13 BCL ME . -6.33 10.55 -59.00
C14 BCL ME . -5.34 10.54 -60.14
C15 BCL ME . -7.72 10.91 -59.50
C16 BCL ME . -8.19 9.90 -60.54
C17 BCL ME . -9.16 10.53 -61.54
C18 BCL ME . -9.10 9.84 -62.91
C19 BCL ME . -10.16 8.77 -63.03
C20 BCL ME . -7.72 9.28 -63.20
MG BCL NE . -12.24 9.37 -52.53
CHA BCL NE . -14.18 11.92 -51.46
CHB BCL NE . -9.81 10.45 -50.45
CHC BCL NE . -10.46 6.68 -53.41
CHD BCL NE . -15.11 7.67 -53.73
NA BCL NE . -12.02 10.90 -51.17
C1A BCL NE . -12.79 11.88 -50.92
C2A BCL NE . -12.25 13.00 -50.08
C3A BCL NE . -10.77 12.63 -50.07
C4A BCL NE . -10.90 11.20 -50.52
CMA BCL NE . -9.99 13.42 -51.12
CAA BCL NE . -12.79 12.97 -48.66
CBA BCL NE . -13.20 14.39 -48.27
CGA BCL NE . -13.09 14.59 -46.78
O1A BCL NE . -12.98 13.66 -46.01
O2A BCL NE . -13.13 15.95 -46.26
NB BCL NE . -10.28 8.85 -52.26
C1B BCL NE . -9.47 9.28 -51.28
C2B BCL NE . -8.16 8.59 -51.17
C3B BCL NE . -8.36 7.48 -52.13
C4B BCL NE . -9.70 7.75 -52.72
CMB BCL NE . -6.86 9.26 -50.80
CAB BCL NE . -7.52 6.27 -52.41
OBB BCL NE . -7.77 5.56 -53.36
CBB BCL NE . -6.39 5.91 -51.50
NC BCL NE . -12.68 7.57 -53.43
C1C BCL NE . -11.73 6.70 -53.80
C2C BCL NE . -12.18 5.64 -54.74
C3C BCL NE . -13.63 6.01 -54.94
C4C BCL NE . -13.76 7.13 -53.96
CMC BCL NE . -11.30 4.84 -55.68
CAC BCL NE . -14.57 4.82 -55.12
CBC BCL NE . -14.82 4.25 -53.75
ND BCL NE . -14.17 9.80 -53.08
C1D BCL NE . -15.19 9.13 -53.63
C2D BCL NE . -16.48 9.74 -53.21
C3D BCL NE . -16.08 10.87 -52.34
C4D BCL NE . -14.69 10.83 -52.31
CMD BCL NE . -17.88 9.35 -53.56
CAD BCL NE . -16.55 12.00 -51.50
OBD BCL NE . -17.78 12.33 -51.30
CBD BCL NE . -15.35 12.67 -50.97
CGD BCL NE . -15.53 14.15 -51.14
O1D BCL NE . -15.40 14.65 -52.24
O2D BCL NE . -15.88 14.99 -50.01
CED BCL NE . -15.76 16.40 -50.14
C1 BCL NE . -13.25 16.22 -44.86
C2 BCL NE . -11.92 16.67 -44.32
C3 BCL NE . -11.80 17.09 -43.06
C4 BCL NE . -13.03 17.15 -42.19
C5 BCL NE . -10.46 17.53 -42.53
C6 BCL NE . -10.61 18.50 -41.36
C7 BCL NE . -10.30 17.83 -40.02
C8 BCL NE . -8.79 17.72 -39.81
C9 BCL NE . -8.43 16.36 -39.23
C10 BCL NE . -8.29 18.83 -38.88
C11 BCL NE . -9.30 19.20 -37.80
C12 BCL NE . -8.66 20.10 -36.75
C13 BCL NE . -8.68 21.56 -37.19
C14 BCL NE . -7.91 22.44 -36.20
C15 BCL NE . -10.11 22.03 -37.35
C1 A1EF2 OE . -12.38 1.38 -69.85
C5 A1EF2 OE . -14.22 2.83 -65.17
C4 A1EF2 OE . -13.07 2.53 -67.69
C3 A1EF2 OE . -12.33 2.38 -68.98
C2 A1EF2 OE . -11.52 1.34 -71.07
C6 A1EF2 OE . -13.29 0.21 -69.68
C8 A1EF2 OE . -12.74 3.82 -66.98
C9 A1EF2 OE . -13.39 3.99 -65.63
C10 A1EF2 OE . -13.22 5.10 -64.94
C11 A1EF2 OE . -13.67 5.39 -63.59
C12 A1EF2 OE . -13.45 6.57 -62.89
C13 A1EF2 OE . -13.73 6.87 -61.54
C14 A1EF2 OE . -13.41 8.09 -60.94
C15 A1EF2 OE . -13.62 8.50 -59.63
C16 A1EF2 OE . -13.17 9.65 -59.02
C17 A1EF2 OE . -13.41 10.09 -57.71
C18 A1EF2 OE . -12.84 11.26 -57.16
C19 A1EF2 OE . -13.07 11.85 -55.93
C20 A1EF2 OE . -12.50 12.98 -55.37
C21 A1EF2 OE . -12.77 13.69 -54.21
C22 A1EF2 OE . -12.07 14.81 -53.69
C23 A1EF2 OE . -12.47 15.50 -52.53
C24 A1EF2 OE . -11.80 16.46 -51.80
C25 A1EF2 OE . -12.29 17.14 -50.62
C26 A1EF2 OE . -11.63 17.89 -49.76
C27 A1EF2 OE . -12.34 18.52 -48.59
C28 A1EF2 OE . -11.45 19.18 -47.56
C29 A1EF2 OE . -12.26 19.87 -46.50
C30 A1EF2 OE . -11.83 20.47 -45.39
C31 A1EF2 OE . -12.77 21.23 -44.50
C32 A1EF2 OE . -12.85 20.67 -43.10
C33 A1EF2 OE . -13.80 21.40 -42.21
C34 A1EF2 OE . -13.56 21.98 -41.04
C35 A1EF2 OE . -12.19 22.01 -40.42
C37 A1EF2 OE . -14.35 5.83 -60.70
C38 A1EF2 OE . -14.31 9.29 -56.85
C39 A1EF2 OE . -10.85 15.26 -54.39
C40 A1EF2 OE . -10.15 18.18 -49.86
C41 A1EF2 OE . -10.40 20.45 -44.94
C42 A1EF2 OE . -14.62 22.65 -40.23
MG BCL PE . -21.82 8.77 -49.76
CHA BCL PE . -19.58 11.00 -48.55
CHB BCL PE . -24.21 10.29 -47.91
CHC BCL PE . -23.96 6.56 -51.02
CHD BCL PE . -19.20 6.59 -50.61
NA BCL PE . -21.90 10.38 -48.47
C1A BCL PE . -20.99 11.17 -48.11
C2A BCL PE . -21.39 12.33 -47.23
C3A BCL PE . -22.75 11.82 -46.75
C4A BCL PE . -22.99 10.81 -47.83
CMA BCL PE . -22.62 11.11 -45.41
CAA BCL PE . -21.54 13.59 -48.06
CBA BCL PE . -20.74 14.73 -47.45
CGA BCL PE . -21.39 16.04 -47.80
O1A BCL PE . -20.85 16.85 -48.52
O2A BCL PE . -22.71 16.35 -47.27
NB BCL PE . -23.85 8.62 -49.68
C1B BCL PE . -24.64 9.14 -48.73
C2B BCL PE . -26.00 8.55 -48.62
C3B BCL PE . -25.95 7.59 -49.76
C4B BCL PE . -24.56 7.69 -50.29
CMB BCL PE . -27.21 9.26 -48.08
CAB BCL PE . -27.07 6.89 -50.47
OBB BCL PE . -27.05 6.85 -51.69
CBB BCL PE . -28.16 6.24 -49.68
NC BCL PE . -21.63 6.88 -50.55
C1C BCL PE . -22.67 6.19 -51.00
C2C BCL PE . -22.33 4.84 -51.54
C3C BCL PE . -20.82 4.92 -51.59
C4C BCL PE . -20.58 6.21 -50.87
CMC BCL PE . -23.18 3.57 -51.46
CAC BCL PE . -20.17 4.58 -52.92
CBC BCL PE . -19.85 3.09 -52.90
ND BCL PE . -19.80 8.85 -50.14
C1D BCL PE . -18.88 8.01 -50.61
C2D BCL PE . -17.55 8.44 -50.13
C3D BCL PE . -17.81 9.65 -49.29
C4D BCL PE . -19.18 9.82 -49.35
CMD BCL PE . -16.22 7.81 -50.42
CAD BCL PE . -17.22 10.72 -48.45
OBD BCL PE . -15.98 10.88 -48.17
CBD BCL PE . -18.34 11.57 -47.98
CGD BCL PE . -18.12 11.87 -46.53
O1D BCL PE . -18.20 10.99 -45.69
O2D BCL PE . -17.78 13.22 -46.10
CED BCL PE . -17.86 13.56 -44.72
C1 BCL PE . -23.33 17.58 -47.61
C2 BCL PE . -24.35 17.32 -48.70
C3 BCL PE . -23.92 16.99 -49.93
C5 BCL PE . -24.94 16.74 -51.02
C6 BCL PE . -25.44 15.30 -50.94
C7 BCL PE . -24.30 14.30 -50.87
C8 BCL PE . -24.57 13.10 -51.77
C9 BCL PE . -24.33 13.45 -53.23
C10 BCL PE . -26.01 12.63 -51.57
C11 BCL PE . -26.07 11.18 -51.09
C12 BCL PE . -25.67 10.21 -52.21
C13 BCL PE . -26.84 9.79 -53.09
C14 BCL PE . -26.88 10.59 -54.38
C15 BCL PE . -28.16 9.85 -52.33
C1B LMT QE . -5.84 -9.24 -41.26
C2B LMT QE . -4.74 -8.98 -42.28
C3B LMT QE . -5.31 -8.34 -43.54
C4B LMT QE . -6.49 -9.14 -44.05
C5B LMT QE . -7.50 -9.38 -42.93
C6B LMT QE . -8.71 -10.19 -43.39
O1B LMT QE . -6.46 -8.03 -40.83
O2B LMT QE . -3.74 -8.11 -41.72
O3B LMT QE . -4.30 -8.28 -44.55
O4' LMT QE . -7.13 -8.44 -45.13
O5B LMT QE . -6.85 -10.06 -41.85
O6B LMT QE . -9.57 -10.41 -42.27
C1' LMT QE . -8.30 -5.61 -39.43
C2' LMT QE . -6.78 -5.61 -39.59
C3' LMT QE . -6.20 -6.80 -38.83
C4' LMT QE . -6.79 -8.05 -39.45
C5' LMT QE . -8.30 -8.00 -39.27
C6' LMT QE . -8.77 -9.15 -38.38
O1' LMT QE . -8.67 -4.41 -38.77
O2' LMT QE . -6.45 -5.73 -40.97
O3' LMT QE . -6.61 -6.73 -37.46
O5' LMT QE . -8.70 -6.75 -38.67
O6' LMT QE . -8.14 -10.36 -38.80
C1 LMT QE . -10.06 -4.14 -38.87
C2 LMT QE . -10.36 -2.78 -38.24
C3 LMT QE . -10.84 -2.92 -36.79
C4 LMT QE . -9.85 -3.70 -35.94
C5 LMT QE . -10.38 -3.87 -34.52
C6 LMT QE . -10.41 -2.52 -33.82
C7 LMT QE . -8.99 -2.03 -33.57
C8 LMT QE . -8.98 -0.56 -33.19
C9 LMT QE . -7.58 -0.13 -32.75
C10 LMT QE . -7.33 -0.53 -31.30
C11 LMT QE . -8.23 0.27 -30.37
C12 LMT QE . -8.01 1.74 -30.56
N1 LDA RE . -36.81 12.67 0.03
O1 LDA RE . -36.37 12.93 -1.11
CM1 LDA RE . -38.05 13.40 0.25
CM2 LDA RE . -35.84 13.08 1.05
C1 LDA RE . -37.07 11.22 0.14
C2 LDA RE . -35.79 10.44 -0.08
C3 LDA RE . -35.81 9.13 0.71
C4 LDA RE . -36.15 7.94 -0.17
C5 LDA RE . -34.93 7.55 -1.00
C6 LDA RE . -33.88 6.90 -0.11
C7 LDA RE . -34.34 5.51 0.33
C8 LDA RE . -34.53 4.62 -0.88
C9 LDA RE . -34.83 3.19 -0.45
N1 LDA SE . -41.58 5.16 -9.91
O1 LDA SE . -41.26 4.42 -8.96
CM1 LDA SE . -40.93 4.67 -11.14
CM2 LDA SE . -41.13 6.54 -9.66
C1 LDA SE . -43.04 5.11 -10.10
C2 LDA SE . -43.75 4.59 -8.85
C3 LDA SE . -44.03 5.69 -7.83
C4 LDA SE . -45.06 5.21 -6.82
C5 LDA SE . -44.69 3.83 -6.27
C6 LDA SE . -45.66 3.41 -5.17
C7 LDA SE . -47.07 3.17 -5.71
C8 LDA SE . -48.09 3.29 -4.59
C9 LDA SE . -49.50 2.99 -5.09
C10 LDA SE . -50.48 3.01 -3.92
C11 LDA SE . -51.82 2.39 -4.29
C12 LDA SE . -52.75 2.38 -3.12
C1B LMT TE . -38.76 13.40 -8.53
C2B LMT TE . -39.07 14.90 -8.65
C3B LMT TE . -40.31 15.28 -7.85
C4B LMT TE . -40.30 14.68 -6.44
C5B LMT TE . -39.96 13.20 -6.48
C6B LMT TE . -41.01 12.36 -5.77
O1B LMT TE . -37.51 13.24 -7.85
O2B LMT TE . -37.94 15.63 -8.16
O3B LMT TE . -41.48 14.86 -8.55
O4' LMT TE . -39.35 15.36 -5.63
O5B LMT TE . -39.84 12.76 -7.83
O6B LMT TE . -42.25 12.42 -6.48
C1' LMT TE . -35.40 9.89 -9.36
C2' LMT TE . -36.77 9.59 -8.73
C3' LMT TE . -37.62 10.83 -8.52
C4' LMT TE . -36.81 12.00 -7.96
C5' LMT TE . -35.55 12.19 -8.81
C6' LMT TE . -34.72 13.37 -8.35
O1' LMT TE . -34.56 8.74 -9.20
O2' LMT TE . -37.49 8.71 -9.61
O3' LMT TE . -38.65 10.47 -7.59
O5' LMT TE . -34.77 10.99 -8.71
O6' LMT TE . -33.50 13.40 -9.10
C1 LMT TE . -33.43 8.82 -10.07
C2 LMT TE . -32.53 7.60 -9.85
C3 LMT TE . -31.69 7.75 -8.60
C4 LMT TE . -30.54 6.75 -8.59
C5 LMT TE . -31.08 5.32 -8.56
C6 LMT TE . -29.95 4.31 -8.57
C7 LMT TE . -29.20 4.35 -9.90
C8 LMT TE . -28.27 3.14 -10.02
#